data_2CHK
#
_entry.id   2CHK
#
_cell.length_a   1.000
_cell.length_b   1.000
_cell.length_c   1.000
_cell.angle_alpha   90.00
_cell.angle_beta   90.00
_cell.angle_gamma   90.00
#
_symmetry.space_group_name_H-M   'P 1'
#
_entity_poly.entity_id   1
_entity_poly.type   'polydeoxyribonucleotide'
_entity_poly.pdbx_seq_one_letter_code
;(DT)(LCG)(LCG)(LCG)(LCG)(DT)
;
_entity_poly.pdbx_strand_id   A,B,C,D
#
loop_
_chem_comp.id
_chem_comp.type
_chem_comp.name
_chem_comp.formula
DT DNA linking THYMIDINE-5'-MONOPHOSPHATE 'C10 H15 N2 O8 P'
LCG RNA linking '[(1R,3R,4R,7S)-7-HYDROXY-3-(GUANIN-9-YL)-2,5-DIOXABICYCLO[2.2.1]HEPT-1-YL]METHYL DIHYDROGEN PHOSPHATE' 'C11 H14 N5 O8 P'
#
# COMPACT_ATOMS: atom_id res chain seq x y z
P LCG A 2 -7.22 7.55 -11.03
OP1 LCG A 2 -7.79 8.75 -11.68
O5' LCG A 2 -6.94 7.91 -9.47
C5' LCG A 2 -5.65 8.16 -8.97
C3' LCG A 2 -4.33 8.16 -6.73
C6' LCG A 2 -6.46 9.19 -6.76
N9 LCG A 2 -5.16 5.48 -5.30
C8 LCG A 2 -4.63 4.53 -6.14
C4 LCG A 2 -5.08 4.93 -4.04
N7 LCG A 2 -4.24 3.44 -5.54
C5 LCG A 2 -4.55 3.68 -4.20
C6 LCG A 2 -4.42 2.81 -3.06
C2' LCG A 2 -5.09 8.01 -5.41
O6 LCG A 2 -3.99 1.66 -3.02
C4' LCG A 2 -5.67 8.06 -7.45
C1' LCG A 2 -5.88 6.73 -5.64
C2 LCG A 2 -5.35 4.71 -1.82
N1 LCG A 2 -4.89 3.41 -1.89
O4' LCG A 2 -6.18 6.80 -7.01
OP2 LCG A 2 -6.03 6.90 -11.61
N2 LCG A 2 -5.67 5.18 -0.62
N3 LCG A 2 -5.48 5.52 -2.88
O2' LCG A 2 -6.04 9.07 -5.41
O3' LCG A 2 -3.67 9.40 -6.87
H5' LCG A 2 -5.34 9.16 -9.25
H5'' LCG A 2 -4.94 7.43 -9.36
H3' LCG A 2 -3.68 7.30 -6.94
H6'1 LCG A 2 -6.18 10.16 -7.16
H6'2 LCG A 2 -7.53 9.02 -6.89
H8 LCG A 2 -4.57 4.67 -7.22
H2' LCG A 2 -4.45 7.98 -4.53
H1' LCG A 2 -6.80 6.77 -5.04
H1 LCG A 2 -5.02 2.80 -1.09
H21 LCG A 2 -5.60 4.60 0.21
H22 LCG A 2 -6.00 6.14 -0.53
P LCG A 3 -2.15 9.64 -6.38
OP1 LCG A 3 -1.81 11.06 -6.61
O5' LCG A 3 -2.18 9.38 -4.79
C5' LCG A 3 -2.86 10.23 -3.88
C3' LCG A 3 -1.30 9.44 -1.99
C6' LCG A 3 -3.29 10.59 -1.39
N9 LCG A 3 -2.42 6.56 -1.43
C8 LCG A 3 -2.02 5.97 -2.60
C4 LCG A 3 -2.24 5.59 -0.46
N7 LCG A 3 -1.65 4.74 -2.49
C5 LCG A 3 -1.82 4.46 -1.13
C6 LCG A 3 -1.63 3.24 -0.40
C2' LCG A 3 -1.94 8.93 -0.70
O6 LCG A 3 -1.26 2.16 -0.84
C4' LCG A 3 -2.72 9.68 -2.50
C1' LCG A 3 -2.95 7.92 -1.23
C2 LCG A 3 -2.30 4.56 1.55
N1 LCG A 3 -1.94 3.37 0.95
O4' LCG A 3 -3.35 8.43 -2.46
OP2 LCG A 3 -1.31 8.58 -6.99
N2 LCG A 3 -2.45 4.56 2.87
N3 LCG A 3 -2.48 5.71 0.87
O2' LCG A 3 -2.71 10.03 -0.22
O3' LCG A 3 -0.52 10.61 -1.81
H5' LCG A 3 -3.91 10.34 -4.15
H5'' LCG A 3 -2.40 11.17 -3.76
H3' LCG A 3 -0.79 8.66 -2.55
H6'1 LCG A 3 -2.94 11.60 -1.53
H6'2 LCG A 3 -4.38 10.55 -1.36
H8 LCG A 3 -2.04 6.53 -3.53
H2' LCG A 3 -1.24 8.51 0.01
H1' LCG A 3 -3.84 8.02 -0.66
H1 LCG A 3 -1.98 2.51 1.48
H21 LCG A 3 -2.33 3.71 3.39
H22 LCG A 3 -2.64 5.43 3.34
P LCG A 4 1.02 10.55 -1.28
OP1 LCG A 4 1.52 11.93 -1.18
O5' LCG A 4 0.92 9.93 0.21
C5' LCG A 4 0.37 10.64 1.31
C3' LCG A 4 1.78 9.26 2.94
C6' LCG A 4 -0.17 10.21 3.86
N9 LCG A 4 0.71 6.44 2.36
C8 LCG A 4 1.13 6.41 1.06
C4 LCG A 4 0.88 5.16 2.84
N7 LCG A 4 1.52 5.23 0.66
C5 LCG A 4 1.36 4.42 1.78
C6 LCG A 4 1.58 3.02 1.93
C2' LCG A 4 1.12 8.35 3.95
O6 LCG A 4 1.99 2.23 1.09
C4' LCG A 4 0.39 9.71 2.51
C1' LCG A 4 0.12 7.58 3.10
C2 LCG A 4 0.80 3.39 4.22
N1 LCG A 4 1.25 2.56 3.21
O4' LCG A 4 -0.34 8.55 2.20
OP2 LCG A 4 1.74 9.56 -2.11
N2 LCG A 4 0.52 2.83 5.40
N3 LCG A 4 0.59 4.71 4.08
O2' LCG A 4 0.36 9.23 4.77
O3' LCG A 4 2.55 10.33 3.50
H5' LCG A 4 -0.65 10.97 1.10
H5'' LCG A 4 0.99 11.48 1.57
H3' LCG A 4 2.31 8.72 2.15
H6'1 LCG A 4 0.22 11.21 4.10
H6'2 LCG A 4 -1.26 10.21 3.86
H8 LCG A 4 1.12 7.27 0.41
H2' LCG A 4 1.79 7.68 4.48
H1' LCG A 4 -0.71 7.27 3.72
H1 LCG A 4 1.30 1.56 3.35
H21 LCG A 4 0.68 1.84 5.53
H22 LCG A 4 0.17 3.40 6.15
P LCG A 5 4.06 10.14 4.06
OP1 LCG A 5 4.52 11.44 4.57
O5' LCG A 5 3.92 9.14 5.31
C5' LCG A 5 3.35 9.48 6.55
C3' LCG A 5 4.59 7.57 7.87
C6' LCG A 5 2.54 8.32 8.69
N9 LCG A 5 3.68 5.23 6.24
C8 LCG A 5 4.09 5.83 5.08
C4 LCG A 5 3.87 3.87 6.01
N7 LCG A 5 4.50 5.02 4.15
C5 LCG A 5 4.35 3.76 4.73
C6 LCG A 5 4.60 2.47 4.16
C2' LCG A 5 3.80 6.46 8.53
O6 LCG A 5 5.00 2.22 3.03
C4' LCG A 5 3.27 8.17 7.37
C1' LCG A 5 2.96 5.91 7.34
C2 LCG A 5 3.86 1.64 6.33
N1 LCG A 5 4.33 1.43 5.04
O4' LCG A 5 2.50 7.13 6.76
OP2 LCG A 5 4.86 9.45 3.02
N2 LCG A 5 3.68 0.56 7.09
N3 LCG A 5 3.60 2.84 6.87
O2' LCG A 5 2.91 7.14 9.40
O3' LCG A 5 5.27 8.50 8.73
H5' LCG A 5 2.35 9.91 6.44
H5'' LCG A 5 3.96 10.22 7.06
H3' LCG A 5 5.24 7.19 7.08
H6'1 LCG A 5 2.94 9.21 9.16
H6'2 LCG A 5 1.46 8.38 8.52
H8 LCG A 5 4.03 6.90 4.99
H2' LCG A 5 4.38 5.68 9.03
H1' LCG A 5 2.12 5.31 7.70
H1 LCG A 5 4.48 0.49 4.67
H21 LCG A 5 3.86 -0.37 6.72
H22 LCG A 5 3.36 0.66 8.05
P LCG B 2 -11.33 7.79 5.98
OP1 LCG B 2 -12.70 7.37 5.60
O5' LCG B 2 -10.46 6.44 6.16
C5' LCG B 2 -9.14 6.44 6.67
C3' LCG B 2 -7.12 4.76 6.81
C6' LCG B 2 -9.27 4.01 7.45
N9 LCG B 2 -7.08 3.25 3.98
C8 LCG B 2 -6.75 4.20 3.06
C4 LCG B 2 -6.52 2.09 3.51
N7 LCG B 2 -6.08 3.75 2.03
C5 LCG B 2 -5.94 2.39 2.29
C6 LCG B 2 -5.36 1.34 1.51
C2' LCG B 2 -7.36 3.29 6.50
O6 LCG B 2 -4.84 1.42 0.40
C4' LCG B 2 -8.59 5.01 6.52
C1' LCG B 2 -8.02 3.33 5.11
C2 LCG B 2 -6.03 -0.11 3.37
N1 LCG B 2 -5.48 0.08 2.12
O4' LCG B 2 -8.70 4.57 5.18
OP2 LCG B 2 -11.15 8.60 7.20
N2 LCG B 2 -6.00 -1.35 3.86
N3 LCG B 2 -6.59 0.86 4.10
O2' LCG B 2 -8.40 2.89 7.39
O3' LCG B 2 -6.71 5.01 8.15
H5' LCG B 2 -9.14 6.71 7.72
H5'' LCG B 2 -8.52 7.14 6.09
H3' LCG B 2 -6.47 5.24 6.08
H6'1 LCG B 2 -9.31 4.39 8.48
H6'2 LCG B 2 -10.28 3.77 7.10
H8 LCG B 2 -7.06 5.23 3.13
H2' LCG B 2 -6.48 2.66 6.53
H1' LCG B 2 -8.73 2.52 5.04
H1 LCG B 2 -5.30 -0.73 1.55
H21 LCG B 2 -5.62 -2.11 3.30
H22 LCG B 2 -6.39 -1.52 4.77
P LCG B 3 -5.17 4.81 8.64
OP1 LCG B 3 -4.73 6.10 9.24
O5' LCG B 3 -5.24 3.72 9.85
C5' LCG B 3 -5.74 2.40 9.70
C3' LCG B 3 -3.28 1.50 9.17
C6' LCG B 3 -5.02 -0.03 9.73
N9 LCG B 3 -3.51 0.70 5.96
C8 LCG B 3 -3.46 1.92 5.33
C4 LCG B 3 -2.96 -0.19 5.05
N7 LCG B 3 -2.92 1.89 4.14
C5 LCG B 3 -2.62 0.55 3.95
C6 LCG B 3 -2.09 -0.09 2.79
C2' LCG B 3 -3.20 0.16 8.44
O6 LCG B 3 -1.74 0.42 1.74
C4' LCG B 3 -4.81 1.37 9.09
C1' LCG B 3 -4.14 0.33 7.24
C2 LCG B 3 -2.33 -2.14 4.12
N1 LCG B 3 -2.01 -1.48 2.95
O4' LCG B 3 -5.03 1.32 7.70
OP2 LCG B 3 -4.39 4.25 7.52
N2 LCG B 3 -2.16 -3.46 4.15
N3 LCG B 3 -2.81 -1.54 5.21
O2' LCG B 3 -3.88 -0.75 9.29
O3' LCG B 3 -2.76 1.47 10.49
H5' LCG B 3 -6.68 2.42 9.15
H5'' LCG B 3 -5.96 1.97 10.66
H3' LCG B 3 -2.91 2.33 8.58
H6'1 LCG B 3 -5.94 -0.49 9.37
H6'2 LCG B 3 -5.01 0.02 10.82
H8 LCG B 3 -3.84 2.82 5.77
H2' LCG B 3 -2.19 -0.16 8.17
H1' LCG B 3 -4.76 -0.54 7.18
H1 LCG B 3 -1.74 -2.01 2.13
H21 LCG B 3 -1.81 -3.94 3.33
H22 LCG B 3 -2.37 -3.97 4.98
P LCG B 4 -1.17 1.57 10.79
OP1 LCG B 4 -0.99 1.65 12.26
O5' LCG B 4 -0.56 0.17 10.28
C5' LCG B 4 -0.76 -1.06 10.98
C3' LCG B 4 1.31 -2.07 9.81
C6' LCG B 4 -0.28 -3.62 10.64
N9 LCG B 4 0.42 -1.97 6.88
C8 LCG B 4 0.45 -0.59 6.84
C4 LCG B 4 0.84 -2.38 5.65
N7 LCG B 4 0.81 -0.11 5.69
C5 LCG B 4 1.06 -1.24 4.91
C6 LCG B 4 1.49 -1.34 3.56
C2' LCG B 4 1.13 -3.29 8.90
O6 LCG B 4 1.73 -0.43 2.78
C4' LCG B 4 -0.19 -2.18 10.11
C1' LCG B 4 -0.01 -2.85 7.99
C2 LCG B 4 1.40 -3.76 3.96
N1 LCG B 4 1.66 -2.67 3.14
O4' LCG B 4 -0.85 -2.15 8.87
OP2 LCG B 4 -0.61 2.64 9.94
N2 LCG B 4 1.56 -4.98 3.44
N3 LCG B 4 0.99 -3.68 5.23
O2' LCG B 4 0.61 -4.30 9.77
O3' LCG B 4 2.15 -2.29 10.94
H5' LCG B 4 -1.82 -1.23 11.15
H5'' LCG B 4 -0.21 -1.06 11.90
H3' LCG B 4 1.57 -1.16 9.26
H6'1 LCG B 4 0.07 -3.68 11.67
H6'2 LCG B 4 -1.30 -4.00 10.55
H8 LCG B 4 0.19 0.03 7.68
H2' LCG B 4 2.01 -3.58 8.33
H1' LCG B 4 -0.54 -3.72 7.64
H1 LCG B 4 1.97 -2.81 2.19
H21 LCG B 4 1.88 -5.08 2.48
H22 LCG B 4 1.37 -5.78 4.01
P LCG B 5 3.76 -2.14 10.89
OP1 LCG B 5 4.29 -2.38 12.24
O5' LCG B 5 4.27 -3.33 9.93
C5' LCG B 5 4.30 -4.69 10.30
C3' LCG B 5 6.08 -5.16 8.43
C6' LCG B 5 4.84 -6.97 9.19
N9 LCG B 5 4.52 -4.32 6.06
C8 LCG B 5 4.38 -3.10 6.64
C4 LCG B 5 4.74 -4.05 4.72
N7 LCG B 5 4.41 -2.09 5.82
C5 LCG B 5 4.68 -2.68 4.59
C6 LCG B 5 4.94 -2.06 3.34
C2' LCG B 5 5.79 -6.13 7.32
O6 LCG B 5 4.96 -0.86 3.10
C4' LCG B 5 4.69 -5.46 9.02
C1' LCG B 5 4.45 -5.62 6.76
C2 LCG B 5 5.25 -4.37 2.55
N1 LCG B 5 5.23 -3.00 2.33
O4' LCG B 5 3.74 -5.36 7.97
OP2 LCG B 5 4.07 -0.86 10.19
N2 LCG B 5 5.61 -5.14 1.53
N3 LCG B 5 5.01 -4.95 3.73
O2' LCG B 5 5.53 -7.35 8.00
O3' LCG B 5 7.22 -5.57 9.20
H5' LCG B 5 3.33 -5.04 10.67
H5'' LCG B 5 5.03 -4.85 11.09
H3' LCG B 5 6.20 -4.14 8.08
H6'1 LCG B 5 3.87 -7.45 9.29
H6'2 LCG B 5 5.46 -7.08 10.05
H8 LCG B 5 4.30 -3.05 7.71
H2' LCG B 5 6.62 -6.16 6.62
H1' LCG B 5 3.95 -6.37 6.15
H1 LCG B 5 5.48 -2.62 1.43
H21 LCG B 5 5.84 -4.73 0.63
H22 LCG B 5 5.67 -6.14 1.65
P LCG C 2 -10.23 -9.08 6.29
OP1 LCG C 2 -10.82 -10.38 6.66
O5' LCG C 2 -9.23 -9.30 5.04
C5' LCG C 2 -7.82 -9.20 5.16
C3' LCG C 2 -5.71 -8.89 3.70
C6' LCG C 2 -7.48 -10.19 2.79
N9 LCG C 2 -6.21 -6.27 2.05
C8 LCG C 2 -6.32 -5.27 2.98
C4 LCG C 2 -5.57 -5.69 0.97
N7 LCG C 2 -5.85 -4.12 2.59
C5 LCG C 2 -5.39 -4.37 1.29
C6 LCG C 2 -4.83 -3.48 0.32
C2' LCG C 2 -5.84 -8.77 2.18
O6 LCG C 2 -4.64 -2.26 0.42
C4' LCG C 2 -7.22 -9.03 3.76
C1' LCG C 2 -6.82 -7.61 2.04
C2 LCG C 2 -4.70 -5.47 -1.10
N1 LCG C 2 -4.54 -4.11 -0.89
O4' LCG C 2 -7.68 -7.82 3.16
OP2 LCG C 2 -9.56 -8.25 7.32
N2 LCG C 2 -4.32 -5.96 -2.27
N3 LCG C 2 -5.23 -6.31 -0.19
O2' LCG C 2 -6.51 -9.94 1.77
O3' LCG C 2 -4.96 -10.03 4.14
H5' LCG C 2 -7.42 -10.09 5.63
H5'' LCG C 2 -7.56 -8.32 5.75
H3' LCG C 2 -5.36 -7.98 4.17
H6'1 LCG C 2 -8.49 -10.15 2.39
H6'2 LCG C 2 -7.28 -11.15 3.26
H8 LCG C 2 -6.77 -5.41 3.95
H2' LCG C 2 -4.90 -8.58 1.67
H1' LCG C 2 -7.38 -7.74 1.11
H1 LCG C 2 -4.35 -3.52 -1.68
H21 LCG C 2 -3.94 -5.34 -2.98
H22 LCG C 2 -4.42 -6.94 -2.45
P LCG C 3 -3.34 -10.02 4.17
OP1 LCG C 3 -2.95 -10.47 5.53
O5' LCG C 3 -2.86 -11.16 3.13
C5' LCG C 3 -3.10 -11.12 1.73
C3' LCG C 3 -0.78 -9.83 1.41
C6' LCG C 3 -1.84 -10.86 -0.46
N9 LCG C 3 -1.76 -6.81 0.38
C8 LCG C 3 -2.18 -6.19 1.53
C4 LCG C 3 -1.27 -5.81 -0.42
N7 LCG C 3 -2.01 -4.90 1.52
C5 LCG C 3 -1.46 -4.64 0.27
C6 LCG C 3 -1.12 -3.40 -0.36
C2' LCG C 3 -0.61 -9.06 0.10
O6 LCG C 3 -1.22 -2.27 0.12
C4' LCG C 3 -2.18 -10.21 0.92
C1' LCG C 3 -1.89 -8.23 -0.02
C2 LCG C 3 -0.46 -4.78 -2.26
N1 LCG C 3 -0.67 -3.55 -1.66
O4' LCG C 3 -2.80 -8.96 0.76
OP2 LCG C 3 -2.86 -8.70 3.71
N2 LCG C 3 0.05 -4.78 -3.49
N3 LCG C 3 -0.76 -5.96 -1.68
O2' LCG C 3 -0.75 -10.06 -0.91
O3' LCG C 3 0.13 -10.91 1.56
H5' LCG C 3 -4.13 -10.85 1.54
H5'' LCG C 3 -2.94 -12.08 1.28
H3' LCG C 3 -0.80 -9.18 2.28
H6'1 LCG C 3 -2.70 -10.78 -1.14
H6'2 LCG C 3 -1.51 -11.89 -0.35
H8 LCG C 3 -2.64 -6.71 2.35
H2' LCG C 3 0.30 -8.47 0.04
H1' LCG C 3 -2.27 -8.34 -1.02
H1 LCG C 3 -0.56 -2.71 -2.21
H21 LCG C 3 0.27 -3.91 -3.95
H22 LCG C 3 0.26 -5.67 -3.92
P LCG C 4 1.68 -10.68 1.99
OP1 LCG C 4 2.31 -12.02 2.09
O5' LCG C 4 2.34 -9.91 0.74
C5' LCG C 4 2.60 -10.55 -0.51
C3' LCG C 4 4.37 -8.81 -1.19
C6' LCG C 4 3.30 -9.95 -2.97
N9 LCG C 4 2.73 -6.22 -1.23
C8 LCG C 4 2.49 -6.21 0.12
C4 LCG C 4 2.93 -4.92 -1.59
N7 LCG C 4 2.48 -5.01 0.62
C5 LCG C 4 2.74 -4.18 -0.45
C6 LCG C 4 2.83 -2.75 -0.52
C2' LCG C 4 4.14 -7.92 -2.40
O6 LCG C 4 2.70 -1.95 0.40
C4' LCG C 4 3.05 -9.50 -1.52
C1' LCG C 4 2.74 -7.38 -2.15
C2 LCG C 4 3.26 -3.12 -2.91
N1 LCG C 4 3.07 -2.28 -1.82
O4' LCG C 4 2.07 -8.47 -1.58
OP2 LCG C 4 1.70 -9.77 3.14
N2 LCG C 4 3.48 -2.56 -4.09
N3 LCG C 4 3.21 -4.46 -2.84
O2' LCG C 4 4.03 -8.83 -3.49
O3' LCG C 4 5.50 -9.67 -1.32
H5' LCG C 4 1.70 -11.05 -0.87
H5'' LCG C 4 3.41 -11.24 -0.41
H3' LCG C 4 4.35 -8.28 -0.24
H6'1 LCG C 4 2.37 -10.10 -3.50
H6'2 LCG C 4 3.92 -10.84 -2.99
H8 LCG C 4 2.33 -7.12 0.69
H2' LCG C 4 4.86 -7.11 -2.53
H1' LCG C 4 2.28 -7.15 -3.09
H1 LCG C 4 3.00 -1.28 -1.96
H21 LCG C 4 3.53 -1.56 -4.17
H22 LCG C 4 3.62 -3.15 -4.90
P LCG C 5 7.03 -9.19 -1.10
OP1 LCG C 5 7.92 -10.34 -1.33
O5' LCG C 5 7.30 -8.09 -2.26
C5' LCG C 5 7.49 -8.41 -3.63
C3' LCG C 5 8.91 -6.19 -4.10
C6' LCG C 5 7.80 -7.22 -5.87
N9 LCG C 5 6.84 -4.19 -3.25
C8 LCG C 5 6.78 -4.78 -2.01
C4 LCG C 5 6.71 -2.84 -3.00
N7 LCG C 5 6.61 -3.95 -1.03
C5 LCG C 5 6.56 -2.71 -1.64
C6 LCG C 5 6.35 -1.41 -1.06
C2' LCG C 5 8.31 -5.16 -5.08
O6 LCG C 5 6.20 -1.13 0.13
C4' LCG C 5 7.65 -7.07 -4.37
C1' LCG C 5 6.89 -4.91 -4.53
C2 LCG C 5 6.52 -0.60 -3.36
N1 LCG C 5 6.32 -0.39 -2.01
O4' LCG C 5 6.48 -6.25 -4.26
OP2 LCG C 5 7.09 -8.46 0.19
N2 LCG C 5 6.57 0.45 -4.16
N3 LCG C 5 6.72 -1.83 -3.91
O2' LCG C 5 8.17 -5.91 -6.29
O3' LCG C 5 10.19 -6.60 -4.58
H5' LCG C 5 6.66 -8.97 -4.05
H5'' LCG C 5 8.37 -9.03 -3.76
H3' LCG C 5 8.95 -5.80 -3.09
H6'1 LCG C 5 6.87 -7.56 -6.33
H6'2 LCG C 5 8.61 -7.91 -5.98
H8 LCG C 5 6.87 -5.85 -1.95
H2' LCG C 5 8.88 -4.24 -5.22
H1' LCG C 5 6.26 -4.44 -5.28
H1 LCG C 5 6.10 0.53 -1.65
H21 LCG C 5 6.42 1.38 -3.77
H22 LCG C 5 6.76 0.34 -5.14
P LCG D 2 -5.96 -9.31 -10.27
OP1 LCG D 2 -7.39 -9.16 -10.60
O5' LCG D 2 -5.34 -7.84 -10.15
C5' LCG D 2 -3.94 -7.59 -10.07
C3' LCG D 2 -2.29 -5.64 -9.56
C6' LCG D 2 -4.14 -5.20 -10.98
N9 LCG D 2 -3.59 -4.10 -6.97
C8 LCG D 2 -3.54 -5.01 -5.94
C4 LCG D 2 -3.54 -2.87 -6.38
N7 LCG D 2 -3.51 -4.45 -4.76
C5 LCG D 2 -3.53 -3.09 -5.02
C6 LCG D 2 -3.59 -1.97 -4.11
C2' LCG D 2 -2.83 -4.22 -9.42
O6 LCG D 2 -3.62 -1.99 -2.89
C4' LCG D 2 -3.73 -6.10 -9.80
C1' LCG D 2 -3.96 -4.34 -8.39
C2 LCG D 2 -3.60 -0.62 -6.16
N1 LCG D 2 -3.66 -0.75 -4.79
O4' LCG D 2 -4.39 -5.67 -8.61
OP2 LCG D 2 -5.09 -10.09 -11.18
N2 LCG D 2 -3.56 0.62 -6.65
N3 LCG D 2 -3.56 -1.66 -7.01
O2' LCG D 2 -3.51 -3.97 -10.66
O3' LCG D 2 -1.44 -5.83 -10.68
H5' LCG D 2 -3.48 -7.84 -11.01
H5'' LCG D 2 -3.50 -8.18 -9.26
H3' LCG D 2 -1.88 -6.03 -8.63
H6'1 LCG D 2 -3.75 -5.60 -11.92
H6'2 LCG D 2 -5.23 -5.12 -11.02
H8 LCG D 2 -3.59 -6.07 -6.09
H2' LCG D 2 -2.09 -3.47 -9.17
H1' LCG D 2 -4.75 -3.64 -8.65
H1 LCG D 2 -3.88 0.07 -4.24
H21 LCG D 2 -3.61 1.42 -6.03
H22 LCG D 2 -3.50 0.75 -7.65
P LCG D 3 0.17 -5.72 -10.59
OP1 LCG D 3 0.71 -5.88 -11.96
O5' LCG D 3 0.45 -4.21 -10.11
C5' LCG D 3 0.18 -3.08 -10.92
C3' LCG D 3 1.79 -1.71 -9.41
C6' LCG D 3 0.43 -0.54 -10.98
N9 LCG D 3 -0.12 -1.00 -6.91
C8 LCG D 3 -0.11 -2.23 -6.29
C4 LCG D 3 -0.21 -0.08 -5.89
N7 LCG D 3 -0.16 -2.17 -4.99
C5 LCG D 3 -0.25 -0.82 -4.72
C6 LCG D 3 -0.40 -0.13 -3.47
C2' LCG D 3 1.30 -0.37 -8.91
O6 LCG D 3 -0.43 -0.62 -2.35
C4' LCG D 3 0.45 -1.83 -10.14
C1' LCG D 3 -0.08 -0.70 -8.35
C2 LCG D 3 -0.45 1.90 -4.85
N1 LCG D 3 -0.54 1.25 -3.63
O4' LCG D 3 -0.49 -1.79 -9.10
OP2 LCG D 3 0.62 -6.64 -9.51
N2 LCG D 3 -0.56 3.23 -4.84
N3 LCG D 3 -0.28 1.26 -6.02
O2' LCG D 3 1.05 0.39 -10.09
O3' LCG D 3 2.93 -1.63 -10.26
H5' LCG D 3 -0.84 -3.10 -11.29
H5'' LCG D 3 0.87 -2.97 -11.74
H3' LCG D 3 1.90 -2.45 -8.61
H6'1 LCG D 3 -0.59 -0.24 -11.22
H6'2 LCG D 3 1.02 -0.65 -11.89
H8 LCG D 3 -0.08 -3.16 -6.84
H2' LCG D 3 1.95 0.12 -8.19
H1' LCG D 3 -0.75 0.07 -8.68
H1 LCG D 3 -0.80 1.77 -2.81
H21 LCG D 3 -0.71 3.72 -3.97
H22 LCG D 3 -0.49 3.73 -5.71
P LCG D 4 4.43 -1.44 -9.67
OP1 LCG D 4 5.37 -1.43 -10.81
O5' LCG D 4 4.43 0.03 -9.00
C5' LCG D 4 4.38 1.23 -9.76
C3' LCG D 4 5.36 2.56 -7.79
C6' LCG D 4 4.16 3.81 -9.39
N9 LCG D 4 3.20 2.18 -5.70
C8 LCG D 4 3.40 0.83 -5.58
C4 LCG D 4 2.92 2.62 -4.42
N7 LCG D 4 3.29 0.38 -4.37
C5 LCG D 4 2.98 1.50 -3.62
C6 LCG D 4 2.73 1.62 -2.21
C2' LCG D 4 4.56 3.70 -7.17
O6 LCG D 4 2.75 0.72 -1.38
C4' LCG D 4 4.22 2.40 -8.80
C1' LCG D 4 3.20 3.02 -6.91
C2 LCG D 4 2.40 4.00 -2.72
N1 LCG D 4 2.44 2.92 -1.83
O4' LCG D 4 3.04 2.22 -8.06
OP2 LCG D 4 4.61 -2.42 -8.58
N2 LCG D 4 2.09 5.20 -2.24
N3 LCG D 4 2.65 3.88 -4.03
O2' LCG D 4 4.37 4.62 -8.24
O3' LCG D 4 6.60 2.96 -8.38
H5' LCG D 4 3.55 1.21 -10.46
H5'' LCG D 4 5.32 1.38 -10.29
H3' LCG D 4 5.46 1.69 -7.14
H6'1 LCG D 4 3.19 4.00 -9.84
H6'2 LCG D 4 4.96 3.98 -10.12
H8 LCG D 4 3.66 0.20 -6.42
H2' LCG D 4 4.97 4.12 -6.26
H1' LCG D 4 2.43 3.77 -6.91
H1 LCG D 4 2.20 3.07 -0.85
H21 LCG D 4 1.90 5.31 -1.25
H22 LCG D 4 2.05 5.98 -2.87
P LCG D 5 7.98 3.06 -7.55
OP1 LCG D 5 9.07 3.37 -8.51
O5' LCG D 5 7.79 4.30 -6.57
C5' LCG D 5 7.75 5.66 -6.99
C3' LCG D 5 8.46 6.47 -4.56
C6' LCG D 5 7.38 8.00 -5.94
N9 LCG D 5 6.06 5.32 -3.10
C8 LCG D 5 6.33 4.10 -3.62
C4 LCG D 5 5.64 5.08 -1.81
N7 LCG D 5 6.13 3.09 -2.83
C5 LCG D 5 5.71 3.70 -1.65
C6 LCG D 5 5.42 3.10 -0.39
C2' LCG D 5 7.47 7.33 -3.78
O6 LCG D 5 5.51 1.91 -0.11
C4' LCG D 5 7.45 6.51 -5.74
C1' LCG D 5 6.13 6.59 -3.86
C2 LCG D 5 4.95 5.40 0.32
N1 LCG D 5 5.04 4.03 0.57
O4' LCG D 5 6.15 6.23 -5.24
OP2 LCG D 5 8.09 1.85 -6.70
N2 LCG D 5 4.59 6.18 1.34
N3 LCG D 5 5.26 5.97 -0.86
O2' LCG D 5 7.35 8.49 -4.60
O3' LCG D 5 9.71 7.19 -4.60
H5' LCG D 5 7.00 5.83 -7.75
H5'' LCG D 5 8.71 5.93 -7.43
H3' LCG D 5 8.56 5.48 -4.11
H6'1 LCG D 5 8.29 8.28 -6.45
H6'2 LCG D 5 6.48 8.25 -6.50
H8 LCG D 5 6.71 4.03 -4.62
H2' LCG D 5 7.78 7.57 -2.75
H1' LCG D 5 5.29 7.24 -3.63
H1 LCG D 5 4.86 3.67 1.50
H21 LCG D 5 4.41 5.77 2.25
H22 LCG D 5 4.55 7.18 1.21
P LCG A 2 -6.95 7.78 -10.92
OP1 LCG A 2 -7.33 9.04 -11.58
O5' LCG A 2 -6.72 8.07 -9.35
C5' LCG A 2 -5.44 8.22 -8.78
C3' LCG A 2 -4.24 8.14 -6.46
C6' LCG A 2 -6.34 9.22 -6.61
N9 LCG A 2 -5.18 5.45 -5.15
C8 LCG A 2 -4.63 4.52 -5.98
C4 LCG A 2 -5.10 4.90 -3.88
N7 LCG A 2 -4.26 3.41 -5.39
C5 LCG A 2 -4.58 3.63 -4.05
C6 LCG A 2 -4.49 2.76 -2.92
C2' LCG A 2 -5.09 7.98 -5.20
O6 LCG A 2 -4.09 1.59 -2.89
C4' LCG A 2 -5.54 8.08 -7.25
C1' LCG A 2 -5.88 6.71 -5.48
C2 LCG A 2 -5.41 4.65 -1.66
N1 LCG A 2 -4.97 3.34 -1.75
O4' LCG A 2 -6.11 6.83 -6.88
OP2 LCG A 2 -5.81 6.97 -11.44
N2 LCG A 2 -5.75 5.10 -0.45
N3 LCG A 2 -5.51 5.47 -2.72
O2' LCG A 2 -6.01 9.05 -5.23
O3' LCG A 2 -3.51 9.36 -6.53
H5' LCG A 2 -5.05 9.21 -9.01
H5'' LCG A 2 -4.76 7.45 -9.16
H3' LCG A 2 -3.62 7.27 -6.66
H6'1 LCG A 2 -6.00 10.19 -6.96
H6'2 LCG A 2 -7.40 9.10 -6.80
H8 LCG A 2 -4.55 4.66 -7.05
H2' LCG A 2 -4.51 7.91 -4.28
H1' LCG A 2 -6.81 6.75 -4.93
H1 LCG A 2 -5.11 2.73 -0.95
H21 LCG A 2 -5.69 4.48 0.36
H22 LCG A 2 -6.05 6.05 -0.36
P LCG A 3 -2.11 9.55 -5.75
OP1 LCG A 3 -1.15 10.12 -6.72
O5' LCG A 3 -2.37 10.71 -4.63
C5' LCG A 3 -3.30 10.58 -3.56
C3' LCG A 3 -1.35 9.58 -2.02
C6' LCG A 3 -3.26 10.55 -1.04
N9 LCG A 3 -2.39 6.56 -1.39
C8 LCG A 3 -2.01 6.01 -2.58
C4 LCG A 3 -2.26 5.56 -0.46
N7 LCG A 3 -1.66 4.75 -2.50
C5 LCG A 3 -1.84 4.44 -1.15
C6 LCG A 3 -1.68 3.21 -0.45
C2' LCG A 3 -1.79 8.90 -0.73
O6 LCG A 3 -1.31 2.13 -0.90
C4' LCG A 3 -2.83 9.81 -2.33
C1' LCG A 3 -2.88 7.92 -1.18
C2 LCG A 3 -2.39 4.48 1.51
N1 LCG A 3 -2.04 3.30 0.88
O4' LCG A 3 -3.37 8.52 -2.35
OP2 LCG A 3 -1.77 8.30 -5.06
N2 LCG A 3 -2.61 4.44 2.83
N3 LCG A 3 -2.53 5.65 0.87
O2' LCG A 3 -2.51 9.90 -0.02
O3' LCG A 3 -0.57 10.76 -1.81
H5' LCG A 3 -4.23 10.17 -3.92
H5'' LCG A 3 -3.54 11.55 -3.16
H3' LCG A 3 -0.88 8.89 -2.72
H6'1 LCG A 3 -2.95 11.58 -1.11
H6'2 LCG A 3 -4.33 10.46 -0.87
H8 LCG A 3 -2.02 6.60 -3.48
H2' LCG A 3 -0.99 8.42 -0.16
H1' LCG A 3 -3.71 7.99 -0.48
H1 LCG A 3 -2.09 2.43 1.40
H21 LCG A 3 -2.54 3.56 3.32
H22 LCG A 3 -2.81 5.29 3.32
P LCG A 4 0.97 10.71 -1.36
OP1 LCG A 4 1.46 12.11 -1.24
O5' LCG A 4 0.96 10.07 0.12
C5' LCG A 4 0.45 10.74 1.27
C3' LCG A 4 1.84 9.29 2.85
C6' LCG A 4 -0.09 10.25 3.79
N9 LCG A 4 0.73 6.49 2.22
C8 LCG A 4 1.17 6.48 0.92
C4 LCG A 4 0.85 5.21 2.68
N7 LCG A 4 1.53 5.30 0.51
C5 LCG A 4 1.34 4.47 1.62
C6 LCG A 4 1.54 3.07 1.76
C2' LCG A 4 1.17 8.37 3.84
O6 LCG A 4 1.97 2.29 0.92
C4' LCG A 4 0.45 9.77 2.44
C1' LCG A 4 0.15 7.63 2.98
C2 LCG A 4 0.71 3.42 4.04
N1 LCG A 4 1.18 2.60 3.03
O4' LCG A 4 -0.30 8.62 2.09
OP2 LCG A 4 1.68 9.76 -2.25
N2 LCG A 4 0.39 2.85 5.19
N3 LCG A 4 0.53 4.74 3.91
O2' LCG A 4 0.41 9.25 4.68
O3' LCG A 4 2.64 10.32 3.42
H5' LCG A 4 -0.56 11.11 1.08
H5'' LCG A 4 1.10 11.55 1.55
H3' LCG A 4 2.35 8.76 2.04
H6'1 LCG A 4 0.31 11.23 4.06
H6'2 LCG A 4 -1.18 10.27 3.79
H8 LCG A 4 1.20 7.36 0.30
H2' LCG A 4 1.82 7.68 4.37
H1' LCG A 4 -0.68 7.32 3.59
H1 LCG A 4 1.21 1.59 3.16
H21 LCG A 4 0.50 1.85 5.31
H22 LCG A 4 0.03 3.42 5.95
P LCG A 5 4.16 10.10 3.89
OP1 LCG A 5 4.67 11.40 4.40
O5' LCG A 5 4.08 9.08 5.13
C5' LCG A 5 3.58 9.41 6.42
C3' LCG A 5 4.90 7.41 7.57
C6' LCG A 5 3.00 8.25 8.62
N9 LCG A 5 3.66 5.16 5.99
C8 LCG A 5 4.08 5.74 4.83
C4 LCG A 5 3.79 3.80 5.78
N7 LCG A 5 4.47 4.91 3.92
C5 LCG A 5 4.28 3.67 4.49
C6 LCG A 5 4.52 2.36 3.96
C2' LCG A 5 4.07 6.30 8.24
O6 LCG A 5 4.95 2.08 2.84
C4' LCG A 5 3.57 8.11 7.23
C1' LCG A 5 3.08 5.88 7.15
C2 LCG A 5 3.72 1.57 6.13
N1 LCG A 5 4.20 1.33 4.85
O4' LCG A 5 2.68 7.15 6.66
OP2 LCG A 5 4.88 9.41 2.80
N2 LCG A 5 3.51 0.50 6.91
N3 LCG A 5 3.50 2.80 6.65
O2' LCG A 5 3.33 7.00 9.23
O3' LCG A 5 5.78 7.98 8.57
H5' LCG A 5 2.57 9.84 6.36
H5'' LCG A 5 4.21 10.16 6.89
H3' LCG A 5 5.45 7.04 6.71
H6'1 LCG A 5 3.53 9.07 9.08
H6'2 LCG A 5 1.92 8.41 8.55
H8 LCG A 5 4.07 6.82 4.76
H2' LCG A 5 4.63 5.46 8.65
H1' LCG A 5 2.23 5.33 7.57
H1 LCG A 5 4.33 0.40 4.50
H21 LCG A 5 3.66 -0.42 6.55
H22 LCG A 5 3.20 0.64 7.86
P LCG B 2 -11.42 7.89 6.28
OP1 LCG B 2 -12.82 7.54 5.99
O5' LCG B 2 -10.61 6.51 6.45
C5' LCG B 2 -9.28 6.45 6.93
C3' LCG B 2 -7.34 4.68 7.08
C6' LCG B 2 -9.52 4.03 7.76
N9 LCG B 2 -7.32 3.21 4.27
C8 LCG B 2 -6.96 4.21 3.40
C4 LCG B 2 -6.78 2.07 3.76
N7 LCG B 2 -6.28 3.78 2.36
C5 LCG B 2 -6.17 2.42 2.57
C6 LCG B 2 -5.60 1.38 1.74
C2' LCG B 2 -7.64 3.22 6.79
O6 LCG B 2 -5.06 1.52 0.65
C4' LCG B 2 -8.80 5.00 6.80
C1' LCG B 2 -8.28 3.28 5.40
C2 LCG B 2 -6.31 -0.13 3.52
N1 LCG B 2 -5.74 0.11 2.29
O4' LCG B 2 -8.95 4.52 5.45
OP2 LCG B 2 -11.12 8.73 7.46
N2 LCG B 2 -6.29 -1.39 3.96
N3 LCG B 2 -6.86 0.82 4.30
O2' LCG B 2 -8.69 2.87 7.68
O3' LCG B 2 -6.90 4.94 8.41
H5' LCG B 2 -9.25 6.72 7.98
H5'' LCG B 2 -8.63 7.10 6.34
H3' LCG B 2 -6.67 5.14 6.34
H6'1 LCG B 2 -9.51 4.42 8.77
H6'2 LCG B 2 -10.53 3.83 7.41
H8 LCG B 2 -7.24 5.24 3.52
H2' LCG B 2 -6.78 2.56 6.83
H1' LCG B 2 -8.98 2.46 5.30
H1 LCG B 2 -5.53 -0.67 1.69
H21 LCG B 2 -5.88 -2.12 3.39
H22 LCG B 2 -6.67 -1.60 4.87
P LCG B 3 -5.38 4.69 8.88
OP1 LCG B 3 -4.91 5.93 9.52
O5' LCG B 3 -5.45 3.54 10.05
C5' LCG B 3 -5.92 2.23 9.84
C3' LCG B 3 -3.44 1.46 9.24
C6' LCG B 3 -5.05 -0.15 9.90
N9 LCG B 3 -3.72 0.60 6.05
C8 LCG B 3 -3.66 1.83 5.46
C4 LCG B 3 -3.18 -0.27 5.14
N7 LCG B 3 -3.14 1.83 4.26
C5 LCG B 3 -2.85 0.49 4.04
C6 LCG B 3 -2.32 -0.14 2.87
C2' LCG B 3 -3.31 0.12 8.52
O6 LCG B 3 -1.97 0.39 1.82
C4' LCG B 3 -4.95 1.24 9.22
C1' LCG B 3 -4.30 0.22 7.36
C2 LCG B 3 -2.55 -2.21 4.17
N1 LCG B 3 -2.23 -1.53 3.00
O4' LCG B 3 -5.23 1.15 7.84
OP2 LCG B 3 -4.62 4.14 7.74
N2 LCG B 3 -2.35 -3.53 4.18
N3 LCG B 3 -3.03 -1.62 5.27
O2' LCG B 3 -3.90 -0.82 9.41
O3' LCG B 3 -2.84 1.50 10.52
H5' LCG B 3 -6.85 2.25 9.28
H5'' LCG B 3 -6.17 1.76 10.79
H3' LCG B 3 -3.14 2.30 8.61
H6'1 LCG B 3 -5.96 -0.66 9.59
H6'2 LCG B 3 -4.99 -0.07 10.98
H8 LCG B 3 -4.04 2.73 5.92
H2' LCG B 3 -2.30 -0.13 8.20
H1' LCG B 3 -4.87 -0.70 7.32
H1 LCG B 3 -1.95 -2.04 2.19
H21 LCG B 3 -2.00 -3.99 3.35
H22 LCG B 3 -2.54 -4.04 5.03
P LCG B 4 -1.24 1.64 10.73
OP1 LCG B 4 -0.98 1.73 12.18
O5' LCG B 4 -0.63 0.26 10.18
C5' LCG B 4 -0.80 -0.98 10.87
C3' LCG B 4 1.22 -2.00 9.66
C6' LCG B 4 -0.35 -3.53 10.54
N9 LCG B 4 0.29 -1.94 6.74
C8 LCG B 4 0.29 -0.58 6.68
C4 LCG B 4 0.69 -2.37 5.50
N7 LCG B 4 0.63 -0.10 5.52
C5 LCG B 4 0.89 -1.23 4.75
C6 LCG B 4 1.31 -1.33 3.39
C2' LCG B 4 1.05 -3.22 8.78
O6 LCG B 4 1.52 -0.42 2.60
C4' LCG B 4 -0.27 -2.09 9.99
C1' LCG B 4 -0.11 -2.81 7.87
C2 LCG B 4 1.23 -3.75 3.80
N1 LCG B 4 1.47 -2.66 2.98
O4' LCG B 4 -0.95 -2.09 8.75
OP2 LCG B 4 -0.76 2.72 9.84
N2 LCG B 4 1.41 -4.96 3.27
N3 LCG B 4 0.84 -3.65 5.08
O2' LCG B 4 0.54 -4.22 9.67
O3' LCG B 4 2.07 -2.17 10.79
H5' LCG B 4 -1.86 -1.15 11.07
H5'' LCG B 4 -0.23 -0.99 11.78
H3' LCG B 4 1.47 -1.09 9.09
H6'1 LCG B 4 0.01 -3.57 11.56
H6'2 LCG B 4 -1.36 -3.92 10.46
H8 LCG B 4 0.05 0.05 7.52
H2' LCG B 4 1.92 -3.52 8.21
H1' LCG B 4 -0.65 -3.69 7.54
H1 LCG B 4 1.79 -2.79 2.02
H21 LCG B 4 1.71 -5.05 2.31
H22 LCG B 4 1.24 -5.77 3.84
P LCG B 5 3.68 -1.99 10.74
OP1 LCG B 5 4.21 -2.18 12.10
O5' LCG B 5 4.19 -3.20 9.82
C5' LCG B 5 4.22 -4.55 10.23
C3' LCG B 5 6.00 -5.06 8.39
C6' LCG B 5 4.79 -6.86 9.19
N9 LCG B 5 4.43 -4.33 5.96
C8 LCG B 5 4.27 -3.09 6.51
C4 LCG B 5 4.62 -4.11 4.62
N7 LCG B 5 4.27 -2.12 5.65
C5 LCG B 5 4.53 -2.74 4.45
C6 LCG B 5 4.76 -2.16 3.17
C2' LCG B 5 5.73 -6.07 7.30
O6 LCG B 5 4.76 -0.96 2.89
C4' LCG B 5 4.62 -5.37 8.98
C1' LCG B 5 4.38 -5.60 6.72
C2 LCG B 5 5.09 -4.48 2.44
N1 LCG B 5 5.04 -3.12 2.19
O4' LCG B 5 3.66 -5.32 7.92
OP2 LCG B 5 3.96 -0.73 10.01
N2 LCG B 5 5.43 -5.27 1.43
N3 LCG B 5 4.88 -5.03 3.65
O2' LCG B 5 5.49 -7.28 8.03
O3' LCG B 5 7.14 -5.42 9.17
H5' LCG B 5 3.26 -4.88 10.60
H5'' LCG B 5 4.95 -4.69 11.03
H3' LCG B 5 6.10 -4.05 7.99
H6'1 LCG B 5 3.83 -7.35 9.31
H6'2 LCG B 5 5.41 -6.93 10.07
H8 LCG B 5 4.19 -3.01 7.58
H2' LCG B 5 6.56 -6.11 6.59
H1' LCG B 5 3.90 -6.39 6.13
H1 LCG B 5 5.31 -2.76 1.28
H21 LCG B 5 5.63 -4.88 0.53
H22 LCG B 5 5.50 -6.27 1.58
P LCG C 2 -10.22 -9.15 6.24
OP1 LCG C 2 -11.59 -9.25 5.70
O5' LCG C 2 -9.21 -9.14 4.97
C5' LCG C 2 -7.80 -9.19 5.11
C3' LCG C 2 -5.68 -8.87 3.62
C6' LCG C 2 -7.49 -10.13 2.71
N9 LCG C 2 -6.19 -6.21 2.01
C8 LCG C 2 -6.23 -5.26 2.99
C4 LCG C 2 -5.60 -5.60 0.93
N7 LCG C 2 -5.78 -4.08 2.62
C5 LCG C 2 -5.41 -4.28 1.29
C6 LCG C 2 -4.91 -3.35 0.32
C2' LCG C 2 -5.83 -8.72 2.11
O6 LCG C 2 -4.73 -2.15 0.46
C4' LCG C 2 -7.20 -8.99 3.71
C1' LCG C 2 -6.81 -7.56 2.00
C2 LCG C 2 -4.82 -5.29 -1.17
N1 LCG C 2 -4.66 -3.94 -0.92
O4' LCG C 2 -7.63 -7.77 3.13
OP2 LCG C 2 -9.73 -10.19 7.18
N2 LCG C 2 -4.46 -5.73 -2.38
N3 LCG C 2 -5.32 -6.17 -0.28
O2' LCG C 2 -6.54 -9.88 1.69
O3' LCG C 2 -4.95 -10.03 4.02
H5' LCG C 2 -7.50 -10.15 5.51
H5'' LCG C 2 -7.46 -8.39 5.76
H3' LCG C 2 -5.33 -7.97 4.11
H6'1 LCG C 2 -8.51 -10.07 2.33
H6'2 LCG C 2 -7.31 -11.10 3.17
H8 LCG C 2 -6.62 -5.45 3.97
H2' LCG C 2 -4.91 -8.55 1.58
H1' LCG C 2 -7.39 -7.67 1.08
H1 LCG C 2 -4.48 -3.32 -1.69
H21 LCG C 2 -4.09 -5.09 -3.06
H22 LCG C 2 -4.55 -6.72 -2.58
P LCG C 3 -3.32 -10.04 4.05
OP1 LCG C 3 -2.92 -10.55 5.38
O5' LCG C 3 -2.87 -11.16 2.96
C5' LCG C 3 -3.13 -11.06 1.57
C3' LCG C 3 -0.82 -9.78 1.25
C6' LCG C 3 -1.89 -10.77 -0.63
N9 LCG C 3 -1.81 -6.75 0.30
C8 LCG C 3 -2.21 -6.17 1.47
C4 LCG C 3 -1.36 -5.71 -0.48
N7 LCG C 3 -2.07 -4.87 1.49
C5 LCG C 3 -1.54 -4.57 0.24
C6 LCG C 3 -1.25 -3.30 -0.34
C2' LCG C 3 -0.66 -9.00 -0.05
O6 LCG C 3 -1.36 -2.18 0.17
C4' LCG C 3 -2.21 -10.16 0.76
C1' LCG C 3 -1.93 -8.15 -0.14
C2 LCG C 3 -0.60 -4.61 -2.30
N1 LCG C 3 -0.83 -3.41 -1.66
O4' LCG C 3 -2.83 -8.91 0.62
OP2 LCG C 3 -2.84 -8.72 3.61
N2 LCG C 3 -0.08 -4.56 -3.52
N3 LCG C 3 -0.87 -5.81 -1.75
O2' LCG C 3 -0.81 -9.97 -1.07
O3' LCG C 3 0.08 -10.87 1.39
H5' LCG C 3 -4.17 -10.80 1.40
H5'' LCG C 3 -2.99 -12.03 1.10
H3' LCG C 3 -0.84 -9.14 2.12
H6'1 LCG C 3 -2.75 -10.70 -1.30
H6'2 LCG C 3 -1.56 -11.81 -0.53
H8 LCG C 3 -2.63 -6.73 2.29
H2' LCG C 3 0.26 -8.41 -0.12
H1' LCG C 3 -2.31 -8.25 -1.15
H1 LCG C 3 -0.74 -2.54 -2.18
H21 LCG C 3 0.10 -3.68 -3.97
H22 LCG C 3 0.17 -5.43 -3.98
P LCG C 4 1.64 -10.67 1.80
OP1 LCG C 4 2.26 -12.01 1.91
O5' LCG C 4 2.29 -9.91 0.54
C5' LCG C 4 2.50 -10.55 -0.71
C3' LCG C 4 4.29 -8.85 -1.38
C6' LCG C 4 3.23 -9.97 -3.16
N9 LCG C 4 2.68 -6.25 -1.43
C8 LCG C 4 2.42 -6.23 -0.09
C4 LCG C 4 2.85 -4.93 -1.79
N7 LCG C 4 2.35 -5.03 0.42
C5 LCG C 4 2.61 -4.19 -0.64
C6 LCG C 4 2.67 -2.76 -0.71
C2' LCG C 4 4.10 -7.96 -2.59
O6 LCG C 4 2.49 -1.97 0.20
C4' LCG C 4 2.96 -9.52 -1.71
C1' LCG C 4 2.70 -7.39 -2.35
C2 LCG C 4 3.16 -3.11 -3.09
N1 LCG C 4 2.93 -2.29 -2.00
O4' LCG C 4 2.01 -8.48 -1.80
OP2 LCG C 4 1.68 -9.74 2.96
N2 LCG C 4 3.39 -2.54 -4.27
N3 LCG C 4 3.14 -4.45 -3.02
O2' LCG C 4 3.99 -8.87 -3.68
O3' LCG C 4 5.40 -9.75 -1.47
H5' LCG C 4 1.58 -11.02 -1.06
H5'' LCG C 4 3.29 -11.27 -0.63
H3' LCG C 4 4.26 -8.31 -0.43
H6'1 LCG C 4 2.30 -10.10 -3.71
H6'2 LCG C 4 3.83 -10.88 -3.18
H8 LCG C 4 2.27 -7.14 0.49
H2' LCG C 4 4.83 -7.17 -2.70
H1' LCG C 4 2.26 -7.15 -3.30
H1 LCG C 4 2.87 -1.29 -2.13
H21 LCG C 4 3.41 -1.54 -4.35
H22 LCG C 4 3.54 -3.13 -5.07
P LCG C 5 6.92 -9.31 -1.14
OP1 LCG C 5 7.78 -10.50 -1.31
O5' LCG C 5 7.30 -8.24 -2.28
C5' LCG C 5 7.55 -8.57 -3.64
C3' LCG C 5 8.99 -6.37 -4.03
C6' LCG C 5 8.01 -7.40 -5.87
N9 LCG C 5 6.86 -4.36 -3.34
C8 LCG C 5 6.75 -4.94 -2.10
C4 LCG C 5 6.69 -3.01 -3.11
N7 LCG C 5 6.51 -4.10 -1.13
C5 LCG C 5 6.46 -2.87 -1.76
C6 LCG C 5 6.22 -1.56 -1.21
C2' LCG C 5 8.46 -5.35 -5.05
O6 LCG C 5 6.00 -1.27 -0.04
C4' LCG C 5 7.76 -7.24 -4.39
C1' LCG C 5 7.01 -5.09 -4.61
C2 LCG C 5 6.48 -0.79 -3.52
N1 LCG C 5 6.24 -0.56 -2.18
O4' LCG C 5 6.59 -6.43 -4.36
OP2 LCG C 5 6.93 -8.59 0.15
N2 LCG C 5 6.51 0.26 -4.34
N3 LCG C 5 6.71 -2.01 -4.05
O2' LCG C 5 8.41 -6.09 -6.26
O3' LCG C 5 10.31 -6.77 -4.44
H5' LCG C 5 6.71 -9.12 -4.08
H5'' LCG C 5 8.41 -9.21 -3.73
H3' LCG C 5 8.97 -5.97 -3.02
H6'1 LCG C 5 7.11 -7.74 -6.38
H6'2 LCG C 5 8.82 -8.10 -5.91
H8 LCG C 5 6.86 -6.01 -2.03
H2' LCG C 5 9.04 -4.43 -5.14
H1' LCG C 5 6.43 -4.64 -5.41
H1 LCG C 5 6.04 0.38 -1.83
H21 LCG C 5 6.34 1.18 -3.98
H22 LCG C 5 6.72 0.12 -5.32
P LCG D 2 -3.73 -9.63 -7.71
OP1 LCG D 2 -3.15 -10.50 -8.76
O5' LCG D 2 -3.47 -8.08 -8.12
C5' LCG D 2 -3.52 -7.67 -9.47
C3' LCG D 2 -2.17 -5.44 -9.29
C6' LCG D 2 -3.78 -5.57 -11.00
N9 LCG D 2 -3.73 -3.97 -7.15
C8 LCG D 2 -3.56 -4.91 -6.17
C4 LCG D 2 -3.68 -2.76 -6.52
N7 LCG D 2 -3.51 -4.41 -4.97
C5 LCG D 2 -3.61 -3.03 -5.18
C6 LCG D 2 -3.66 -1.95 -4.23
C2' LCG D 2 -2.86 -4.12 -9.52
O6 LCG D 2 -3.65 -2.01 -3.01
C4' LCG D 2 -3.49 -6.15 -9.60
C1' LCG D 2 -4.07 -4.21 -8.58
C2 LCG D 2 -3.74 -0.53 -6.22
N1 LCG D 2 -3.77 -0.70 -4.86
O4' LCG D 2 -4.47 -5.56 -8.75
OP2 LCG D 2 -3.33 -9.81 -6.30
N2 LCG D 2 -3.68 0.73 -6.68
N3 LCG D 2 -3.73 -1.53 -7.11
O2' LCG D 2 -3.37 -4.21 -10.85
O3' LCG D 2 -1.10 -5.70 -10.19
H5' LCG D 2 -4.43 -8.05 -9.94
H5'' LCG D 2 -2.65 -8.07 -9.98
H3' LCG D 2 -1.86 -5.60 -8.26
H6'1 LCG D 2 -3.17 -6.06 -11.75
H6'2 LCG D 2 -4.84 -5.64 -11.24
H8 LCG D 2 -3.51 -5.96 -6.40
H2' LCG D 2 -2.26 -3.24 -9.33
H1' LCG D 2 -4.85 -3.51 -8.89
H1 LCG D 2 -4.00 0.09 -4.27
H21 LCG D 2 -3.69 1.51 -6.04
H22 LCG D 2 -3.62 0.88 -7.67
P LCG D 3 0.41 -5.14 -9.95
OP1 LCG D 3 1.32 -6.28 -10.20
O5' LCG D 3 0.70 -4.05 -11.12
C5' LCG D 3 0.01 -2.83 -11.29
C3' LCG D 3 1.72 -1.61 -9.65
C6' LCG D 3 0.34 -0.32 -11.08
N9 LCG D 3 -0.18 -0.89 -7.03
C8 LCG D 3 -0.26 -2.10 -6.39
C4 LCG D 3 -0.27 0.05 -6.02
N7 LCG D 3 -0.37 -2.03 -5.09
C5 LCG D 3 -0.39 -0.67 -4.84
C6 LCG D 3 -0.58 0.02 -3.61
C2' LCG D 3 1.26 -0.29 -9.03
O6 LCG D 3 -0.69 -0.46 -2.49
C4' LCG D 3 0.36 -1.68 -10.35
C1' LCG D 3 -0.13 -0.60 -8.47
C2 LCG D 3 -0.48 2.05 -4.99
N1 LCG D 3 -0.66 1.41 -3.78
O4' LCG D 3 -0.54 -1.69 -9.26
OP2 LCG D 3 0.44 -4.46 -8.65
N2 LCG D 3 -0.51 3.38 -4.98
N3 LCG D 3 -0.28 1.40 -6.15
O2' LCG D 3 1.01 0.54 -10.17
O3' LCG D 3 2.84 -1.50 -10.52
H5' LCG D 3 -1.07 -3.00 -11.28
H5'' LCG D 3 0.22 -2.41 -12.26
H3' LCG D 3 1.86 -2.39 -8.90
H6'1 LCG D 3 -0.69 0.01 -11.26
H6'2 LCG D 3 0.90 -0.36 -12.01
H8 LCG D 3 -0.26 -3.05 -6.92
H2' LCG D 3 1.95 0.14 -8.31
H1' LCG D 3 -0.80 0.19 -8.78
H1 LCG D 3 -0.90 1.95 -2.96
H21 LCG D 3 -0.67 3.88 -4.12
H22 LCG D 3 -0.35 3.88 -5.84
P LCG D 4 4.36 -1.37 -9.97
OP1 LCG D 4 5.26 -1.33 -11.14
O5' LCG D 4 4.41 0.08 -9.25
C5' LCG D 4 4.39 1.30 -9.97
C3' LCG D 4 5.45 2.55 -7.98
C6' LCG D 4 4.27 3.88 -9.55
N9 LCG D 4 3.25 2.24 -5.87
C8 LCG D 4 3.43 0.88 -5.76
C4 LCG D 4 2.96 2.66 -4.59
N7 LCG D 4 3.25 0.41 -4.56
C5 LCG D 4 2.95 1.53 -3.80
C6 LCG D 4 2.65 1.64 -2.41
C2' LCG D 4 4.69 3.70 -7.33
O6 LCG D 4 2.60 0.73 -1.59
C4' LCG D 4 4.29 2.44 -8.98
C1' LCG D 4 3.31 3.08 -7.08
C2 LCG D 4 2.43 4.03 -2.88
N1 LCG D 4 2.39 2.95 -2.01
O4' LCG D 4 3.11 2.30 -8.22
OP2 LCG D 4 4.56 -2.39 -8.92
N2 LCG D 4 2.15 5.24 -2.39
N3 LCG D 4 2.71 3.94 -4.20
O2' LCG D 4 4.53 4.65 -8.37
O3' LCG D 4 6.69 2.90 -8.57
H5' LCG D 4 3.55 1.33 -10.66
H5'' LCG D 4 5.31 1.43 -10.51
H3' LCG D 4 5.52 1.66 -7.35
H6'1 LCG D 4 3.30 4.12 -9.97
H6'2 LCG D 4 5.07 4.02 -10.28
H8 LCG D 4 3.70 0.26 -6.61
H2' LCG D 4 5.13 4.09 -6.42
H1' LCG D 4 2.56 3.86 -7.07
H1 LCG D 4 2.17 3.08 -1.04
H21 LCG D 4 1.95 5.34 -1.40
H22 LCG D 4 2.17 6.03 -3.00
P LCG D 5 8.08 2.94 -7.75
OP1 LCG D 5 9.17 3.26 -8.70
O5' LCG D 5 7.93 4.18 -6.73
C5' LCG D 5 7.95 5.54 -7.10
C3' LCG D 5 8.55 6.22 -4.65
C6' LCG D 5 7.59 7.85 -6.00
N9 LCG D 5 6.14 5.15 -3.26
C8 LCG D 5 6.43 3.92 -3.78
C4 LCG D 5 5.69 4.90 -1.98
N7 LCG D 5 6.18 2.92 -2.99
C5 LCG D 5 5.74 3.53 -1.83
C6 LCG D 5 5.40 2.93 -0.58
C2' LCG D 5 7.64 7.12 -3.86
O6 LCG D 5 5.44 1.74 -0.30
C4' LCG D 5 7.59 6.34 -5.84
C1' LCG D 5 6.27 6.43 -3.99
C2 LCG D 5 4.98 5.25 0.13
N1 LCG D 5 5.03 3.88 0.38
O4' LCG D 5 6.26 6.10 -5.37
OP2 LCG D 5 8.17 1.70 -6.93
N2 LCG D 5 4.65 6.05 1.15
N3 LCG D 5 5.31 5.81 -1.04
O2' LCG D 5 7.59 8.30 -4.65
O3' LCG D 5 9.85 6.79 -4.82
H5' LCG D 5 7.24 5.74 -7.90
H5'' LCG D 5 8.95 5.81 -7.47
H3' LCG D 5 8.60 5.21 -4.23
H6'1 LCG D 5 8.50 8.11 -6.51
H6'2 LCG D 5 6.69 8.15 -6.54
H8 LCG D 5 6.87 3.87 -4.76
H2' LCG D 5 8.02 7.25 -2.85
H1' LCG D 5 5.45 7.12 -3.73
H1 LCG D 5 4.85 3.54 1.31
H21 LCG D 5 4.44 5.65 2.05
H22 LCG D 5 4.65 7.04 1.01
P LCG A 2 -6.66 7.73 -10.80
OP1 LCG A 2 -7.16 8.99 -11.40
O5' LCG A 2 -6.44 7.98 -9.22
C5' LCG A 2 -5.16 8.15 -8.64
C3' LCG A 2 -3.96 8.01 -6.34
C6' LCG A 2 -6.06 9.08 -6.44
N9 LCG A 2 -4.93 5.26 -5.10
C8 LCG A 2 -4.47 4.31 -5.96
C4 LCG A 2 -4.85 4.69 -3.85
N7 LCG A 2 -4.14 3.18 -5.40
C5 LCG A 2 -4.40 3.41 -4.04
C6 LCG A 2 -4.33 2.52 -2.92
C2' LCG A 2 -4.79 7.81 -5.07
O6 LCG A 2 -3.98 1.33 -2.91
C4' LCG A 2 -5.26 7.98 -7.14
C1' LCG A 2 -5.60 6.55 -5.40
C2 LCG A 2 -5.13 4.43 -1.62
N1 LCG A 2 -4.75 3.11 -1.73
O4' LCG A 2 -5.82 6.71 -6.79
OP2 LCG A 2 -5.45 7.07 -11.37
N2 LCG A 2 -5.43 4.88 -0.41
N3 LCG A 2 -5.21 5.27 -2.67
O2' LCG A 2 -5.73 8.88 -5.07
O3' LCG A 2 -3.25 9.25 -6.40
H5' LCG A 2 -4.79 9.16 -8.86
H5'' LCG A 2 -4.45 7.41 -9.04
H3' LCG A 2 -3.33 7.16 -6.57
H6'1 LCG A 2 -5.73 10.07 -6.76
H6'2 LCG A 2 -7.13 8.95 -6.63
H8 LCG A 2 -4.44 4.46 -7.04
H2' LCG A 2 -4.21 7.71 -4.16
H1' LCG A 2 -6.55 6.59 -4.86
H1 LCG A 2 -4.94 2.50 -0.95
H21 LCG A 2 -5.41 4.26 0.39
H22 LCG A 2 -5.70 5.84 -0.30
P LCG A 3 -1.83 9.46 -5.65
OP1 LCG A 3 -0.90 10.01 -6.66
O5' LCG A 3 -2.09 10.63 -4.55
C5' LCG A 3 -3.01 10.51 -3.48
C3' LCG A 3 -1.05 9.51 -1.95
C6' LCG A 3 -2.90 10.56 -0.96
N9 LCG A 3 -2.15 6.53 -1.27
C8 LCG A 3 -1.78 5.97 -2.46
C4 LCG A 3 -2.08 5.52 -0.34
N7 LCG A 3 -1.49 4.70 -2.38
C5 LCG A 3 -1.70 4.39 -1.04
C6 LCG A 3 -1.60 3.15 -0.35
C2' LCG A 3 -1.48 8.88 -0.63
O6 LCG A 3 -1.28 2.06 -0.82
C4' LCG A 3 -2.53 9.78 -2.24
C1' LCG A 3 -2.60 7.92 -1.03
C2 LCG A 3 -2.31 4.43 1.62
N1 LCG A 3 -1.98 3.24 0.99
O4' LCG A 3 -3.10 8.49 -2.21
OP2 LCG A 3 -1.47 8.22 -4.96
N2 LCG A 3 -2.58 4.39 2.91
N3 LCG A 3 -2.38 5.61 0.98
O2' LCG A 3 -2.15 9.92 0.05
O3' LCG A 3 -0.23 10.66 -1.80
H5' LCG A 3 -3.94 10.06 -3.83
H5'' LCG A 3 -3.29 11.48 -3.11
H3' LCG A 3 -0.62 8.79 -2.65
H6'1 LCG A 3 -2.56 11.59 -1.06
H6'2 LCG A 3 -3.97 10.52 -0.76
H8 LCG A 3 -1.77 6.57 -3.35
H2' LCG A 3 -0.68 8.40 -0.08
H1' LCG A 3 -3.41 8.00 -0.33
H1 LCG A 3 -2.04 2.37 1.49
H21 LCG A 3 -2.55 3.50 3.41
H22 LCG A 3 -2.81 5.24 3.40
P LCG A 4 1.34 10.58 -1.39
OP1 LCG A 4 1.88 11.96 -1.38
O5' LCG A 4 1.35 10.03 0.13
C5' LCG A 4 0.91 10.80 1.24
C3' LCG A 4 2.24 9.29 2.86
C6' LCG A 4 0.43 10.48 3.81
N9 LCG A 4 0.89 6.60 2.36
C8 LCG A 4 1.35 6.53 1.08
C4 LCG A 4 0.90 5.31 2.83
N7 LCG A 4 1.63 5.32 0.68
C5 LCG A 4 1.36 4.53 1.79
C6 LCG A 4 1.47 3.12 1.93
C2' LCG A 4 1.50 8.48 3.92
O6 LCG A 4 1.83 2.31 1.09
C4' LCG A 4 0.90 9.89 2.46
C1' LCG A 4 0.41 7.79 3.10
C2 LCG A 4 0.66 3.54 4.21
N1 LCG A 4 1.10 2.69 3.21
O4' LCG A 4 0.04 8.80 2.19
OP2 LCG A 4 1.97 9.55 -2.23
N2 LCG A 4 0.33 3.01 5.39
N3 LCG A 4 0.55 4.88 4.07
O2' LCG A 4 0.86 9.47 4.72
O3' LCG A 4 3.17 10.26 3.38
H5' LCG A 4 -0.08 11.21 1.07
H5'' LCG A 4 1.61 11.59 1.46
H3' LCG A 4 2.68 8.69 2.07
H6'1 LCG A 4 0.93 11.42 4.02
H6'2 LCG A 4 -0.66 10.59 3.83
H8 LCG A 4 1.48 7.39 0.43
H2' LCG A 4 2.11 7.76 4.46
H1' LCG A 4 -0.43 7.58 3.73
H1 LCG A 4 1.18 1.70 3.39
H21 LCG A 4 0.40 2.02 5.53
H22 LCG A 4 0.01 3.62 6.13
P LCG A 5 4.69 9.91 3.77
OP1 LCG A 5 5.34 11.15 4.24
O5' LCG A 5 4.58 8.90 5.03
C5' LCG A 5 4.21 9.28 6.35
C3' LCG A 5 5.36 7.15 7.31
C6' LCG A 5 3.71 8.13 8.60
N9 LCG A 5 3.79 5.05 5.88
C8 LCG A 5 4.14 5.63 4.70
C4 LCG A 5 3.82 3.69 5.63
N7 LCG A 5 4.36 4.81 3.72
C5 LCG A 5 4.19 3.57 4.30
C6 LCG A 5 4.37 2.29 3.72
C2' LCG A 5 4.57 6.11 8.07
O6 LCG A 5 4.73 2.04 2.57
C4' LCG A 5 4.08 7.97 7.15
C1' LCG A 5 3.41 5.79 7.11
C2 LCG A 5 3.75 1.46 5.95
N1 LCG A 5 4.14 1.25 4.64
O4' LCG A 5 3.06 7.10 6.68
OP2 LCG A 5 5.29 9.14 2.66
N2 LCG A 5 3.61 0.39 6.73
N3 LCG A 5 3.57 2.68 6.50
O2' LCG A 5 4.02 6.85 9.16
O3' LCG A 5 6.39 7.72 8.12
H5' LCG A 5 3.27 9.83 6.36
H5'' LCG A 5 4.98 9.94 6.78
H3' LCG A 5 5.76 6.75 6.38
H6'1 LCG A 5 4.34 8.91 9.01
H6'2 LCG A 5 2.64 8.36 8.68
H8 LCG A 5 4.28 6.70 4.68
H2' LCG A 5 5.21 5.27 8.35
H1' LCG A 5 2.58 5.29 7.62
H1 LCG A 5 4.36 0.31 4.32
H21 LCG A 5 3.79 -0.54 6.35
H22 LCG A 5 3.37 0.51 7.70
P LCG B 2 -11.45 7.89 5.80
OP1 LCG B 2 -12.87 7.58 5.46
O5' LCG B 2 -10.69 6.49 6.00
C5' LCG B 2 -9.38 6.39 6.52
C3' LCG B 2 -7.50 4.59 6.79
C6' LCG B 2 -9.71 4.01 7.41
N9 LCG B 2 -7.41 3.04 4.05
C8 LCG B 2 -6.99 4.00 3.15
C4 LCG B 2 -6.84 1.86 3.61
N7 LCG B 2 -6.26 3.52 2.18
C5 LCG B 2 -6.18 2.17 2.44
C6 LCG B 2 -5.56 1.11 1.69
C2' LCG B 2 -7.83 3.13 6.54
O6 LCG B 2 -4.97 1.19 0.61
C4' LCG B 2 -8.95 4.93 6.44
C1' LCG B 2 -8.42 3.16 5.12
C2 LCG B 2 -6.35 -0.33 3.50
N1 LCG B 2 -5.72 -0.15 2.28
O4' LCG B 2 -9.07 4.42 5.12
OP2 LCG B 2 -11.18 8.72 7.00
N2 LCG B 2 -6.37 -1.57 3.99
N3 LCG B 2 -6.95 0.64 4.20
O2' LCG B 2 -8.92 2.84 7.41
O3' LCG B 2 -7.10 4.90 8.12
H5' LCG B 2 -9.38 6.70 7.56
H5'' LCG B 2 -8.69 7.01 5.95
H3' LCG B 2 -6.81 5.00 6.05
H6'1 LCG B 2 -9.73 4.45 8.41
H6'2 LCG B 2 -10.72 3.83 7.05
H8 LCG B 2 -7.26 5.04 3.24
H2' LCG B 2 -6.99 2.45 6.64
H1' LCG B 2 -9.14 2.35 5.02
H1 LCG B 2 -5.51 -0.95 1.72
H21 LCG B 2 -5.95 -2.33 3.48
H22 LCG B 2 -6.81 -1.74 4.89
P LCG B 3 -5.57 4.68 8.63
OP1 LCG B 3 -5.14 5.95 9.25
O5' LCG B 3 -5.67 3.57 9.82
C5' LCG B 3 -6.13 2.25 9.64
C3' LCG B 3 -3.62 1.47 9.12
C6' LCG B 3 -5.25 -0.14 9.75
N9 LCG B 3 -3.82 0.55 5.94
C8 LCG B 3 -3.78 1.77 5.31
C4 LCG B 3 -3.22 -0.32 5.07
N7 LCG B 3 -3.21 1.75 4.14
C5 LCG B 3 -2.87 0.42 3.96
C6 LCG B 3 -2.28 -0.23 2.83
C2' LCG B 3 -3.47 0.13 8.42
O6 LCG B 3 -1.90 0.28 1.78
C4' LCG B 3 -5.13 1.25 9.07
C1' LCG B 3 -4.44 0.20 7.24
C2 LCG B 3 -2.49 -2.27 4.18
N1 LCG B 3 -2.16 -1.61 3.01
O4' LCG B 3 -5.38 1.14 7.67
OP2 LCG B 3 -4.78 4.11 7.52
N2 LCG B 3 -2.27 -3.57 4.23
N3 LCG B 3 -3.04 -1.66 5.24
O2' LCG B 3 -4.08 -0.81 9.32
O3' LCG B 3 -3.06 1.52 10.42
H5' LCG B 3 -7.05 2.25 9.06
H5'' LCG B 3 -6.38 1.81 10.59
H3' LCG B 3 -3.30 2.30 8.50
H6'1 LCG B 3 -6.15 -0.66 9.43
H6'2 LCG B 3 -5.23 -0.03 10.83
H8 LCG B 3 -4.20 2.67 5.74
H2' LCG B 3 -2.46 -0.14 8.13
H1' LCG B 3 -5.00 -0.72 7.20
H1 LCG B 3 -1.87 -2.14 2.20
H21 LCG B 3 -1.88 -4.06 3.43
H22 LCG B 3 -2.48 -4.08 5.08
P LCG B 4 -1.47 1.67 10.67
OP1 LCG B 4 -1.25 1.72 12.14
O5' LCG B 4 -0.83 0.30 10.12
C5' LCG B 4 -0.99 -0.95 10.78
C3' LCG B 4 1.10 -1.92 9.64
C6' LCG B 4 -0.49 -3.50 10.40
N9 LCG B 4 0.26 -1.80 6.69
C8 LCG B 4 0.22 -0.43 6.63
C4 LCG B 4 0.76 -2.20 5.47
N7 LCG B 4 0.61 0.06 5.50
C5 LCG B 4 0.96 -1.06 4.74
C6 LCG B 4 1.46 -1.15 3.40
C2' LCG B 4 0.97 -3.11 8.70
O6 LCG B 4 1.71 -0.22 2.64
C4' LCG B 4 -0.40 -2.05 9.91
C1' LCG B 4 -0.18 -2.69 7.77
C2 LCG B 4 1.43 -3.56 3.81
N1 LCG B 4 1.66 -2.47 2.99
O4' LCG B 4 -1.04 -2.01 8.64
OP2 LCG B 4 -0.98 2.77 9.81
N2 LCG B 4 1.65 -4.78 3.29
N3 LCG B 4 0.98 -3.48 5.07
O2' LCG B 4 0.44 -4.15 9.52
O3' LCG B 4 1.89 -2.16 10.79
H5' LCG B 4 -2.04 -1.15 10.97
H5'' LCG B 4 -0.42 -0.96 11.70
H3' LCG B 4 1.36 -1.00 9.12
H6'1 LCG B 4 -0.16 -3.59 11.43
H6'2 LCG B 4 -1.50 -3.90 10.27
H8 LCG B 4 -0.11 0.18 7.46
H2' LCG B 4 1.86 -3.35 8.13
H1' LCG B 4 -0.66 -3.57 7.41
H1 LCG B 4 1.93 -2.60 2.02
H21 LCG B 4 1.98 -4.87 2.35
H22 LCG B 4 1.49 -5.58 3.86
P LCG B 5 3.51 -2.18 10.77
OP1 LCG B 5 3.98 -2.50 12.15
O5' LCG B 5 3.92 -3.42 9.82
C5' LCG B 5 3.78 -4.79 10.16
C3' LCG B 5 5.61 -5.62 8.46
C6' LCG B 5 3.91 -7.09 9.09
N9 LCG B 5 4.48 -4.47 5.97
C8 LCG B 5 4.44 -3.23 6.55
C4 LCG B 5 4.77 -4.21 4.64
N7 LCG B 5 4.68 -2.23 5.75
C5 LCG B 5 4.88 -2.85 4.53
C6 LCG B 5 5.16 -2.26 3.26
C2' LCG B 5 5.21 -6.55 7.32
O6 LCG B 5 5.29 -1.06 3.00
C4' LCG B 5 4.12 -5.61 8.90
C1' LCG B 5 4.08 -5.73 6.63
C2 LCG B 5 5.19 -4.56 2.45
N1 LCG B 5 5.29 -3.19 2.23
O4' LCG B 5 3.31 -5.33 7.76
OP2 LCG B 5 3.98 -0.95 10.11
N2 LCG B 5 5.40 -5.37 1.40
N3 LCG B 5 4.92 -5.13 3.64
O2' LCG B 5 4.60 -7.65 7.97
O3' LCG B 5 6.45 -6.18 9.49
H5' LCG B 5 2.77 -5.01 10.51
H5'' LCG B 5 4.45 -5.02 10.99
H3' LCG B 5 5.98 -4.67 8.09
H6'1 LCG B 5 2.84 -7.34 9.08
H6'2 LCG B 5 4.38 -7.32 10.01
H8 LCG B 5 4.23 -3.14 7.61
H2' LCG B 5 6.01 -6.82 6.63
H1' LCG B 5 3.49 -6.36 5.96
H1 LCG B 5 5.47 -2.80 1.31
H21 LCG B 5 5.60 -4.97 0.49
H22 LCG B 5 5.39 -6.37 1.53
P LCG C 2 -10.35 -9.10 6.41
OP1 LCG C 2 -10.94 -10.40 6.77
O5' LCG C 2 -9.31 -9.34 5.20
C5' LCG C 2 -7.91 -9.21 5.35
C3' LCG C 2 -5.72 -9.05 3.99
C6' LCG C 2 -7.49 -10.27 3.01
N9 LCG C 2 -6.07 -6.42 2.22
C8 LCG C 2 -6.14 -5.42 3.17
C4 LCG C 2 -5.48 -5.83 1.12
N7 LCG C 2 -5.69 -4.28 2.76
C5 LCG C 2 -5.29 -4.50 1.44
C6 LCG C 2 -4.80 -3.60 0.45
C2' LCG C 2 -5.75 -8.93 2.48
O6 LCG C 2 -4.60 -2.40 0.56
C4' LCG C 2 -7.25 -9.10 3.97
C1' LCG C 2 -6.70 -7.76 2.23
C2 LCG C 2 -4.71 -5.58 -0.99
N1 LCG C 2 -4.55 -4.23 -0.78
O4' LCG C 2 -7.61 -7.89 3.32
OP2 LCG C 2 -9.71 -8.26 7.44
N2 LCG C 2 -4.34 -6.06 -2.17
N3 LCG C 2 -5.21 -6.44 -0.07
O2' LCG C 2 -6.46 -10.10 2.05
O3' LCG C 2 -5.10 -10.23 4.48
H5' LCG C 2 -7.52 -10.07 5.89
H5'' LCG C 2 -7.68 -8.31 5.92
H3' LCG C 2 -5.36 -8.13 4.49
H6'1 LCG C 2 -8.48 -10.19 2.54
H6'2 LCG C 2 -7.38 -11.24 3.52
H8 LCG C 2 -6.55 -5.58 4.14
H2' LCG C 2 -4.79 -8.81 2.01
H1' LCG C 2 -7.21 -7.91 1.28
H1 LCG C 2 -4.39 -3.63 -1.57
H21 LCG C 2 -3.97 -5.45 -2.88
H22 LCG C 2 -4.42 -7.05 -2.35
P LCG C 3 -3.53 -10.30 4.85
OP1 LCG C 3 -3.22 -11.70 5.20
O5' LCG C 3 -2.76 -9.94 3.48
C5' LCG C 3 -2.77 -10.78 2.33
C3' LCG C 3 -0.61 -9.62 1.53
C6' LCG C 3 -1.81 -10.98 -0.03
N9 LCG C 3 -1.74 -6.87 0.39
C8 LCG C 3 -2.07 -6.26 1.58
C4 LCG C 3 -1.31 -5.84 -0.42
N7 LCG C 3 -1.88 -4.97 1.60
C5 LCG C 3 -1.42 -4.69 0.32
C6 LCG C 3 -1.10 -3.43 -0.29
C2' LCG C 3 -0.58 -9.09 0.11
O6 LCG C 3 -1.13 -2.32 0.23
C4' LCG C 3 -2.03 -10.11 1.22
C1' LCG C 3 -1.87 -8.29 0.04
C2 LCG C 3 -0.59 -4.78 -2.27
N1 LCG C 3 -0.73 -3.56 -1.63
O4' LCG C 3 -2.73 -8.94 0.90
OP2 LCG C 3 -3.26 -9.22 5.83
N2 LCG C 3 -0.14 -4.76 -3.52
N3 LCG C 3 -0.89 -5.96 -1.71
O2' LCG C 3 -0.79 -10.25 -0.71
O3' LCG C 3 0.34 -10.65 1.80
H5' LCG C 3 -3.80 -11.02 2.02
H5'' LCG C 3 -2.21 -11.67 2.45
H3' LCG C 3 -0.60 -8.83 2.28
H6'1 LCG C 3 -2.71 -11.06 -0.63
H6'2 LCG C 3 -1.43 -11.96 0.25
H8 LCG C 3 -2.46 -6.80 2.44
H2' LCG C 3 0.31 -8.52 -0.13
H1' LCG C 3 -2.32 -8.50 -0.92
H1 LCG C 3 -0.62 -2.70 -2.15
H21 LCG C 3 0.08 -3.88 -3.97
H22 LCG C 3 0.03 -5.63 -4.00
P LCG C 4 1.88 -10.32 2.14
OP1 LCG C 4 2.58 -11.61 2.36
O5' LCG C 4 2.46 -9.65 0.80
C5' LCG C 4 2.70 -10.38 -0.39
C3' LCG C 4 4.42 -8.61 -1.16
C6' LCG C 4 3.49 -9.96 -2.85
N9 LCG C 4 2.64 -6.17 -1.41
C8 LCG C 4 2.32 -6.11 -0.08
C4 LCG C 4 2.80 -4.86 -1.81
N7 LCG C 4 2.26 -4.89 0.40
C5 LCG C 4 2.56 -4.09 -0.70
C6 LCG C 4 2.61 -2.66 -0.79
C2' LCG C 4 4.19 -7.85 -2.45
O6 LCG C 4 2.42 -1.85 0.11
C4' LCG C 4 3.14 -9.40 -1.47
C1' LCG C 4 2.75 -7.36 -2.28
C2 LCG C 4 3.14 -3.07 -3.14
N1 LCG C 4 2.90 -2.22 -2.08
O4' LCG C 4 2.12 -8.45 -1.67
OP2 LCG C 4 1.89 -9.29 3.21
N2 LCG C 4 3.39 -2.53 -4.33
N3 LCG C 4 3.10 -4.41 -3.06
O2' LCG C 4 4.17 -8.87 -3.46
O3' LCG C 4 5.58 -9.42 -1.11
H5' LCG C 4 1.81 -10.90 -0.70
H5'' LCG C 4 3.53 -11.07 -0.25
H3' LCG C 4 4.31 -7.99 -0.26
H6'1 LCG C 4 2.59 -10.23 -3.40
H6'2 LCG C 4 4.16 -10.83 -2.77
H8 LCG C 4 2.14 -6.99 0.52
H2' LCG C 4 4.88 -7.04 -2.65
H1' LCG C 4 2.30 -7.20 -3.25
H1 LCG C 4 2.92 -1.21 -2.22
H21 LCG C 4 3.43 -1.53 -4.43
H22 LCG C 4 3.55 -3.13 -5.12
P LCG C 5 7.03 -8.87 -0.66
OP1 LCG C 5 7.97 -10.02 -0.64
O5' LCG C 5 7.48 -7.88 -1.85
C5' LCG C 5 7.82 -8.30 -3.16
C3' LCG C 5 9.15 -6.06 -3.59
C6' LCG C 5 8.43 -7.26 -5.43
N9 LCG C 5 6.83 -4.17 -3.20
C8 LCG C 5 6.59 -4.72 -1.98
C4 LCG C 5 6.61 -2.82 -3.03
N7 LCG C 5 6.20 -3.90 -1.07
C5 LCG C 5 6.24 -2.67 -1.71
C6 LCG C 5 5.99 -1.38 -1.16
C2' LCG C 5 8.66 -5.13 -4.70
O6 LCG C 5 5.68 -1.12 0.00
C4' LCG C 5 8.03 -7.03 -4.00
C1' LCG C 5 7.17 -4.94 -4.42
C2 LCG C 5 6.50 -0.60 -3.42
N1 LCG C 5 6.14 -0.37 -2.11
O4' LCG C 5 6.81 -6.29 -4.14
OP2 LCG C 5 6.86 -8.03 0.55
N2 LCG C 5 6.65 0.47 -4.20
N3 LCG C 5 6.76 -1.82 -3.94
O2' LCG C 5 8.78 -5.94 -5.87
O3' LCG C 5 10.55 -6.32 -3.87
H5' LCG C 5 7.05 -8.93 -3.59
H5'' LCG C 5 8.73 -8.90 -3.11
H3' LCG C 5 9.01 -5.60 -2.61
H6'1 LCG C 5 7.62 -7.69 -6.01
H6'2 LCG C 5 9.28 -7.91 -5.35
H8 LCG C 5 6.75 -5.78 -1.84
H2' LCG C 5 9.20 -4.18 -4.79
H1' LCG C 5 6.64 -4.56 -5.30
H1 LCG C 5 6.02 0.58 -1.77
H21 LCG C 5 6.49 1.40 -3.83
H22 LCG C 5 6.93 0.35 -5.16
P LCG D 2 -5.34 -9.66 -10.51
OP1 LCG D 2 -6.75 -9.62 -10.95
O5' LCG D 2 -4.85 -8.13 -10.34
C5' LCG D 2 -3.50 -7.77 -10.10
C3' LCG D 2 -2.14 -5.62 -9.43
C6' LCG D 2 -3.82 -5.42 -11.09
N9 LCG D 2 -3.75 -4.33 -7.04
C8 LCG D 2 -3.71 -5.24 -6.03
C4 LCG D 2 -3.67 -3.10 -6.43
N7 LCG D 2 -3.64 -4.73 -4.84
C5 LCG D 2 -3.63 -3.35 -5.07
C6 LCG D 2 -3.64 -2.26 -4.15
C2' LCG D 2 -2.85 -4.28 -9.41
O6 LCG D 2 -3.64 -2.30 -2.92
C4' LCG D 2 -3.47 -6.26 -9.86
C1' LCG D 2 -4.04 -4.53 -8.48
C2 LCG D 2 -3.65 -0.86 -6.15
N1 LCG D 2 -3.69 -1.02 -4.78
O4' LCG D 2 -4.34 -5.89 -8.78
OP2 LCG D 2 -4.33 -10.34 -11.35
N2 LCG D 2 -3.59 0.39 -6.62
N3 LCG D 2 -3.66 -1.88 -7.03
O2' LCG D 2 -3.40 -4.12 -10.71
O3' LCG D 2 -1.08 -5.73 -10.37
H5' LCG D 2 -2.91 -7.99 -10.99
H5'' LCG D 2 -3.11 -8.29 -9.23
H3' LCG D 2 -1.84 -5.95 -8.44
H6'1 LCG D 2 -3.26 -5.77 -11.96
H6'2 LCG D 2 -4.89 -5.48 -11.29
H8 LCG D 2 -3.75 -6.30 -6.22
H2' LCG D 2 -2.23 -3.45 -9.08
H1' LCG D 2 -4.86 -3.89 -8.78
H1 LCG D 2 -3.88 -0.21 -4.21
H21 LCG D 2 -3.60 1.18 -5.97
H22 LCG D 2 -3.56 0.54 -7.61
P LCG D 3 0.39 -5.11 -10.07
OP1 LCG D 3 1.36 -6.19 -10.36
O5' LCG D 3 0.61 -3.95 -11.18
C5' LCG D 3 -0.16 -2.76 -11.27
C3' LCG D 3 1.56 -1.55 -9.65
C6' LCG D 3 0.07 -0.26 -10.97
N9 LCG D 3 -0.23 -0.99 -6.93
C8 LCG D 3 -0.26 -2.22 -6.32
C4 LCG D 3 -0.24 -0.08 -5.90
N7 LCG D 3 -0.28 -2.17 -5.02
C5 LCG D 3 -0.30 -0.81 -4.73
C6 LCG D 3 -0.40 -0.12 -3.48
C2' LCG D 3 1.08 -0.27 -8.97
O6 LCG D 3 -0.45 -0.62 -2.35
C4' LCG D 3 0.18 -1.65 -10.29
C1' LCG D 3 -0.27 -0.67 -8.36
C2 LCG D 3 -0.36 1.91 -4.84
N1 LCG D 3 -0.48 1.26 -3.63
O4' LCG D 3 -0.66 -1.74 -9.17
OP2 LCG D 3 0.38 -4.50 -8.73
N2 LCG D 3 -0.39 3.25 -4.81
N3 LCG D 3 -0.24 1.27 -6.02
O2' LCG D 3 0.74 0.59 -10.05
O3' LCG D 3 2.64 -1.36 -10.55
H5' LCG D 3 -1.23 -3.00 -11.21
H5'' LCG D 3 -0.03 -2.29 -12.23
H3' LCG D 3 1.75 -2.36 -8.95
H6'1 LCG D 3 -0.98 0.03 -11.10
H6'2 LCG D 3 0.60 -0.24 -11.93
H8 LCG D 3 -0.29 -3.15 -6.86
H2' LCG D 3 1.77 0.15 -8.26
H1' LCG D 3 -0.98 0.11 -8.60
H1 LCG D 3 -0.75 1.78 -2.80
H21 LCG D 3 -0.51 3.73 -3.94
H22 LCG D 3 -0.27 3.75 -5.67
P LCG D 4 4.16 -1.17 -10.05
OP1 LCG D 4 5.02 -1.03 -11.25
O5' LCG D 4 4.14 0.25 -9.28
C5' LCG D 4 3.99 1.48 -9.95
C3' LCG D 4 5.12 2.75 -8.05
C6' LCG D 4 3.70 4.03 -9.42
N9 LCG D 4 3.19 2.25 -5.71
C8 LCG D 4 3.44 0.91 -5.64
C4 LCG D 4 3.01 2.66 -4.42
N7 LCG D 4 3.39 0.43 -4.43
C5 LCG D 4 3.10 1.54 -3.63
C6 LCG D 4 2.89 1.63 -2.22
C2' LCG D 4 4.37 3.81 -7.27
O6 LCG D 4 2.94 0.73 -1.39
C4' LCG D 4 3.89 2.60 -8.92
C1' LCG D 4 3.07 3.10 -6.91
C2 LCG D 4 2.54 4.02 -2.68
N1 LCG D 4 2.58 2.93 -1.82
O4' LCG D 4 2.81 2.32 -8.04
OP2 LCG D 4 4.46 -2.22 -9.06
N2 LCG D 4 2.27 5.22 -2.17
N3 LCG D 4 2.75 3.93 -4.00
O2' LCG D 4 4.04 4.79 -8.25
O3' LCG D 4 6.26 3.24 -8.76
H5' LCG D 4 3.11 1.47 -10.59
H5'' LCG D 4 4.88 1.70 -10.53
H3' LCG D 4 5.35 1.85 -7.47
H6'1 LCG D 4 2.66 4.21 -9.73
H6'2 LCG D 4 4.39 4.27 -10.23
H8 LCG D 4 3.65 0.31 -6.52
H2' LCG D 4 4.88 4.18 -6.38
H1' LCG D 4 2.30 3.84 -6.79
H1 LCG D 4 2.29 3.04 -0.85
H21 LCG D 4 2.14 5.32 -1.17
H22 LCG D 4 2.22 6.02 -2.79
P LCG D 5 7.67 3.53 -8.06
OP1 LCG D 5 8.61 4.02 -9.11
O5' LCG D 5 7.40 4.74 -7.04
C5' LCG D 5 7.16 6.08 -7.43
C3' LCG D 5 7.85 7.17 -5.08
C6' LCG D 5 6.23 8.25 -6.36
N9 LCG D 5 6.06 5.47 -3.33
C8 LCG D 5 6.53 4.29 -3.84
C4 LCG D 5 5.81 5.20 -2.00
N7 LCG D 5 6.54 3.29 -3.01
C5 LCG D 5 6.07 3.85 -1.83
C6 LCG D 5 5.81 3.23 -0.56
C2' LCG D 5 6.75 7.77 -4.21
O6 LCG D 5 5.94 2.06 -0.26
C4' LCG D 5 6.78 6.86 -6.14
C1' LCG D 5 5.70 6.66 -4.12
C2 LCG D 5 5.15 5.49 0.15
N1 LCG D 5 5.34 4.14 0.40
O4' LCG D 5 5.67 6.25 -5.48
OP2 LCG D 5 8.04 2.34 -7.26
N2 LCG D 5 4.75 6.26 1.15
N3 LCG D 5 5.36 6.06 -1.05
O2' LCG D 5 6.21 8.79 -5.04
O3' LCG D 5 8.81 8.22 -5.25
H5' LCG D 5 6.36 6.15 -8.15
H5'' LCG D 5 8.05 6.50 -7.90
H3' LCG D 5 8.28 6.28 -4.61
H6'1 LCG D 5 6.95 8.74 -6.98
H6'2 LCG D 5 5.24 8.19 -6.80
H8 LCG D 5 6.81 4.28 -4.88
H2' LCG D 5 7.09 8.12 -3.24
H1' LCG D 5 4.73 7.06 -3.81
H1 LCG D 5 5.09 3.73 1.30
H21 LCG D 5 4.57 5.85 2.06
H22 LCG D 5 4.64 7.25 1.01
P LCG A 2 -6.55 7.56 -11.00
OP1 LCG A 2 -7.10 8.80 -11.60
O5' LCG A 2 -6.44 7.79 -9.41
C5' LCG A 2 -5.19 7.95 -8.75
C3' LCG A 2 -4.14 7.89 -6.37
C6' LCG A 2 -6.24 8.94 -6.63
N9 LCG A 2 -5.13 5.20 -5.10
C8 LCG A 2 -4.59 4.24 -5.92
C4 LCG A 2 -5.06 4.67 -3.83
N7 LCG A 2 -4.22 3.16 -5.29
C5 LCG A 2 -4.54 3.41 -3.96
C6 LCG A 2 -4.43 2.56 -2.81
C2' LCG A 2 -5.05 7.74 -5.16
O6 LCG A 2 -4.01 1.41 -2.76
C4' LCG A 2 -5.40 7.82 -7.24
C1' LCG A 2 -5.81 6.46 -5.47
C2 LCG A 2 -5.36 4.48 -1.59
N1 LCG A 2 -4.91 3.17 -1.65
O4' LCG A 2 -5.97 6.57 -6.88
OP2 LCG A 2 -5.29 6.98 -11.50
N2 LCG A 2 -5.71 4.94 -0.40
N3 LCG A 2 -5.48 5.27 -2.67
O2' LCG A 2 -5.98 8.80 -5.24
O3' LCG A 2 -3.43 9.12 -6.45
H5' LCG A 2 -4.80 8.94 -8.96
H5'' LCG A 2 -4.50 7.18 -9.08
H3' LCG A 2 -3.50 7.03 -6.54
H6'1 LCG A 2 -5.88 9.92 -6.98
H6'2 LCG A 2 -7.29 8.81 -6.89
H8 LCG A 2 -4.50 4.37 -6.98
H2' LCG A 2 -4.51 7.69 -4.21
H1' LCG A 2 -6.79 6.49 -4.98
H1 LCG A 2 -5.05 2.57 -0.85
H21 LCG A 2 -5.64 4.35 0.42
H22 LCG A 2 -6.04 5.89 -0.32
P LCG A 3 -2.03 9.37 -5.66
OP1 LCG A 3 -1.08 9.91 -6.65
O5' LCG A 3 -2.35 10.55 -4.59
C5' LCG A 3 -3.30 10.43 -3.54
C3' LCG A 3 -1.37 9.48 -1.94
C6' LCG A 3 -3.31 10.50 -1.03
N9 LCG A 3 -2.43 6.49 -1.27
C8 LCG A 3 -2.04 5.92 -2.45
C4 LCG A 3 -2.29 5.52 -0.32
N7 LCG A 3 -1.69 4.67 -2.34
C5 LCG A 3 -1.86 4.40 -0.99
C6 LCG A 3 -1.68 3.17 -0.26
C2' LCG A 3 -1.86 8.85 -0.64
O6 LCG A 3 -1.31 2.08 -0.71
C4' LCG A 3 -2.85 9.72 -2.29
C1' LCG A 3 -2.93 7.86 -1.08
C2 LCG A 3 -2.38 4.48 1.68
N1 LCG A 3 -2.02 3.29 1.08
O4' LCG A 3 -3.39 8.42 -2.27
OP2 LCG A 3 -1.69 8.13 -4.93
N2 LCG A 3 -2.58 4.48 2.99
N3 LCG A 3 -2.55 5.64 1.01
O2' LCG A 3 -2.57 9.88 0.03
O3' LCG A 3 -0.60 10.67 -1.75
H5' LCG A 3 -4.21 9.98 -3.92
H5'' LCG A 3 -3.58 11.40 -3.18
H3' LCG A 3 -0.90 8.77 -2.61
H6'1 LCG A 3 -2.98 11.53 -1.12
H6'2 LCG A 3 -4.38 10.42 -0.88
H8 LCG A 3 -2.06 6.49 -3.36
H2' LCG A 3 -1.07 8.39 -0.04
H1' LCG A 3 -3.77 7.94 -0.40
H1 LCG A 3 -2.06 2.43 1.62
H21 LCG A 3 -2.49 3.62 3.52
H22 LCG A 3 -2.82 5.34 3.46
P LCG A 4 0.95 10.62 -1.30
OP1 LCG A 4 1.43 12.01 -1.21
O5' LCG A 4 0.94 9.99 0.19
C5' LCG A 4 0.46 10.68 1.32
C3' LCG A 4 1.89 9.22 2.88
C6' LCG A 4 0.00 10.21 3.88
N9 LCG A 4 0.72 6.45 2.29
C8 LCG A 4 1.11 6.42 0.97
C4 LCG A 4 0.89 5.16 2.74
N7 LCG A 4 1.46 5.24 0.56
C5 LCG A 4 1.33 4.42 1.67
C6 LCG A 4 1.56 3.03 1.81
C2' LCG A 4 1.23 8.32 3.89
O6 LCG A 4 1.96 2.24 0.97
C4' LCG A 4 0.49 9.72 2.50
C1' LCG A 4 0.18 7.58 3.07
C2 LCG A 4 0.83 3.38 4.13
N1 LCG A 4 1.26 2.56 3.10
O4' LCG A 4 -0.28 8.58 2.19
OP2 LCG A 4 1.65 9.67 -2.19
N2 LCG A 4 0.56 2.83 5.31
N3 LCG A 4 0.63 4.71 4.00
O2' LCG A 4 0.52 9.21 4.75
O3' LCG A 4 2.72 10.25 3.43
H5' LCG A 4 -0.56 11.04 1.16
H5'' LCG A 4 1.12 11.49 1.59
H3' LCG A 4 2.37 8.68 2.05
H6'1 LCG A 4 0.43 11.19 4.12
H6'2 LCG A 4 -1.09 10.24 3.91
H8 LCG A 4 1.10 7.29 0.33
H2' LCG A 4 1.90 7.62 4.40
H1' LCG A 4 -0.63 7.28 3.70
H1 LCG A 4 1.30 1.56 3.25
H21 LCG A 4 0.69 1.84 5.44
H22 LCG A 4 0.24 3.41 6.07
P LCG A 5 4.24 10.01 3.90
OP1 LCG A 5 4.76 11.30 4.38
O5' LCG A 5 4.14 9.00 5.15
C5' LCG A 5 3.65 9.36 6.43
C3' LCG A 5 4.95 7.36 7.63
C6' LCG A 5 3.03 8.21 8.64
N9 LCG A 5 3.76 5.11 6.04
C8 LCG A 5 4.16 5.69 4.88
C4 LCG A 5 3.91 3.75 5.83
N7 LCG A 5 4.55 4.86 3.96
C5 LCG A 5 4.39 3.61 4.54
C6 LCG A 5 4.63 2.32 3.99
C2' LCG A 5 4.12 6.26 8.29
O6 LCG A 5 5.05 2.05 2.86
C4' LCG A 5 3.62 8.06 7.25
C1' LCG A 5 3.15 5.82 7.19
C2 LCG A 5 3.85 1.51 6.17
N1 LCG A 5 4.32 1.29 4.88
O4' LCG A 5 2.74 7.09 6.69
OP2 LCG A 5 4.95 9.29 2.82
N2 LCG A 5 3.65 0.44 6.94
N3 LCG A 5 3.63 2.73 6.69
O2' LCG A 5 3.36 6.97 9.26
O3' LCG A 5 5.82 7.95 8.62
H5' LCG A 5 2.65 9.78 6.37
H5'' LCG A 5 4.27 10.11 6.89
H3' LCG A 5 5.51 6.98 6.77
H6'1 LCG A 5 3.55 9.03 9.10
H6'2 LCG A 5 1.95 8.37 8.56
H8 LCG A 5 4.13 6.77 4.80
H2' LCG A 5 4.67 5.43 8.73
H1' LCG A 5 2.30 5.26 7.59
H1 LCG A 5 4.45 0.35 4.52
H21 LCG A 5 3.81 -0.48 6.58
H22 LCG A 5 3.36 0.57 7.90
P LCG B 2 -11.71 7.65 5.58
OP1 LCG B 2 -12.67 8.02 6.64
O5' LCG B 2 -10.93 6.32 6.06
C5' LCG B 2 -9.62 6.35 6.59
C3' LCG B 2 -7.60 4.75 7.00
C6' LCG B 2 -9.76 3.98 7.57
N9 LCG B 2 -7.30 3.13 4.29
C8 LCG B 2 -6.94 4.10 3.39
C4 LCG B 2 -6.70 1.98 3.82
N7 LCG B 2 -6.22 3.67 2.40
C5 LCG B 2 -6.09 2.31 2.63
C6 LCG B 2 -5.47 1.28 1.86
C2' LCG B 2 -7.77 3.26 6.78
O6 LCG B 2 -4.89 1.38 0.77
C4' LCG B 2 -9.06 4.93 6.59
C1' LCG B 2 -8.32 3.17 5.35
C2 LCG B 2 -6.20 -0.21 3.66
N1 LCG B 2 -5.62 0.01 2.42
O4' LCG B 2 -9.10 4.36 5.28
OP2 LCG B 2 -10.71 8.65 5.11
N2 LCG B 2 -6.16 -1.45 4.13
N3 LCG B 2 -6.78 0.74 4.38
O2' LCG B 2 -8.85 2.88 7.63
O3' LCG B 2 -7.34 5.11 8.35
H5' LCG B 2 -9.65 6.70 7.61
H5'' LCG B 2 -8.98 6.99 5.99
H3' LCG B 2 -6.91 5.21 6.30
H6'1 LCG B 2 -9.87 4.44 8.55
H6'2 LCG B 2 -10.74 3.69 7.18
H8 LCG B 2 -7.26 5.13 3.48
H2' LCG B 2 -6.87 2.67 6.93
H1' LCG B 2 -8.95 2.30 5.27
H1 LCG B 2 -5.41 -0.79 1.83
H21 LCG B 2 -5.75 -2.20 3.58
H22 LCG B 2 -6.57 -1.64 5.03
P LCG B 3 -5.84 5.28 8.94
OP1 LCG B 3 -5.95 5.57 10.38
O5' LCG B 3 -5.15 3.83 8.77
C5' LCG B 3 -5.55 2.69 9.51
C3' LCG B 3 -3.27 1.60 9.01
C6' LCG B 3 -5.00 0.23 9.91
N9 LCG B 3 -3.67 0.60 6.01
C8 LCG B 3 -3.60 1.83 5.41
C4 LCG B 3 -3.10 -0.27 5.12
N7 LCG B 3 -3.05 1.82 4.23
C5 LCG B 3 -2.74 0.48 4.02
C6 LCG B 3 -2.17 -0.17 2.88
C2' LCG B 3 -3.26 0.18 8.47
O6 LCG B 3 -1.79 0.35 1.84
C4' LCG B 3 -4.78 1.49 9.05
C1' LCG B 3 -4.26 0.27 7.32
C2 LCG B 3 -2.45 -2.22 4.19
N1 LCG B 3 -2.09 -1.55 3.02
O4' LCG B 3 -5.15 1.26 7.72
OP2 LCG B 3 -5.12 6.22 8.05
N2 LCG B 3 -2.26 -3.54 4.21
N3 LCG B 3 -2.96 -1.62 5.27
O2' LCG B 3 -3.91 -0.59 9.48
O3' LCG B 3 -2.62 1.72 10.27
H5' LCG B 3 -6.63 2.52 9.41
H5'' LCG B 3 -5.27 2.72 10.54
H3' LCG B 3 -2.91 2.34 8.29
H6'1 LCG B 3 -5.96 -0.24 9.70
H6'2 LCG B 3 -4.89 0.45 10.98
H8 LCG B 3 -4.00 2.74 5.85
H2' LCG B 3 -2.29 -0.20 8.17
H1' LCG B 3 -4.88 -0.60 7.36
H1 LCG B 3 -1.82 -2.08 2.21
H21 LCG B 3 -1.89 -4.01 3.40
H22 LCG B 3 -2.46 -4.05 5.06
P LCG B 4 -1.01 1.78 10.43
OP1 LCG B 4 -0.70 1.95 11.87
O5' LCG B 4 -0.49 0.33 9.96
C5' LCG B 4 -0.71 -0.86 10.71
C3' LCG B 4 1.28 -2.00 9.56
C6' LCG B 4 -0.34 -3.44 10.49
N9 LCG B 4 0.34 -1.94 6.67
C8 LCG B 4 0.34 -0.57 6.59
C4 LCG B 4 0.79 -2.38 5.43
N7 LCG B 4 0.72 -0.11 5.44
C5 LCG B 4 1.00 -1.23 4.69
C6 LCG B 4 1.45 -1.34 3.34
C2' LCG B 4 1.06 -3.24 8.72
O6 LCG B 4 1.68 -0.41 2.57
C4' LCG B 4 -0.21 -2.03 9.89
C1' LCG B 4 -0.08 -2.81 7.80
C2 LCG B 4 1.36 -3.75 3.75
N1 LCG B 4 1.61 -2.66 2.93
O4' LCG B 4 -0.90 -2.06 8.66
OP2 LCG B 4 -0.50 2.77 9.45
N2 LCG B 4 1.54 -4.96 3.23
N3 LCG B 4 0.96 -3.66 5.03
O2' LCG B 4 0.52 -4.19 9.63
O3' LCG B 4 2.12 -2.17 10.70
H5' LCG B 4 -1.77 -0.97 10.93
H5'' LCG B 4 -0.14 -0.85 11.62
H3' LCG B 4 1.56 -1.12 8.97
H6'1 LCG B 4 0.03 -3.47 11.51
H6'2 LCG B 4 -1.36 -3.80 10.43
H8 LCG B 4 0.04 0.06 7.41
H2' LCG B 4 1.92 -3.60 8.16
H1' LCG B 4 -0.63 -3.67 7.48
H1 LCG B 4 1.91 -2.79 1.97
H21 LCG B 4 1.85 -5.07 2.27
H22 LCG B 4 1.37 -5.78 3.81
P LCG B 5 3.72 -1.97 10.66
OP1 LCG B 5 4.23 -2.13 12.04
O5' LCG B 5 4.26 -3.20 9.78
C5' LCG B 5 4.26 -4.55 10.20
C3' LCG B 5 6.12 -5.15 8.40
C6' LCG B 5 4.81 -6.88 9.24
N9 LCG B 5 4.52 -4.38 5.96
C8 LCG B 5 4.32 -3.14 6.49
C4 LCG B 5 4.73 -4.16 4.61
N7 LCG B 5 4.34 -2.16 5.64
C5 LCG B 5 4.64 -2.78 4.44
C6 LCG B 5 4.90 -2.20 3.17
C2' LCG B 5 5.76 -6.16 7.31
O6 LCG B 5 4.89 -1.00 2.91
C4' LCG B 5 4.71 -5.40 8.99
C1' LCG B 5 4.44 -5.65 6.73
C2 LCG B 5 5.22 -4.51 2.43
N1 LCG B 5 5.19 -3.15 2.20
O4' LCG B 5 3.74 -5.34 7.93
OP2 LCG B 5 4.02 -0.74 9.91
N2 LCG B 5 5.53 -5.29 1.41
N3 LCG B 5 5.01 -5.07 3.64
O2' LCG B 5 5.47 -7.34 8.05
O3' LCG B 5 7.31 -5.65 9.04
H5' LCG B 5 3.28 -4.87 10.54
H5'' LCG B 5 4.94 -4.67 11.04
H3' LCG B 5 6.26 -4.15 8.00
H6'1 LCG B 5 3.83 -7.34 9.38
H6'2 LCG B 5 5.45 -6.95 10.10
H8 LCG B 5 4.19 -3.05 7.55
H2' LCG B 5 6.55 -6.30 6.55
H1' LCG B 5 3.93 -6.42 6.15
H1 LCG B 5 5.43 -2.78 1.28
H21 LCG B 5 5.73 -4.88 0.50
H22 LCG B 5 5.60 -6.30 1.54
P LCG C 2 -10.39 -9.04 6.43
OP1 LCG C 2 -10.92 -10.37 6.80
O5' LCG C 2 -9.39 -9.23 5.18
C5' LCG C 2 -7.98 -9.16 5.30
C3' LCG C 2 -5.83 -9.02 3.91
C6' LCG C 2 -7.67 -10.12 2.90
N9 LCG C 2 -6.10 -6.28 2.25
C8 LCG C 2 -6.14 -5.31 3.22
C4 LCG C 2 -5.52 -5.69 1.17
N7 LCG C 2 -5.67 -4.16 2.84
C5 LCG C 2 -5.29 -4.37 1.51
C6 LCG C 2 -4.78 -3.45 0.54
C2' LCG C 2 -5.88 -8.83 2.39
O6 LCG C 2 -4.56 -2.26 0.67
C4' LCG C 2 -7.35 -9.01 3.91
C1' LCG C 2 -6.79 -7.60 2.23
C2 LCG C 2 -4.75 -5.41 -0.95
N1 LCG C 2 -4.56 -4.06 -0.71
O4' LCG C 2 -7.67 -7.75 3.34
OP2 LCG C 2 -9.74 -8.20 7.46
N2 LCG C 2 -4.39 -5.87 -2.14
N3 LCG C 2 -5.25 -6.27 -0.04
O2' LCG C 2 -6.64 -9.94 1.92
O3' LCG C 2 -5.25 -10.26 4.30
H5' LCG C 2 -7.62 -10.07 5.78
H5'' LCG C 2 -7.70 -8.30 5.91
H3' LCG C 2 -5.40 -8.16 4.43
H6'1 LCG C 2 -8.67 -9.97 2.47
H6'2 LCG C 2 -7.60 -11.10 3.36
H8 LCG C 2 -6.57 -5.48 4.20
H2' LCG C 2 -4.92 -8.73 1.91
H1' LCG C 2 -7.33 -7.70 1.29
H1 LCG C 2 -4.40 -3.46 -1.50
H21 LCG C 2 -4.03 -5.23 -2.85
H22 LCG C 2 -4.50 -6.85 -2.35
P LCG C 3 -3.69 -10.42 4.67
OP1 LCG C 3 -3.43 -11.85 4.94
O5' LCG C 3 -2.90 -10.01 3.33
C5' LCG C 3 -2.93 -10.79 2.14
C3' LCG C 3 -0.74 -9.66 1.38
C6' LCG C 3 -1.97 -10.92 -0.23
N9 LCG C 3 -1.79 -6.82 0.33
C8 LCG C 3 -2.10 -6.24 1.53
C4 LCG C 3 -1.33 -5.80 -0.47
N7 LCG C 3 -1.88 -4.96 1.57
C5 LCG C 3 -1.41 -4.66 0.29
C6 LCG C 3 -1.08 -3.40 -0.29
C2' LCG C 3 -0.69 -9.07 -0.02
O6 LCG C 3 -1.09 -2.29 0.24
C4' LCG C 3 -2.17 -10.09 1.06
C1' LCG C 3 -1.96 -8.24 -0.07
C2 LCG C 3 -0.62 -4.71 -2.31
N1 LCG C 3 -0.73 -3.50 -1.64
O4' LCG C 3 -2.83 -8.89 0.79
OP2 LCG C 3 -3.37 -9.41 5.70
N2 LCG C 3 -0.20 -4.68 -3.57
N3 LCG C 3 -0.92 -5.90 -1.76
O2' LCG C 3 -0.94 -10.19 -0.88
O3' LCG C 3 0.19 -10.71 1.61
H5' LCG C 3 -3.96 -10.97 1.82
H5'' LCG C 3 -2.40 -11.70 2.21
H3' LCG C 3 -0.70 -8.89 2.16
H6'1 LCG C 3 -2.88 -10.95 -0.83
H6'2 LCG C 3 -1.61 -11.93 0.01
H8 LCG C 3 -2.51 -6.79 2.37
H2' LCG C 3 0.22 -8.51 -0.25
H1' LCG C 3 -2.42 -8.40 -1.02
H1 LCG C 3 -0.66 -2.64 -2.16
H21 LCG C 3 0.02 -3.79 -4.01
H22 LCG C 3 -0.07 -5.54 -4.07
P LCG C 4 1.74 -10.43 1.95
OP1 LCG C 4 2.41 -11.74 2.13
O5' LCG C 4 2.34 -9.74 0.63
C5' LCG C 4 2.56 -10.43 -0.59
C3' LCG C 4 4.36 -8.75 -1.31
C6' LCG C 4 3.33 -9.93 -3.06
N9 LCG C 4 2.70 -6.16 -1.44
C8 LCG C 4 2.44 -6.12 -0.09
C4 LCG C 4 2.85 -4.85 -1.82
N7 LCG C 4 2.39 -4.92 0.40
C5 LCG C 4 2.65 -4.10 -0.68
C6 LCG C 4 2.70 -2.67 -0.77
C2' LCG C 4 4.15 -7.88 -2.53
O6 LCG C 4 2.55 -1.88 0.15
C4' LCG C 4 3.04 -9.43 -1.63
C1' LCG C 4 2.75 -7.33 -2.34
C2 LCG C 4 3.15 -3.05 -3.15
N1 LCG C 4 2.94 -2.21 -2.07
O4' LCG C 4 2.07 -8.41 -1.76
OP2 LCG C 4 1.80 -9.44 3.04
N2 LCG C 4 3.36 -2.50 -4.34
N3 LCG C 4 3.12 -4.40 -3.07
O2' LCG C 4 4.07 -8.82 -3.60
O3' LCG C 4 5.49 -9.62 -1.37
H5' LCG C 4 1.64 -10.91 -0.93
H5'' LCG C 4 3.35 -11.16 -0.48
H3' LCG C 4 4.32 -8.18 -0.37
H6'1 LCG C 4 2.40 -10.09 -3.61
H6'2 LCG C 4 3.94 -10.83 -3.05
H8 LCG C 4 2.27 -7.01 0.49
H2' LCG C 4 4.87 -7.08 -2.67
H1' LCG C 4 2.32 -7.11 -3.30
H1 LCG C 4 2.90 -1.21 -2.20
H21 LCG C 4 3.39 -1.49 -4.42
H22 LCG C 4 3.51 -3.09 -5.14
P LCG C 5 7.01 -9.15 -1.15
OP1 LCG C 5 7.89 -10.33 -1.34
O5' LCG C 5 7.32 -8.11 -2.34
C5' LCG C 5 7.49 -8.47 -3.69
C3' LCG C 5 8.88 -6.31 -4.29
C6' LCG C 5 7.68 -7.35 -5.99
N9 LCG C 5 6.91 -4.25 -3.40
C8 LCG C 5 6.82 -4.83 -2.17
C4 LCG C 5 6.73 -2.90 -3.16
N7 LCG C 5 6.57 -4.02 -1.18
C5 LCG C 5 6.50 -2.78 -1.80
C6 LCG C 5 6.22 -1.50 -1.24
C2' LCG C 5 8.32 -5.30 -5.30
O6 LCG C 5 5.95 -1.23 -0.07
C4' LCG C 5 7.60 -7.14 -4.49
C1' LCG C 5 6.93 -4.98 -4.70
C2 LCG C 5 6.52 -0.68 -3.52
N1 LCG C 5 6.26 -0.47 -2.18
O4' LCG C 5 6.47 -6.28 -4.38
OP2 LCG C 5 7.08 -8.39 0.12
N2 LCG C 5 6.56 0.39 -4.32
N3 LCG C 5 6.75 -1.89 -4.07
O2' LCG C 5 8.11 -6.08 -6.47
O3' LCG C 5 10.04 -7.06 -4.68
H5' LCG C 5 6.67 -9.07 -4.06
H5'' LCG C 5 8.40 -9.06 -3.81
H3' LCG C 5 8.98 -5.86 -3.31
H6'1 LCG C 5 6.70 -7.64 -6.41
H6'2 LCG C 5 8.41 -8.11 -6.12
H8 LCG C 5 6.93 -5.91 -2.09
H2' LCG C 5 8.94 -4.42 -5.47
H1' LCG C 5 6.28 -4.49 -5.43
H1 LCG C 5 6.06 0.46 -1.82
H21 LCG C 5 6.39 1.31 -3.93
H22 LCG C 5 6.79 0.27 -5.30
P LCG D 2 -5.11 -9.62 -10.25
OP1 LCG D 2 -5.26 -10.14 -11.63
O5' LCG D 2 -4.68 -8.07 -10.35
C5' LCG D 2 -3.37 -7.62 -10.01
C3' LCG D 2 -2.09 -5.46 -9.38
C6' LCG D 2 -3.68 -5.33 -11.11
N9 LCG D 2 -3.78 -4.15 -7.08
C8 LCG D 2 -3.81 -5.07 -6.07
C4 LCG D 2 -3.69 -2.93 -6.45
N7 LCG D 2 -3.79 -4.55 -4.87
C5 LCG D 2 -3.73 -3.18 -5.10
C6 LCG D 2 -3.75 -2.08 -4.18
C2' LCG D 2 -2.79 -4.12 -9.42
O6 LCG D 2 -3.81 -2.13 -2.95
C4' LCG D 2 -3.39 -6.10 -9.83
C1' LCG D 2 -4.01 -4.36 -8.53
C2 LCG D 2 -3.62 -0.69 -6.19
N1 LCG D 2 -3.73 -0.84 -4.82
O4' LCG D 2 -4.32 -5.70 -8.83
OP2 LCG D 2 -4.22 -10.32 -9.29
N2 LCG D 2 -3.55 0.56 -6.66
N3 LCG D 2 -3.63 -1.71 -7.06
O2' LCG D 2 -3.29 -4.00 -10.75
O3' LCG D 2 -1.00 -5.61 -10.28
H5' LCG D 2 -2.69 -7.86 -10.83
H5'' LCG D 2 -3.03 -8.08 -9.09
H3' LCG D 2 -1.81 -5.77 -8.36
H6'1 LCG D 2 -3.05 -5.68 -11.93
H6'2 LCG D 2 -4.73 -5.41 -11.37
H8 LCG D 2 -3.90 -6.14 -6.24
H2' LCG D 2 -2.19 -3.27 -9.11
H1' LCG D 2 -4.82 -3.70 -8.86
H1 LCG D 2 -3.95 -0.03 -4.25
H21 LCG D 2 -3.57 1.34 -6.03
H22 LCG D 2 -3.46 0.70 -7.66
P LCG D 3 0.48 -5.03 -9.97
OP1 LCG D 3 1.43 -6.12 -10.22
O5' LCG D 3 0.75 -3.88 -11.10
C5' LCG D 3 0.00 -2.68 -11.20
C3' LCG D 3 1.71 -1.51 -9.54
C6' LCG D 3 0.33 -0.18 -10.94
N9 LCG D 3 -0.17 -0.86 -6.89
C8 LCG D 3 -0.25 -2.10 -6.30
C4 LCG D 3 -0.25 0.04 -5.86
N7 LCG D 3 -0.37 -2.06 -5.01
C5 LCG D 3 -0.39 -0.70 -4.72
C6 LCG D 3 -0.58 -0.04 -3.47
C2' LCG D 3 1.26 -0.20 -8.90
O6 LCG D 3 -0.72 -0.55 -2.35
C4' LCG D 3 0.36 -1.56 -10.23
C1' LCG D 3 -0.12 -0.53 -8.33
C2 LCG D 3 -0.45 2.02 -4.79
N1 LCG D 3 -0.64 1.35 -3.60
O4' LCG D 3 -0.55 -1.59 -9.15
OP2 LCG D 3 0.45 -4.40 -8.63
N2 LCG D 3 -0.48 3.35 -4.76
N3 LCG D 3 -0.25 1.40 -5.97
O2' LCG D 3 1.00 0.65 -10.01
O3' LCG D 3 2.83 -1.39 -10.41
H5' LCG D 3 -1.07 -2.90 -11.15
H5'' LCG D 3 0.15 -2.23 -12.17
H3' LCG D 3 1.84 -2.31 -8.81
H6'1 LCG D 3 -0.69 0.15 -11.11
H6'2 LCG D 3 0.90 -0.20 -11.87
H8 LCG D 3 -0.26 -3.02 -6.86
H2' LCG D 3 1.95 0.20 -8.16
H1' LCG D 3 -0.79 0.27 -8.60
H1 LCG D 3 -0.90 1.86 -2.76
H21 LCG D 3 -0.65 3.83 -3.88
H22 LCG D 3 -0.31 3.86 -5.60
P LCG D 4 4.35 -1.29 -9.87
OP1 LCG D 4 5.25 -1.28 -11.05
O5' LCG D 4 4.42 0.16 -9.17
C5' LCG D 4 4.38 1.38 -9.91
C3' LCG D 4 5.43 2.64 -7.93
C6' LCG D 4 4.22 3.95 -9.49
N9 LCG D 4 3.27 2.29 -5.79
C8 LCG D 4 3.48 0.94 -5.69
C4 LCG D 4 2.98 2.71 -4.52
N7 LCG D 4 3.32 0.46 -4.49
C5 LCG D 4 2.99 1.58 -3.73
C6 LCG D 4 2.70 1.68 -2.34
C2' LCG D 4 4.65 3.78 -7.26
O6 LCG D 4 2.68 0.77 -1.51
C4' LCG D 4 4.27 2.52 -8.92
C1' LCG D 4 3.30 3.13 -7.01
C2 LCG D 4 2.44 4.07 -2.81
N1 LCG D 4 2.43 2.99 -1.94
O4' LCG D 4 3.10 2.34 -8.16
OP2 LCG D 4 4.54 -2.31 -8.82
N2 LCG D 4 2.16 5.27 -2.32
N3 LCG D 4 2.71 3.98 -4.12
O2' LCG D 4 4.47 4.74 -8.31
O3' LCG D 4 6.66 3.04 -8.53
H5' LCG D 4 3.54 1.39 -10.59
H5'' LCG D 4 5.31 1.52 -10.45
H3' LCG D 4 5.53 1.76 -7.29
H6'1 LCG D 4 3.23 4.17 -9.91
H6'2 LCG D 4 5.00 4.11 -10.22
H8 LCG D 4 3.76 0.30 -6.53
H2' LCG D 4 5.10 4.18 -6.36
H1' LCG D 4 2.53 3.89 -6.98
H1 LCG D 4 2.21 3.12 -0.96
H21 LCG D 4 1.97 5.38 -1.33
H22 LCG D 4 2.16 6.07 -2.93
P LCG D 5 8.06 3.13 -7.71
OP1 LCG D 5 9.12 3.50 -8.66
O5' LCG D 5 7.85 4.35 -6.69
C5' LCG D 5 7.82 5.72 -7.06
C3' LCG D 5 8.40 6.43 -4.61
C6' LCG D 5 7.34 8.01 -5.95
N9 LCG D 5 6.05 5.24 -3.19
C8 LCG D 5 6.40 4.03 -3.72
C4 LCG D 5 5.63 4.97 -1.91
N7 LCG D 5 6.22 3.01 -2.92
C5 LCG D 5 5.74 3.60 -1.76
C6 LCG D 5 5.44 2.99 -0.50
C2' LCG D 5 7.44 7.28 -3.80
O6 LCG D 5 5.54 1.79 -0.22
C4' LCG D 5 7.43 6.50 -5.79
C1' LCG D 5 6.11 6.53 -3.92
C2 LCG D 5 4.91 5.28 0.21
N1 LCG D 5 5.03 3.92 0.46
O4' LCG D 5 6.12 6.19 -5.30
OP2 LCG D 5 8.20 1.90 -6.90
N2 LCG D 5 4.55 6.06 1.23
N3 LCG D 5 5.20 5.85 -0.97
O2' LCG D 5 7.34 8.46 -4.59
O3' LCG D 5 9.66 7.06 -4.77
H5' LCG D 5 7.10 5.90 -7.86
H5'' LCG D 5 8.81 6.04 -7.42
H3' LCG D 5 8.50 5.43 -4.19
H6'1 LCG D 5 8.24 8.31 -6.46
H6'2 LCG D 5 6.43 8.26 -6.47
H8 LCG D 5 6.84 4.00 -4.70
H2' LCG D 5 7.84 7.43 -2.80
H1' LCG D 5 5.27 7.16 -3.66
H1 LCG D 5 4.88 3.56 1.40
H21 LCG D 5 4.37 5.65 2.14
H22 LCG D 5 4.50 7.06 1.09
P LCG A 2 -4.75 5.04 -10.16
OP1 LCG A 2 -4.54 6.02 -11.24
O5' LCG A 2 -4.69 5.81 -8.74
C5' LCG A 2 -5.28 7.08 -8.55
C3' LCG A 2 -4.27 7.72 -6.21
C6' LCG A 2 -6.42 8.52 -6.69
N9 LCG A 2 -4.99 5.18 -4.62
C8 LCG A 2 -4.22 4.34 -5.39
C4 LCG A 2 -5.00 4.61 -3.37
N7 LCG A 2 -3.82 3.27 -4.77
C5 LCG A 2 -4.34 3.41 -3.48
C6 LCG A 2 -4.31 2.49 -2.39
C2' LCG A 2 -5.17 7.68 -4.99
O6 LCG A 2 -3.84 1.37 -2.36
C4' LCG A 2 -5.50 7.36 -7.06
C1' LCG A 2 -5.84 6.31 -5.07
C2 LCG A 2 -5.52 4.28 -1.20
N1 LCG A 2 -4.95 3.01 -1.25
O4' LCG A 2 -6.08 6.20 -6.46
OP2 LCG A 2 -3.87 3.85 -10.07
N2 LCG A 2 -5.98 4.68 -0.02
N3 LCG A 2 -5.60 5.10 -2.26
O2' LCG A 2 -6.18 8.65 -5.29
O3' LCG A 2 -3.66 8.98 -6.44
H5' LCG A 2 -6.24 7.12 -9.05
H5'' LCG A 2 -4.62 7.85 -8.96
H3' LCG A 2 -3.52 6.92 -6.21
H6'1 LCG A 2 -6.13 9.43 -7.22
H6'2 LCG A 2 -7.46 8.27 -6.89
H8 LCG A 2 -4.01 4.53 -6.43
H2' LCG A 2 -4.67 7.83 -4.06
H1' LCG A 2 -6.77 6.32 -4.50
H1 LCG A 2 -5.14 2.38 -0.50
H21 LCG A 2 -5.95 4.07 0.78
H22 LCG A 2 -6.38 5.61 0.05
P LCG A 3 -2.27 9.42 -5.72
OP1 LCG A 3 -1.41 10.00 -6.78
O5' LCG A 3 -2.60 10.63 -4.69
C5' LCG A 3 -3.47 10.53 -3.56
C3' LCG A 3 -1.45 9.65 -2.00
C6' LCG A 3 -3.39 10.59 -1.04
N9 LCG A 3 -2.42 6.61 -1.27
C8 LCG A 3 -1.92 6.06 -2.41
C4 LCG A 3 -2.33 5.62 -0.32
N7 LCG A 3 -1.52 4.82 -2.29
C5 LCG A 3 -1.79 4.52 -0.95
C6 LCG A 3 -1.62 3.30 -0.23
C2' LCG A 3 -1.87 8.99 -0.70
O6 LCG A 3 -1.16 2.24 -0.64
C4' LCG A 3 -2.95 9.82 -2.32
C1' LCG A 3 -2.93 7.97 -1.09
C2 LCG A 3 -2.57 4.55 1.65
N1 LCG A 3 -2.09 3.39 1.08
O4' LCG A 3 -3.43 8.51 -2.29
OP2 LCG A 3 -1.75 8.27 -4.95
N2 LCG A 3 -2.92 4.50 2.94
N3 LCG A 3 -2.70 5.71 0.99
O2' LCG A 3 -2.61 9.99 -0.02
O3' LCG A 3 -0.72 10.85 -1.81
H5' LCG A 3 -4.42 10.10 -3.87
H5'' LCG A 3 -3.71 11.51 -3.20
H3' LCG A 3 -0.97 8.96 -2.69
H6'1 LCG A 3 -3.11 11.63 -1.15
H6'2 LCG A 3 -4.46 10.48 -0.86
H8 LCG A 3 -1.89 6.63 -3.32
H2' LCG A 3 -1.06 8.56 -0.13
H1' LCG A 3 -3.76 8.04 -0.41
H1 LCG A 3 -2.15 2.52 1.60
H21 LCG A 3 -2.83 3.64 3.45
H22 LCG A 3 -3.25 5.34 3.38
P LCG A 4 0.85 10.86 -1.36
OP1 LCG A 4 1.28 12.27 -1.25
O5' LCG A 4 0.88 10.19 0.11
C5' LCG A 4 0.40 10.85 1.27
C3' LCG A 4 1.82 9.39 2.83
C6' LCG A 4 -0.11 10.34 3.80
N9 LCG A 4 0.69 6.59 2.19
C8 LCG A 4 1.18 6.58 0.92
C4 LCG A 4 0.83 5.31 2.65
N7 LCG A 4 1.59 5.41 0.52
C5 LCG A 4 1.37 4.58 1.62
C6 LCG A 4 1.60 3.18 1.78
C2' LCG A 4 1.14 8.45 3.82
O6 LCG A 4 2.08 2.40 0.96
C4' LCG A 4 0.43 9.87 2.43
C1' LCG A 4 0.12 7.72 2.96
C2 LCG A 4 0.69 3.52 4.03
N1 LCG A 4 1.22 2.70 3.03
O4' LCG A 4 -0.32 8.72 2.08
OP2 LCG A 4 1.58 9.94 -2.27
N2 LCG A 4 0.36 2.96 5.18
N3 LCG A 4 0.49 4.84 3.89
O2' LCG A 4 0.40 9.33 4.67
O3' LCG A 4 2.62 10.41 3.44
H5' LCG A 4 -0.62 11.21 1.11
H5'' LCG A 4 1.04 11.66 1.55
H3' LCG A 4 2.33 8.87 2.03
H6'1 LCG A 4 0.29 11.31 4.07
H6'2 LCG A 4 -1.20 10.35 3.80
H8 LCG A 4 1.21 7.46 0.29
H2' LCG A 4 1.80 7.74 4.33
H1' LCG A 4 -0.71 7.41 3.58
H1 LCG A 4 1.25 1.71 3.17
H21 LCG A 4 0.50 1.96 5.32
H22 LCG A 4 -0.03 3.53 5.91
P LCG A 5 4.12 10.18 3.97
OP1 LCG A 5 4.61 11.46 4.51
O5' LCG A 5 3.98 9.14 5.19
C5' LCG A 5 3.43 9.44 6.46
C3' LCG A 5 4.69 7.41 7.67
C6' LCG A 5 2.70 8.23 8.59
N9 LCG A 5 3.61 5.21 5.94
C8 LCG A 5 4.07 5.83 4.81
C4 LCG A 5 3.81 3.87 5.69
N7 LCG A 5 4.48 5.04 3.86
C5 LCG A 5 4.31 3.77 4.42
C6 LCG A 5 4.59 2.49 3.85
C2' LCG A 5 3.82 6.29 8.25
O6 LCG A 5 5.02 2.24 2.72
C4' LCG A 5 3.38 8.12 7.25
C1' LCG A 5 2.92 5.88 7.07
C2 LCG A 5 3.81 1.62 6.01
N1 LCG A 5 4.29 1.44 4.71
O4' LCG A 5 2.55 7.16 6.59
OP2 LCG A 5 4.89 9.49 2.90
N2 LCG A 5 3.62 0.54 6.76
N3 LCG A 5 3.54 2.83 6.54
O2' LCG A 5 2.99 6.96 9.20
O3' LCG A 5 5.49 7.99 8.73
H5' LCG A 5 2.44 9.88 6.38
H5'' LCG A 5 4.04 10.17 6.98
H3' LCG A 5 5.29 7.07 6.84
H6'1 LCG A 5 3.19 9.04 9.10
H6'2 LCG A 5 1.64 8.38 8.45
H8 LCG A 5 4.03 6.91 4.77
H2' LCG A 5 4.35 5.45 8.69
H1' LCG A 5 2.06 5.30 7.41
H1 LCG A 5 4.44 0.50 4.34
H21 LCG A 5 3.81 -0.37 6.38
H22 LCG A 5 3.30 0.64 7.71
P LCG B 2 -11.48 7.55 5.65
OP1 LCG B 2 -12.32 8.23 6.65
O5' LCG B 2 -10.94 6.16 6.30
C5' LCG B 2 -9.62 6.03 6.81
C3' LCG B 2 -7.77 4.25 7.15
C6' LCG B 2 -9.95 3.70 7.88
N9 LCG B 2 -7.70 2.67 4.48
C8 LCG B 2 -7.33 3.66 3.60
C4 LCG B 2 -7.08 1.53 4.02
N7 LCG B 2 -6.59 3.25 2.62
C5 LCG B 2 -6.45 1.88 2.85
C6 LCG B 2 -5.79 0.87 2.06
C2' LCG B 2 -8.09 2.77 6.98
O6 LCG B 2 -5.22 1.00 0.98
C4' LCG B 2 -9.23 4.55 6.83
C1' LCG B 2 -8.69 2.73 5.58
C2 LCG B 2 -6.51 -0.65 3.85
N1 LCG B 2 -5.89 -0.40 2.63
O4' LCG B 2 -9.41 3.95 5.55
OP2 LCG B 2 -10.35 8.27 5.01
N2 LCG B 2 -6.48 -1.89 4.30
N3 LCG B 2 -7.13 0.29 4.58
O2' LCG B 2 -9.16 2.52 7.90
O3' LCG B 2 -7.32 4.61 8.45
H5' LCG B 2 -9.58 6.42 7.82
H5'' LCG B 2 -8.91 6.57 6.17
H3' LCG B 2 -7.10 4.62 6.37
H6'1 LCG B 2 -9.92 4.19 8.85
H6'2 LCG B 2 -10.98 3.52 7.57
H8 LCG B 2 -7.65 4.69 3.71
H2' LCG B 2 -7.25 2.10 7.10
H1' LCG B 2 -9.36 1.87 5.51
H1 LCG B 2 -5.62 -1.18 2.05
H21 LCG B 2 -6.02 -2.62 3.77
H22 LCG B 2 -6.93 -2.11 5.18
P LCG B 3 -5.77 4.47 8.91
OP1 LCG B 3 -5.39 5.75 9.53
O5' LCG B 3 -5.76 3.35 10.08
C5' LCG B 3 -6.13 1.99 9.91
C3' LCG B 3 -3.62 1.39 9.23
C6' LCG B 3 -5.12 -0.33 9.87
N9 LCG B 3 -3.89 0.55 6.03
C8 LCG B 3 -3.93 1.77 5.42
C4 LCG B 3 -3.27 -0.28 5.13
N7 LCG B 3 -3.37 1.80 4.24
C5 LCG B 3 -2.96 0.49 4.03
C6 LCG B 3 -2.36 -0.10 2.89
C2' LCG B 3 -3.41 0.07 8.48
O6 LCG B 3 -2.02 0.43 1.84
C4' LCG B 3 -5.11 1.08 9.24
C1' LCG B 3 -4.43 0.13 7.34
C2 LCG B 3 -2.49 -2.18 4.18
N1 LCG B 3 -2.19 -1.49 3.03
O4' LCG B 3 -5.40 1.01 7.85
OP2 LCG B 3 -5.00 3.97 7.75
N2 LCG B 3 -2.22 -3.48 4.20
N3 LCG B 3 -3.03 -1.62 5.27
O2' LCG B 3 -3.92 -0.92 9.36
O3' LCG B 3 -3.00 1.43 10.50
H5' LCG B 3 -7.08 1.93 9.39
H5'' LCG B 3 -6.27 1.51 10.86
H3' LCG B 3 -3.37 2.25 8.62
H6'1 LCG B 3 -5.99 -0.90 9.57
H6'2 LCG B 3 -5.05 -0.27 10.96
H8 LCG B 3 -4.40 2.64 5.87
H2' LCG B 3 -2.40 -0.10 8.14
H1' LCG B 3 -4.95 -0.82 7.30
H1 LCG B 3 -1.86 -1.98 2.21
H21 LCG B 3 -1.83 -3.92 3.39
H22 LCG B 3 -2.37 -4.00 5.05
P LCG B 4 -1.40 1.65 10.69
OP1 LCG B 4 -1.11 1.72 12.14
O5' LCG B 4 -0.74 0.29 10.12
C5' LCG B 4 -0.86 -0.95 10.77
C3' LCG B 4 1.15 -1.95 9.52
C6' LCG B 4 -0.41 -3.50 10.39
N9 LCG B 4 0.22 -1.84 6.64
C8 LCG B 4 0.23 -0.47 6.58
C4 LCG B 4 0.71 -2.24 5.42
N7 LCG B 4 0.62 0.02 5.44
C5 LCG B 4 0.93 -1.11 4.68
C6 LCG B 4 1.40 -1.20 3.34
C2' LCG B 4 0.96 -3.16 8.63
O6 LCG B 4 1.66 -0.28 2.57
C4' LCG B 4 -0.33 -2.06 9.88
C1' LCG B 4 -0.20 -2.72 7.75
C2 LCG B 4 1.33 -3.62 3.75
N1 LCG B 4 1.58 -2.52 2.92
O4' LCG B 4 -1.02 -2.02 8.64
OP2 LCG B 4 -0.98 2.76 9.80
N2 LCG B 4 1.53 -4.83 3.24
N3 LCG B 4 0.90 -3.53 5.01
O2' LCG B 4 0.46 -4.17 9.49
O3' LCG B 4 2.02 -2.15 10.64
H5' LCG B 4 -1.90 -1.15 11.03
H5'' LCG B 4 -0.25 -0.97 11.66
H3' LCG B 4 1.39 -1.03 8.97
H6'1 LCG B 4 -0.04 -3.57 11.41
H6'2 LCG B 4 -1.43 -3.88 10.32
H8 LCG B 4 -0.07 0.15 7.42
H2' LCG B 4 1.82 -3.45 8.03
H1' LCG B 4 -0.74 -3.58 7.39
H1 LCG B 4 1.90 -2.65 1.97
H21 LCG B 4 1.87 -4.94 2.29
H22 LCG B 4 1.36 -5.64 3.81
P LCG B 5 3.63 -2.00 10.55
OP1 LCG B 5 4.18 -2.21 11.91
O5' LCG B 5 4.09 -3.24 9.63
C5' LCG B 5 4.06 -4.59 10.03
C3' LCG B 5 5.93 -5.22 8.25
C6' LCG B 5 4.53 -6.91 8.99
N9 LCG B 5 4.43 -4.32 5.79
C8 LCG B 5 4.25 -3.09 6.35
C4 LCG B 5 4.67 -4.07 4.45
N7 LCG B 5 4.33 -2.09 5.52
C5 LCG B 5 4.63 -2.70 4.31
C6 LCG B 5 4.89 -2.09 3.05
C2' LCG B 5 5.56 -6.18 7.12
O6 LCG B 5 4.92 -0.88 2.80
C4' LCG B 5 4.49 -5.42 8.80
C1' LCG B 5 4.27 -5.60 6.52
C2 LCG B 5 5.16 -4.39 2.27
N1 LCG B 5 5.17 -3.03 2.05
O4' LCG B 5 3.56 -5.29 7.72
OP2 LCG B 5 3.94 -0.77 9.80
N2 LCG B 5 5.47 -5.17 1.23
N3 LCG B 5 4.93 -4.97 3.46
O2' LCG B 5 5.20 -7.37 7.81
O3' LCG B 5 7.09 -5.79 8.89
H5' LCG B 5 3.07 -4.90 10.37
H5'' LCG B 5 4.73 -4.75 10.87
H3' LCG B 5 6.12 -4.22 7.87
H6'1 LCG B 5 3.53 -7.34 9.11
H6'2 LCG B 5 5.15 -7.04 9.87
H8 LCG B 5 4.10 -3.02 7.41
H2' LCG B 5 6.35 -6.34 6.38
H1' LCG B 5 3.73 -6.33 5.92
H1 LCG B 5 5.41 -2.65 1.14
H21 LCG B 5 5.70 -4.76 0.34
H22 LCG B 5 5.52 -6.17 1.36
P LCG C 2 -10.14 -7.63 6.17
OP1 LCG C 2 -11.00 -8.66 6.81
O5' LCG C 2 -9.33 -8.35 4.96
C5' LCG C 2 -7.97 -8.71 5.08
C3' LCG C 2 -5.79 -8.91 3.73
C6' LCG C 2 -7.67 -10.02 2.81
N9 LCG C 2 -5.90 -6.32 1.98
C8 LCG C 2 -5.93 -5.39 3.00
C4 LCG C 2 -5.30 -5.67 0.93
N7 LCG C 2 -5.47 -4.22 2.68
C5 LCG C 2 -5.10 -4.36 1.34
C6 LCG C 2 -4.62 -3.38 0.41
C2' LCG C 2 -5.81 -8.86 2.21
O6 LCG C 2 -4.43 -2.18 0.61
C4' LCG C 2 -7.32 -8.82 3.70
C1' LCG C 2 -6.61 -7.61 1.90
C2 LCG C 2 -4.54 -5.26 -1.16
N1 LCG C 2 -4.38 -3.92 -0.85
O4' LCG C 2 -7.58 -7.65 2.94
OP2 LCG C 2 -9.20 -6.85 7.00
N2 LCG C 2 -4.17 -5.66 -2.37
N3 LCG C 2 -5.03 -6.17 -0.30
O2' LCG C 2 -6.62 -9.98 1.83
O3' LCG C 2 -5.27 -10.13 4.24
H5' LCG C 2 -7.89 -9.66 5.62
H5'' LCG C 2 -7.43 -7.95 5.64
H3' LCG C 2 -5.34 -8.03 4.18
H6'1 LCG C 2 -8.65 -9.88 2.34
H6'2 LCG C 2 -7.62 -10.95 3.37
H8 LCG C 2 -6.36 -5.61 3.97
H2' LCG C 2 -4.83 -8.85 1.75
H1' LCG C 2 -7.08 -7.70 0.92
H1 LCG C 2 -4.22 -3.27 -1.61
H21 LCG C 2 -3.82 -4.99 -3.04
H22 LCG C 2 -4.26 -6.63 -2.62
P LCG C 3 -3.72 -10.30 4.68
OP1 LCG C 3 -3.51 -11.73 5.00
O5' LCG C 3 -2.84 -9.94 3.38
C5' LCG C 3 -2.79 -10.76 2.22
C3' LCG C 3 -0.58 -9.61 1.51
C6' LCG C 3 -1.74 -10.93 -0.10
N9 LCG C 3 -1.66 -6.82 0.37
C8 LCG C 3 -1.98 -6.24 1.58
C4 LCG C 3 -1.20 -5.80 -0.41
N7 LCG C 3 -1.78 -4.96 1.62
C5 LCG C 3 -1.30 -4.65 0.35
C6 LCG C 3 -0.97 -3.39 -0.23
C2' LCG C 3 -0.51 -9.06 0.10
O6 LCG C 3 -1.00 -2.28 0.31
C4' LCG C 3 -1.99 -10.08 1.16
C1' LCG C 3 -1.79 -8.24 -0.01
C2 LCG C 3 -0.48 -4.70 -2.24
N1 LCG C 3 -0.61 -3.49 -1.57
O4' LCG C 3 -2.68 -8.89 0.84
OP2 LCG C 3 -3.44 -9.27 5.71
N2 LCG C 3 -0.05 -4.65 -3.50
N3 LCG C 3 -0.78 -5.89 -1.70
O2' LCG C 3 -0.71 -10.19 -0.75
O3' LCG C 3 0.37 -10.64 1.76
H5' LCG C 3 -3.80 -10.99 1.86
H5'' LCG C 3 -2.23 -11.65 2.36
H3' LCG C 3 -0.58 -8.83 2.28
H6'1 LCG C 3 -2.63 -11.00 -0.72
H6'2 LCG C 3 -1.38 -11.93 0.17
H8 LCG C 3 -2.39 -6.82 2.41
H2' LCG C 3 0.40 -8.49 -0.12
H1' LCG C 3 -2.22 -8.43 -0.97
H1 LCG C 3 -0.53 -2.63 -2.09
H21 LCG C 3 0.16 -3.75 -3.93
H22 LCG C 3 0.07 -5.51 -4.01
P LCG C 4 1.92 -10.32 2.10
OP1 LCG C 4 2.61 -11.61 2.31
O5' LCG C 4 2.52 -9.65 0.76
C5' LCG C 4 2.76 -10.37 -0.44
C3' LCG C 4 4.51 -8.67 -1.23
C6' LCG C 4 3.49 -9.94 -2.93
N9 LCG C 4 2.78 -6.13 -1.40
C8 LCG C 4 2.45 -6.09 -0.06
C4 LCG C 4 2.94 -4.83 -1.79
N7 LCG C 4 2.38 -4.87 0.40
C5 LCG C 4 2.69 -4.07 -0.68
C6 LCG C 4 2.75 -2.64 -0.77
C2' LCG C 4 4.27 -7.85 -2.49
O6 LCG C 4 2.56 -1.83 0.14
C4' LCG C 4 3.20 -9.39 -1.51
C1' LCG C 4 2.85 -7.32 -2.27
C2 LCG C 4 3.27 -3.05 -3.12
N1 LCG C 4 3.05 -2.19 -2.05
O4' LCG C 4 2.20 -8.40 -1.67
OP2 LCG C 4 1.95 -9.29 3.16
N2 LCG C 4 3.52 -2.50 -4.31
N3 LCG C 4 3.25 -4.39 -3.03
O2' LCG C 4 4.19 -8.83 -3.52
O3' LCG C 4 5.65 -9.53 -1.28
H5' LCG C 4 1.85 -10.90 -0.76
H5'' LCG C 4 3.57 -11.07 -0.31
H3' LCG C 4 4.47 -8.08 -0.31
H6'1 LCG C 4 2.55 -10.15 -3.46
H6'2 LCG C 4 4.13 -10.81 -2.89
H8 LCG C 4 2.27 -6.96 0.53
H2' LCG C 4 4.98 -7.04 -2.65
H1' LCG C 4 2.41 -7.15 -3.24
H1 LCG C 4 3.02 -1.19 -2.20
H21 LCG C 4 3.55 -1.49 -4.41
H22 LCG C 4 3.67 -3.10 -5.10
P LCG C 5 7.16 -9.01 -1.07
OP1 LCG C 5 8.07 -10.18 -1.22
O5' LCG C 5 7.45 -8.00 -2.29
C5' LCG C 5 7.65 -8.40 -3.63
C3' LCG C 5 9.02 -6.23 -4.27
C6' LCG C 5 7.87 -7.36 -5.96
N9 LCG C 5 7.01 -4.19 -3.47
C8 LCG C 5 6.90 -4.75 -2.24
C4 LCG C 5 6.84 -2.84 -3.27
N7 LCG C 5 6.64 -3.93 -1.27
C5 LCG C 5 6.58 -2.70 -1.91
C6 LCG C 5 6.30 -1.40 -1.37
C2' LCG C 5 8.47 -5.27 -5.32
O6 LCG C 5 6.02 -1.13 -0.20
C4' LCG C 5 7.75 -7.09 -4.47
C1' LCG C 5 7.07 -4.95 -4.75
C2 LCG C 5 6.66 -0.62 -3.67
N1 LCG C 5 6.37 -0.39 -2.33
O4' LCG C 5 6.61 -6.26 -4.42
OP2 LCG C 5 7.21 -8.21 0.17
N2 LCG C 5 6.76 0.45 -4.46
N3 LCG C 5 6.89 -1.84 -4.19
O2' LCG C 5 8.30 -6.10 -6.48
O3' LCG C 5 10.21 -6.97 -4.59
H5' LCG C 5 6.84 -9.02 -4.00
H5'' LCG C 5 8.58 -8.99 -3.71
H3' LCG C 5 9.08 -5.75 -3.30
H6'1 LCG C 5 6.93 -7.69 -6.39
H6'2 LCG C 5 8.64 -8.10 -6.05
H8 LCG C 5 7.01 -5.82 -2.13
H2' LCG C 5 9.08 -4.39 -5.51
H1' LCG C 5 6.43 -4.49 -5.51
H1 LCG C 5 6.18 0.55 -1.98
H21 LCG C 5 6.60 1.38 -4.09
H22 LCG C 5 7.02 0.32 -5.43
P LCG D 2 -6.40 -8.75 -9.72
OP1 LCG D 2 -6.67 -9.46 -10.98
O5' LCG D 2 -5.75 -7.31 -10.10
C5' LCG D 2 -4.35 -7.10 -10.13
C3' LCG D 2 -2.59 -5.22 -9.74
C6' LCG D 2 -4.43 -4.73 -11.15
N9 LCG D 2 -3.68 -3.69 -7.15
C8 LCG D 2 -3.62 -4.65 -6.17
C4 LCG D 2 -3.55 -2.50 -6.50
N7 LCG D 2 -3.53 -4.17 -4.96
C5 LCG D 2 -3.53 -2.80 -5.15
C6 LCG D 2 -3.56 -1.72 -4.20
C2' LCG D 2 -3.05 -3.78 -9.63
O6 LCG D 2 -3.60 -1.81 -2.96
C4' LCG D 2 -4.05 -5.61 -9.95
C1' LCG D 2 -4.13 -3.83 -8.55
C2 LCG D 2 -3.54 -0.27 -6.17
N1 LCG D 2 -3.61 -0.46 -4.80
O4' LCG D 2 -4.70 -5.10 -8.80
OP2 LCG D 2 -5.58 -9.39 -8.67
N2 LCG D 2 -3.50 0.98 -6.62
N3 LCG D 2 -3.54 -1.27 -7.07
O2' LCG D 2 -3.73 -3.51 -10.86
O3' LCG D 2 -1.74 -5.45 -10.86
H5' LCG D 2 -3.96 -7.42 -11.10
H5'' LCG D 2 -3.86 -7.65 -9.34
H3' LCG D 2 -2.19 -5.62 -8.80
H6'1 LCG D 2 -4.06 -5.15 -12.08
H6'2 LCG D 2 -5.50 -4.59 -11.20
H8 LCG D 2 -3.69 -5.71 -6.37
H2' LCG D 2 -2.26 -3.07 -9.39
H1' LCG D 2 -4.86 -3.04 -8.76
H1 LCG D 2 -3.86 0.31 -4.20
H21 LCG D 2 -3.52 1.76 -5.97
H22 LCG D 2 -3.45 1.14 -7.61
P LCG D 3 -0.14 -5.39 -10.76
OP1 LCG D 3 0.40 -5.49 -12.14
O5' LCG D 3 0.20 -3.91 -10.21
C5' LCG D 3 -0.01 -2.73 -10.97
C3' LCG D 3 1.70 -1.51 -9.46
C6' LCG D 3 0.35 -0.20 -10.92
N9 LCG D 3 -0.08 -0.79 -6.85
C8 LCG D 3 -0.19 -2.04 -6.29
C4 LCG D 3 -0.11 0.09 -5.79
N7 LCG D 3 -0.29 -2.03 -5.00
C5 LCG D 3 -0.28 -0.68 -4.67
C6 LCG D 3 -0.47 -0.04 -3.40
C2' LCG D 3 1.31 -0.15 -8.89
O6 LCG D 3 -0.63 -0.56 -2.30
C4' LCG D 3 0.33 -1.54 -10.14
C1' LCG D 3 -0.06 -0.44 -8.28
C2 LCG D 3 -0.23 2.04 -4.66
N1 LCG D 3 -0.49 1.35 -3.50
O4' LCG D 3 -0.56 -1.48 -9.06
OP2 LCG D 3 0.30 -6.36 -9.73
N2 LCG D 3 -0.13 3.37 -4.57
N3 LCG D 3 -0.04 1.45 -5.86
O2' LCG D 3 1.06 0.65 -10.03
O3' LCG D 3 2.81 -1.47 -10.35
H5' LCG D 3 -1.03 -2.66 -11.33
H5'' LCG D 3 0.67 -2.62 -11.78
H3' LCG D 3 1.81 -2.29 -8.70
H6'1 LCG D 3 -0.66 0.16 -11.11
H6'2 LCG D 3 0.90 -0.31 -11.86
H8 LCG D 3 -0.21 -2.94 -6.89
H2' LCG D 3 2.02 0.26 -8.18
H1' LCG D 3 -0.69 0.37 -8.57
H1 LCG D 3 -0.78 1.85 -2.67
H21 LCG D 3 -0.30 3.83 -3.69
H22 LCG D 3 0.21 3.88 -5.37
P LCG D 4 4.34 -1.37 -9.84
OP1 LCG D 4 5.23 -1.41 -11.03
O5' LCG D 4 4.46 0.09 -9.18
C5' LCG D 4 4.42 1.29 -9.94
C3' LCG D 4 5.56 2.57 -8.03
C6' LCG D 4 4.32 3.88 -9.55
N9 LCG D 4 3.47 2.30 -5.81
C8 LCG D 4 3.62 0.93 -5.71
C4 LCG D 4 3.21 2.73 -4.54
N7 LCG D 4 3.45 0.47 -4.51
C5 LCG D 4 3.17 1.60 -3.75
C6 LCG D 4 2.86 1.71 -2.36
C2' LCG D 4 4.85 3.74 -7.36
O6 LCG D 4 2.79 0.80 -1.53
C4' LCG D 4 4.37 2.47 -8.97
C1' LCG D 4 3.48 3.13 -7.03
C2 LCG D 4 2.70 4.10 -2.83
N1 LCG D 4 2.63 3.03 -1.97
O4' LCG D 4 3.22 2.33 -8.16
OP2 LCG D 4 4.52 -2.37 -8.76
N2 LCG D 4 2.45 5.32 -2.33
N3 LCG D 4 3.00 4.01 -4.14
O2' LCG D 4 4.65 4.68 -8.41
O3' LCG D 4 6.78 2.91 -8.68
H5' LCG D 4 3.55 1.31 -10.59
H5'' LCG D 4 5.33 1.41 -10.51
H3' LCG D 4 5.66 1.70 -7.38
H6'1 LCG D 4 3.33 4.12 -9.95
H6'2 LCG D 4 5.09 4.02 -10.33
H8 LCG D 4 3.86 0.30 -6.56
H2' LCG D 4 5.33 4.15 -6.47
H1' LCG D 4 2.73 3.91 -6.99
H1 LCG D 4 2.36 3.17 -1.00
H21 LCG D 4 2.22 5.42 -1.36
H22 LCG D 4 2.50 6.12 -2.94
P LCG D 5 8.20 3.00 -7.91
OP1 LCG D 5 9.22 3.34 -8.92
O5' LCG D 5 8.03 4.25 -6.91
C5' LCG D 5 8.08 5.61 -7.29
C3' LCG D 5 8.86 6.29 -4.85
C6' LCG D 5 7.92 7.93 -6.20
N9 LCG D 5 6.43 5.32 -3.37
C8 LCG D 5 6.70 4.09 -3.89
C4 LCG D 5 5.98 5.08 -2.09
N7 LCG D 5 6.46 3.09 -3.09
C5 LCG D 5 6.02 3.71 -1.93
C6 LCG D 5 5.68 3.11 -0.68
C2' LCG D 5 7.98 7.24 -4.05
O6 LCG D 5 5.72 1.92 -0.40
C4' LCG D 5 7.86 6.43 -6.01
C1' LCG D 5 6.58 6.60 -4.12
C2 LCG D 5 5.22 5.42 0.02
N1 LCG D 5 5.29 4.05 0.28
O4' LCG D 5 6.54 6.24 -5.50
OP2 LCG D 5 8.35 1.80 -7.07
N2 LCG D 5 4.81 6.20 1.02
N3 LCG D 5 5.57 5.98 -1.15
O2' LCG D 5 7.94 8.42 -4.87
O3' LCG D 5 10.21 6.77 -4.99
H5' LCG D 5 7.32 5.86 -8.04
H5'' LCG D 5 9.05 5.85 -7.73
H3' LCG D 5 8.85 5.30 -4.39
H6'1 LCG D 5 8.86 8.15 -6.71
H6'2 LCG D 5 7.05 8.26 -6.74
H8 LCG D 5 7.13 4.02 -4.86
H2' LCG D 5 8.27 7.46 -3.02
H1' LCG D 5 5.79 7.30 -3.87
H1 LCG D 5 5.09 3.70 1.21
H21 LCG D 5 4.56 5.78 1.91
H22 LCG D 5 4.76 7.20 0.89
P LCG A 2 -7.19 7.41 -10.88
OP1 LCG A 2 -7.76 8.63 -11.49
O5' LCG A 2 -6.88 7.73 -9.33
C5' LCG A 2 -5.56 7.95 -8.85
C3' LCG A 2 -4.18 7.98 -6.65
C6' LCG A 2 -6.32 9.00 -6.63
N9 LCG A 2 -4.99 5.30 -5.17
C8 LCG A 2 -4.52 4.33 -6.02
C4 LCG A 2 -4.86 4.77 -3.90
N7 LCG A 2 -4.15 3.23 -5.42
C5 LCG A 2 -4.39 3.48 -4.07
C6 LCG A 2 -4.26 2.62 -2.93
C2' LCG A 2 -4.89 7.83 -5.31
O6 LCG A 2 -3.88 1.46 -2.90
C4' LCG A 2 -5.56 7.86 -7.33
C1' LCG A 2 -5.70 6.55 -5.49
C2 LCG A 2 -5.09 4.54 -1.66
N1 LCG A 2 -4.68 3.23 -1.75
O4' LCG A 2 -6.04 6.61 -6.87
OP2 LCG A 2 -6.01 6.75 -11.50
N2 LCG A 2 -5.38 5.01 -0.46
N3 LCG A 2 -5.22 5.36 -2.73
O2' LCG A 2 -5.85 8.89 -5.29
O3' LCG A 2 -3.55 9.24 -6.84
H5' LCG A 2 -5.25 8.96 -9.14
H5'' LCG A 2 -4.88 7.21 -9.25
H3' LCG A 2 -3.53 7.14 -6.88
H6'1 LCG A 2 -6.06 9.96 -7.05
H6'2 LCG A 2 -7.39 8.82 -6.73
H8 LCG A 2 -4.51 4.45 -7.08
H2' LCG A 2 -4.24 7.81 -4.45
H1' LCG A 2 -6.61 6.61 -4.88
H1 LCG A 2 -4.86 2.63 -0.95
H21 LCG A 2 -5.34 4.41 0.36
H22 LCG A 2 -5.66 5.98 -0.36
P LCG A 3 -2.02 9.52 -6.38
OP1 LCG A 3 -1.73 10.94 -6.67
O5' LCG A 3 -2.03 9.32 -4.79
C5' LCG A 3 -2.72 10.17 -3.90
C3' LCG A 3 -1.12 9.43 -2.01
C6' LCG A 3 -3.10 10.58 -1.40
N9 LCG A 3 -2.21 6.55 -1.41
C8 LCG A 3 -1.79 5.98 -2.58
C4 LCG A 3 -2.09 5.57 -0.45
N7 LCG A 3 -1.43 4.74 -2.47
C5 LCG A 3 -1.64 4.45 -1.12
C6 LCG A 3 -1.49 3.21 -0.41
C2' LCG A 3 -1.72 8.93 -0.72
O6 LCG A 3 -1.10 2.13 -0.84
C4' LCG A 3 -2.54 9.66 -2.50
C1' LCG A 3 -2.74 7.91 -1.22
C2 LCG A 3 -2.26 4.50 1.52
N1 LCG A 3 -1.87 3.32 0.92
O4' LCG A 3 -3.17 8.41 -2.43
OP2 LCG A 3 -1.17 8.47 -6.98
N2 LCG A 3 -2.51 4.47 2.83
N3 LCG A 3 -2.39 5.66 0.87
O2' LCG A 3 -2.49 10.03 -0.22
O3' LCG A 3 -0.33 10.60 -1.85
H5' LCG A 3 -3.77 10.26 -4.16
H5'' LCG A 3 -2.26 11.13 -3.79
H3' LCG A 3 -0.61 8.64 -2.57
H6'1 LCG A 3 -2.76 11.60 -1.55
H6'2 LCG A 3 -4.20 10.53 -1.34
H8 LCG A 3 -1.78 6.54 -3.51
H2' LCG A 3 -1.02 8.52 -0.01
H1' LCG A 3 -3.62 8.01 -0.63
H1 LCG A 3 -1.94 2.46 1.44
H21 LCG A 3 -2.42 3.61 3.35
H22 LCG A 3 -2.76 5.32 3.30
P LCG A 4 1.21 10.55 -1.34
OP1 LCG A 4 1.72 11.93 -1.29
O5' LCG A 4 1.13 9.97 0.16
C5' LCG A 4 0.63 10.73 1.26
C3' LCG A 4 1.97 9.24 2.88
C6' LCG A 4 0.13 10.40 3.82
N9 LCG A 4 0.68 6.54 2.37
C8 LCG A 4 1.07 6.48 1.06
C4 LCG A 4 0.81 5.26 2.85
N7 LCG A 4 1.43 5.30 0.67
C5 LCG A 4 1.26 4.50 1.79
C6 LCG A 4 1.47 3.10 1.96
C2' LCG A 4 1.24 8.43 3.94
O6 LCG A 4 1.87 2.31 1.11
C4' LCG A 4 0.61 9.82 2.48
C1' LCG A 4 0.17 7.72 3.12
C2 LCG A 4 0.70 3.50 4.25
N1 LCG A 4 1.16 2.67 3.25
O4' LCG A 4 -0.24 8.72 2.21
OP2 LCG A 4 1.91 9.53 -2.16
N2 LCG A 4 0.40 2.95 5.43
N3 LCG A 4 0.51 4.82 4.10
O2' LCG A 4 0.58 9.41 4.74
O3' LCG A 4 2.88 10.22 3.37
H5' LCG A 4 -0.37 11.09 1.05
H5'' LCG A 4 1.29 11.54 1.50
H3' LCG A 4 2.40 8.62 2.08
H6'1 LCG A 4 0.63 11.35 4.03
H6'2 LCG A 4 -0.95 10.51 3.85
H8 LCG A 4 1.10 7.34 0.40
H2' LCG A 4 1.85 7.72 4.50
H1' LCG A 4 -0.67 7.47 3.75
H1 LCG A 4 1.23 1.67 3.41
H21 LCG A 4 0.53 1.96 5.56
H22 LCG A 4 0.04 3.54 6.16
P LCG A 5 4.43 9.91 3.67
OP1 LCG A 5 5.09 11.17 4.05
O5' LCG A 5 4.41 8.95 4.97
C5' LCG A 5 4.07 9.37 6.27
C3' LCG A 5 5.36 7.32 7.36
C6' LCG A 5 3.69 8.34 8.61
N9 LCG A 5 3.74 5.14 6.02
C8 LCG A 5 4.01 5.68 4.80
C4 LCG A 5 3.83 3.77 5.81
N7 LCG A 5 4.22 4.83 3.84
C5 LCG A 5 4.14 3.61 4.48
C6 LCG A 5 4.37 2.32 3.94
C2' LCG A 5 4.55 6.30 8.15
O6 LCG A 5 4.71 2.05 2.78
C4' LCG A 5 4.05 8.12 7.16
C1' LCG A 5 3.39 5.92 7.23
C2 LCG A 5 3.84 1.54 6.20
N1 LCG A 5 4.19 1.30 4.89
O4' LCG A 5 3.02 7.22 6.76
OP2 LCG A 5 4.97 9.10 2.55
N2 LCG A 5 3.73 0.48 7.00
N3 LCG A 5 3.66 2.77 6.72
O2' LCG A 5 4.00 7.07 9.21
O3' LCG A 5 6.40 7.78 8.23
H5' LCG A 5 3.09 9.86 6.29
H5'' LCG A 5 4.79 10.10 6.63
H3' LCG A 5 5.75 6.90 6.44
H6'1 LCG A 5 4.34 9.12 8.97
H6'2 LCG A 5 2.64 8.59 8.70
H8 LCG A 5 4.05 6.76 4.71
H2' LCG A 5 5.12 5.44 8.50
H1' LCG A 5 2.57 5.44 7.77
H1 LCG A 5 4.39 0.36 4.57
H21 LCG A 5 3.89 -0.45 6.63
H22 LCG A 5 3.49 0.61 7.97
P LCG B 2 -11.02 8.19 5.79
OP1 LCG B 2 -11.81 8.71 6.93
O5' LCG B 2 -10.47 6.72 6.19
C5' LCG B 2 -9.16 6.50 6.64
C3' LCG B 2 -7.41 4.60 6.89
C6' LCG B 2 -9.65 4.11 7.44
N9 LCG B 2 -7.30 3.18 4.07
C8 LCG B 2 -6.90 4.15 3.20
C4 LCG B 2 -6.72 2.03 3.63
N7 LCG B 2 -6.14 3.71 2.23
C5 LCG B 2 -6.04 2.35 2.47
C6 LCG B 2 -5.41 1.30 1.72
C2' LCG B 2 -7.79 3.16 6.57
O6 LCG B 2 -4.80 1.41 0.66
C4' LCG B 2 -8.82 5.02 6.51
C1' LCG B 2 -8.33 3.28 5.15
C2 LCG B 2 -6.22 -0.17 3.50
N1 LCG B 2 -5.58 0.04 2.29
O4' LCG B 2 -8.95 4.55 5.17
OP2 LCG B 2 -9.91 9.00 5.23
N2 LCG B 2 -6.21 -1.42 3.96
N3 LCG B 2 -6.83 0.78 4.20
O2' LCG B 2 -8.93 2.89 7.40
O3' LCG B 2 -7.04 4.84 8.25
H5' LCG B 2 -9.10 6.78 7.70
H5'' LCG B 2 -8.44 7.08 6.06
H3' LCG B 2 -6.67 5.00 6.19
H6'1 LCG B 2 -9.67 4.51 8.45
H6'2 LCG B 2 -10.66 4.01 7.05
H8 LCG B 2 -7.20 5.19 3.28
H2' LCG B 2 -6.99 2.44 6.66
H1' LCG B 2 -9.07 2.49 4.98
H1 LCG B 2 -5.35 -0.75 1.71
H21 LCG B 2 -5.79 -2.16 3.43
H22 LCG B 2 -6.66 -1.61 4.85
P LCG B 3 -5.55 4.57 8.80
OP1 LCG B 3 -5.13 5.81 9.50
O5' LCG B 3 -5.71 3.42 9.94
C5' LCG B 3 -6.17 2.10 9.69
C3' LCG B 3 -3.67 1.34 9.20
C6' LCG B 3 -5.32 -0.28 9.66
N9 LCG B 3 -3.74 0.62 5.96
C8 LCG B 3 -3.68 1.85 5.36
C4 LCG B 3 -3.12 -0.24 5.09
N7 LCG B 3 -3.09 1.85 4.20
C5 LCG B 3 -2.74 0.53 4.01
C6 LCG B 3 -2.13 -0.12 2.87
C2' LCG B 3 -3.48 0.04 8.42
O6 LCG B 3 -1.74 0.40 1.84
C4' LCG B 3 -5.17 1.14 9.07
C1' LCG B 3 -4.41 0.21 7.22
C2 LCG B 3 -2.41 -2.17 4.18
N1 LCG B 3 -2.05 -1.50 3.02
O4' LCG B 3 -5.35 1.14 7.67
OP2 LCG B 3 -4.73 4.04 7.69
N2 LCG B 3 -2.20 -3.48 4.22
N3 LCG B 3 -2.96 -1.58 5.25
O2' LCG B 3 -4.13 -0.93 9.22
O3' LCG B 3 -3.15 1.30 10.53
H5' LCG B 3 -7.07 2.14 9.07
H5'' LCG B 3 -6.46 1.62 10.60
H3' LCG B 3 -3.31 2.22 8.65
H6'1 LCG B 3 -6.21 -0.77 9.27
H6'2 LCG B 3 -5.35 -0.26 10.76
H8 LCG B 3 -4.12 2.73 5.79
H2' LCG B 3 -2.46 -0.19 8.15
H1' LCG B 3 -4.98 -0.70 7.10
H1 LCG B 3 -1.79 -2.02 2.19
H21 LCG B 3 -1.80 -3.96 3.41
H22 LCG B 3 -2.41 -3.99 5.07
P LCG B 4 -1.57 1.41 10.84
OP1 LCG B 4 -1.39 1.37 12.31
O5' LCG B 4 -0.93 0.07 10.23
C5' LCG B 4 -1.14 -1.22 10.79
C3' LCG B 4 0.97 -2.20 9.70
C6' LCG B 4 -0.71 -3.75 10.28
N9 LCG B 4 0.30 -1.89 6.72
C8 LCG B 4 0.33 -0.52 6.72
C4 LCG B 4 0.82 -2.26 5.50
N7 LCG B 4 0.78 0.00 5.61
C5 LCG B 4 1.09 -1.10 4.82
C6 LCG B 4 1.59 -1.17 3.49
C2' LCG B 4 0.85 -3.32 8.69
O6 LCG B 4 1.88 -0.23 2.75
C4' LCG B 4 -0.54 -2.28 9.88
C1' LCG B 4 -0.22 -2.81 7.74
C2 LCG B 4 1.46 -3.60 3.80
N1 LCG B 4 1.74 -2.48 3.02
O4' LCG B 4 -1.11 -2.14 8.60
OP2 LCG B 4 -1.03 2.56 10.08
N2 LCG B 4 1.65 -4.80 3.26
N3 LCG B 4 1.01 -3.54 5.06
O2' LCG B 4 0.26 -4.39 9.44
O3' LCG B 4 1.69 -2.51 10.89
H5' LCG B 4 -2.20 -1.40 10.95
H5'' LCG B 4 -0.61 -1.29 11.73
H3' LCG B 4 1.28 -1.25 9.26
H6'1 LCG B 4 -0.45 -3.90 11.33
H6'2 LCG B 4 -1.72 -4.11 10.07
H8 LCG B 4 0.00 0.06 7.57
H2' LCG B 4 1.77 -3.57 8.16
H1' LCG B 4 -0.73 -3.65 7.30
H1 LCG B 4 1.98 -2.59 2.05
H21 LCG B 4 1.99 -4.88 2.32
H22 LCG B 4 1.45 -5.62 3.81
P LCG B 5 3.30 -2.53 10.97
OP1 LCG B 5 3.67 -2.90 12.35
O5' LCG B 5 3.77 -3.71 9.98
C5' LCG B 5 3.62 -5.09 10.24
C3' LCG B 5 5.61 -5.73 8.60
C6' LCG B 5 3.99 -7.33 9.08
N9 LCG B 5 4.46 -4.52 6.09
C8 LCG B 5 4.38 -3.32 6.71
C4 LCG B 5 4.80 -4.24 4.79
N7 LCG B 5 4.59 -2.29 5.94
C5 LCG B 5 4.84 -2.86 4.70
C6 LCG B 5 5.13 -2.23 3.44
C2' LCG B 5 5.26 -6.59 7.37
O6 LCG B 5 5.18 -1.04 3.20
C4' LCG B 5 4.12 -5.83 8.99
C1' LCG B 5 4.10 -5.83 6.71
C2 LCG B 5 5.30 -4.53 2.60
N1 LCG B 5 5.35 -3.15 2.41
O4' LCG B 5 3.32 -5.52 7.85
OP2 LCG B 5 3.79 -1.25 10.40
N2 LCG B 5 5.55 -5.31 1.55
N3 LCG B 5 5.01 -5.13 3.78
O2' LCG B 5 4.72 -7.78 7.94
O3' LCG B 5 6.61 -6.42 9.37
H5' LCG B 5 2.58 -5.35 10.47
H5'' LCG B 5 4.20 -5.38 11.12
H3' LCG B 5 5.92 -4.74 8.31
H6'1 LCG B 5 2.95 -7.64 9.06
H6'2 LCG B 5 4.50 -7.58 9.99
H8 LCG B 5 4.15 -3.30 7.77
H2' LCG B 5 6.07 -6.79 6.67
H1' LCG B 5 3.55 -6.46 6.00
H1 LCG B 5 5.52 -2.76 1.50
H21 LCG B 5 5.75 -4.88 0.65
H22 LCG B 5 5.54 -6.31 1.66
P LCG C 2 -10.28 -9.00 6.25
OP1 LCG C 2 -10.99 -10.27 6.50
O5' LCG C 2 -9.23 -9.26 5.05
C5' LCG C 2 -7.82 -9.18 5.23
C3' LCG C 2 -5.60 -9.00 3.96
C6' LCG C 2 -7.33 -10.23 2.88
N9 LCG C 2 -5.90 -6.34 2.19
C8 LCG C 2 -6.02 -5.36 3.15
C4 LCG C 2 -5.31 -5.72 1.11
N7 LCG C 2 -5.60 -4.19 2.76
C5 LCG C 2 -5.18 -4.40 1.45
C6 LCG C 2 -4.69 -3.47 0.48
C2' LCG C 2 -5.57 -8.86 2.44
O6 LCG C 2 -4.54 -2.26 0.60
C4' LCG C 2 -7.12 -9.06 3.88
C1' LCG C 2 -6.51 -7.69 2.17
C2 LCG C 2 -4.52 -5.44 -0.97
N1 LCG C 2 -4.41 -4.06 -0.74
O4' LCG C 2 -7.47 -7.86 3.21
OP2 LCG C 2 -9.58 -8.32 7.36
N2 LCG C 2 -4.13 -5.89 -2.16
N3 LCG C 2 -5.00 -6.30 -0.07
O2' LCG C 2 -6.25 -10.03 1.98
O3' LCG C 2 -4.99 -10.18 4.44
H5' LCG C 2 -7.47 -10.07 5.75
H5'' LCG C 2 -7.57 -8.30 5.82
H3' LCG C 2 -5.25 -8.10 4.47
H6'1 LCG C 2 -8.30 -10.14 2.39
H6'2 LCG C 2 -7.22 -11.19 3.39
H8 LCG C 2 -6.47 -5.53 4.12
H2' LCG C 2 -4.59 -8.73 2.01
H1' LCG C 2 -6.99 -7.84 1.20
H1 LCG C 2 -4.27 -3.49 -1.56
H21 LCG C 2 -3.79 -5.24 -2.86
H22 LCG C 2 -4.17 -6.88 -2.35
P LCG C 3 -3.44 -10.25 4.92
OP1 LCG C 3 -3.15 -11.64 5.29
O5' LCG C 3 -2.60 -9.89 3.59
C5' LCG C 3 -2.55 -10.73 2.45
C3' LCG C 3 -0.37 -9.55 1.70
C6' LCG C 3 -1.50 -10.93 0.12
N9 LCG C 3 -1.54 -6.81 0.48
C8 LCG C 3 -1.89 -6.20 1.65
C4 LCG C 3 -1.16 -5.79 -0.37
N7 LCG C 3 -1.76 -4.90 1.63
C5 LCG C 3 -1.31 -4.62 0.34
C6 LCG C 3 -1.07 -3.37 -0.30
C2' LCG C 3 -0.32 -9.02 0.27
O6 LCG C 3 -1.15 -2.25 0.21
C4' LCG C 3 -1.77 -10.05 1.36
C1' LCG C 3 -1.62 -8.25 0.15
C2 LCG C 3 -0.55 -4.73 -2.26
N1 LCG C 3 -0.72 -3.51 -1.63
O4' LCG C 3 -2.48 -8.90 1.01
OP2 LCG C 3 -3.23 -9.16 5.90
N2 LCG C 3 -0.15 -4.71 -3.53
N3 LCG C 3 -0.77 -5.92 -1.67
O2' LCG C 3 -0.48 -10.18 -0.55
O3' LCG C 3 0.59 -10.56 1.97
H5' LCG C 3 -3.55 -10.99 2.10
H5'' LCG C 3 -1.97 -11.61 2.59
H3' LCG C 3 -0.38 -8.75 2.44
H6'1 LCG C 3 -2.39 -11.03 -0.50
H6'2 LCG C 3 -1.11 -11.91 0.41
H8 LCG C 3 -2.26 -6.73 2.51
H2' LCG C 3 0.56 -8.43 0.05
H1' LCG C 3 -2.05 -8.49 -0.81
H1 LCG C 3 -0.65 -2.66 -2.17
H21 LCG C 3 0.00 -3.82 -4.00
H22 LCG C 3 0.03 -5.58 -4.00
P LCG C 4 2.15 -10.22 2.28
OP1 LCG C 4 2.85 -11.49 2.54
O5' LCG C 4 2.73 -9.60 0.90
C5' LCG C 4 2.94 -10.37 -0.27
C3' LCG C 4 4.62 -8.64 -1.13
C6' LCG C 4 3.64 -10.00 -2.78
N9 LCG C 4 2.81 -6.18 -1.37
C8 LCG C 4 2.57 -6.11 -0.02
C4 LCG C 4 2.89 -4.87 -1.79
N7 LCG C 4 2.47 -4.90 0.43
C5 LCG C 4 2.66 -4.10 -0.68
C6 LCG C 4 2.65 -2.68 -0.79
C2' LCG C 4 4.35 -7.88 -2.43
O6 LCG C 4 2.46 -1.86 0.11
C4' LCG C 4 3.34 -9.42 -1.39
C1' LCG C 4 2.92 -7.39 -2.22
C2 LCG C 4 3.10 -3.10 -3.15
N1 LCG C 4 2.89 -2.24 -2.09
O4' LCG C 4 2.31 -8.47 -1.57
OP2 LCG C 4 2.18 -9.14 3.29
N2 LCG C 4 3.32 -2.55 -4.36
N3 LCG C 4 3.12 -4.43 -3.05
O2' LCG C 4 4.29 -8.91 -3.41
O3' LCG C 4 5.80 -9.44 -1.14
H5' LCG C 4 2.03 -10.92 -0.55
H5'' LCG C 4 3.77 -11.05 -0.13
H3' LCG C 4 4.56 -8.00 -0.24
H6'1 LCG C 4 2.72 -10.27 -3.30
H6'2 LCG C 4 4.31 -10.87 -2.71
H8 LCG C 4 2.47 -6.98 0.61
H2' LCG C 4 5.03 -7.05 -2.64
H1' LCG C 4 2.44 -7.26 -3.17
H1 LCG C 4 2.88 -1.23 -2.23
H21 LCG C 4 3.33 -1.55 -4.45
H22 LCG C 4 3.49 -3.15 -5.14
P LCG C 5 7.27 -8.87 -0.79
OP1 LCG C 5 8.23 -10.00 -0.85
O5' LCG C 5 7.62 -7.85 -1.96
C5' LCG C 5 7.96 -8.21 -3.28
C3' LCG C 5 9.11 -5.89 -3.64
C6' LCG C 5 8.45 -7.03 -5.54
N9 LCG C 5 6.78 -4.11 -3.17
C8 LCG C 5 6.63 -4.69 -1.95
C4 LCG C 5 6.51 -2.78 -2.96
N7 LCG C 5 6.26 -3.88 -0.99
C5 LCG C 5 6.20 -2.66 -1.62
C6 LCG C 5 5.94 -1.38 -1.05
C2' LCG C 5 8.63 -4.94 -4.71
O6 LCG C 5 5.68 -1.13 0.12
C4' LCG C 5 8.04 -6.90 -4.09
C1' LCG C 5 7.13 -4.83 -4.42
C2 LCG C 5 6.31 -0.56 -3.34
N1 LCG C 5 6.01 -0.35 -2.01
O4' LCG C 5 6.79 -6.19 -4.19
OP2 LCG C 5 7.16 -8.09 0.47
N2 LCG C 5 6.39 0.51 -4.12
N3 LCG C 5 6.56 -1.77 -3.87
O2' LCG C 5 8.78 -5.69 -5.91
O3' LCG C 5 10.47 -6.26 -3.84
H5' LCG C 5 7.21 -8.87 -3.73
H5'' LCG C 5 8.92 -8.73 -3.30
H3' LCG C 5 8.95 -5.49 -2.63
H6'1 LCG C 5 7.64 -7.44 -6.14
H6'2 LCG C 5 9.32 -7.65 -5.52
H8 LCG C 5 6.89 -5.73 -1.85
H2' LCG C 5 9.19 -4.01 -4.66
H1' LCG C 5 6.58 -4.42 -5.28
H1 LCG C 5 5.91 0.59 -1.65
H21 LCG C 5 6.25 1.43 -3.74
H22 LCG C 5 6.64 0.40 -5.10
P LCG D 2 -6.12 -9.18 -10.77
OP1 LCG D 2 -7.56 -8.96 -11.06
O5' LCG D 2 -5.46 -7.73 -10.50
C5' LCG D 2 -4.06 -7.54 -10.35
C3' LCG D 2 -2.41 -5.63 -9.69
C6' LCG D 2 -4.20 -5.12 -11.15
N9 LCG D 2 -3.74 -4.20 -7.10
C8 LCG D 2 -3.68 -5.13 -6.10
C4 LCG D 2 -3.64 -2.99 -6.47
N7 LCG D 2 -3.58 -4.63 -4.90
C5 LCG D 2 -3.59 -3.25 -5.12
C6 LCG D 2 -3.59 -2.16 -4.19
C2' LCG D 2 -2.94 -4.21 -9.53
O6 LCG D 2 -3.56 -2.21 -2.95
C4' LCG D 2 -3.83 -6.07 -10.00
C1' LCG D 2 -4.09 -4.37 -8.52
C2 LCG D 2 -3.62 -0.74 -6.18
N1 LCG D 2 -3.65 -0.91 -4.81
O4' LCG D 2 -4.54 -5.68 -8.82
OP2 LCG D 2 -5.28 -9.86 -11.79
N2 LCG D 2 -3.57 0.50 -6.64
N3 LCG D 2 -3.64 -1.76 -7.06
O2' LCG D 2 -3.56 -3.91 -10.77
O3' LCG D 2 -1.51 -5.80 -10.77
H5' LCG D 2 -3.57 -7.76 -11.30
H5'' LCG D 2 -3.67 -8.18 -9.56
H3' LCG D 2 -2.03 -6.04 -8.75
H6'1 LCG D 2 -3.78 -5.48 -12.10
H6'2 LCG D 2 -5.28 -5.02 -11.24
H8 LCG D 2 -3.74 -6.19 -6.29
H2' LCG D 2 -2.20 -3.47 -9.21
H1' LCG D 2 -4.88 -3.65 -8.77
H1 LCG D 2 -3.82 -0.10 -4.23
H21 LCG D 2 -3.58 1.29 -6.00
H22 LCG D 2 -3.55 0.66 -7.64
P LCG D 3 0.09 -5.67 -10.61
OP1 LCG D 3 0.70 -5.87 -11.95
O5' LCG D 3 0.36 -4.16 -10.16
C5' LCG D 3 0.08 -3.05 -11.01
C3' LCG D 3 1.65 -1.58 -9.56
C6' LCG D 3 0.21 -0.49 -11.11
N9 LCG D 3 -0.23 -0.95 -7.02
C8 LCG D 3 -0.23 -2.18 -6.41
C4 LCG D 3 -0.26 -0.05 -6.00
N7 LCG D 3 -0.27 -2.13 -5.11
C5 LCG D 3 -0.31 -0.77 -4.83
C6 LCG D 3 -0.43 -0.09 -3.58
C2' LCG D 3 1.11 -0.25 -9.07
O6 LCG D 3 -0.48 -0.58 -2.46
C4' LCG D 3 0.31 -1.78 -10.25
C1' LCG D 3 -0.23 -0.65 -8.46
C2 LCG D 3 -0.41 1.95 -4.94
N1 LCG D 3 -0.53 1.30 -3.73
O4' LCG D 3 -0.62 -1.76 -9.20
OP2 LCG D 3 0.50 -6.55 -9.48
N2 LCG D 3 -0.43 3.28 -4.92
N3 LCG D 3 -0.28 1.32 -6.11
O2' LCG D 3 0.80 0.48 -10.25
O3' LCG D 3 2.78 -1.45 -10.42
H5' LCG D 3 -0.94 -3.09 -11.39
H5'' LCG D 3 0.78 -2.93 -11.81
H3' LCG D 3 1.81 -2.30 -8.75
H6'1 LCG D 3 -0.83 -0.26 -11.34
H6'2 LCG D 3 0.80 -0.59 -12.02
H8 LCG D 3 -0.24 -3.12 -6.97
H2' LCG D 3 1.76 0.28 -8.37
H1' LCG D 3 -0.94 0.08 -8.78
H1 LCG D 3 -0.76 1.82 -2.90
H21 LCG D 3 -0.53 3.78 -4.05
H22 LCG D 3 -0.31 3.78 -5.79
P LCG D 4 4.27 -1.21 -9.87
OP1 LCG D 4 5.18 -1.11 -11.03
O5' LCG D 4 4.22 0.24 -9.15
C5' LCG D 4 4.11 1.46 -9.88
C3' LCG D 4 5.20 2.73 -7.93
C6' LCG D 4 3.88 4.04 -9.39
N9 LCG D 4 3.13 2.27 -5.71
C8 LCG D 4 3.30 0.90 -5.65
C4 LCG D 4 2.92 2.68 -4.42
N7 LCG D 4 3.19 0.42 -4.45
C5 LCG D 4 2.96 1.53 -3.64
C6 LCG D 4 2.74 1.63 -2.24
C2' LCG D 4 4.42 3.82 -7.20
O6 LCG D 4 2.75 0.72 -1.42
C4' LCG D 4 4.00 2.59 -8.87
C1' LCG D 4 3.09 3.13 -6.91
C2 LCG D 4 2.47 4.02 -2.67
N1 LCG D 4 2.48 2.94 -1.82
O4' LCG D 4 2.86 2.37 -8.06
OP2 LCG D 4 4.53 -2.21 -8.82
N2 LCG D 4 2.20 5.22 -2.17
N3 LCG D 4 2.70 3.94 -4.00
O2' LCG D 4 4.17 4.79 -8.20
O3' LCG D 4 6.37 3.18 -8.59
H5' LCG D 4 3.25 1.45 -10.53
H5'' LCG D 4 5.02 1.65 -10.43
H3' LCG D 4 5.36 1.84 -7.32
H6'1 LCG D 4 2.87 4.24 -9.76
H6'2 LCG D 4 4.63 4.24 -10.16
H8 LCG D 4 3.49 0.30 -6.53
H2' LCG D 4 4.89 4.19 -6.29
H1' LCG D 4 2.32 3.89 -6.83
H1 LCG D 4 2.23 3.05 -0.84
H21 LCG D 4 2.04 5.33 -1.17
H22 LCG D 4 2.17 6.03 -2.78
P LCG D 5 7.79 3.39 -7.85
OP1 LCG D 5 8.77 3.83 -8.87
O5' LCG D 5 7.55 4.59 -6.81
C5' LCG D 5 7.41 5.95 -7.18
C3' LCG D 5 8.15 6.82 -4.77
C6' LCG D 5 6.81 8.19 -6.10
N9 LCG D 5 6.03 5.41 -3.17
C8 LCG D 5 6.44 4.20 -3.68
C4 LCG D 5 5.69 5.14 -1.86
N7 LCG D 5 6.39 3.21 -2.84
C5 LCG D 5 5.92 3.79 -1.67
C6 LCG D 5 5.65 3.19 -0.40
C2' LCG D 5 7.11 7.58 -3.94
O6 LCG D 5 5.80 2.01 -0.09
C4' LCG D 5 7.09 6.73 -5.89
C1' LCG D 5 5.89 6.66 -3.95
C2 LCG D 5 4.96 5.44 0.25
N1 LCG D 5 5.15 4.10 0.54
O4' LCG D 5 5.87 6.28 -5.32
OP2 LCG D 5 8.07 2.17 -7.06
N2 LCG D 5 4.53 6.23 1.24
N3 LCG D 5 5.23 6.02 -0.94
O2' LCG D 5 6.78 8.70 -4.77
O3' LCG D 5 9.31 7.68 -4.94
H5' LCG D 5 6.62 6.09 -7.91
H5'' LCG D 5 8.32 6.33 -7.64
H3' LCG D 5 8.41 5.88 -4.31
H6'1 LCG D 5 7.64 8.57 -6.66
H6'2 LCG D 5 5.84 8.30 -6.60
H8 LCG D 5 6.75 4.17 -4.72
H2' LCG D 5 7.41 7.88 -2.94
H1' LCG D 5 4.98 7.18 -3.67
H1 LCG D 5 4.94 3.70 1.44
H21 LCG D 5 4.33 5.82 2.15
H22 LCG D 5 4.44 7.22 1.09
P LCG A 2 -8.16 7.58 -9.89
OP1 LCG A 2 -9.63 7.61 -9.76
O5' LCG A 2 -7.56 7.94 -8.44
C5' LCG A 2 -6.19 8.25 -8.23
C3' LCG A 2 -4.49 8.41 -6.24
C6' LCG A 2 -6.60 9.45 -5.99
N9 LCG A 2 -5.14 5.80 -4.54
C8 LCG A 2 -4.70 4.85 -5.43
C4 LCG A 2 -5.03 5.21 -3.31
N7 LCG A 2 -4.38 3.71 -4.89
C5 LCG A 2 -4.61 3.92 -3.53
C6 LCG A 2 -4.56 3.00 -2.43
C2' LCG A 2 -5.02 8.34 -4.82
O6 LCG A 2 -4.25 1.81 -2.46
C4' LCG A 2 -5.93 8.28 -6.72
C1' LCG A 2 -5.86 7.06 -4.81
C2 LCG A 2 -5.29 4.91 -1.09
N1 LCG A 2 -4.96 3.57 -1.23
O4' LCG A 2 -6.38 7.07 -6.13
OP2 LCG A 2 -7.51 8.47 -10.88
N2 LCG A 2 -5.59 5.35 0.13
N3 LCG A 2 -5.36 5.78 -2.11
O2' LCG A 2 -5.94 9.41 -4.72
O3' LCG A 2 -3.85 9.66 -6.53
H5' LCG A 2 -5.98 9.24 -8.64
H5'' LCG A 2 -5.55 7.50 -8.70
H3' LCG A 2 -3.87 7.55 -6.51
H6'1 LCG A 2 -6.38 10.40 -6.49
H6'2 LCG A 2 -7.68 9.29 -5.91
H8 LCG A 2 -4.66 5.02 -6.50
H2' LCG A 2 -4.26 8.33 -4.05
H1' LCG A 2 -6.67 7.17 -4.08
H1 LCG A 2 -5.17 2.94 -0.46
H21 LCG A 2 -5.59 4.73 0.91
H22 LCG A 2 -5.84 6.32 0.25
P LCG A 3 -2.28 9.91 -6.25
OP1 LCG A 3 -2.01 11.34 -6.54
O5' LCG A 3 -2.05 9.68 -4.66
C5' LCG A 3 -2.57 10.55 -3.67
C3' LCG A 3 -0.83 9.65 -1.96
C6' LCG A 3 -2.67 10.90 -1.13
N9 LCG A 3 -2.09 6.81 -1.30
C8 LCG A 3 -1.75 6.25 -2.50
C4 LCG A 3 -2.05 5.80 -0.38
N7 LCG A 3 -1.49 4.97 -2.43
C5 LCG A 3 -1.70 4.66 -1.08
C6 LCG A 3 -1.62 3.41 -0.41
C2' LCG A 3 -1.36 9.14 -0.63
O6 LCG A 3 -1.32 2.31 -0.88
C4' LCG A 3 -2.28 9.99 -2.31
C1' LCG A 3 -2.49 8.21 -1.05
C2 LCG A 3 -2.28 4.69 1.57
N1 LCG A 3 -1.98 3.50 0.94
O4' LCG A 3 -2.97 8.77 -2.22
OP2 LCG A 3 -1.52 8.87 -6.97
N2 LCG A 3 -2.54 4.64 2.87
N3 LCG A 3 -2.33 5.87 0.95
O2' LCG A 3 -2.00 10.27 -0.05
O3' LCG A 3 0.05 10.76 -1.82
H5' LCG A 3 -3.64 10.71 -3.79
H5'' LCG A 3 -2.06 11.47 -3.60
H3' LCG A 3 -0.42 8.85 -2.59
H6'1 LCG A 3 -2.27 11.90 -1.30
H6'2 LCG A 3 -3.75 10.92 -0.98
H8 LCG A 3 -1.71 6.83 -3.41
H2' LCG A 3 -0.61 8.67 0.00
H1' LCG A 3 -3.31 8.37 -0.39
H1 LCG A 3 -2.05 2.62 1.44
H21 LCG A 3 -2.53 3.75 3.36
H22 LCG A 3 -2.75 5.49 3.36
P LCG A 4 1.60 10.60 -1.36
OP1 LCG A 4 2.21 11.94 -1.32
O5' LCG A 4 1.55 10.04 0.16
C5' LCG A 4 1.14 10.81 1.27
C3' LCG A 4 2.40 9.26 2.89
C6' LCG A 4 0.62 10.51 3.83
N9 LCG A 4 0.94 6.64 2.35
C8 LCG A 4 1.36 6.56 1.04
C4 LCG A 4 0.94 5.33 2.80
N7 LCG A 4 1.60 5.35 0.63
C5 LCG A 4 1.34 4.56 1.73
C6 LCG A 4 1.43 3.14 1.88
C2' LCG A 4 1.62 8.47 3.94
O6 LCG A 4 1.78 2.32 1.03
C4' LCG A 4 1.07 9.90 2.49
C1' LCG A 4 0.51 7.83 3.11
C2 LCG A 4 0.66 3.56 4.17
N1 LCG A 4 1.07 2.70 3.16
O4' LCG A 4 0.17 8.86 2.21
OP2 LCG A 4 2.21 9.54 -2.20
N2 LCG A 4 0.32 3.02 5.34
N3 LCG A 4 0.59 4.90 4.03
O2' LCG A 4 1.01 9.47 4.75
O3' LCG A 4 3.35 10.19 3.42
H5' LCG A 4 0.16 11.27 1.09
H5'' LCG A 4 1.87 11.58 1.50
H3' LCG A 4 2.82 8.64 2.11
H6'1 LCG A 4 1.16 11.43 4.04
H6'2 LCG A 4 -0.45 10.67 3.86
H8 LCG A 4 1.47 7.42 0.40
H2' LCG A 4 2.20 7.73 4.49
H1' LCG A 4 -0.33 7.63 3.74
H1 LCG A 4 1.14 1.70 3.32
H21 LCG A 4 0.38 2.03 5.46
H22 LCG A 4 0.02 3.62 6.08
P LCG A 5 4.85 9.78 3.84
OP1 LCG A 5 5.54 11.01 4.30
O5' LCG A 5 4.70 8.80 5.10
C5' LCG A 5 4.34 9.20 6.41
C3' LCG A 5 5.42 7.04 7.39
C6' LCG A 5 3.79 8.07 8.68
N9 LCG A 5 3.78 4.98 5.96
C8 LCG A 5 4.16 5.56 4.78
C4 LCG A 5 3.77 3.63 5.71
N7 LCG A 5 4.35 4.73 3.80
C5 LCG A 5 4.13 3.49 4.38
C6 LCG A 5 4.27 2.20 3.80
C2' LCG A 5 4.59 6.03 8.15
O6 LCG A 5 4.61 1.94 2.65
C4' LCG A 5 4.16 7.90 7.22
C1' LCG A 5 3.42 5.73 7.19
C2 LCG A 5 3.65 1.40 6.04
N1 LCG A 5 4.02 1.18 4.72
O4' LCG A 5 3.11 7.05 6.75
OP2 LCG A 5 5.44 8.99 2.74
N2 LCG A 5 3.49 0.33 6.81
N3 LCG A 5 3.51 2.62 6.58
O2' LCG A 5 4.07 6.79 9.24
O3' LCG A 5 6.47 7.58 8.19
H5' LCG A 5 3.40 9.77 6.41
H5'' LCG A 5 5.11 9.83 6.84
H3' LCG A 5 5.80 6.62 6.45
H6'1 LCG A 5 4.45 8.83 9.09
H6'2 LCG A 5 2.74 8.33 8.75
H8 LCG A 5 4.32 6.62 4.76
H2' LCG A 5 5.20 5.17 8.44
H1' LCG A 5 2.59 5.26 7.70
H1 LCG A 5 4.21 0.23 4.41
H21 LCG A 5 3.65 -0.60 6.43
H22 LCG A 5 3.26 0.45 7.79
P LCG B 2 -9.17 8.18 3.80
OP1 LCG B 2 -9.43 9.22 4.82
O5' LCG B 2 -8.72 6.82 4.57
C5' LCG B 2 -9.35 6.40 5.77
C3' LCG B 2 -7.71 4.52 6.54
C6' LCG B 2 -9.98 4.22 7.07
N9 LCG B 2 -7.52 2.85 3.99
C8 LCG B 2 -6.95 3.85 3.24
C4 LCG B 2 -6.98 1.68 3.51
N7 LCG B 2 -6.16 3.40 2.29
C5 LCG B 2 -6.19 2.03 2.43
C6 LCG B 2 -5.58 1.01 1.64
C2' LCG B 2 -8.15 3.06 6.43
O6 LCG B 2 -4.90 1.15 0.62
C4' LCG B 2 -9.09 4.90 6.02
C1' LCG B 2 -8.62 2.95 4.98
C2 LCG B 2 -6.59 -0.53 3.25
N1 LCG B 2 -5.85 -0.28 2.11
O4' LCG B 2 -9.29 4.18 4.81
OP2 LCG B 2 -8.18 8.44 2.72
N2 LCG B 2 -6.69 -1.80 3.63
N3 LCG B 2 -7.21 0.42 3.98
O2' LCG B 2 -9.30 2.98 7.26
O3' LCG B 2 -7.37 4.91 7.86
H5' LCG B 2 -10.43 6.56 5.68
H5'' LCG B 2 -8.95 6.97 6.60
H3' LCG B 2 -6.92 4.77 5.85
H6'1 LCG B 2 -10.00 4.80 8.00
H6'2 LCG B 2 -11.00 4.07 6.68
H8 LCG B 2 -7.15 4.90 3.39
H2' LCG B 2 -7.38 2.33 6.67
H1' LCG B 2 -9.29 2.10 4.87
H1 LCG B 2 -5.60 -1.05 1.51
H21 LCG B 2 -6.25 -2.54 3.10
H22 LCG B 2 -7.23 -2.02 4.47
P LCG B 3 -5.87 4.72 8.47
OP1 LCG B 3 -5.51 6.01 9.11
O5' LCG B 3 -5.97 3.62 9.66
C5' LCG B 3 -6.37 2.27 9.49
C3' LCG B 3 -3.85 1.53 8.96
C6' LCG B 3 -5.49 -0.09 9.50
N9 LCG B 3 -3.99 0.72 5.75
C8 LCG B 3 -3.92 1.94 5.15
C4 LCG B 3 -3.36 -0.14 4.88
N7 LCG B 3 -3.28 1.96 4.02
C5 LCG B 3 -2.93 0.63 3.82
C6 LCG B 3 -2.27 0.01 2.71
C2' LCG B 3 -3.69 0.21 8.22
O6 LCG B 3 -1.82 0.54 1.71
C4' LCG B 3 -5.36 1.31 8.87
C1' LCG B 3 -4.63 0.34 7.01
C2 LCG B 3 -2.63 -2.07 3.96
N1 LCG B 3 -2.20 -1.38 2.84
O4' LCG B 3 -5.56 1.27 7.48
OP2 LCG B 3 -5.00 4.19 7.41
N2 LCG B 3 -2.45 -3.39 3.96
N3 LCG B 3 -3.21 -1.49 5.02
O2' LCG B 3 -4.31 -0.75 9.05
O3' LCG B 3 -3.32 1.52 10.29
H5' LCG B 3 -7.32 2.23 8.95
H5'' LCG B 3 -6.57 1.82 10.45
H3' LCG B 3 -3.52 2.38 8.38
H6'1 LCG B 3 -6.38 -0.61 9.13
H6'2 LCG B 3 -5.49 -0.05 10.59
H8 LCG B 3 -4.38 2.83 5.57
H2' LCG B 3 -2.66 -0.03 7.94
H1' LCG B 3 -5.20 -0.58 6.95
H1 LCG B 3 -1.91 -1.90 2.02
H21 LCG B 3 -2.03 -3.86 3.17
H22 LCG B 3 -2.74 -3.92 4.77
P LCG B 4 -1.73 1.63 10.57
OP1 LCG B 4 -1.52 1.64 12.03
O5' LCG B 4 -1.12 0.25 9.99
C5' LCG B 4 -1.35 -1.01 10.60
C3' LCG B 4 0.74 -2.05 9.54
C6' LCG B 4 -0.96 -3.56 10.16
N9 LCG B 4 0.07 -1.81 6.55
C8 LCG B 4 0.09 -0.44 6.52
C4 LCG B 4 0.60 -2.21 5.35
N7 LCG B 4 0.54 0.06 5.42
C5 LCG B 4 0.88 -1.05 4.65
C6 LCG B 4 1.42 -1.13 3.33
C2' LCG B 4 0.61 -3.20 8.57
O6 LCG B 4 1.73 -0.19 2.60
C4' LCG B 4 -0.78 -2.11 9.72
C1' LCG B 4 -0.46 -2.71 7.59
C2 LCG B 4 1.29 -3.56 3.67
N1 LCG B 4 1.58 -2.45 2.90
O4' LCG B 4 -1.35 -2.00 8.43
OP2 LCG B 4 -1.19 2.73 9.75
N2 LCG B 4 1.47 -4.76 3.13
N3 LCG B 4 0.79 -3.48 4.92
O2' LCG B 4 -0.01 -4.24 9.33
O3' LCG B 4 1.44 -2.34 10.74
H5' LCG B 4 -2.43 -1.17 10.75
H5'' LCG B 4 -0.82 -1.08 11.54
H3' LCG B 4 1.07 -1.12 9.07
H6'1 LCG B 4 -0.70 -3.68 11.22
H6'2 LCG B 4 -1.97 -3.92 9.96
H8 LCG B 4 -0.27 0.16 7.36
H2' LCG B 4 1.52 -3.48 8.05
H1' LCG B 4 -0.97 -3.56 7.17
H1 LCG B 4 1.87 -2.58 1.93
H21 LCG B 4 1.83 -4.84 2.20
H22 LCG B 4 1.24 -5.58 3.68
P LCG B 5 3.04 -2.40 10.84
OP1 LCG B 5 3.41 -2.76 12.23
O5' LCG B 5 3.48 -3.62 9.88
C5' LCG B 5 3.29 -4.99 10.19
C3' LCG B 5 5.23 -5.80 8.63
C6' LCG B 5 3.50 -7.29 9.09
N9 LCG B 5 4.29 -4.62 6.06
C8 LCG B 5 4.20 -3.40 6.65
C4 LCG B 5 4.67 -4.36 4.75
N7 LCG B 5 4.44 -2.38 5.86
C5 LCG B 5 4.74 -2.98 4.64
C6 LCG B 5 5.07 -2.38 3.40
C2' LCG B 5 4.94 -6.71 7.44
O6 LCG B 5 5.15 -1.18 3.14
C4' LCG B 5 3.73 -5.80 8.95
C1' LCG B 5 3.85 -5.90 6.69
C2 LCG B 5 5.25 -4.68 2.59
N1 LCG B 5 5.29 -3.30 2.38
O4' LCG B 5 3.01 -5.51 7.75
OP2 LCG B 5 3.59 -1.16 10.23
N2 LCG B 5 5.59 -5.46 1.57
N3 LCG B 5 4.93 -5.25 3.76
O2' LCG B 5 4.29 -7.84 8.03
O3' LCG B 5 5.99 -6.37 9.72
H5' LCG B 5 2.24 -5.20 10.44
H5'' LCG B 5 3.88 -5.26 11.06
H3' LCG B 5 5.63 -4.84 8.29
H6'1 LCG B 5 2.44 -7.55 9.00
H6'2 LCG B 5 3.90 -7.53 10.05
H8 LCG B 5 3.92 -3.33 7.69
H2' LCG B 5 5.79 -6.98 6.82
H1' LCG B 5 3.32 -6.52 5.96
H1 LCG B 5 5.49 -2.91 1.46
H21 LCG B 5 5.83 -5.05 0.68
H22 LCG B 5 5.61 -6.46 1.70
P LCG C 2 -10.11 -9.67 5.72
OP1 LCG C 2 -11.40 -10.00 5.10
O5' LCG C 2 -9.00 -9.68 4.54
C5' LCG C 2 -7.61 -9.59 4.80
C3' LCG C 2 -5.41 -9.17 3.45
C6' LCG C 2 -7.04 -10.58 2.46
N9 LCG C 2 -5.99 -6.58 1.75
C8 LCG C 2 -6.17 -5.62 2.72
C4 LCG C 2 -5.40 -5.93 0.70
N7 LCG C 2 -5.81 -4.43 2.35
C5 LCG C 2 -5.33 -4.61 1.05
C6 LCG C 2 -4.87 -3.64 0.09
C2' LCG C 2 -5.46 -9.06 1.94
O6 LCG C 2 -4.80 -2.43 0.22
C4' LCG C 2 -6.91 -9.40 3.44
C1' LCG C 2 -6.50 -7.97 1.72
C2 LCG C 2 -4.54 -5.60 -1.35
N1 LCG C 2 -4.51 -4.23 -1.12
O4' LCG C 2 -7.40 -8.23 2.79
OP2 LCG C 2 -9.60 -10.54 6.82
N2 LCG C 2 -4.10 -6.02 -2.53
N3 LCG C 2 -5.01 -6.49 -0.48
O2' LCG C 2 -6.04 -10.28 1.50
O3' LCG C 2 -4.61 -10.24 3.93
H5' LCG C 2 -7.24 -10.49 5.27
H5'' LCG C 2 -7.40 -8.72 5.43
H3' LCG C 2 -5.15 -8.22 3.94
H6'1 LCG C 2 -8.03 -10.60 2.02
H6'2 LCG C 2 -6.82 -11.52 2.97
H8 LCG C 2 -6.61 -5.83 3.68
H2' LCG C 2 -4.51 -8.82 1.47
H1' LCG C 2 -7.00 -8.15 0.76
H1 LCG C 2 -4.33 -3.59 -1.90
H21 LCG C 2 -3.75 -5.38 -3.22
H22 LCG C 2 -4.11 -7.02 -2.73
P LCG C 3 -2.99 -10.14 4.03
OP1 LCG C 3 -2.62 -10.60 5.39
O5' LCG C 3 -2.41 -11.25 2.98
C5' LCG C 3 -2.59 -11.20 1.58
C3' LCG C 3 -0.35 -9.77 1.35
C6' LCG C 3 -1.24 -10.88 -0.54
N9 LCG C 3 -1.48 -6.83 0.27
C8 LCG C 3 -1.98 -6.27 1.41
C4 LCG C 3 -1.09 -5.77 -0.51
N7 LCG C 3 -1.97 -4.96 1.42
C5 LCG C 3 -1.42 -4.63 0.19
C6 LCG C 3 -1.22 -3.35 -0.42
C2' LCG C 3 -0.16 -9.01 0.04
O6 LCG C 3 -1.46 -2.25 0.06
C4' LCG C 3 -1.69 -10.24 0.81
C1' LCG C 3 -1.48 -8.25 -0.14
C2 LCG C 3 -0.35 -4.63 -2.31
N1 LCG C 3 -0.71 -3.44 -1.71
O4' LCG C 3 -2.37 -9.04 0.59
OP2 LCG C 3 -2.58 -8.80 3.58
N2 LCG C 3 0.25 -4.56 -3.49
N3 LCG C 3 -0.53 -5.84 -1.75
O2' LCG C 3 -0.18 -10.02 -0.95
O3' LCG C 3 0.61 -10.79 1.59
H5' LCG C 3 -3.64 -11.00 1.35
H5'' LCG C 3 -2.37 -12.16 1.14
H3' LCG C 3 -0.47 -9.10 2.21
H6'1 LCG C 3 -2.06 -10.87 -1.27
H6'2 LCG C 3 -0.85 -11.89 -0.40
H8 LCG C 3 -2.39 -6.84 2.23
H2' LCG C 3 0.71 -8.36 0.01
H1' LCG C 3 -1.79 -8.40 -1.17
H1 LCG C 3 -0.64 -2.57 -2.22
H21 LCG C 3 0.37 -3.66 -3.94
H22 LCG C 3 0.67 -5.39 -3.88
P LCG C 4 2.11 -10.47 2.08
OP1 LCG C 4 2.80 -11.76 2.33
O5' LCG C 4 2.82 -9.79 0.81
C5' LCG C 4 3.12 -10.49 -0.38
C3' LCG C 4 4.84 -8.72 -1.12
C6' LCG C 4 3.91 -10.05 -2.84
N9 LCG C 4 3.05 -6.24 -1.40
C8 LCG C 4 2.77 -6.17 -0.06
C4 LCG C 4 3.10 -4.94 -1.83
N7 LCG C 4 2.59 -4.97 0.38
C5 LCG C 4 2.79 -4.17 -0.74
C6 LCG C 4 2.70 -2.75 -0.88
C2' LCG C 4 4.62 -7.95 -2.41
O6 LCG C 4 2.42 -1.93 -0.01
C4' LCG C 4 3.57 -9.50 -1.44
C1' LCG C 4 3.18 -7.45 -2.25
C2 LCG C 4 3.29 -3.18 -3.21
N1 LCG C 4 2.98 -2.32 -2.17
O4' LCG C 4 2.55 -8.54 -1.63
OP2 LCG C 4 2.05 -9.46 3.16
N2 LCG C 4 3.52 -2.64 -4.41
N3 LCG C 4 3.38 -4.51 -3.09
O2' LCG C 4 4.60 -8.95 -3.43
O3' LCG C 4 6.02 -9.52 -1.09
H5' LCG C 4 2.25 -11.05 -0.74
H5'' LCG C 4 3.95 -11.17 -0.22
H3' LCG C 4 4.74 -8.11 -0.22
H6'1 LCG C 4 3.01 -10.30 -3.40
H6'2 LCG C 4 4.58 -10.92 -2.76
H8 LCG C 4 2.70 -7.05 0.57
H2' LCG C 4 5.31 -7.13 -2.59
H1' LCG C 4 2.74 -7.32 -3.22
H1 LCG C 4 2.95 -1.32 -2.32
H21 LCG C 4 3.47 -1.64 -4.53
H22 LCG C 4 3.76 -3.24 -5.18
P LCG C 5 7.47 -8.96 -0.67
OP1 LCG C 5 8.44 -10.08 -0.72
O5' LCG C 5 7.88 -7.92 -1.83
C5' LCG C 5 8.26 -8.29 -3.15
C3' LCG C 5 9.39 -5.94 -3.45
C6' LCG C 5 8.83 -7.10 -5.38
N9 LCG C 5 7.00 -4.20 -3.09
C8 LCG C 5 6.84 -4.78 -1.87
C4 LCG C 5 6.68 -2.89 -2.91
N7 LCG C 5 6.39 -3.99 -0.94
C5 LCG C 5 6.31 -2.77 -1.58
C6 LCG C 5 5.97 -1.50 -1.04
C2' LCG C 5 8.93 -5.01 -4.54
O6 LCG C 5 5.67 -1.24 0.13
C4' LCG C 5 8.35 -6.97 -3.95
C1' LCG C 5 7.42 -4.92 -4.33
C2 LCG C 5 6.40 -0.68 -3.31
N1 LCG C 5 6.06 -0.48 -1.99
O4' LCG C 5 7.11 -6.29 -4.10
OP2 LCG C 5 7.32 -8.18 0.58
N2 LCG C 5 6.45 0.39 -4.11
N3 LCG C 5 6.72 -1.88 -3.83
O2' LCG C 5 9.15 -5.76 -5.74
O3' LCG C 5 10.76 -6.31 -3.59
H5' LCG C 5 7.53 -8.96 -3.61
H5'' LCG C 5 9.22 -8.79 -3.13
H3' LCG C 5 9.18 -5.55 -2.46
H6'1 LCG C 5 8.05 -7.54 -6.01
H6'2 LCG C 5 9.71 -7.71 -5.32
H8 LCG C 5 7.14 -5.81 -1.74
H2' LCG C 5 9.47 -4.07 -4.48
H1' LCG C 5 6.90 -4.53 -5.20
H1 LCG C 5 5.96 0.48 -1.64
H21 LCG C 5 6.26 1.31 -3.74
H22 LCG C 5 6.73 0.27 -5.07
P LCG D 2 -4.45 -9.20 -6.75
OP1 LCG D 2 -4.27 -10.29 -7.73
O5' LCG D 2 -3.99 -7.82 -7.45
C5' LCG D 2 -4.27 -7.54 -8.82
C3' LCG D 2 -2.65 -5.50 -9.13
C6' LCG D 2 -4.61 -5.49 -10.42
N9 LCG D 2 -3.66 -3.70 -6.78
C8 LCG D 2 -3.31 -4.60 -5.81
C4 LCG D 2 -3.70 -2.48 -6.15
N7 LCG D 2 -3.22 -4.08 -4.62
C5 LCG D 2 -3.50 -2.74 -4.81
C6 LCG D 2 -3.63 -1.67 -3.86
C2' LCG D 2 -3.23 -4.11 -9.27
O6 LCG D 2 -3.57 -1.76 -2.64
C4' LCG D 2 -4.09 -6.04 -9.09
C1' LCG D 2 -4.22 -4.00 -8.12
C2 LCG D 2 -3.97 -0.26 -5.83
N1 LCG D 2 -3.87 -0.44 -4.46
O4' LCG D 2 -4.77 -5.30 -8.10
OP2 LCG D 2 -3.80 -9.29 -5.43
N2 LCG D 2 -4.06 0.98 -6.27
N3 LCG D 2 -3.94 -1.27 -6.72
O2' LCG D 2 -4.01 -4.20 -10.47
O3' LCG D 2 -1.88 -5.89 -10.27
H5' LCG D 2 -5.29 -7.81 -9.05
H5'' LCG D 2 -3.57 -8.10 -9.43
H3' LCG D 2 -2.10 -5.66 -8.21
H6'1 LCG D 2 -4.26 -6.10 -11.26
H6'2 LCG D 2 -5.70 -5.43 -10.42
H8 LCG D 2 -3.19 -5.66 -6.00
H2' LCG D 2 -2.50 -3.32 -9.28
H1' LCG D 2 -5.00 -3.26 -8.36
H1 LCG D 2 -4.07 0.32 -3.83
H21 LCG D 2 -4.06 1.76 -5.61
H22 LCG D 2 -4.10 1.16 -7.27
P LCG D 3 -0.27 -5.75 -10.33
OP1 LCG D 3 0.15 -5.99 -11.73
O5' LCG D 3 0.05 -4.21 -9.98
C5' LCG D 3 -0.21 -3.13 -10.86
C3' LCG D 3 1.44 -1.67 -9.50
C6' LCG D 3 0.01 -0.58 -11.07
N9 LCG D 3 -0.35 -0.88 -6.96
C8 LCG D 3 -0.31 -2.10 -6.34
C4 LCG D 3 -0.39 0.05 -5.95
N7 LCG D 3 -0.32 -2.04 -5.04
C5 LCG D 3 -0.39 -0.68 -4.78
C6 LCG D 3 -0.50 0.01 -3.52
C2' LCG D 3 0.97 -0.30 -9.05
O6 LCG D 3 -0.51 -0.48 -2.39
C4' LCG D 3 0.07 -1.83 -10.17
C1' LCG D 3 -0.38 -0.61 -8.41
C2 LCG D 3 -0.54 2.04 -4.90
N1 LCG D 3 -0.63 1.39 -3.68
O4' LCG D 3 -0.83 -1.73 -9.11
OP2 LCG D 3 0.29 -6.58 -9.25
N2 LCG D 3 -0.57 3.37 -4.88
N3 LCG D 3 -0.43 1.40 -6.08
O2' LCG D 3 0.66 0.39 -10.25
O3' LCG D 3 2.55 -1.61 -10.40
H5' LCG D 3 -1.24 -3.15 -11.22
H5'' LCG D 3 0.47 -3.07 -11.67
H3' LCG D 3 1.59 -2.36 -8.68
H6'1 LCG D 3 -1.02 -0.31 -11.29
H6'2 LCG D 3 0.58 -0.74 -11.99
H8 LCG D 3 -0.29 -3.04 -6.89
H2' LCG D 3 1.65 0.22 -8.38
H1' LCG D 3 -1.08 0.14 -8.74
H1 LCG D 3 -0.87 1.92 -2.86
H21 LCG D 3 -0.66 3.87 -4.01
H22 LCG D 3 -0.46 3.87 -5.75
P LCG D 4 4.07 -1.39 -9.88
OP1 LCG D 4 4.95 -1.37 -11.06
O5' LCG D 4 4.08 0.06 -9.20
C5' LCG D 4 4.00 1.27 -9.94
C3' LCG D 4 5.13 2.55 -8.03
C6' LCG D 4 3.83 3.87 -9.49
N9 LCG D 4 3.08 2.14 -5.79
C8 LCG D 4 3.24 0.78 -5.72
C4 LCG D 4 2.92 2.56 -4.50
N7 LCG D 4 3.17 0.31 -4.50
C5 LCG D 4 2.96 1.43 -3.71
C6 LCG D 4 2.77 1.54 -2.30
C2' LCG D 4 4.39 3.66 -7.31
O6 LCG D 4 2.80 0.63 -1.48
C4' LCG D 4 3.92 2.43 -8.95
C1' LCG D 4 3.05 3.00 -6.99
C2 LCG D 4 2.52 3.93 -2.75
N1 LCG D 4 2.53 2.85 -1.89
O4' LCG D 4 2.79 2.24 -8.13
OP2 LCG D 4 4.32 -2.38 -8.80
N2 LCG D 4 2.26 5.14 -2.25
N3 LCG D 4 2.72 3.84 -4.08
O2' LCG D 4 4.14 4.63 -8.32
O3' LCG D 4 6.32 2.97 -8.70
H5' LCG D 4 3.13 1.27 -10.59
H5'' LCG D 4 4.91 1.43 -10.51
H3' LCG D 4 5.28 1.65 -7.42
H6'1 LCG D 4 2.83 4.09 -9.85
H6'2 LCG D 4 4.58 4.05 -10.27
H8 LCG D 4 3.41 0.16 -6.59
H2' LCG D 4 4.88 4.02 -6.40
H1' LCG D 4 2.31 3.78 -6.90
H1 LCG D 4 2.26 2.98 -0.93
H21 LCG D 4 2.10 5.25 -1.26
H22 LCG D 4 2.24 5.93 -2.86
P LCG D 5 7.71 3.22 -7.94
OP1 LCG D 5 8.71 3.65 -8.93
O5' LCG D 5 7.44 4.45 -6.93
C5' LCG D 5 7.30 5.81 -7.33
C3' LCG D 5 7.97 6.87 -4.97
C6' LCG D 5 6.46 8.03 -6.32
N9 LCG D 5 6.03 5.30 -3.26
C8 LCG D 5 6.47 4.10 -3.76
C4 LCG D 5 5.76 5.06 -1.93
N7 LCG D 5 6.46 3.13 -2.91
C5 LCG D 5 6.00 3.71 -1.74
C6 LCG D 5 5.74 3.11 -0.46
C2' LCG D 5 6.88 7.54 -4.14
O6 LCG D 5 5.89 1.95 -0.13
C4' LCG D 5 6.91 6.61 -6.06
C1' LCG D 5 5.76 6.50 -4.08
C2 LCG D 5 5.10 5.39 0.21
N1 LCG D 5 5.27 4.03 0.48
O4' LCG D 5 5.74 6.07 -5.44
OP2 LCG D 5 7.98 2.03 -7.09
N2 LCG D 5 4.73 6.17 1.22
N3 LCG D 5 5.33 5.95 -0.99
O2' LCG D 5 6.41 8.59 -5.00
O3' LCG D 5 8.99 7.88 -5.13
H5' LCG D 5 6.53 5.91 -8.10
H5'' LCG D 5 8.22 6.15 -7.78
H3' LCG D 5 8.34 5.97 -4.48
H6'1 LCG D 5 7.22 8.47 -6.92
H6'2 LCG D 5 5.48 8.02 -6.79
H8 LCG D 5 6.76 4.06 -4.79
H2' LCG D 5 7.20 7.89 -3.16
H1' LCG D 5 4.80 6.95 -3.80
H1 LCG D 5 5.00 3.63 1.38
H21 LCG D 5 4.56 5.78 2.13
H22 LCG D 5 4.66 7.17 1.07
P LCG A 2 -6.79 7.66 -10.90
OP1 LCG A 2 -8.26 7.61 -11.06
O5' LCG A 2 -6.49 7.79 -9.31
C5' LCG A 2 -5.20 8.06 -8.79
C3' LCG A 2 -3.99 8.02 -6.47
C6' LCG A 2 -6.11 9.04 -6.61
N9 LCG A 2 -4.91 5.31 -5.13
C8 LCG A 2 -4.38 4.36 -5.96
C4 LCG A 2 -4.86 4.76 -3.87
N7 LCG A 2 -4.04 3.25 -5.36
C5 LCG A 2 -4.37 3.48 -4.03
C6 LCG A 2 -4.31 2.60 -2.90
C2' LCG A 2 -4.81 7.84 -5.20
O6 LCG A 2 -3.94 1.43 -2.87
C4' LCG A 2 -5.29 7.94 -7.27
C1' LCG A 2 -5.60 6.57 -5.49
C2 LCG A 2 -5.19 4.51 -1.65
N1 LCG A 2 -4.78 3.19 -1.74
O4' LCG A 2 -5.81 6.67 -6.89
OP2 LCG A 2 -6.04 8.73 -11.58
N2 LCG A 2 -5.51 4.98 -0.45
N3 LCG A 2 -5.27 5.35 -2.71
O2' LCG A 2 -5.77 8.90 -5.23
O3' LCG A 2 -3.28 9.26 -6.54
H5' LCG A 2 -4.90 9.07 -9.05
H5'' LCG A 2 -4.48 7.34 -9.18
H3' LCG A 2 -3.34 7.17 -6.66
H6'1 LCG A 2 -5.80 10.03 -6.97
H6'2 LCG A 2 -7.18 8.88 -6.80
H8 LCG A 2 -4.30 4.51 -7.03
H2' LCG A 2 -4.24 7.80 -4.28
H1' LCG A 2 -6.55 6.61 -4.95
H1 LCG A 2 -4.96 2.60 -0.94
H21 LCG A 2 -5.48 4.37 0.36
H22 LCG A 2 -5.78 5.94 -0.35
P LCG A 3 -1.88 9.49 -5.74
OP1 LCG A 3 -0.93 10.06 -6.72
O5' LCG A 3 -2.18 10.66 -4.65
C5' LCG A 3 -3.11 10.53 -3.58
C3' LCG A 3 -1.15 9.56 -2.02
C6' LCG A 3 -3.04 10.58 -1.05
N9 LCG A 3 -2.22 6.57 -1.34
C8 LCG A 3 -1.80 6.01 -2.51
C4 LCG A 3 -2.12 5.57 -0.40
N7 LCG A 3 -1.48 4.76 -2.42
C5 LCG A 3 -1.69 4.45 -1.08
C6 LCG A 3 -1.57 3.21 -0.38
C2' LCG A 3 -1.60 8.93 -0.70
O6 LCG A 3 -1.20 2.13 -0.83
C4' LCG A 3 -2.63 9.81 -2.32
C1' LCG A 3 -2.70 7.94 -1.13
C2 LCG A 3 -2.33 4.49 1.57
N1 LCG A 3 -1.96 3.30 0.96
O4' LCG A 3 -3.18 8.51 -2.31
OP2 LCG A 3 -1.53 8.25 -5.02
N2 LCG A 3 -2.58 4.44 2.87
N3 LCG A 3 -2.43 5.66 0.93
O2' LCG A 3 -2.30 9.96 -0.02
O3' LCG A 3 -0.35 10.73 -1.84
H5' LCG A 3 -4.03 10.07 -3.94
H5'' LCG A 3 -3.40 11.49 -3.21
H3' LCG A 3 -0.69 8.83 -2.70
H6'1 LCG A 3 -2.72 11.61 -1.15
H6'2 LCG A 3 -4.12 10.51 -0.88
H8 LCG A 3 -1.78 6.60 -3.41
H2' LCG A 3 -0.81 8.47 -0.12
H1' LCG A 3 -3.52 8.03 -0.42
H1 LCG A 3 -2.01 2.44 1.46
H21 LCG A 3 -2.52 3.57 3.37
H22 LCG A 3 -2.80 5.30 3.35
P LCG A 4 1.20 10.67 -1.41
OP1 LCG A 4 1.72 12.05 -1.37
O5' LCG A 4 1.21 10.08 0.09
C5' LCG A 4 0.76 10.81 1.22
C3' LCG A 4 2.12 9.33 2.82
C6' LCG A 4 0.26 10.46 3.77
N9 LCG A 4 0.81 6.60 2.30
C8 LCG A 4 1.25 6.53 1.01
C4 LCG A 4 0.88 5.31 2.77
N7 LCG A 4 1.56 5.33 0.62
C5 LCG A 4 1.33 4.54 1.74
C6 LCG A 4 1.49 3.13 1.89
C2' LCG A 4 1.39 8.49 3.88
O6 LCG A 4 1.87 2.32 1.05
C4' LCG A 4 0.75 9.89 2.43
C1' LCG A 4 0.31 7.78 3.04
C2 LCG A 4 0.68 3.54 4.17
N1 LCG A 4 1.13 2.70 3.17
O4' LCG A 4 -0.08 8.78 2.14
OP2 LCG A 4 1.87 9.66 -2.28
N2 LCG A 4 0.36 3.00 5.34
N3 LCG A 4 0.54 4.87 4.02
O2' LCG A 4 0.72 9.46 4.68
O3' LCG A 4 3.01 10.31 3.35
H5' LCG A 4 -0.25 11.20 1.04
H5'' LCG A 4 1.43 11.62 1.45
H3' LCG A 4 2.56 8.72 2.03
H6'1 LCG A 4 0.74 11.41 3.98
H6'2 LCG A 4 -0.82 10.54 3.79
H8 LCG A 4 1.35 7.39 0.36
H2' LCG A 4 2.00 7.78 4.42
H1' LCG A 4 -0.53 7.55 3.67
H1 LCG A 4 1.22 1.71 3.35
H21 LCG A 4 0.47 2.01 5.48
H22 LCG A 4 0.03 3.59 6.09
P LCG A 5 4.54 10.00 3.73
OP1 LCG A 5 5.17 11.26 4.17
O5' LCG A 5 4.47 9.00 5.00
C5' LCG A 5 4.09 9.39 6.31
C3' LCG A 5 5.30 7.30 7.29
C6' LCG A 5 3.64 8.26 8.59
N9 LCG A 5 3.76 5.15 5.90
C8 LCG A 5 4.09 5.73 4.71
C4 LCG A 5 3.81 3.80 5.66
N7 LCG A 5 4.32 4.91 3.74
C5 LCG A 5 4.17 3.67 4.34
C6 LCG A 5 4.38 2.37 3.77
C2' LCG A 5 4.53 6.25 8.06
O6 LCG A 5 4.74 2.11 2.63
C4' LCG A 5 4.00 8.09 7.14
C1' LCG A 5 3.37 5.90 7.12
C2 LCG A 5 3.79 1.57 6.01
N1 LCG A 5 4.17 1.35 4.70
O4' LCG A 5 2.99 7.20 6.67
OP2 LCG A 5 5.15 9.23 2.61
N2 LCG A 5 3.67 0.50 6.80
N3 LCG A 5 3.59 2.79 6.55
O2' LCG A 5 3.98 6.99 9.15
O3' LCG A 5 6.32 7.89 8.08
H5' LCG A 5 3.13 9.91 6.31
H5'' LCG A 5 4.83 10.07 6.73
H3' LCG A 5 5.69 6.90 6.35
H6'1 LCG A 5 4.26 9.05 8.98
H6'2 LCG A 5 2.57 8.48 8.67
H8 LCG A 5 4.19 6.81 4.67
H2' LCG A 5 5.19 5.43 8.34
H1' LCG A 5 2.56 5.38 7.65
H1 LCG A 5 4.39 0.40 4.39
H21 LCG A 5 3.86 -0.42 6.43
H22 LCG A 5 3.42 0.62 7.77
P LCG B 2 -11.45 7.91 6.04
OP1 LCG B 2 -12.84 7.62 5.60
O5' LCG B 2 -10.69 6.49 6.20
C5' LCG B 2 -9.39 6.37 6.74
C3' LCG B 2 -7.52 4.56 6.95
C6' LCG B 2 -9.74 3.94 7.49
N9 LCG B 2 -7.37 3.14 4.11
C8 LCG B 2 -6.95 4.12 3.25
C4 LCG B 2 -6.79 1.98 3.66
N7 LCG B 2 -6.21 3.68 2.27
C5 LCG B 2 -6.12 2.32 2.50
C6 LCG B 2 -5.49 1.29 1.72
C2' LCG B 2 -7.84 3.11 6.60
O6 LCG B 2 -4.88 1.40 0.67
C4' LCG B 2 -8.95 4.92 6.59
C1' LCG B 2 -8.39 3.21 5.19
C2 LCG B 2 -6.29 -0.21 3.48
N1 LCG B 2 -5.66 0.02 2.28
O4' LCG B 2 -9.03 4.48 5.24
OP2 LCG B 2 -11.24 8.66 7.30
N2 LCG B 2 -6.28 -1.47 3.94
N3 LCG B 2 -6.90 0.75 4.21
O2' LCG B 2 -8.94 2.77 7.44
O3' LCG B 2 -7.15 4.79 8.31
H5' LCG B 2 -9.42 6.62 7.80
H5'' LCG B 2 -8.69 7.02 6.22
H3' LCG B 2 -6.80 5.01 6.25
H6'1 LCG B 2 -9.79 4.32 8.50
H6'2 LCG B 2 -10.74 3.79 7.08
H8 LCG B 2 -7.24 5.15 3.36
H2' LCG B 2 -7.00 2.43 6.68
H1' LCG B 2 -9.12 2.43 5.03
H1 LCG B 2 -5.40 -0.77 1.70
H21 LCG B 2 -5.84 -2.20 3.42
H22 LCG B 2 -6.72 -1.66 4.83
P LCG B 3 -5.64 4.51 8.84
OP1 LCG B 3 -5.21 5.75 9.54
O5' LCG B 3 -5.78 3.35 9.95
C5' LCG B 3 -6.23 2.03 9.69
C3' LCG B 3 -3.71 1.32 9.19
C6' LCG B 3 -5.33 -0.35 9.69
N9 LCG B 3 -3.79 0.55 5.97
C8 LCG B 3 -3.74 1.79 5.37
C4 LCG B 3 -3.15 -0.29 5.08
N7 LCG B 3 -3.16 1.80 4.20
C5 LCG B 3 -2.80 0.47 4.00
C6 LCG B 3 -2.19 -0.15 2.86
C2' LCG B 3 -3.51 0.01 8.43
O6 LCG B 3 -1.82 0.37 1.82
C4' LCG B 3 -5.21 1.08 9.08
C1' LCG B 3 -4.44 0.15 7.22
C2 LCG B 3 -2.39 -2.21 4.17
N1 LCG B 3 -2.07 -1.54 3.01
O4' LCG B 3 -5.40 1.05 7.68
OP2 LCG B 3 -4.83 4.01 7.71
N2 LCG B 3 -2.13 -3.51 4.21
N3 LCG B 3 -2.95 -1.63 5.24
O2' LCG B 3 -4.13 -0.97 9.25
O3' LCG B 3 -3.19 1.30 10.51
H5' LCG B 3 -7.13 2.06 9.07
H5'' LCG B 3 -6.51 1.53 10.60
H3' LCG B 3 -3.38 2.18 8.61
H6'1 LCG B 3 -6.21 -0.86 9.30
H6'2 LCG B 3 -5.34 -0.31 10.77
H8 LCG B 3 -4.18 2.67 5.81
H2' LCG B 3 -2.48 -0.21 8.16
H1' LCG B 3 -4.99 -0.78 7.13
H1 LCG B 3 -1.80 -2.05 2.18
H21 LCG B 3 -1.73 -3.97 3.41
H22 LCG B 3 -2.30 -4.02 5.07
P LCG B 4 -1.60 1.47 10.81
OP1 LCG B 4 -1.41 1.44 12.28
O5' LCG B 4 -0.95 0.12 10.20
C5' LCG B 4 -1.13 -1.16 10.78
C3' LCG B 4 0.99 -2.07 9.68
C6' LCG B 4 -0.61 -3.68 10.33
N9 LCG B 4 0.29 -1.86 6.70
C8 LCG B 4 0.25 -0.49 6.68
C4 LCG B 4 0.83 -2.24 5.50
N7 LCG B 4 0.67 0.02 5.56
C5 LCG B 4 1.04 -1.08 4.79
C6 LCG B 4 1.55 -1.15 3.46
C2' LCG B 4 0.91 -3.24 8.71
O6 LCG B 4 1.79 -0.22 2.70
C4' LCG B 4 -0.51 -2.21 9.88
C1' LCG B 4 -0.18 -2.79 7.75
C2 LCG B 4 1.53 -3.57 3.82
N1 LCG B 4 1.75 -2.46 3.02
O4' LCG B 4 -1.09 -2.13 8.60
OP2 LCG B 4 -1.10 2.61 10.02
N2 LCG B 4 1.76 -4.78 3.30
N3 LCG B 4 1.06 -3.51 5.08
O2' LCG B 4 0.36 -4.30 9.48
O3' LCG B 4 1.74 -2.33 10.88
H5' LCG B 4 -2.18 -1.36 10.94
H5'' LCG B 4 -0.59 -1.20 11.71
H3' LCG B 4 1.28 -1.12 9.21
H6'1 LCG B 4 -0.34 -3.80 11.37
H6'2 LCG B 4 -1.61 -4.08 10.13
H8 LCG B 4 -0.10 0.09 7.52
H2' LCG B 4 1.83 -3.47 8.17
H1' LCG B 4 -0.67 -3.65 7.33
H1 LCG B 4 1.99 -2.58 2.04
H21 LCG B 4 2.09 -4.86 2.36
H22 LCG B 4 1.60 -5.59 3.86
P LCG B 5 3.35 -2.28 10.94
OP1 LCG B 5 3.76 -2.61 12.32
O5' LCG B 5 3.84 -3.47 9.97
C5' LCG B 5 3.74 -4.84 10.29
C3' LCG B 5 5.69 -5.53 8.67
C6' LCG B 5 4.08 -7.12 9.20
N9 LCG B 5 4.57 -4.45 6.11
C8 LCG B 5 4.46 -3.22 6.69
C4 LCG B 5 4.87 -4.20 4.79
N7 LCG B 5 4.65 -2.22 5.89
C5 LCG B 5 4.91 -2.82 4.66
C6 LCG B 5 5.19 -2.23 3.39
C2' LCG B 5 5.41 -6.46 7.49
O6 LCG B 5 5.27 -1.03 3.13
C4' LCG B 5 4.20 -5.62 9.04
C1' LCG B 5 4.25 -5.75 6.77
C2 LCG B 5 5.32 -4.54 2.59
N1 LCG B 5 5.37 -3.16 2.38
O4' LCG B 5 3.41 -5.39 7.87
OP2 LCG B 5 3.80 -1.01 10.33
N2 LCG B 5 5.54 -5.34 1.56
N3 LCG B 5 5.07 -5.10 3.79
O2' LCG B 5 4.87 -7.63 8.12
O3' LCG B 5 6.52 -6.03 9.74
H5' LCG B 5 2.72 -5.12 10.56
H5'' LCG B 5 4.38 -5.07 11.15
H3' LCG B 5 6.01 -4.55 8.32
H6'1 LCG B 5 3.04 -7.46 9.14
H6'2 LCG B 5 4.53 -7.34 10.15
H8 LCG B 5 4.21 -3.16 7.74
H2' LCG B 5 6.26 -6.68 6.85
H1' LCG B 5 3.74 -6.43 6.08
H1 LCG B 5 5.53 -2.79 1.45
H21 LCG B 5 5.73 -4.94 0.65
H22 LCG B 5 5.56 -6.34 1.69
P LCG C 2 -10.36 -8.99 6.02
OP1 LCG C 2 -10.90 -10.31 6.40
O5' LCG C 2 -9.26 -9.20 4.86
C5' LCG C 2 -7.87 -9.17 5.09
C3' LCG C 2 -5.61 -9.02 3.85
C6' LCG C 2 -7.38 -10.15 2.73
N9 LCG C 2 -5.83 -6.29 2.14
C8 LCG C 2 -5.92 -5.33 3.10
C4 LCG C 2 -5.25 -5.69 1.07
N7 LCG C 2 -5.50 -4.15 2.71
C5 LCG C 2 -5.09 -4.36 1.40
C6 LCG C 2 -4.62 -3.43 0.41
C2' LCG C 2 -5.57 -8.84 2.34
O6 LCG C 2 -4.46 -2.21 0.54
C4' LCG C 2 -7.14 -9.03 3.77
C1' LCG C 2 -6.48 -7.63 2.10
C2 LCG C 2 -4.49 -5.39 -1.05
N1 LCG C 2 -4.38 -4.02 -0.82
O4' LCG C 2 -7.42 -7.77 3.14
OP2 LCG C 2 -9.79 -8.09 7.07
N2 LCG C 2 -4.12 -5.83 -2.24
N3 LCG C 2 -4.95 -6.26 -0.14
O2' LCG C 2 -6.29 -9.97 1.83
O3' LCG C 2 -5.06 -10.26 4.29
H5' LCG C 2 -7.56 -10.09 5.60
H5'' LCG C 2 -7.62 -8.31 5.73
H3' LCG C 2 -5.22 -8.15 4.39
H6'1 LCG C 2 -8.33 -10.01 2.23
H6'2 LCG C 2 -7.32 -11.12 3.21
H8 LCG C 2 -6.36 -5.51 4.07
H2' LCG C 2 -4.58 -8.72 1.91
H1' LCG C 2 -6.96 -7.74 1.13
H1 LCG C 2 -4.25 -3.40 -1.61
H21 LCG C 2 -3.80 -5.18 -2.95
H22 LCG C 2 -4.18 -6.82 -2.43
P LCG C 3 -3.50 -10.40 4.73
OP1 LCG C 3 -3.26 -11.83 5.02
O5' LCG C 3 -2.65 -10.00 3.43
C5' LCG C 3 -2.60 -10.79 2.25
C3' LCG C 3 -0.40 -9.60 1.60
C6' LCG C 3 -1.49 -10.93 -0.05
N9 LCG C 3 -1.51 -6.82 0.41
C8 LCG C 3 -1.84 -6.23 1.60
C4 LCG C 3 -1.14 -5.79 -0.42
N7 LCG C 3 -1.71 -4.94 1.60
C5 LCG C 3 -1.29 -4.64 0.32
C6 LCG C 3 -1.05 -3.37 -0.30
C2' LCG C 3 -0.29 -9.04 0.18
O6 LCG C 3 -1.12 -2.26 0.21
C4' LCG C 3 -1.79 -10.09 1.21
C1' LCG C 3 -1.60 -8.25 0.05
C2 LCG C 3 -0.54 -4.70 -2.30
N1 LCG C 3 -0.72 -3.49 -1.65
O4' LCG C 3 -2.49 -8.92 0.88
OP2 LCG C 3 -3.24 -9.40 5.78
N2 LCG C 3 -0.16 -4.66 -3.57
N3 LCG C 3 -0.75 -5.89 -1.72
O2' LCG C 3 -0.45 -10.17 -0.66
O3' LCG C 3 0.54 -10.62 1.88
H5' LCG C 3 -3.61 -11.00 1.88
H5'' LCG C 3 -2.05 -11.69 2.36
H3' LCG C 3 -0.43 -8.82 2.36
H6'1 LCG C 3 -2.37 -11.00 -0.69
H6'2 LCG C 3 -1.12 -11.92 0.23
H8 LCG C 3 -2.21 -6.78 2.45
H2' LCG C 3 0.59 -8.45 -0.01
H1' LCG C 3 -2.00 -8.47 -0.92
H1 LCG C 3 -0.66 -2.63 -2.18
H21 LCG C 3 0.00 -3.77 -4.03
H22 LCG C 3 0.02 -5.53 -4.06
P LCG C 4 2.09 -10.30 2.26
OP1 LCG C 4 2.77 -11.58 2.53
O5' LCG C 4 2.73 -9.66 0.92
C5' LCG C 4 3.00 -10.42 -0.25
C3' LCG C 4 4.71 -8.65 -1.03
C6' LCG C 4 3.81 -10.04 -2.71
N9 LCG C 4 2.87 -6.23 -1.35
C8 LCG C 4 2.59 -6.14 -0.01
C4 LCG C 4 2.92 -4.92 -1.78
N7 LCG C 4 2.45 -4.93 0.43
C5 LCG C 4 2.66 -4.14 -0.68
C6 LCG C 4 2.63 -2.72 -0.80
C2' LCG C 4 4.48 -7.90 -2.33
O6 LCG C 4 2.42 -1.89 0.09
C4' LCG C 4 3.45 -9.46 -1.34
C1' LCG C 4 3.03 -7.43 -2.19
C2 LCG C 4 3.13 -3.15 -3.16
N1 LCG C 4 2.88 -2.29 -2.10
O4' LCG C 4 2.41 -8.53 -1.56
OP2 LCG C 4 2.08 -9.23 3.30
N2 LCG C 4 3.33 -2.62 -4.36
N3 LCG C 4 3.16 -4.49 -3.05
O2' LCG C 4 4.48 -8.93 -3.33
O3' LCG C 4 5.89 -9.44 -1.00
H5' LCG C 4 2.12 -10.96 -0.56
H5'' LCG C 4 3.83 -11.10 -0.09
H3' LCG C 4 4.59 -8.03 -0.13
H6'1 LCG C 4 2.91 -10.31 -3.28
H6'2 LCG C 4 4.48 -10.89 -2.62
H8 LCG C 4 2.49 -7.01 0.63
H2' LCG C 4 5.15 -7.08 -2.52
H1' LCG C 4 2.59 -7.31 -3.17
H1 LCG C 4 2.89 -1.29 -2.26
H21 LCG C 4 3.32 -1.62 -4.49
H22 LCG C 4 3.51 -3.23 -5.15
P LCG C 5 7.35 -8.85 -0.60
OP1 LCG C 5 8.32 -9.95 -0.64
O5' LCG C 5 7.71 -7.82 -1.78
C5' LCG C 5 8.10 -8.20 -3.09
C3' LCG C 5 9.24 -5.86 -3.43
C6' LCG C 5 8.66 -7.05 -5.34
N9 LCG C 5 6.86 -4.11 -3.08
C8 LCG C 5 6.70 -4.66 -1.85
C4 LCG C 5 6.54 -2.78 -2.91
N7 LCG C 5 6.28 -3.86 -0.93
C5 LCG C 5 6.21 -2.64 -1.58
C6 LCG C 5 5.89 -1.36 -1.05
C2' LCG C 5 8.78 -4.94 -4.54
O6 LCG C 5 5.61 -1.10 0.12
C4' LCG C 5 8.19 -6.89 -3.91
C1' LCG C 5 7.26 -4.84 -4.30
C2 LCG C 5 6.30 -0.57 -3.34
N1 LCG C 5 5.98 -0.35 -2.01
O4' LCG C 5 6.94 -6.21 -4.06
OP2 LCG C 5 7.19 -8.05 0.64
N2 LCG C 5 6.39 0.49 -4.13
N3 LCG C 5 6.59 -1.78 -3.85
O2' LCG C 5 8.99 -5.70 -5.72
O3' LCG C 5 10.61 -6.23 -3.59
H5' LCG C 5 7.38 -8.88 -3.55
H5'' LCG C 5 9.07 -8.70 -3.06
H3' LCG C 5 9.04 -5.46 -2.45
H6'1 LCG C 5 7.88 -7.48 -5.96
H6'2 LCG C 5 9.54 -7.65 -5.28
H8 LCG C 5 6.98 -5.70 -1.71
H2' LCG C 5 9.33 -4.00 -4.48
H1' LCG C 5 6.74 -4.45 -5.19
H1 LCG C 5 5.87 0.61 -1.67
H21 LCG C 5 6.22 1.41 -3.76
H22 LCG C 5 6.66 0.36 -5.10
P LCG D 2 -6.27 -9.26 -10.46
OP1 LCG D 2 -7.68 -9.06 -10.84
O5' LCG D 2 -5.59 -7.80 -10.34
C5' LCG D 2 -4.19 -7.60 -10.23
C3' LCG D 2 -2.53 -5.62 -9.73
C6' LCG D 2 -4.35 -5.22 -11.19
N9 LCG D 2 -3.80 -4.12 -7.19
C8 LCG D 2 -3.71 -5.04 -6.17
C4 LCG D 2 -3.72 -2.90 -6.57
N7 LCG D 2 -3.63 -4.52 -4.98
C5 LCG D 2 -3.66 -3.15 -5.21
C6 LCG D 2 -3.69 -2.05 -4.30
C2' LCG D 2 -3.07 -4.20 -9.64
O6 LCG D 2 -3.68 -2.10 -3.07
C4' LCG D 2 -3.96 -6.10 -9.99
C1' LCG D 2 -4.19 -4.33 -8.60
C2 LCG D 2 -3.76 -0.66 -6.30
N1 LCG D 2 -3.76 -0.82 -4.93
O4' LCG D 2 -4.65 -5.65 -8.83
OP2 LCG D 2 -5.40 -10.08 -11.32
N2 LCG D 2 -3.73 0.59 -6.78
N3 LCG D 2 -3.76 -1.68 -7.18
O2' LCG D 2 -3.72 -3.98 -10.88
O3' LCG D 2 -1.64 -5.82 -10.82
H5' LCG D 2 -3.70 -7.87 -11.17
H5'' LCG D 2 -3.78 -8.18 -9.40
H3' LCG D 2 -2.12 -5.98 -8.78
H6'1 LCG D 2 -3.93 -5.63 -12.11
H6'2 LCG D 2 -5.42 -5.15 -11.26
H8 LCG D 2 -3.75 -6.10 -6.35
H2' LCG D 2 -2.34 -3.44 -9.38
H1' LCG D 2 -4.98 -3.61 -8.85
H1 LCG D 2 -3.95 -0.01 -4.35
H21 LCG D 2 -3.73 1.38 -6.15
H22 LCG D 2 -3.71 0.73 -7.77
P LCG D 3 -0.04 -5.66 -10.70
OP1 LCG D 3 0.54 -5.80 -12.04
O5' LCG D 3 0.19 -4.14 -10.19
C5' LCG D 3 -0.08 -3.01 -11.01
C3' LCG D 3 1.53 -1.63 -9.52
C6' LCG D 3 0.15 -0.47 -11.08
N9 LCG D 3 -0.32 -0.91 -6.99
C8 LCG D 3 -0.37 -2.14 -6.39
C4 LCG D 3 -0.33 0.01 -5.97
N7 LCG D 3 -0.43 -2.08 -5.09
C5 LCG D 3 -0.43 -0.72 -4.80
C6 LCG D 3 -0.55 -0.04 -3.55
C2' LCG D 3 1.06 -0.28 -9.03
O6 LCG D 3 -0.65 -0.53 -2.43
C4' LCG D 3 0.18 -1.76 -10.23
C1' LCG D 3 -0.31 -0.61 -8.44
C2 LCG D 3 -0.40 2.00 -4.90
N1 LCG D 3 -0.58 1.34 -3.70
O4' LCG D 3 -0.74 -1.71 -9.19
OP2 LCG D 3 0.41 -6.56 -9.61
N2 LCG D 3 -0.33 3.32 -4.87
N3 LCG D 3 -0.29 1.37 -6.08
O2' LCG D 3 0.79 0.46 -10.21
O3' LCG D 3 2.67 -1.57 -10.39
H5' LCG D 3 -1.10 -3.02 -11.38
H5'' LCG D 3 0.61 -2.90 -11.81
H3' LCG D 3 1.65 -2.37 -8.72
H6'1 LCG D 3 -0.88 -0.18 -11.30
H6'2 LCG D 3 0.74 -0.59 -12.00
H8 LCG D 3 -0.39 -3.07 -6.94
H2' LCG D 3 1.73 0.21 -8.33
H1' LCG D 3 -0.99 0.15 -8.76
H1 LCG D 3 -0.81 1.88 -2.88
H21 LCG D 3 -0.44 3.82 -3.99
H22 LCG D 3 -0.13 3.83 -5.72
P LCG D 4 4.17 -1.41 -9.83
OP1 LCG D 4 5.09 -1.39 -10.99
O5' LCG D 4 4.19 0.05 -9.15
C5' LCG D 4 4.15 1.25 -9.89
C3' LCG D 4 5.26 2.53 -7.97
C6' LCG D 4 4.00 3.85 -9.47
N9 LCG D 4 3.17 2.17 -5.76
C8 LCG D 4 3.28 0.81 -5.68
C4 LCG D 4 2.98 2.60 -4.47
N7 LCG D 4 3.15 0.34 -4.48
C5 LCG D 4 2.96 1.46 -3.69
C6 LCG D 4 2.73 1.58 -2.29
C2' LCG D 4 4.53 3.67 -7.27
O6 LCG D 4 2.69 0.67 -1.46
C4' LCG D 4 4.07 2.42 -8.91
C1' LCG D 4 3.17 3.03 -6.96
C2 LCG D 4 2.59 3.99 -2.73
N1 LCG D 4 2.52 2.91 -1.87
O4' LCG D 4 2.92 2.25 -8.10
OP2 LCG D 4 4.36 -2.41 -8.75
N2 LCG D 4 2.36 5.19 -2.23
N3 LCG D 4 2.82 3.89 -4.05
O2' LCG D 4 4.30 4.62 -8.30
O3' LCG D 4 6.46 2.92 -8.64
H5' LCG D 4 3.29 1.26 -10.56
H5'' LCG D 4 5.06 1.39 -10.45
H3' LCG D 4 5.39 1.64 -7.34
H6'1 LCG D 4 3.00 4.08 -9.85
H6'2 LCG D 4 4.75 4.01 -10.24
H8 LCG D 4 3.44 0.18 -6.55
H2' LCG D 4 4.99 4.04 -6.37
H1' LCG D 4 2.42 3.81 -6.90
H1 LCG D 4 2.27 3.03 -0.91
H21 LCG D 4 2.17 5.30 -1.25
H22 LCG D 4 2.37 5.99 -2.84
P LCG D 5 7.86 3.13 -7.89
OP1 LCG D 5 8.87 3.53 -8.90
O5' LCG D 5 7.63 4.39 -6.91
C5' LCG D 5 7.49 5.73 -7.34
C3' LCG D 5 8.24 6.75 -5.03
C6' LCG D 5 6.83 8.02 -6.42
N9 LCG D 5 6.20 5.43 -3.28
C8 LCG D 5 6.56 4.21 -3.76
C4 LCG D 5 5.84 5.19 -1.96
N7 LCG D 5 6.47 3.23 -2.92
C5 LCG D 5 6.02 3.85 -1.76
C6 LCG D 5 5.70 3.27 -0.50
C2' LCG D 5 7.25 7.60 -4.23
O6 LCG D 5 5.79 2.08 -0.17
C4' LCG D 5 7.13 6.57 -6.10
C1' LCG D 5 6.03 6.65 -4.11
C2 LCG D 5 5.11 5.55 0.15
N1 LCG D 5 5.23 4.20 0.44
O4' LCG D 5 5.93 6.18 -5.44
OP2 LCG D 5 8.12 1.96 -7.03
N2 LCG D 5 4.70 6.35 1.13
N3 LCG D 5 5.41 6.11 -1.05
O2' LCG D 5 6.89 8.64 -5.13
O3' LCG D 5 9.38 7.43 -5.59
H5' LCG D 5 6.72 5.83 -8.10
H5'' LCG D 5 8.43 6.07 -7.79
H3' LCG D 5 8.51 5.84 -4.50
H6'1 LCG D 5 7.61 8.37 -7.06
H6'2 LCG D 5 5.84 8.10 -6.86
H8 LCG D 5 6.86 4.11 -4.80
H2' LCG D 5 7.62 7.96 -3.27
H1' LCG D 5 5.13 7.21 -3.82
H1 LCG D 5 4.99 3.82 1.35
H21 LCG D 5 4.47 5.96 2.04
H22 LCG D 5 4.64 7.34 0.98
P LCG A 2 -7.38 7.79 -10.48
OP1 LCG A 2 -7.61 9.04 -11.23
O5' LCG A 2 -7.02 8.19 -8.95
C5' LCG A 2 -5.69 8.39 -8.52
C3' LCG A 2 -4.26 8.36 -6.36
C6' LCG A 2 -6.38 9.40 -6.26
N9 LCG A 2 -5.06 5.67 -4.87
C8 LCG A 2 -4.60 4.71 -5.74
C4 LCG A 2 -4.95 5.09 -3.62
N7 LCG A 2 -4.26 3.59 -5.18
C5 LCG A 2 -4.50 3.81 -3.81
C6 LCG A 2 -4.40 2.92 -2.70
C2' LCG A 2 -4.93 8.21 -5.00
O6 LCG A 2 -4.06 1.74 -2.70
C4' LCG A 2 -5.65 8.28 -6.99
C1' LCG A 2 -5.76 6.93 -5.17
C2 LCG A 2 -5.19 4.83 -1.39
N1 LCG A 2 -4.81 3.50 -1.51
O4' LCG A 2 -6.14 7.02 -6.54
OP2 LCG A 2 -6.41 6.79 -10.96
N2 LCG A 2 -5.47 5.28 -0.17
N3 LCG A 2 -5.29 5.68 -2.44
O2' LCG A 2 -5.88 9.28 -4.93
O3' LCG A 2 -3.62 9.62 -6.54
H5' LCG A 2 -5.38 9.39 -8.80
H5'' LCG A 2 -5.03 7.64 -8.95
H3' LCG A 2 -3.62 7.52 -6.61
H6'1 LCG A 2 -6.11 10.38 -6.67
H6'2 LCG A 2 -7.46 9.25 -6.32
H8 LCG A 2 -4.58 4.86 -6.81
H2' LCG A 2 -4.25 8.16 -4.16
H1' LCG A 2 -6.64 7.00 -4.53
H1 LCG A 2 -4.97 2.89 -0.73
H21 LCG A 2 -5.42 4.66 0.62
H22 LCG A 2 -5.75 6.25 -0.07
P LCG A 3 -2.07 9.87 -6.14
OP1 LCG A 3 -1.78 11.31 -6.37
O5' LCG A 3 -1.99 9.59 -4.56
C5' LCG A 3 -2.63 10.42 -3.60
C3' LCG A 3 -0.95 9.56 -1.83
C6' LCG A 3 -2.87 10.73 -1.07
N9 LCG A 3 -2.13 6.68 -1.24
C8 LCG A 3 -1.77 6.13 -2.43
C4 LCG A 3 -2.04 5.66 -0.31
N7 LCG A 3 -1.47 4.85 -2.37
C5 LCG A 3 -1.66 4.54 -1.03
C6 LCG A 3 -1.56 3.29 -0.34
C2' LCG A 3 -1.51 9.03 -0.52
O6 LCG A 3 -1.23 2.20 -0.82
C4' LCG A 3 -2.40 9.84 -2.23
C1' LCG A 3 -2.59 8.06 -1.00
C2 LCG A 3 -2.22 4.55 1.64
N1 LCG A 3 -1.90 3.38 1.00
O4' LCG A 3 -3.04 8.60 -2.19
OP2 LCG A 3 -1.26 8.84 -6.83
N2 LCG A 3 -2.43 4.50 2.96
N3 LCG A 3 -2.31 5.74 1.01
O2' LCG A 3 -2.21 10.13 0.04
O3' LCG A 3 -0.13 10.71 -1.68
H5' LCG A 3 -3.69 10.52 -3.80
H5'' LCG A 3 -2.17 11.37 -3.48
H3' LCG A 3 -0.50 8.78 -2.45
H6'1 LCG A 3 -2.51 11.74 -1.22
H6'2 LCG A 3 -3.96 10.71 -0.96
H8 LCG A 3 -1.76 6.71 -3.34
H2' LCG A 3 -0.78 8.57 0.12
H1' LCG A 3 -3.43 8.18 -0.36
H1 LCG A 3 -1.95 2.50 1.50
H21 LCG A 3 -2.38 3.62 3.44
H22 LCG A 3 -2.61 5.37 3.45
P LCG A 4 1.42 10.63 -1.22
OP1 LCG A 4 1.96 12.00 -1.18
O5' LCG A 4 1.38 10.06 0.28
C5' LCG A 4 0.93 10.80 1.40
C3' LCG A 4 2.27 9.29 2.97
C6' LCG A 4 0.47 10.46 3.96
N9 LCG A 4 0.90 6.60 2.45
C8 LCG A 4 1.30 6.54 1.14
C4 LCG A 4 0.96 5.30 2.90
N7 LCG A 4 1.57 5.34 0.72
C5 LCG A 4 1.36 4.54 1.83
C6 LCG A 4 1.49 3.12 1.96
C2' LCG A 4 1.56 8.47 4.03
O6 LCG A 4 1.84 2.32 1.11
C4' LCG A 4 0.92 9.88 2.61
C1' LCG A 4 0.45 7.78 3.22
C2 LCG A 4 0.75 3.52 4.27
N1 LCG A 4 1.16 2.68 3.25
O4' LCG A 4 0.05 8.80 2.34
OP2 LCG A 4 2.08 9.61 -2.08
N2 LCG A 4 0.44 2.97 5.44
N3 LCG A 4 0.64 4.86 4.15
O2' LCG A 4 0.92 9.44 4.86
O3' LCG A 4 3.19 10.25 3.48
H5' LCG A 4 -0.07 11.19 1.21
H5'' LCG A 4 1.61 11.61 1.63
H3' LCG A 4 2.70 8.69 2.17
H6'1 LCG A 4 0.98 11.40 4.17
H6'2 LCG A 4 -0.61 10.57 4.01
H8 LCG A 4 1.37 7.40 0.49
H2' LCG A 4 2.18 7.74 4.56
H1' LCG A 4 -0.37 7.55 3.87
H1 LCG A 4 1.24 1.68 3.41
H21 LCG A 4 0.52 1.97 5.56
H22 LCG A 4 0.14 3.56 6.20
P LCG A 5 4.74 9.93 3.82
OP1 LCG A 5 5.39 11.18 4.26
O5' LCG A 5 4.68 8.93 5.09
C5' LCG A 5 4.33 9.31 6.40
C3' LCG A 5 5.49 7.17 7.33
C6' LCG A 5 3.87 8.16 8.67
N9 LCG A 5 3.89 5.08 5.93
C8 LCG A 5 4.23 5.66 4.75
C4 LCG A 5 3.89 3.73 5.68
N7 LCG A 5 4.43 4.85 3.77
C5 LCG A 5 4.24 3.60 4.35
C6 LCG A 5 4.42 2.31 3.78
C2' LCG A 5 4.71 6.14 8.10
O6 LCG A 5 4.76 2.05 2.62
C4' LCG A 5 4.22 8.00 7.21
C1' LCG A 5 3.54 5.82 7.17
C2 LCG A 5 3.79 1.50 6.00
N1 LCG A 5 4.18 1.28 4.69
O4' LCG A 5 3.18 7.13 6.75
OP2 LCG A 5 5.31 9.17 2.69
N2 LCG A 5 3.62 0.42 6.78
N3 LCG A 5 3.63 2.72 6.55
O2' LCG A 5 4.19 6.88 9.21
O3' LCG A 5 6.54 7.74 8.12
H5' LCG A 5 3.38 9.84 6.42
H5'' LCG A 5 5.09 9.97 6.83
H3' LCG A 5 5.87 6.78 6.39
H6'1 LCG A 5 4.52 8.93 9.07
H6'2 LCG A 5 2.81 8.39 8.77
H8 LCG A 5 4.36 6.74 4.73
H2' LCG A 5 5.36 5.30 8.36
H1' LCG A 5 2.71 5.33 7.71
H1 LCG A 5 4.40 0.34 4.38
H21 LCG A 5 3.79 -0.50 6.40
H22 LCG A 5 3.37 0.55 7.75
P LCG B 2 -10.97 7.97 4.32
OP1 LCG B 2 -12.02 8.68 5.08
O5' LCG B 2 -10.67 6.58 5.10
C5' LCG B 2 -9.56 6.43 5.98
C3' LCG B 2 -7.82 4.67 6.72
C6' LCG B 2 -10.10 4.08 6.98
N9 LCG B 2 -7.27 3.05 4.07
C8 LCG B 2 -6.76 4.05 3.26
C4 LCG B 2 -6.68 1.90 3.61
N7 LCG B 2 -5.97 3.62 2.32
C5 LCG B 2 -5.93 2.24 2.51
C6 LCG B 2 -5.31 1.22 1.72
C2' LCG B 2 -8.07 3.19 6.49
O6 LCG B 2 -4.66 1.35 0.69
C4' LCG B 2 -9.19 4.96 6.10
C1' LCG B 2 -8.41 3.12 5.00
C2 LCG B 2 -6.25 -0.31 3.39
N1 LCG B 2 -5.55 -0.07 2.22
O4' LCG B 2 -9.11 4.34 4.82
OP2 LCG B 2 -9.69 8.65 4.03
N2 LCG B 2 -6.29 -1.57 3.81
N3 LCG B 2 -6.86 0.65 4.11
O2' LCG B 2 -9.30 2.93 7.18
O3' LCG B 2 -7.72 5.01 8.10
H5' LCG B 2 -9.83 6.81 6.97
H5'' LCG B 2 -8.70 6.97 5.59
H3' LCG B 2 -7.00 5.06 6.12
H6'1 LCG B 2 -10.30 4.58 7.94
H6'2 LCG B 2 -11.03 3.87 6.46
H8 LCG B 2 -7.04 5.08 3.37
H2' LCG B 2 -7.25 2.54 6.77
H1' LCG B 2 -9.06 2.27 4.82
H1 LCG B 2 -5.31 -0.84 1.62
H21 LCG B 2 -5.86 -2.31 3.28
H22 LCG B 2 -6.78 -1.77 4.67
P LCG B 3 -6.30 5.11 8.87
OP1 LCG B 3 -6.57 5.31 10.30
O5' LCG B 3 -5.60 3.66 8.69
C5' LCG B 3 -6.09 2.49 9.32
C3' LCG B 3 -3.75 1.38 8.98
C6' LCG B 3 -5.59 -0.01 9.60
N9 LCG B 3 -3.86 0.57 5.89
C8 LCG B 3 -3.73 1.83 5.34
C4 LCG B 3 -3.20 -0.27 5.02
N7 LCG B 3 -3.06 1.85 4.22
C5 LCG B 3 -2.74 0.51 4.00
C6 LCG B 3 -2.08 -0.09 2.88
C2' LCG B 3 -3.71 0.00 8.35
O6 LCG B 3 -1.61 0.46 1.89
C4' LCG B 3 -5.28 1.31 8.86
C1' LCG B 3 -4.59 0.19 7.11
C2 LCG B 3 -2.48 -2.19 4.09
N1 LCG B 3 -2.05 -1.49 2.98
O4' LCG B 3 -5.49 1.18 7.48
OP2 LCG B 3 -5.46 6.09 8.15
N2 LCG B 3 -2.30 -3.51 4.09
N3 LCG B 3 -3.09 -1.62 5.14
O2' LCG B 3 -4.48 -0.81 9.23
O3' LCG B 3 -3.25 1.42 10.32
H5' LCG B 3 -7.14 2.33 9.11
H5'' LCG B 3 -5.89 2.45 10.36
H3' LCG B 3 -3.33 2.16 8.35
H6'1 LCG B 3 -6.53 -0.44 9.25
H6'2 LCG B 3 -5.60 0.14 10.68
H8 LCG B 3 -4.16 2.71 5.79
H2' LCG B 3 -2.72 -0.36 8.13
H1' LCG B 3 -5.22 -0.67 7.04
H1 LCG B 3 -1.78 -2.00 2.15
H21 LCG B 3 -1.86 -3.97 3.30
H22 LCG B 3 -2.60 -4.05 4.89
P LCG B 4 -1.67 1.48 10.63
OP1 LCG B 4 -1.50 1.48 12.10
O5' LCG B 4 -1.07 0.10 10.05
C5' LCG B 4 -1.29 -1.16 10.66
C3' LCG B 4 0.85 -2.11 9.61
C6' LCG B 4 -0.78 -3.71 10.23
N9 LCG B 4 0.18 -1.90 6.64
C8 LCG B 4 0.15 -0.53 6.62
C4 LCG B 4 0.74 -2.27 5.44
N7 LCG B 4 0.61 -0.01 5.51
C5 LCG B 4 0.99 -1.11 4.75
C6 LCG B 4 1.55 -1.17 3.43
C2' LCG B 4 0.77 -3.28 8.64
O6 LCG B 4 1.83 -0.23 2.70
C4' LCG B 4 -0.67 -2.24 9.79
C1' LCG B 4 -0.31 -2.82 7.67
C2 LCG B 4 1.46 -3.60 3.76
N1 LCG B 4 1.74 -2.48 2.99
O4' LCG B 4 -1.24 -2.18 8.50
OP2 LCG B 4 -1.09 2.58 9.83
N2 LCG B 4 1.68 -4.79 3.23
N3 LCG B 4 0.97 -3.54 5.01
O2' LCG B 4 0.20 -4.34 9.42
O3' LCG B 4 1.58 -2.38 10.80
H5' LCG B 4 -2.36 -1.35 10.78
H5'' LCG B 4 -0.79 -1.21 11.61
H3' LCG B 4 1.14 -1.18 9.14
H6'1 LCG B 4 -0.52 -3.82 11.29
H6'2 LCG B 4 -1.78 -4.10 10.05
H8 LCG B 4 -0.23 0.05 7.44
H2' LCG B 4 1.69 -3.52 8.12
H1' LCG B 4 -0.79 -3.69 7.24
H1 LCG B 4 2.00 -2.60 2.02
H21 LCG B 4 2.05 -4.87 2.30
H22 LCG B 4 1.45 -5.61 3.77
P LCG B 5 3.19 -2.33 10.88
OP1 LCG B 5 3.59 -2.66 12.26
O5' LCG B 5 3.69 -3.52 9.91
C5' LCG B 5 3.60 -4.89 10.23
C3' LCG B 5 5.59 -5.57 8.64
C6' LCG B 5 3.98 -7.18 9.16
N9 LCG B 5 4.49 -4.52 6.08
C8 LCG B 5 4.36 -3.29 6.64
C4 LCG B 5 4.82 -4.27 4.75
N7 LCG B 5 4.56 -2.28 5.84
C5 LCG B 5 4.86 -2.89 4.63
C6 LCG B 5 5.15 -2.30 3.36
C2' LCG B 5 5.33 -6.52 7.48
O6 LCG B 5 5.21 -1.11 3.09
C4' LCG B 5 4.09 -5.68 9.00
C1' LCG B 5 4.17 -5.81 6.73
C2 LCG B 5 5.35 -4.61 2.59
N1 LCG B 5 5.37 -3.25 2.35
O4' LCG B 5 3.32 -5.46 7.81
OP2 LCG B 5 3.64 -1.06 10.26
N2 LCG B 5 5.64 -5.41 1.56
N3 LCG B 5 5.06 -5.18 3.77
O2' LCG B 5 4.79 -7.69 8.10
O3' LCG B 5 6.40 -6.06 9.72
H5' LCG B 5 2.59 -5.18 10.50
H5'' LCG B 5 4.24 -5.11 11.10
H3' LCG B 5 5.91 -4.59 8.29
H6'1 LCG B 5 2.95 -7.52 9.10
H6'2 LCG B 5 4.42 -7.38 10.13
H8 LCG B 5 4.08 -3.21 7.69
H2' LCG B 5 6.19 -6.73 6.84
H1' LCG B 5 3.67 -6.49 6.04
H1 LCG B 5 5.56 -2.86 1.43
H21 LCG B 5 5.85 -5.02 0.65
H22 LCG B 5 5.68 -6.41 1.70
P LCG C 2 -10.10 -9.76 5.86
OP1 LCG C 2 -11.35 -10.24 5.24
O5' LCG C 2 -8.98 -9.71 4.70
C5' LCG C 2 -7.61 -9.51 4.94
C3' LCG C 2 -5.40 -9.07 3.62
C6' LCG C 2 -7.04 -10.44 2.60
N9 LCG C 2 -5.95 -6.45 1.95
C8 LCG C 2 -6.14 -5.47 2.90
C4 LCG C 2 -5.32 -5.81 0.91
N7 LCG C 2 -5.73 -4.29 2.53
C5 LCG C 2 -5.24 -4.48 1.25
C6 LCG C 2 -4.73 -3.54 0.30
C2' LCG C 2 -5.44 -8.92 2.10
O6 LCG C 2 -4.62 -2.32 0.42
C4' LCG C 2 -6.91 -9.28 3.59
C1' LCG C 2 -6.49 -7.82 1.91
C2 LCG C 2 -4.43 -5.50 -1.14
N1 LCG C 2 -4.37 -4.14 -0.92
O4' LCG C 2 -7.38 -8.10 2.97
OP2 LCG C 2 -9.53 -10.52 6.99
N2 LCG C 2 -4.03 -5.95 -2.32
N3 LCG C 2 -4.93 -6.39 -0.26
O2' LCG C 2 -6.03 -10.13 1.64
O3' LCG C 2 -4.62 -10.16 4.08
H5' LCG C 2 -7.19 -10.39 5.44
H5'' LCG C 2 -7.46 -8.63 5.58
H3' LCG C 2 -5.14 -8.14 4.13
H6'1 LCG C 2 -8.03 -10.45 2.14
H6'2 LCG C 2 -6.82 -11.39 3.07
H8 LCG C 2 -6.62 -5.66 3.85
H2' LCG C 2 -4.49 -8.68 1.65
H1' LCG C 2 -6.98 -7.98 0.94
H1 LCG C 2 -4.25 -3.52 -1.71
H21 LCG C 2 -3.69 -5.30 -3.03
H22 LCG C 2 -4.07 -6.94 -2.51
P LCG C 3 -3.00 -10.09 4.17
OP1 LCG C 3 -2.62 -10.53 5.53
O5' LCG C 3 -2.44 -11.22 3.13
C5' LCG C 3 -2.65 -11.18 1.73
C3' LCG C 3 -0.37 -9.81 1.45
C6' LCG C 3 -1.34 -10.93 -0.41
N9 LCG C 3 -1.46 -6.87 0.35
C8 LCG C 3 -1.88 -6.28 1.52
C4 LCG C 3 -1.06 -5.82 -0.46
N7 LCG C 3 -1.78 -4.98 1.53
C5 LCG C 3 -1.29 -4.68 0.27
C6 LCG C 3 -1.06 -3.40 -0.33
C2' LCG C 3 -0.19 -9.07 0.13
O6 LCG C 3 -1.20 -2.29 0.16
C4' LCG C 3 -1.74 -10.26 0.93
C1' LCG C 3 -1.50 -8.29 -0.05
C2 LCG C 3 -0.41 -4.71 -2.31
N1 LCG C 3 -0.65 -3.50 -1.67
O4' LCG C 3 -2.40 -9.05 0.72
OP2 LCG C 3 -2.56 -8.76 3.70
N2 LCG C 3 0.02 -4.66 -3.56
N3 LCG C 3 -0.61 -5.91 -1.74
O2' LCG C 3 -0.27 -10.09 -0.86
O3' LCG C 3 0.57 -10.86 1.68
H5' LCG C 3 -3.69 -10.96 1.51
H5'' LCG C 3 -2.45 -12.15 1.30
H3' LCG C 3 -0.46 -9.13 2.29
H6'1 LCG C 3 -2.16 -10.91 -1.12
H6'2 LCG C 3 -0.97 -11.94 -0.27
H8 LCG C 3 -2.29 -6.85 2.34
H2' LCG C 3 0.69 -8.45 0.07
H1' LCG C 3 -1.84 -8.43 -1.07
H1 LCG C 3 -0.60 -2.63 -2.18
H21 LCG C 3 0.15 -3.76 -4.02
H22 LCG C 3 0.23 -5.51 -4.04
P LCG C 4 2.09 -10.56 2.14
OP1 LCG C 4 2.75 -11.86 2.37
O5' LCG C 4 2.78 -9.86 0.87
C5' LCG C 4 3.09 -10.56 -0.33
C3' LCG C 4 4.80 -8.78 -1.03
C6' LCG C 4 3.92 -10.12 -2.77
N9 LCG C 4 2.99 -6.32 -1.35
C8 LCG C 4 2.74 -6.25 -0.01
C4 LCG C 4 3.05 -5.02 -1.79
N7 LCG C 4 2.60 -5.03 0.43
C5 LCG C 4 2.78 -4.23 -0.68
C6 LCG C 4 2.75 -2.81 -0.81
C2' LCG C 4 4.59 -8.00 -2.33
O6 LCG C 4 2.53 -1.99 0.07
C4' LCG C 4 3.54 -9.57 -1.38
C1' LCG C 4 3.14 -7.53 -2.19
C2 LCG C 4 3.25 -3.25 -3.17
N1 LCG C 4 3.00 -2.38 -2.12
O4' LCG C 4 2.51 -8.63 -1.58
OP2 LCG C 4 2.04 -9.56 3.24
N2 LCG C 4 3.46 -2.72 -4.37
N3 LCG C 4 3.29 -4.59 -3.05
O2' LCG C 4 4.59 -9.01 -3.34
O3' LCG C 4 5.99 -9.56 -1.00
H5' LCG C 4 2.21 -11.11 -0.68
H5'' LCG C 4 3.91 -11.24 -0.16
H3' LCG C 4 4.68 -8.16 -0.14
H6'1 LCG C 4 3.02 -10.38 -3.34
H6'2 LCG C 4 4.59 -10.97 -2.68
H8 LCG C 4 2.66 -7.12 0.63
H2' LCG C 4 5.27 -7.17 -2.49
H1' LCG C 4 2.71 -7.39 -3.17
H1 LCG C 4 3.00 -1.39 -2.27
H21 LCG C 4 3.44 -1.71 -4.49
H22 LCG C 4 3.65 -3.32 -5.16
P LCG C 5 7.44 -8.95 -0.59
OP1 LCG C 5 8.42 -10.06 -0.62
O5' LCG C 5 7.80 -7.93 -1.77
C5' LCG C 5 8.20 -8.30 -3.08
C3' LCG C 5 9.35 -5.98 -3.42
C6' LCG C 5 8.77 -7.16 -5.32
N9 LCG C 5 6.98 -4.21 -3.08
C8 LCG C 5 6.82 -4.76 -1.85
C4 LCG C 5 6.66 -2.88 -2.92
N7 LCG C 5 6.40 -3.95 -0.93
C5 LCG C 5 6.31 -2.73 -1.59
C6 LCG C 5 6.00 -1.46 -1.06
C2' LCG C 5 8.90 -5.05 -4.52
O6 LCG C 5 5.72 -1.18 0.10
C4' LCG C 5 8.30 -7.00 -3.90
C1' LCG C 5 7.38 -4.94 -4.31
C2 LCG C 5 6.40 -0.67 -3.36
N1 LCG C 5 6.08 -0.44 -2.03
O4' LCG C 5 7.06 -6.31 -4.06
OP2 LCG C 5 7.26 -8.16 0.64
N2 LCG C 5 6.46 0.38 -4.16
N3 LCG C 5 6.70 -1.88 -3.85
O2' LCG C 5 9.10 -5.82 -5.71
O3' LCG C 5 10.72 -6.35 -3.57
H5' LCG C 5 7.48 -8.98 -3.54
H5'' LCG C 5 9.17 -8.82 -3.05
H3' LCG C 5 9.14 -5.57 -2.43
H6'1 LCG C 5 7.99 -7.58 -5.95
H6'2 LCG C 5 9.64 -7.78 -5.27
H8 LCG C 5 7.09 -5.80 -1.71
H2' LCG C 5 9.45 -4.12 -4.47
H1' LCG C 5 6.87 -4.56 -5.18
H1 LCG C 5 5.97 0.51 -1.69
H21 LCG C 5 6.28 1.31 -3.79
H22 LCG C 5 6.73 0.25 -5.13
P LCG D 2 -5.76 -9.47 -8.60
OP1 LCG D 2 -6.09 -10.37 -9.72
O5' LCG D 2 -5.35 -8.03 -9.22
C5' LCG D 2 -4.00 -7.59 -9.31
C3' LCG D 2 -2.62 -5.41 -9.18
C6' LCG D 2 -4.38 -5.46 -10.75
N9 LCG D 2 -3.97 -3.88 -6.89
C8 LCG D 2 -3.74 -4.77 -5.89
C4 LCG D 2 -3.89 -2.64 -6.29
N7 LCG D 2 -3.59 -4.24 -4.71
C5 LCG D 2 -3.71 -2.88 -4.95
C6 LCG D 2 -3.70 -1.79 -4.02
C2' LCG D 2 -3.31 -4.05 -9.33
O6 LCG D 2 -3.61 -1.83 -2.80
C4' LCG D 2 -3.97 -6.07 -9.40
C1' LCG D 2 -4.41 -4.14 -8.28
C2 LCG D 2 -3.97 -0.40 -6.02
N1 LCG D 2 -3.86 -0.55 -4.66
O4' LCG D 2 -4.81 -5.49 -8.41
OP2 LCG D 2 -4.76 -9.87 -7.59
N2 LCG D 2 -3.99 0.85 -6.50
N3 LCG D 2 -4.00 -1.43 -6.89
O2' LCG D 2 -3.95 -4.12 -10.61
O3' LCG D 2 -1.61 -5.66 -10.16
H5' LCG D 2 -3.53 -8.02 -10.19
H5'' LCG D 2 -3.45 -7.90 -8.41
H3' LCG D 2 -2.25 -5.58 -8.16
H6'1 LCG D 2 -3.85 -5.95 -11.57
H6'2 LCG D 2 -5.46 -5.54 -10.90
H8 LCG D 2 -3.72 -5.84 -6.06
H2' LCG D 2 -2.67 -3.19 -9.19
H1' LCG D 2 -5.22 -3.46 -8.54
H1 LCG D 2 -4.04 0.24 -4.05
H21 LCG D 2 -3.97 1.63 -5.86
H22 LCG D 2 -4.05 0.99 -7.49
P LCG D 3 -0.09 -5.14 -9.99
OP1 LCG D 3 0.79 -6.29 -10.30
O5' LCG D 3 0.17 -4.03 -11.15
C5' LCG D 3 -0.52 -2.78 -11.25
C3' LCG D 3 1.29 -1.63 -9.67
C6' LCG D 3 -0.14 -0.29 -10.99
N9 LCG D 3 -0.45 -0.93 -6.93
C8 LCG D 3 -0.48 -2.15 -6.31
C4 LCG D 3 -0.44 -0.01 -5.91
N7 LCG D 3 -0.48 -2.09 -5.01
C5 LCG D 3 -0.48 -0.73 -4.74
C6 LCG D 3 -0.55 -0.04 -3.49
C2' LCG D 3 0.88 -0.32 -9.00
O6 LCG D 3 -0.59 -0.53 -2.36
C4' LCG D 3 -0.09 -1.68 -10.30
C1' LCG D 3 -0.48 -0.63 -8.37
C2 LCG D 3 -0.54 1.98 -4.87
N1 LCG D 3 -0.64 1.34 -3.64
O4' LCG D 3 -0.93 -1.70 -9.16
OP2 LCG D 3 0.03 -4.49 -8.66
N2 LCG D 3 -0.54 3.32 -4.84
N3 LCG D 3 -0.45 1.34 -6.04
O2' LCG D 3 0.57 0.54 -10.09
O3' LCG D 3 2.38 -1.51 -10.58
H5' LCG D 3 -1.59 -2.95 -11.19
H5'' LCG D 3 -0.34 -2.34 -12.21
H3' LCG D 3 1.45 -2.43 -8.93
H6'1 LCG D 3 -1.17 0.05 -11.12
H6'2 LCG D 3 0.38 -0.32 -11.95
H8 LCG D 3 -0.52 -3.09 -6.84
H2' LCG D 3 1.60 0.09 -8.29
H1' LCG D 3 -1.15 0.17 -8.62
H1 LCG D 3 -0.86 1.88 -2.82
H21 LCG D 3 -0.61 3.82 -3.96
H22 LCG D 3 -0.41 3.82 -5.71
P LCG D 4 3.91 -1.38 -10.08
OP1 LCG D 4 4.77 -1.28 -11.28
O5' LCG D 4 3.97 0.04 -9.30
C5' LCG D 4 3.90 1.29 -9.97
C3' LCG D 4 5.06 2.49 -8.03
C6' LCG D 4 3.74 3.85 -9.44
N9 LCG D 4 3.05 2.10 -5.75
C8 LCG D 4 3.22 0.73 -5.69
C4 LCG D 4 2.90 2.50 -4.45
N7 LCG D 4 3.16 0.25 -4.48
C5 LCG D 4 2.95 1.36 -3.68
C6 LCG D 4 2.77 1.47 -2.27
C2' LCG D 4 4.35 3.60 -7.28
O6 LCG D 4 2.80 0.55 -1.45
C4' LCG D 4 3.83 2.40 -8.93
C1' LCG D 4 3.01 2.96 -6.94
C2 LCG D 4 2.53 3.86 -2.70
N1 LCG D 4 2.54 2.77 -1.84
O4' LCG D 4 2.72 2.19 -8.09
OP2 LCG D 4 4.16 -2.44 -9.09
N2 LCG D 4 2.29 5.07 -2.16
N3 LCG D 4 2.71 3.78 -4.02
O2' LCG D 4 4.09 4.59 -8.27
O3' LCG D 4 6.24 2.89 -8.73
H5' LCG D 4 3.01 1.32 -10.61
H5'' LCG D 4 4.79 1.45 -10.54
H3' LCG D 4 5.21 1.58 -7.43
H6'1 LCG D 4 2.73 4.08 -9.78
H6'2 LCG D 4 4.48 4.03 -10.24
H8 LCG D 4 3.39 0.13 -6.57
H2' LCG D 4 4.85 3.95 -6.39
H1' LCG D 4 2.26 3.73 -6.85
H1 LCG D 4 2.28 2.89 -0.87
H21 LCG D 4 2.14 5.16 -1.16
H22 LCG D 4 2.26 5.87 -2.77
P LCG D 5 7.67 3.09 -8.00
OP1 LCG D 5 8.65 3.48 -9.04
O5' LCG D 5 7.47 4.33 -7.01
C5' LCG D 5 7.30 5.68 -7.42
C3' LCG D 5 8.10 6.70 -5.13
C6' LCG D 5 6.64 7.95 -6.46
N9 LCG D 5 6.11 5.35 -3.33
C8 LCG D 5 6.47 4.12 -3.83
C4 LCG D 5 5.80 5.11 -2.00
N7 LCG D 5 6.43 3.14 -2.97
C5 LCG D 5 5.99 3.76 -1.80
C6 LCG D 5 5.73 3.18 -0.52
C2' LCG D 5 7.13 7.52 -4.30
O6 LCG D 5 5.84 2.00 -0.20
C4' LCG D 5 6.97 6.50 -6.17
C1' LCG D 5 5.92 6.57 -4.15
C2 LCG D 5 5.12 5.46 0.13
N1 LCG D 5 5.26 4.11 0.40
O4' LCG D 5 5.79 6.09 -5.48
OP2 LCG D 5 7.94 1.89 -7.16
N2 LCG D 5 4.73 6.25 1.12
N3 LCG D 5 5.38 6.01 -1.08
O2' LCG D 5 6.74 8.57 -5.19
O3' LCG D 5 9.21 7.37 -5.72
H5' LCG D 5 6.51 5.77 -8.16
H5'' LCG D 5 8.23 6.03 -7.90
H3' LCG D 5 8.39 5.79 -4.61
H6'1 LCG D 5 7.41 8.30 -7.14
H6'2 LCG D 5 5.65 8.02 -6.89
H8 LCG D 5 6.75 4.03 -4.87
H2' LCG D 5 7.52 7.88 -3.34
H1' LCG D 5 5.03 7.11 -3.83
H1 LCG D 5 5.03 3.73 1.32
H21 LCG D 5 4.54 5.86 2.03
H22 LCG D 5 4.66 7.25 0.96
P LCG A 2 -6.71 6.28 -10.68
OP1 LCG A 2 -7.24 7.24 -11.67
O5' LCG A 2 -6.73 7.00 -9.24
C5' LCG A 2 -5.58 7.59 -8.68
C3' LCG A 2 -4.42 8.03 -6.41
C6' LCG A 2 -6.64 8.80 -6.63
N9 LCG A 2 -5.01 5.40 -4.79
C8 LCG A 2 -4.34 4.53 -5.62
C4 LCG A 2 -4.99 4.82 -3.55
N7 LCG A 2 -3.96 3.44 -5.02
C5 LCG A 2 -4.40 3.58 -3.71
C6 LCG A 2 -4.35 2.67 -2.62
C2' LCG A 2 -5.20 7.94 -5.11
O6 LCG A 2 -3.92 1.51 -2.61
C4' LCG A 2 -5.72 7.70 -7.16
C1' LCG A 2 -5.85 6.55 -5.19
C2 LCG A 2 -5.43 4.47 -1.35
N1 LCG A 2 -4.92 3.19 -1.45
O4' LCG A 2 -6.14 6.48 -6.58
OP2 LCG A 2 -5.40 5.64 -10.89
N2 LCG A 2 -5.82 4.87 -0.16
N3 LCG A 2 -5.51 5.33 -2.40
O2' LCG A 2 -6.26 8.89 -5.26
O3' LCG A 2 -3.90 9.32 -6.67
H5' LCG A 2 -5.44 8.59 -9.09
H5'' LCG A 2 -4.70 6.98 -8.89
H3' LCG A 2 -3.68 7.24 -6.52
H6'1 LCG A 2 -6.43 9.76 -7.14
H6'2 LCG A 2 -7.68 8.52 -6.76
H8 LCG A 2 -4.19 4.71 -6.67
H2' LCG A 2 -4.62 8.08 -4.21
H1' LCG A 2 -6.77 6.56 -4.60
H1 LCG A 2 -5.07 2.55 -0.69
H21 LCG A 2 -5.78 4.25 0.64
H22 LCG A 2 -6.18 5.81 -0.04
P LCG A 3 -2.38 9.74 -6.29
OP1 LCG A 3 -2.24 11.19 -6.52
O5' LCG A 3 -2.27 9.47 -4.70
C5' LCG A 3 -2.94 10.26 -3.73
C3' LCG A 3 -1.22 9.44 -1.98
C6' LCG A 3 -3.17 10.57 -1.21
N9 LCG A 3 -2.34 6.53 -1.31
C8 LCG A 3 -1.90 5.97 -2.47
C4 LCG A 3 -2.24 5.55 -0.36
N7 LCG A 3 -1.53 4.72 -2.37
C5 LCG A 3 -1.75 4.43 -1.02
C6 LCG A 3 -1.59 3.21 -0.31
C2' LCG A 3 -1.76 8.91 -0.67
O6 LCG A 3 -1.17 2.13 -0.74
C4' LCG A 3 -2.68 9.68 -2.37
C1' LCG A 3 -2.83 7.90 -1.11
C2 LCG A 3 -2.40 4.48 1.62
N1 LCG A 3 -1.97 3.30 1.02
O4' LCG A 3 -3.29 8.43 -2.32
OP2 LCG A 3 -1.47 8.80 -6.98
N2 LCG A 3 -2.69 4.44 2.92
N3 LCG A 3 -2.55 5.63 0.96
O2' LCG A 3 -2.48 9.99 -0.10
O3' LCG A 3 -0.43 10.62 -1.84
H5' LCG A 3 -4.01 10.30 -3.94
H5'' LCG A 3 -2.53 11.23 -3.62
H3' LCG A 3 -0.75 8.67 -2.59
H6'1 LCG A 3 -2.83 11.59 -1.37
H6'2 LCG A 3 -4.25 10.52 -1.09
H8 LCG A 3 -1.89 6.54 -3.40
H2' LCG A 3 -1.01 8.48 -0.02
H1' LCG A 3 -3.67 8.03 -0.48
H1 LCG A 3 -2.00 2.44 1.55
H21 LCG A 3 -2.58 3.58 3.44
H22 LCG A 3 -2.99 5.28 3.39
P LCG A 4 1.12 10.56 -1.39
OP1 LCG A 4 1.63 11.95 -1.36
O5' LCG A 4 1.11 10.00 0.12
C5' LCG A 4 0.65 10.74 1.23
C3' LCG A 4 2.02 9.24 2.80
C6' LCG A 4 0.21 10.40 3.80
N9 LCG A 4 0.70 6.55 2.29
C8 LCG A 4 1.12 6.50 0.98
C4 LCG A 4 0.82 5.27 2.75
N7 LCG A 4 1.47 5.31 0.58
C5 LCG A 4 1.29 4.51 1.71
C6 LCG A 4 1.51 3.11 1.88
C2' LCG A 4 1.32 8.42 3.87
O6 LCG A 4 1.93 2.31 1.05
C4' LCG A 4 0.65 9.83 2.44
C1' LCG A 4 0.22 7.72 3.06
C2 LCG A 4 0.72 3.51 4.17
N1 LCG A 4 1.19 2.67 3.17
O4' LCG A 4 -0.20 8.73 2.18
OP2 LCG A 4 1.81 9.56 -2.23
N2 LCG A 4 0.42 2.97 5.35
N3 LCG A 4 0.53 4.83 4.01
O2' LCG A 4 0.68 9.38 4.70
O3' LCG A 4 2.93 10.23 3.30
H5' LCG A 4 -0.36 11.12 1.05
H5'' LCG A 4 1.32 11.55 1.46
H3' LCG A 4 2.45 8.65 1.99
H6'1 LCG A 4 0.71 11.34 4.01
H6'2 LCG A 4 -0.88 10.50 3.85
H8 LCG A 4 1.15 7.35 0.33
H2' LCG A 4 1.94 7.69 4.39
H1' LCG A 4 -0.60 7.47 3.72
H1 LCG A 4 1.29 1.68 3.33
H21 LCG A 4 0.57 1.99 5.50
H22 LCG A 4 0.07 3.56 6.08
P LCG A 5 4.48 9.90 3.63
OP1 LCG A 5 5.14 11.17 4.03
O5' LCG A 5 4.43 8.95 4.93
C5' LCG A 5 4.04 9.36 6.22
C3' LCG A 5 5.34 7.32 7.32
C6' LCG A 5 3.62 8.29 8.55
N9 LCG A 5 3.81 5.12 5.90
C8 LCG A 5 4.09 5.69 4.69
C4 LCG A 5 3.89 3.76 5.68
N7 LCG A 5 4.33 4.85 3.74
C5 LCG A 5 4.23 3.61 4.35
C6 LCG A 5 4.47 2.32 3.81
C2' LCG A 5 4.53 6.27 8.08
O6 LCG A 5 4.84 2.06 2.66
C4' LCG A 5 4.02 8.10 7.10
C1' LCG A 5 3.40 5.89 7.11
C2 LCG A 5 3.89 1.52 6.05
N1 LCG A 5 4.28 1.30 4.73
O4' LCG A 5 3.03 7.18 6.65
OP2 LCG A 5 5.04 9.09 2.52
N2 LCG A 5 3.76 0.46 6.84
N3 LCG A 5 3.69 2.75 6.58
O2' LCG A 5 3.93 7.03 9.12
O3' LCG A 5 6.35 7.80 8.23
H5' LCG A 5 3.06 9.84 6.22
H5'' LCG A 5 4.75 10.10 6.59
H3' LCG A 5 5.76 6.92 6.41
H6'1 LCG A 5 4.24 9.07 8.93
H6'2 LCG A 5 2.55 8.51 8.59
H8 LCG A 5 4.14 6.75 4.62
H2' LCG A 5 5.11 5.42 8.43
H1' LCG A 5 2.59 5.39 7.63
H1 LCG A 5 4.47 0.36 4.42
H21 LCG A 5 3.95 -0.46 6.47
H22 LCG A 5 3.52 0.59 7.80
P LCG B 2 -12.48 6.77 5.84
OP1 LCG B 2 -13.83 6.17 5.75
O5' LCG B 2 -11.46 5.57 6.18
C5' LCG B 2 -10.13 5.78 6.64
C3' LCG B 2 -7.94 4.40 7.04
C6' LCG B 2 -10.01 3.43 7.65
N9 LCG B 2 -7.52 2.75 4.35
C8 LCG B 2 -7.19 3.76 3.48
C4 LCG B 2 -6.87 1.63 3.87
N7 LCG B 2 -6.44 3.37 2.49
C5 LCG B 2 -6.25 2.01 2.71
C6 LCG B 2 -5.58 1.03 1.91
C2' LCG B 2 -7.98 2.88 6.85
O6 LCG B 2 -5.02 1.18 0.83
C4' LCG B 2 -9.42 4.43 6.64
C1' LCG B 2 -8.53 2.73 5.43
C2 LCG B 2 -6.25 -0.53 3.68
N1 LCG B 2 -5.66 -0.26 2.46
O4' LCG B 2 -9.41 3.84 5.35
OP2 LCG B 2 -12.24 7.85 6.82
N2 LCG B 2 -6.21 -1.78 4.13
N3 LCG B 2 -6.89 0.39 4.43
O2' LCG B 2 -9.01 2.42 7.72
O3' LCG B 2 -7.69 4.80 8.39
H5' LCG B 2 -10.16 6.16 7.65
H5'' LCG B 2 -9.61 6.48 5.97
H3' LCG B 2 -7.30 4.89 6.32
H6'1 LCG B 2 -10.15 3.91 8.63
H6'2 LCG B 2 -10.97 3.06 7.28
H8 LCG B 2 -7.55 4.77 3.60
H2' LCG B 2 -7.03 2.39 6.98
H1' LCG B 2 -9.10 1.80 5.37
H1 LCG B 2 -5.42 -1.03 1.85
H21 LCG B 2 -5.75 -2.50 3.58
H22 LCG B 2 -6.62 -2.00 5.01
P LCG B 3 -6.19 5.05 8.95
OP1 LCG B 3 -6.30 5.37 10.39
O5' LCG B 3 -5.43 3.64 8.80
C5' LCG B 3 -5.79 2.49 9.54
C3' LCG B 3 -3.44 1.47 9.10
C6' LCG B 3 -5.15 0.03 9.90
N9 LCG B 3 -3.73 0.54 6.04
C8 LCG B 3 -3.73 1.77 5.42
C4 LCG B 3 -3.09 -0.30 5.17
N7 LCG B 3 -3.18 1.77 4.26
C5 LCG B 3 -2.77 0.46 4.06
C6 LCG B 3 -2.15 -0.16 2.93
C2' LCG B 3 -3.38 0.08 8.52
O6 LCG B 3 -1.79 0.37 1.88
C4' LCG B 3 -4.95 1.32 9.08
C1' LCG B 3 -4.34 0.17 7.33
C2 LCG B 3 -2.26 -2.21 4.27
N1 LCG B 3 -1.96 -1.53 3.10
O4' LCG B 3 -5.27 1.12 7.72
OP2 LCG B 3 -5.53 6.01 8.03
N2 LCG B 3 -1.98 -3.50 4.32
N3 LCG B 3 -2.84 -1.64 5.34
O2' LCG B 3 -4.04 -0.75 9.48
O3' LCG B 3 -2.85 1.58 10.40
H5' LCG B 3 -6.84 2.26 9.44
H5'' LCG B 3 -5.50 2.53 10.57
H3' LCG B 3 -3.09 2.24 8.41
H6'1 LCG B 3 -6.10 -0.46 9.63
H6'2 LCG B 3 -5.09 0.22 10.96
H8 LCG B 3 -4.20 2.64 5.86
H2' LCG B 3 -2.38 -0.25 8.24
H1' LCG B 3 -4.92 -0.72 7.33
H1 LCG B 3 -1.68 -2.06 2.29
H21 LCG B 3 -1.58 -3.97 3.51
H22 LCG B 3 -2.14 -4.01 5.17
P LCG B 4 -1.26 1.70 10.62
OP1 LCG B 4 -1.01 1.77 12.07
O5' LCG B 4 -0.65 0.30 10.08
C5' LCG B 4 -0.83 -0.94 10.76
C3' LCG B 4 1.27 -1.92 9.66
C6' LCG B 4 -0.33 -3.49 10.40
N9 LCG B 4 0.48 -1.80 6.69
C8 LCG B 4 0.41 -0.44 6.63
C4 LCG B 4 1.00 -2.20 5.49
N7 LCG B 4 0.80 0.05 5.48
C5 LCG B 4 1.18 -1.06 4.75
C6 LCG B 4 1.66 -1.16 3.40
C2' LCG B 4 1.16 -3.11 8.73
O6 LCG B 4 1.88 -0.23 2.63
C4' LCG B 4 -0.23 -2.04 9.90
C1' LCG B 4 0.04 -2.69 7.79
C2 LCG B 4 1.67 -3.57 3.83
N1 LCG B 4 1.87 -2.48 3.00
O4' LCG B 4 -0.85 -2.02 8.63
OP2 LCG B 4 -0.76 2.77 9.73
N2 LCG B 4 1.90 -4.78 3.32
N3 LCG B 4 1.23 -3.48 5.09
O2' LCG B 4 0.61 -4.15 9.55
O3' LCG B 4 2.04 -2.16 10.84
H5' LCG B 4 -1.89 -1.13 10.94
H5'' LCG B 4 -0.28 -0.95 11.68
H3' LCG B 4 1.54 -1.00 9.15
H6'1 LCG B 4 -0.03 -3.57 11.44
H6'2 LCG B 4 -1.34 -3.90 10.25
H8 LCG B 4 0.06 0.17 7.45
H2' LCG B 4 2.06 -3.36 8.18
H1' LCG B 4 -0.45 -3.58 7.40
H1 LCG B 4 2.12 -2.61 2.03
H21 LCG B 4 2.21 -4.88 2.37
H22 LCG B 4 1.76 -5.59 3.91
P LCG B 5 3.65 -2.17 10.87
OP1 LCG B 5 4.06 -2.44 12.27
O5' LCG B 5 4.09 -3.43 9.97
C5' LCG B 5 3.90 -4.80 10.32
C3' LCG B 5 5.84 -5.58 8.66
C6' LCG B 5 4.19 -7.11 9.26
N9 LCG B 5 4.69 -4.45 6.14
C8 LCG B 5 4.64 -3.21 6.72
C4 LCG B 5 5.00 -4.21 4.82
N7 LCG B 5 4.85 -2.22 5.90
C5 LCG B 5 5.07 -2.83 4.69
C6 LCG B 5 5.33 -2.24 3.40
C2' LCG B 5 5.45 -6.49 7.49
O6 LCG B 5 5.39 -1.06 3.12
C4' LCG B 5 4.35 -5.62 9.10
C1' LCG B 5 4.30 -5.72 6.81
C2 LCG B 5 5.44 -4.57 2.62
N1 LCG B 5 5.50 -3.20 2.39
O4' LCG B 5 3.54 -5.34 7.95
OP2 LCG B 5 4.14 -0.96 10.19
N2 LCG B 5 5.67 -5.37 1.59
N3 LCG B 5 5.18 -5.13 3.83
O2' LCG B 5 4.88 -7.63 8.13
O3' LCG B 5 6.83 -6.25 9.47
H5' LCG B 5 2.87 -5.01 10.57
H5'' LCG B 5 4.50 -5.05 11.20
H3' LCG B 5 6.17 -4.61 8.32
H6'1 LCG B 5 3.13 -7.39 9.28
H6'2 LCG B 5 4.71 -7.33 10.17
H8 LCG B 5 4.44 -3.15 7.77
H2' LCG B 5 6.25 -6.75 6.79
H1' LCG B 5 3.73 -6.36 6.14
H1 LCG B 5 5.67 -2.83 1.47
H21 LCG B 5 5.86 -4.98 0.68
H22 LCG B 5 5.66 -6.38 1.73
P LCG C 2 -10.22 -7.69 6.11
OP1 LCG C 2 -11.04 -8.77 6.72
O5' LCG C 2 -9.34 -8.34 4.94
C5' LCG C 2 -7.96 -8.62 5.09
C3' LCG C 2 -5.76 -8.86 3.77
C6' LCG C 2 -7.66 -9.92 2.82
N9 LCG C 2 -5.77 -6.28 1.97
C8 LCG C 2 -5.75 -5.35 2.98
C4 LCG C 2 -5.19 -5.65 0.89
N7 LCG C 2 -5.27 -4.18 2.63
C5 LCG C 2 -4.95 -4.34 1.28
C6 LCG C 2 -4.49 -3.39 0.31
C2' LCG C 2 -5.75 -8.81 2.25
O6 LCG C 2 -4.30 -2.19 0.50
C4' LCG C 2 -7.28 -8.72 3.72
C1' LCG C 2 -6.53 -7.54 1.93
C2 LCG C 2 -4.49 -5.28 -1.24
N1 LCG C 2 -4.32 -3.95 -0.95
O4' LCG C 2 -7.49 -7.55 2.96
OP2 LCG C 2 -9.37 -6.84 6.98
N2 LCG C 2 -4.15 -5.69 -2.45
N3 LCG C 2 -4.96 -6.18 -0.34
O2' LCG C 2 -6.59 -9.92 1.87
O3' LCG C 2 -5.27 -10.09 4.30
H5' LCG C 2 -7.82 -9.55 5.65
H5'' LCG C 2 -7.47 -7.80 5.63
H3' LCG C 2 -5.29 -7.99 4.23
H6'1 LCG C 2 -8.62 -9.76 2.34
H6'2 LCG C 2 -7.65 -10.85 3.39
H8 LCG C 2 -6.13 -5.54 3.96
H2' LCG C 2 -4.76 -8.84 1.81
H1' LCG C 2 -7.00 -7.65 0.95
H1 LCG C 2 -4.18 -3.29 -1.70
H21 LCG C 2 -3.83 -5.03 -3.14
H22 LCG C 2 -4.25 -6.66 -2.68
P LCG C 3 -3.73 -10.30 4.75
OP1 LCG C 3 -3.56 -11.73 5.07
O5' LCG C 3 -2.84 -9.96 3.45
C5' LCG C 3 -2.81 -10.79 2.29
C3' LCG C 3 -0.58 -9.67 1.57
C6' LCG C 3 -1.75 -10.98 -0.04
N9 LCG C 3 -1.61 -6.87 0.44
C8 LCG C 3 -1.90 -6.29 1.65
C4 LCG C 3 -1.18 -5.84 -0.36
N7 LCG C 3 -1.67 -5.00 1.69
C5 LCG C 3 -1.24 -4.70 0.41
C6 LCG C 3 -0.91 -3.44 -0.18
C2' LCG C 3 -0.49 -9.12 0.16
O6 LCG C 3 -0.90 -2.34 0.35
C4' LCG C 3 -2.00 -10.12 1.23
C1' LCG C 3 -1.75 -8.28 0.06
C2 LCG C 3 -0.55 -4.74 -2.23
N1 LCG C 3 -0.61 -3.54 -1.54
O4' LCG C 3 -2.65 -8.93 0.90
OP2 LCG C 3 -3.43 -9.28 5.78
N2 LCG C 3 -0.21 -4.68 -3.51
N3 LCG C 3 -0.82 -5.93 -1.68
O2' LCG C 3 -0.71 -10.25 -0.68
O3' LCG C 3 0.35 -10.72 1.84
H5' LCG C 3 -3.81 -10.99 1.92
H5'' LCG C 3 -2.26 -11.68 2.41
H3' LCG C 3 -0.56 -8.89 2.34
H6'1 LCG C 3 -2.65 -11.02 -0.66
H6'2 LCG C 3 -1.40 -11.97 0.24
H8 LCG C 3 -2.29 -6.85 2.48
H2' LCG C 3 0.43 -8.56 -0.06
H1' LCG C 3 -2.19 -8.47 -0.90
H1 LCG C 3 -0.55 -2.68 -2.05
H21 LCG C 3 -0.01 -3.80 -3.96
H22 LCG C 3 -0.15 -5.54 -4.04
P LCG C 4 1.90 -10.43 2.19
OP1 LCG C 4 2.57 -11.73 2.38
O5' LCG C 4 2.52 -9.75 0.86
C5' LCG C 4 2.75 -10.46 -0.35
C3' LCG C 4 4.53 -8.74 -1.06
C6' LCG C 4 3.58 -10.05 -2.79
N9 LCG C 4 2.82 -6.22 -1.37
C8 LCG C 4 2.57 -6.14 -0.03
C4 LCG C 4 2.93 -4.92 -1.79
N7 LCG C 4 2.51 -4.93 0.43
C5 LCG C 4 2.73 -4.14 -0.68
C6 LCG C 4 2.77 -2.71 -0.79
C2' LCG C 4 4.35 -7.95 -2.35
O6 LCG C 4 2.62 -1.89 0.11
C4' LCG C 4 3.24 -9.48 -1.40
C1' LCG C 4 2.92 -7.43 -2.21
C2 LCG C 4 3.18 -3.15 -3.17
N1 LCG C 4 3.00 -2.28 -2.10
O4' LCG C 4 2.24 -8.49 -1.62
OP2 LCG C 4 1.94 -9.42 3.27
N2 LCG C 4 3.36 -2.62 -4.37
N3 LCG C 4 3.16 -4.48 -3.06
O2' LCG C 4 4.31 -8.96 -3.36
O3' LCG C 4 5.66 -9.59 -1.01
H5' LCG C 4 1.85 -10.96 -0.68
H5'' LCG C 4 3.55 -11.17 -0.21
H3' LCG C 4 4.42 -8.12 -0.16
H6'1 LCG C 4 2.69 -10.27 -3.37
H6'2 LCG C 4 4.23 -10.93 -2.71
H8 LCG C 4 2.43 -7.01 0.60
H2' LCG C 4 5.07 -7.16 -2.52
H1' LCG C 4 2.50 -7.27 -3.20
H1 LCG C 4 3.00 -1.28 -2.25
H21 LCG C 4 3.38 -1.62 -4.49
H22 LCG C 4 3.48 -3.23 -5.17
P LCG C 5 7.13 -9.07 -0.59
OP1 LCG C 5 8.05 -10.23 -0.62
O5' LCG C 5 7.54 -8.05 -1.78
C5' LCG C 5 7.93 -8.45 -3.08
C3' LCG C 5 9.27 -6.17 -3.41
C6' LCG C 5 8.65 -7.40 -5.29
N9 LCG C 5 6.96 -4.30 -3.12
C8 LCG C 5 6.76 -4.85 -1.89
C4 LCG C 5 6.71 -2.96 -2.96
N7 LCG C 5 6.37 -4.01 -0.97
C5 LCG C 5 6.36 -2.80 -1.63
C6 LCG C 5 6.11 -1.50 -1.09
C2' LCG C 5 8.85 -5.26 -4.56
O6 LCG C 5 5.84 -1.22 0.07
C4' LCG C 5 8.17 -7.16 -3.88
C1' LCG C 5 7.33 -5.08 -4.34
C2 LCG C 5 6.56 -0.74 -3.38
N1 LCG C 5 6.22 -0.49 -2.05
O4' LCG C 5 6.95 -6.42 -4.07
OP2 LCG C 5 7.01 -8.25 0.64
N2 LCG C 5 6.68 0.33 -4.17
N3 LCG C 5 6.82 -1.97 -3.88
O2' LCG C 5 9.02 -6.09 -5.71
O3' LCG C 5 10.67 -6.56 -3.50
H5' LCG C 5 7.17 -9.07 -3.57
H5'' LCG C 5 8.85 -9.04 -3.04
H3' LCG C 5 9.06 -5.71 -2.45
H6'1 LCG C 5 7.86 -7.83 -5.90
H6'2 LCG C 5 9.50 -8.03 -5.18
H8 LCG C 5 6.97 -5.89 -1.73
H2' LCG C 5 9.36 -4.31 -4.65
H1' LCG C 5 6.84 -4.69 -5.23
H1 LCG C 5 6.11 0.45 -1.73
H21 LCG C 5 6.54 1.25 -3.80
H22 LCG C 5 6.96 0.19 -5.14
P LCG D 2 -6.74 -8.44 -10.63
OP1 LCG D 2 -8.09 -8.13 -11.13
O5' LCG D 2 -5.90 -7.06 -10.60
C5' LCG D 2 -4.49 -7.00 -10.47
C3' LCG D 2 -2.64 -5.23 -9.92
C6' LCG D 2 -4.37 -4.62 -11.42
N9 LCG D 2 -3.78 -3.68 -7.37
C8 LCG D 2 -3.70 -4.68 -6.42
C4 LCG D 2 -3.66 -2.51 -6.67
N7 LCG D 2 -3.63 -4.24 -5.20
C5 LCG D 2 -3.63 -2.85 -5.33
C6 LCG D 2 -3.65 -1.82 -4.34
C2' LCG D 2 -3.04 -3.75 -9.82
O6 LCG D 2 -3.66 -1.93 -3.12
C4' LCG D 2 -4.11 -5.54 -10.21
C1' LCG D 2 -4.17 -3.78 -8.79
C2 LCG D 2 -3.66 -0.29 -6.27
N1 LCG D 2 -3.71 -0.53 -4.90
O4' LCG D 2 -4.78 -5.02 -9.08
OP2 LCG D 2 -5.92 -9.44 -11.36
N2 LCG D 2 -3.64 0.97 -6.66
N3 LCG D 2 -3.66 -1.26 -7.19
O2' LCG D 2 -3.64 -3.45 -11.06
O3' LCG D 2 -1.74 -5.48 -11.00
H5' LCG D 2 -4.03 -7.33 -11.39
H5'' LCG D 2 -4.17 -7.61 -9.62
H3' LCG D 2 -2.30 -5.64 -8.97
H6'1 LCG D 2 -3.96 -5.05 -12.33
H6'2 LCG D 2 -5.44 -4.44 -11.52
H8 LCG D 2 -3.76 -5.73 -6.67
H2' LCG D 2 -2.24 -3.09 -9.54
H1' LCG D 2 -4.86 -2.95 -9.01
H1 LCG D 2 -3.93 0.23 -4.28
H21 LCG D 2 -3.65 1.72 -5.99
H22 LCG D 2 -3.61 1.16 -7.66
P LCG D 3 -0.14 -5.45 -10.82
OP1 LCG D 3 0.47 -5.60 -12.17
O5' LCG D 3 0.22 -3.98 -10.27
C5' LCG D 3 0.07 -2.81 -11.06
C3' LCG D 3 1.75 -1.59 -9.50
C6' LCG D 3 0.44 -0.28 -11.00
N9 LCG D 3 -0.13 -0.87 -6.95
C8 LCG D 3 -0.24 -2.12 -6.39
C4 LCG D 3 -0.15 0.00 -5.89
N7 LCG D 3 -0.35 -2.11 -5.09
C5 LCG D 3 -0.31 -0.75 -4.76
C6 LCG D 3 -0.46 -0.11 -3.49
C2' LCG D 3 1.34 -0.24 -8.94
O6 LCG D 3 -0.61 -0.63 -2.39
C4' LCG D 3 0.40 -1.61 -10.22
C1' LCG D 3 -0.06 -0.51 -8.38
C2 LCG D 3 -0.24 1.96 -4.76
N1 LCG D 3 -0.46 1.28 -3.59
O4' LCG D 3 -0.53 -1.55 -9.17
OP2 LCG D 3 0.21 -6.42 -9.76
N2 LCG D 3 -0.20 3.29 -4.70
N3 LCG D 3 -0.09 1.37 -5.96
O2' LCG D 3 1.13 0.58 -10.08
O3' LCG D 3 2.88 -1.55 -10.36
H5' LCG D 3 -0.94 -2.73 -11.46
H5'' LCG D 3 0.80 -2.72 -11.83
H3' LCG D 3 1.83 -2.36 -8.74
H6'1 LCG D 3 -0.56 0.08 -11.22
H6'2 LCG D 3 1.03 -0.38 -11.92
H8 LCG D 3 -0.28 -3.03 -6.97
H2' LCG D 3 2.02 0.18 -8.20
H1' LCG D 3 -0.69 0.30 -8.68
H1 LCG D 3 -0.73 1.78 -2.76
H21 LCG D 3 -0.35 3.76 -3.81
H22 LCG D 3 0.01 3.82 -5.52
P LCG D 4 4.39 -1.44 -9.80
OP1 LCG D 4 5.32 -1.47 -10.95
O5' LCG D 4 4.49 0.01 -9.11
C5' LCG D 4 4.48 1.22 -9.85
C3' LCG D 4 5.60 2.50 -7.94
C6' LCG D 4 4.34 3.81 -9.43
N9 LCG D 4 3.48 2.17 -5.71
C8 LCG D 4 3.63 0.81 -5.62
C4 LCG D 4 3.23 2.59 -4.43
N7 LCG D 4 3.45 0.34 -4.42
C5 LCG D 4 3.20 1.47 -3.65
C6 LCG D 4 2.91 1.58 -2.25
C2' LCG D 4 4.85 3.63 -7.23
O6 LCG D 4 2.85 0.67 -1.43
C4' LCG D 4 4.40 2.38 -8.87
C1' LCG D 4 3.50 3.00 -6.93
C2 LCG D 4 2.72 3.98 -2.73
N1 LCG D 4 2.66 2.89 -1.86
O4' LCG D 4 3.26 2.21 -8.06
OP2 LCG D 4 4.54 -2.45 -8.71
N2 LCG D 4 2.45 5.18 -2.23
N3 LCG D 4 3.02 3.88 -4.04
O2' LCG D 4 4.63 4.59 -8.27
O3' LCG D 4 6.81 2.91 -8.60
H5' LCG D 4 3.62 1.25 -10.54
H5'' LCG D 4 5.41 1.34 -10.40
H3' LCG D 4 5.75 1.62 -7.31
H6'1 LCG D 4 3.34 4.04 -9.81
H6'2 LCG D 4 5.09 3.97 -10.20
H8 LCG D 4 3.84 0.17 -6.47
H2' LCG D 4 5.33 4.01 -6.33
H1' LCG D 4 2.75 3.78 -6.88
H1 LCG D 4 2.38 3.03 -0.90
H21 LCG D 4 2.22 5.29 -1.25
H22 LCG D 4 2.49 5.98 -2.84
P LCG D 5 8.21 3.20 -7.85
OP1 LCG D 5 9.19 3.62 -8.87
O5' LCG D 5 7.93 4.45 -6.88
C5' LCG D 5 7.73 5.78 -7.32
C3' LCG D 5 8.35 6.88 -4.99
C6' LCG D 5 6.88 8.01 -6.40
N9 LCG D 5 6.40 5.37 -3.28
C8 LCG D 5 6.84 4.17 -3.77
C4 LCG D 5 6.03 5.10 -1.98
N7 LCG D 5 6.76 3.17 -2.93
C5 LCG D 5 6.22 3.76 -1.79
C6 LCG D 5 5.87 3.14 -0.55
C2' LCG D 5 7.29 7.64 -4.21
O6 LCG D 5 5.95 1.96 -0.24
C4' LCG D 5 7.29 6.60 -6.08
C1' LCG D 5 6.16 6.59 -4.10
C2 LCG D 5 5.21 5.41 0.11
N1 LCG D 5 5.38 4.06 0.38
O4' LCG D 5 6.12 6.11 -5.44
OP2 LCG D 5 8.51 2.04 -6.98
N2 LCG D 5 4.75 6.18 1.09
N3 LCG D 5 5.52 5.98 -1.07
O2' LCG D 5 6.86 8.65 -5.12
O3' LCG D 5 9.44 7.63 -5.54
H5' LCG D 5 6.98 5.84 -8.09
H5'' LCG D 5 8.66 6.18 -7.74
H3' LCG D 5 8.69 6.00 -4.45
H6'1 LCG D 5 7.64 8.42 -7.04
H6'2 LCG D 5 5.90 8.01 -6.87
H8 LCG D 5 7.19 4.11 -4.79
H2' LCG D 5 7.60 8.04 -3.24
H1' LCG D 5 5.21 7.06 -3.83
H1 LCG D 5 5.14 3.68 1.30
H21 LCG D 5 4.51 5.78 1.98
H22 LCG D 5 4.65 7.18 0.94
P LCG A 2 -7.62 7.57 -10.71
OP1 LCG A 2 -8.27 8.79 -11.24
O5' LCG A 2 -7.26 7.84 -9.16
C5' LCG A 2 -5.93 8.09 -8.72
C3' LCG A 2 -4.54 8.13 -6.52
C6' LCG A 2 -6.72 9.04 -6.48
N9 LCG A 2 -5.22 5.39 -5.05
C8 LCG A 2 -4.65 4.46 -5.90
C4 LCG A 2 -5.13 4.84 -3.80
N7 LCG A 2 -4.25 3.38 -5.30
C5 LCG A 2 -4.57 3.59 -3.96
C6 LCG A 2 -4.45 2.72 -2.83
C2' LCG A 2 -5.24 7.93 -5.19
O6 LCG A 2 -4.01 1.58 -2.80
C4' LCG A 2 -5.89 7.96 -7.20
C1' LCG A 2 -5.99 6.61 -5.39
C2 LCG A 2 -5.41 4.59 -1.57
N1 LCG A 2 -4.95 3.30 -1.65
O4' LCG A 2 -6.32 6.67 -6.76
OP2 LCG A 2 -6.44 7.00 -11.40
N2 LCG A 2 -5.74 5.04 -0.37
N3 LCG A 2 -5.54 5.41 -2.64
O2' LCG A 2 -6.24 8.93 -5.13
O3' LCG A 2 -3.96 9.41 -6.69
H5' LCG A 2 -5.66 9.10 -8.99
H5'' LCG A 2 -5.24 7.37 -9.16
H3' LCG A 2 -3.86 7.31 -6.75
H6'1 LCG A 2 -6.50 10.03 -6.88
H6'2 LCG A 2 -7.78 8.82 -6.57
H8 LCG A 2 -4.57 4.61 -6.97
H2' LCG A 2 -4.58 7.91 -4.32
H1' LCG A 2 -6.91 6.62 -4.79
H1 LCG A 2 -5.08 2.67 -0.88
H21 LCG A 2 -5.68 4.45 0.44
H22 LCG A 2 -6.08 5.99 -0.29
P LCG A 3 -2.43 9.74 -6.26
OP1 LCG A 3 -2.21 11.18 -6.49
O5' LCG A 3 -2.38 9.47 -4.67
C5' LCG A 3 -3.09 10.28 -3.73
C3' LCG A 3 -1.42 9.49 -1.91
C6' LCG A 3 -3.40 10.61 -1.23
N9 LCG A 3 -2.50 6.59 -1.29
C8 LCG A 3 -2.08 6.02 -2.47
C4 LCG A 3 -2.34 5.61 -0.34
N7 LCG A 3 -1.72 4.78 -2.35
C5 LCG A 3 -1.90 4.49 -1.01
C6 LCG A 3 -1.72 3.27 -0.28
C2' LCG A 3 -2.00 8.97 -0.61
O6 LCG A 3 -1.33 2.19 -0.73
C4' LCG A 3 -2.87 9.72 -2.35
C1' LCG A 3 -3.02 7.95 -1.10
C2 LCG A 3 -2.45 4.57 1.66
N1 LCG A 3 -2.06 3.38 1.06
O4' LCG A 3 -3.47 8.46 -2.31
OP2 LCG A 3 -1.56 8.75 -6.92
N2 LCG A 3 -2.64 4.55 2.98
N3 LCG A 3 -2.61 5.72 0.99
O2' LCG A 3 -2.76 10.06 -0.09
O3' LCG A 3 -0.64 10.67 -1.76
H5' LCG A 3 -4.14 10.33 -3.96
H5'' LCG A 3 -2.67 11.25 -3.61
H3' LCG A 3 -0.93 8.71 -2.51
H6'1 LCG A 3 -3.06 11.64 -1.38
H6'2 LCG A 3 -4.49 10.56 -1.15
H8 LCG A 3 -2.10 6.57 -3.40
H2' LCG A 3 -1.27 8.55 0.07
H1' LCG A 3 -3.89 8.06 -0.48
H1 LCG A 3 -2.10 2.52 1.59
H21 LCG A 3 -2.54 3.68 3.49
H22 LCG A 3 -2.86 5.41 3.45
P LCG A 4 0.91 10.61 -1.30
OP1 LCG A 4 1.40 12.00 -1.20
O5' LCG A 4 0.89 9.98 0.18
C5' LCG A 4 0.42 10.66 1.33
C3' LCG A 4 1.88 9.20 2.84
C6' LCG A 4 0.03 10.20 3.90
N9 LCG A 4 0.68 6.43 2.28
C8 LCG A 4 1.05 6.41 0.96
C4 LCG A 4 0.83 5.15 2.73
N7 LCG A 4 1.41 5.23 0.54
C5 LCG A 4 1.27 4.42 1.65
C6 LCG A 4 1.49 3.01 1.80
C2' LCG A 4 1.25 8.29 3.87
O6 LCG A 4 1.90 2.23 0.95
C4' LCG A 4 0.48 9.71 2.51
C1' LCG A 4 0.17 7.57 3.07
C2 LCG A 4 0.76 3.38 4.12
N1 LCG A 4 1.19 2.56 3.09
O4' LCG A 4 -0.31 8.58 2.22
OP2 LCG A 4 1.61 9.65 -2.19
N2 LCG A 4 0.49 2.83 5.30
N3 LCG A 4 0.58 4.70 3.99
O2' LCG A 4 0.57 9.19 4.75
O3' LCG A 4 2.74 10.21 3.38
H5' LCG A 4 -0.60 11.02 1.18
H5'' LCG A 4 1.08 11.49 1.58
H3' LCG A 4 2.34 8.66 2.00
H6'1 LCG A 4 0.47 11.17 4.13
H6'2 LCG A 4 -1.06 10.25 3.97
H8 LCG A 4 1.04 7.29 0.32
H2' LCG A 4 1.93 7.59 4.33
H1' LCG A 4 -0.62 7.27 3.74
H1 LCG A 4 1.23 1.55 3.23
H21 LCG A 4 0.62 1.83 5.42
H22 LCG A 4 0.17 3.41 6.06
P LCG A 5 4.24 9.91 3.87
OP1 LCG A 5 4.82 11.18 4.36
O5' LCG A 5 4.09 8.91 5.13
C5' LCG A 5 3.61 9.28 6.40
C3' LCG A 5 4.76 7.26 7.73
C6' LCG A 5 2.74 8.11 8.54
N9 LCG A 5 3.71 5.02 5.99
C8 LCG A 5 4.19 5.60 4.86
C4 LCG A 5 3.86 3.66 5.79
N7 LCG A 5 4.61 4.77 3.95
C5 LCG A 5 4.40 3.52 4.52
C6 LCG A 5 4.64 2.22 3.98
C2' LCG A 5 3.87 6.15 8.27
O6 LCG A 5 5.10 1.94 2.88
C4' LCG A 5 3.48 7.97 7.23
C1' LCG A 5 3.01 5.73 7.09
C2 LCG A 5 3.76 1.42 6.12
N1 LCG A 5 4.27 1.20 4.85
O4' LCG A 5 2.66 7.01 6.56
OP2 LCG A 5 4.93 9.16 2.79
N2 LCG A 5 3.51 0.36 6.88
N3 LCG A 5 3.54 2.64 6.64
O2' LCG A 5 3.01 6.85 9.18
O3' LCG A 5 5.52 7.75 8.85
H5' LCG A 5 2.63 9.77 6.33
H5'' LCG A 5 4.28 9.99 6.85
H3' LCG A 5 5.40 6.89 6.92
H6'1 LCG A 5 3.21 8.92 9.06
H6'2 LCG A 5 1.69 8.25 8.36
H8 LCG A 5 4.16 6.67 4.80
H2' LCG A 5 4.41 5.33 8.73
H1' LCG A 5 2.11 5.18 7.40
H1 LCG A 5 4.39 0.26 4.48
H21 LCG A 5 3.66 -0.57 6.52
H22 LCG A 5 3.18 0.49 7.83
P LCG B 2 -11.52 8.00 5.59
OP1 LCG B 2 -12.44 8.42 6.67
O5' LCG B 2 -10.82 6.61 6.05
C5' LCG B 2 -9.50 6.56 6.55
C3' LCG B 2 -7.57 4.89 6.93
C6' LCG B 2 -9.74 4.21 7.53
N9 LCG B 2 -7.36 3.23 4.22
C8 LCG B 2 -6.99 4.20 3.31
C4 LCG B 2 -6.79 2.07 3.76
N7 LCG B 2 -6.27 3.74 2.33
C5 LCG B 2 -6.15 2.38 2.58
C6 LCG B 2 -5.54 1.33 1.81
C2' LCG B 2 -7.78 3.40 6.72
O6 LCG B 2 -4.96 1.42 0.74
C4' LCG B 2 -9.02 5.11 6.54
C1' LCG B 2 -8.36 3.33 5.31
C2 LCG B 2 -6.31 -0.13 3.62
N1 LCG B 2 -5.71 0.07 2.39
O4' LCG B 2 -9.09 4.54 5.24
OP2 LCG B 2 -10.48 8.93 5.10
N2 LCG B 2 -6.30 -1.38 4.09
N3 LCG B 2 -6.89 0.84 4.34
O2' LCG B 2 -8.87 3.07 7.59
O3' LCG B 2 -7.27 5.25 8.28
H5' LCG B 2 -9.50 6.92 7.58
H5'' LCG B 2 -8.84 7.16 5.93
H3' LCG B 2 -6.86 5.33 6.22
H6'1 LCG B 2 -9.80 4.67 8.52
H6'2 LCG B 2 -10.73 3.96 7.17
H8 LCG B 2 -7.30 5.23 3.39
H2' LCG B 2 -6.90 2.78 6.86
H1' LCG B 2 -9.03 2.48 5.24
H1 LCG B 2 -5.47 -0.72 1.81
H21 LCG B 2 -5.89 -2.14 3.55
H22 LCG B 2 -6.72 -1.55 4.99
P LCG B 3 -5.76 5.34 8.86
OP1 LCG B 3 -5.85 5.67 10.30
O5' LCG B 3 -5.19 3.84 8.73
C5' LCG B 3 -5.67 2.75 9.49
C3' LCG B 3 -3.43 1.53 9.05
C6' LCG B 3 -5.26 0.24 9.90
N9 LCG B 3 -3.80 0.64 6.03
C8 LCG B 3 -3.69 1.88 5.47
C4 LCG B 3 -3.23 -0.22 5.15
N7 LCG B 3 -3.11 1.88 4.30
C5 LCG B 3 -2.81 0.55 4.08
C6 LCG B 3 -2.22 -0.09 2.94
C2' LCG B 3 -3.48 0.12 8.50
O6 LCG B 3 -1.80 0.46 1.92
C4' LCG B 3 -4.96 1.50 9.05
C1' LCG B 3 -4.44 0.28 7.32
C2 LCG B 3 -2.57 -2.16 4.19
N1 LCG B 3 -2.16 -1.47 3.06
O4' LCG B 3 -5.31 1.30 7.71
OP2 LCG B 3 -4.99 6.21 7.95
N2 LCG B 3 -2.40 -3.47 4.21
N3 LCG B 3 -3.11 -1.58 5.27
O2' LCG B 3 -4.21 -0.63 9.48
O3' LCG B 3 -2.83 1.62 10.35
H5' LCG B 3 -6.75 2.64 9.38
H5'' LCG B 3 -5.39 2.78 10.51
H3' LCG B 3 -3.04 2.25 8.35
H6'1 LCG B 3 -6.24 -0.18 9.65
H6'2 LCG B 3 -5.17 0.46 10.96
H8 LCG B 3 -4.07 2.79 5.93
H2' LCG B 3 -2.52 -0.30 8.23
H1' LCG B 3 -5.09 -0.56 7.32
H1 LCG B 3 -1.86 -1.99 2.25
H21 LCG B 3 -1.99 -3.95 3.40
H22 LCG B 3 -2.67 -4.00 5.02
P LCG B 4 -1.23 1.68 10.54
OP1 LCG B 4 -0.95 1.77 12.00
O5' LCG B 4 -0.70 0.26 10.02
C5' LCG B 4 -0.90 -0.96 10.73
C3' LCG B 4 1.14 -1.99 9.55
C6' LCG B 4 -0.42 -3.52 10.46
N9 LCG B 4 0.18 -1.97 6.65
C8 LCG B 4 0.15 -0.60 6.57
C4 LCG B 4 0.64 -2.38 5.42
N7 LCG B 4 0.54 -0.12 5.43
C5 LCG B 4 0.87 -1.25 4.68
C6 LCG B 4 1.35 -1.35 3.34
C2' LCG B 4 0.96 -3.23 8.68
O6 LCG B 4 1.60 -0.43 2.57
C4' LCG B 4 -0.35 -2.10 9.88
C1' LCG B 4 -0.21 -2.84 7.78
C2 LCG B 4 1.26 -3.76 3.74
N1 LCG B 4 1.53 -2.67 2.93
O4' LCG B 4 -1.05 -2.13 8.66
OP2 LCG B 4 -0.70 2.72 9.62
N2 LCG B 4 1.45 -4.97 3.23
N3 LCG B 4 0.83 -3.67 5.01
O2' LCG B 4 0.47 -4.23 9.59
O3' LCG B 4 1.98 -2.16 10.68
H5' LCG B 4 -1.96 -1.12 10.93
H5'' LCG B 4 -0.33 -0.97 11.64
H3' LCG B 4 1.38 -1.10 8.97
H6'1 LCG B 4 -0.05 -3.56 11.48
H6'2 LCG B 4 -1.43 -3.93 10.39
H8 LCG B 4 -0.18 0.03 7.39
H2' LCG B 4 1.84 -3.54 8.11
H1' LCG B 4 -0.73 -3.72 7.45
H1 LCG B 4 1.87 -2.79 1.99
H21 LCG B 4 1.80 -5.07 2.28
H22 LCG B 4 1.24 -5.78 3.79
P LCG B 5 3.59 -2.01 10.62
OP1 LCG B 5 4.13 -2.19 11.98
O5' LCG B 5 4.08 -3.25 9.72
C5' LCG B 5 4.09 -4.60 10.14
C3' LCG B 5 5.89 -5.15 8.34
C6' LCG B 5 4.63 -6.92 9.14
N9 LCG B 5 4.39 -4.42 5.88
C8 LCG B 5 4.22 -3.18 6.41
C4 LCG B 5 4.62 -4.20 4.54
N7 LCG B 5 4.26 -2.20 5.56
C5 LCG B 5 4.54 -2.83 4.36
C6 LCG B 5 4.81 -2.25 3.10
C2' LCG B 5 5.62 -6.17 7.26
O6 LCG B 5 4.81 -1.05 2.83
C4' LCG B 5 4.49 -5.44 8.90
C1' LCG B 5 4.30 -5.68 6.64
C2 LCG B 5 5.17 -4.57 2.39
N1 LCG B 5 5.13 -3.20 2.13
O4' LCG B 5 3.56 -5.38 7.82
OP2 LCG B 5 3.91 -0.78 9.86
N2 LCG B 5 5.56 -5.36 1.38
N3 LCG B 5 4.90 -5.11 3.58
O2' LCG B 5 5.34 -7.36 7.99
O3' LCG B 5 6.99 -5.51 9.17
H5' LCG B 5 3.11 -4.92 10.51
H5'' LCG B 5 4.80 -4.74 10.95
H3' LCG B 5 6.01 -4.15 7.93
H6'1 LCG B 5 3.65 -7.41 9.23
H6'2 LCG B 5 5.22 -7.01 10.03
H8 LCG B 5 4.13 -3.08 7.49
H2' LCG B 5 6.47 -6.24 6.58
H1' LCG B 5 3.82 -6.47 6.05
H1 LCG B 5 5.40 -2.85 1.22
H21 LCG B 5 5.83 -4.96 0.50
H22 LCG B 5 5.64 -6.35 1.55
P LCG C 2 -9.92 -9.27 6.67
OP1 LCG C 2 -10.43 -10.60 7.04
O5' LCG C 2 -8.97 -9.44 5.37
C5' LCG C 2 -7.57 -9.24 5.42
C3' LCG C 2 -5.54 -8.89 3.85
C6' LCG C 2 -7.28 -10.27 3.04
N9 LCG C 2 -6.19 -6.30 2.24
C8 LCG C 2 -6.32 -5.33 3.19
C4 LCG C 2 -5.57 -5.69 1.18
N7 LCG C 2 -5.87 -4.15 2.81
C5 LCG C 2 -5.41 -4.37 1.53
C6 LCG C 2 -4.88 -3.44 0.56
C2' LCG C 2 -5.72 -8.78 2.35
O6 LCG C 2 -4.70 -2.24 0.70
C4' LCG C 2 -7.04 -9.08 3.99
C1' LCG C 2 -6.76 -7.67 2.23
C2 LCG C 2 -4.69 -5.41 -0.89
N1 LCG C 2 -4.57 -4.05 -0.65
O4' LCG C 2 -7.56 -7.91 3.38
OP2 LCG C 2 -9.22 -8.43 7.68
N2 LCG C 2 -4.29 -5.86 -2.07
N3 LCG C 2 -5.22 -6.28 0.00
O2' LCG C 2 -6.37 -10.00 1.98
O3' LCG C 2 -4.73 -9.99 4.28
H5' LCG C 2 -7.09 -10.10 5.91
H5'' LCG C 2 -7.34 -8.33 5.98
H3' LCG C 2 -5.21 -7.95 4.30
H6'1 LCG C 2 -8.32 -10.29 2.69
H6'2 LCG C 2 -7.02 -11.21 3.53
H8 LCG C 2 -6.78 -5.49 4.16
H2' LCG C 2 -4.82 -8.58 1.79
H1' LCG C 2 -7.33 -7.82 1.32
H1 LCG C 2 -4.40 -3.44 -1.43
H21 LCG C 2 -3.92 -5.23 -2.76
H22 LCG C 2 -4.36 -6.85 -2.26
P LCG C 3 -3.11 -9.93 4.26
OP1 LCG C 3 -2.64 -10.37 5.59
O5' LCG C 3 -2.65 -11.06 3.19
C5' LCG C 3 -2.94 -11.02 1.80
C3' LCG C 3 -0.67 -9.71 1.39
C6' LCG C 3 -1.77 -10.76 -0.43
N9 LCG C 3 -1.71 -6.72 0.41
C8 LCG C 3 -2.12 -6.12 1.57
C4 LCG C 3 -1.23 -5.70 -0.38
N7 LCG C 3 -1.94 -4.83 1.59
C5 LCG C 3 -1.39 -4.54 0.35
C6 LCG C 3 -1.06 -3.28 -0.24
C2' LCG C 3 -0.54 -8.95 0.06
O6 LCG C 3 -1.15 -2.17 0.27
C4' LCG C 3 -2.07 -10.12 0.95
C1' LCG C 3 -1.83 -8.13 0.00
C2 LCG C 3 -0.45 -4.61 -2.20
N1 LCG C 3 -0.64 -3.40 -1.57
O4' LCG C 3 -2.71 -8.87 0.80
OP2 LCG C 3 -2.70 -8.60 3.76
N2 LCG C 3 0.03 -4.58 -3.44
N3 LCG C 3 -0.74 -5.81 -1.65
O2' LCG C 3 -0.72 -9.96 -0.93
O3' LCG C 3 0.25 -10.79 1.53
H5' LCG C 3 -3.99 -10.78 1.64
H5'' LCG C 3 -2.79 -11.99 1.35
H3' LCG C 3 -0.67 -9.05 2.25
H6'1 LCG C 3 -2.64 -10.71 -1.09
H6'2 LCG C 3 -1.43 -11.79 -0.32
H8 LCG C 3 -2.57 -6.66 2.38
H2' LCG C 3 0.36 -8.37 -0.05
H1' LCG C 3 -2.24 -8.24 -1.00
H1 LCG C 3 -0.57 -2.54 -2.09
H21 LCG C 3 0.24 -3.70 -3.88
H22 LCG C 3 0.20 -5.45 -3.92
P LCG C 4 1.81 -10.55 1.91
OP1 LCG C 4 2.45 -11.88 2.05
O5' LCG C 4 2.43 -9.82 0.62
C5' LCG C 4 2.63 -10.50 -0.62
C3' LCG C 4 4.44 -8.83 -1.32
C6' LCG C 4 3.35 -9.95 -3.09
N9 LCG C 4 2.84 -6.20 -1.39
C8 LCG C 4 2.56 -6.18 -0.05
C4 LCG C 4 3.02 -4.90 -1.75
N7 LCG C 4 2.49 -4.97 0.45
C5 LCG C 4 2.77 -4.15 -0.63
C6 LCG C 4 2.82 -2.72 -0.70
C2' LCG C 4 4.25 -7.94 -2.54
O6 LCG C 4 2.62 -1.92 0.21
C4' LCG C 4 3.10 -9.48 -1.64
C1' LCG C 4 2.86 -7.36 -2.31
C2 LCG C 4 3.34 -3.09 -3.07
N1 LCG C 4 3.10 -2.25 -1.99
O4' LCG C 4 2.15 -8.43 -1.73
OP2 LCG C 4 1.86 -9.59 3.04
N2 LCG C 4 3.58 -2.54 -4.25
N3 LCG C 4 3.32 -4.43 -3.00
O2' LCG C 4 4.12 -8.87 -3.61
O3' LCG C 4 5.53 -9.75 -1.41
H5' LCG C 4 1.70 -10.96 -0.95
H5'' LCG C 4 3.40 -11.22 -0.53
H3' LCG C 4 4.43 -8.28 -0.37
H6'1 LCG C 4 2.42 -10.09 -3.62
H6'2 LCG C 4 3.94 -10.88 -3.10
H8 LCG C 4 2.38 -7.07 0.53
H2' LCG C 4 4.99 -7.16 -2.67
H1' LCG C 4 2.42 -7.12 -3.26
H1 LCG C 4 3.03 -1.25 -2.13
H21 LCG C 4 3.60 -1.53 -4.34
H22 LCG C 4 3.75 -3.13 -5.05
P LCG C 5 7.07 -9.34 -1.15
OP1 LCG C 5 7.89 -10.56 -1.32
O5' LCG C 5 7.44 -8.30 -2.32
C5' LCG C 5 7.63 -8.65 -3.68
C3' LCG C 5 9.11 -6.48 -4.15
C6' LCG C 5 8.03 -7.50 -5.93
N9 LCG C 5 7.07 -4.43 -3.36
C8 LCG C 5 6.98 -5.01 -2.13
C4 LCG C 5 6.92 -3.08 -3.11
N7 LCG C 5 6.75 -4.19 -1.14
C5 LCG C 5 6.71 -2.94 -1.77
C6 LCG C 5 6.47 -1.65 -1.20
C2' LCG C 5 8.57 -5.45 -5.14
O6 LCG C 5 6.26 -1.38 -0.02
C4' LCG C 5 7.85 -7.33 -4.44
C1' LCG C 5 7.15 -5.16 -4.64
C2 LCG C 5 6.74 -0.85 -3.50
N1 LCG C 5 6.48 -0.63 -2.15
O4' LCG C 5 6.70 -6.49 -4.37
OP2 LCG C 5 7.14 -8.60 0.13
N2 LCG C 5 6.78 0.21 -4.29
N3 LCG C 5 6.95 -2.07 -4.03
O2' LCG C 5 8.43 -6.20 -6.36
O3' LCG C 5 10.41 -6.92 -4.62
H5' LCG C 5 6.76 -9.18 -4.08
H5'' LCG C 5 8.48 -9.32 -3.79
H3' LCG C 5 9.15 -6.09 -3.14
H6'1 LCG C 5 7.10 -7.83 -6.40
H6'2 LCG C 5 8.82 -8.22 -6.02
H8 LCG C 5 7.08 -6.08 -2.05
H2' LCG C 5 9.17 -4.56 -5.28
H1' LCG C 5 6.54 -4.69 -5.40
H1 LCG C 5 6.26 0.30 -1.81
H21 LCG C 5 6.62 1.13 -3.92
H22 LCG C 5 6.99 0.08 -5.28
P LCG D 2 -5.45 -9.34 -10.37
OP1 LCG D 2 -6.88 -9.25 -10.77
O5' LCG D 2 -4.90 -7.85 -10.18
C5' LCG D 2 -3.53 -7.54 -9.98
C3' LCG D 2 -2.08 -5.47 -9.30
C6' LCG D 2 -3.74 -5.19 -10.96
N9 LCG D 2 -3.65 -4.10 -6.91
C8 LCG D 2 -3.62 -5.03 -5.90
C4 LCG D 2 -3.61 -2.88 -6.28
N7 LCG D 2 -3.59 -4.51 -4.70
C5 LCG D 2 -3.61 -3.14 -4.93
C6 LCG D 2 -3.67 -2.04 -4.01
C2' LCG D 2 -2.72 -4.08 -9.27
O6 LCG D 2 -3.71 -2.10 -2.78
C4' LCG D 2 -3.42 -6.04 -9.72
C1' LCG D 2 -3.92 -4.30 -8.35
C2 LCG D 2 -3.64 -0.63 -6.01
N1 LCG D 2 -3.72 -0.80 -4.64
O4' LCG D 2 -4.27 -5.64 -8.64
OP2 LCG D 2 -4.50 -10.05 -11.26
N2 LCG D 2 -3.59 0.61 -6.47
N3 LCG D 2 -3.60 -1.65 -6.88
O2' LCG D 2 -3.26 -3.91 -10.57
O3' LCG D 2 -1.01 -5.60 -10.23
H5' LCG D 2 -2.97 -7.79 -10.87
H5'' LCG D 2 -3.15 -8.09 -9.12
H3' LCG D 2 -1.79 -5.81 -8.30
H6'1 LCG D 2 -3.19 -5.54 -11.83
H6'2 LCG D 2 -4.82 -5.18 -11.15
H8 LCG D 2 -3.64 -6.09 -6.08
H2' LCG D 2 -2.07 -3.29 -8.94
H1' LCG D 2 -4.72 -3.62 -8.65
H1 LCG D 2 -3.95 -0.01 -4.05
H21 LCG D 2 -3.64 1.40 -5.83
H22 LCG D 2 -3.53 0.76 -7.46
P LCG D 3 0.48 -5.05 -9.93
OP1 LCG D 3 1.41 -6.17 -10.19
O5' LCG D 3 0.77 -3.91 -11.05
C5' LCG D 3 0.04 -2.68 -11.15
C3' LCG D 3 1.80 -1.57 -9.48
C6' LCG D 3 0.48 -0.20 -10.89
N9 LCG D 3 -0.08 -0.83 -6.84
C8 LCG D 3 -0.15 -2.06 -6.24
C4 LCG D 3 -0.20 0.08 -5.83
N7 LCG D 3 -0.29 -2.00 -4.94
C5 LCG D 3 -0.34 -0.64 -4.67
C6 LCG D 3 -0.56 0.04 -3.43
C2' LCG D 3 1.39 -0.24 -8.85
O6 LCG D 3 -0.70 -0.45 -2.32
C4' LCG D 3 0.45 -1.58 -10.18
C1' LCG D 3 -0.01 -0.52 -8.29
C2 LCG D 3 -0.44 2.08 -4.79
N1 LCG D 3 -0.63 1.42 -3.59
O4' LCG D 3 -0.46 -1.57 -9.11
OP2 LCG D 3 0.47 -4.43 -8.58
N2 LCG D 3 -0.50 3.41 -4.78
N3 LCG D 3 -0.22 1.44 -5.96
O2' LCG D 3 1.17 0.61 -9.95
O3' LCG D 3 2.94 -1.49 -10.35
H5' LCG D 3 -1.02 -2.87 -11.06
H5'' LCG D 3 0.20 -2.24 -12.11
H3' LCG D 3 1.90 -2.37 -8.74
H6'1 LCG D 3 -0.53 0.17 -11.07
H6'2 LCG D 3 1.05 -0.25 -11.82
H8 LCG D 3 -0.11 -2.99 -6.78
H2' LCG D 3 2.08 0.15 -8.10
H1' LCG D 3 -0.65 0.30 -8.57
H1 LCG D 3 -0.90 1.95 -2.77
H21 LCG D 3 -0.69 3.90 -3.91
H22 LCG D 3 -0.37 3.91 -5.64
P LCG D 4 4.45 -1.41 -9.79
OP1 LCG D 4 5.36 -1.44 -10.97
O5' LCG D 4 4.57 0.04 -9.11
C5' LCG D 4 4.57 1.25 -9.85
C3' LCG D 4 5.64 2.51 -7.87
C6' LCG D 4 4.48 3.84 -9.45
N9 LCG D 4 3.44 2.23 -5.75
C8 LCG D 4 3.64 0.88 -5.64
C4 LCG D 4 3.11 2.66 -4.49
N7 LCG D 4 3.44 0.42 -4.44
C5 LCG D 4 3.10 1.53 -3.70
C6 LCG D 4 2.76 1.64 -2.31
C2' LCG D 4 4.89 3.67 -7.23
O6 LCG D 4 2.72 0.73 -1.49
C4' LCG D 4 4.48 2.41 -8.87
C1' LCG D 4 3.51 3.07 -6.98
C2 LCG D 4 2.51 4.03 -2.81
N1 LCG D 4 2.48 2.95 -1.94
O4' LCG D 4 3.30 2.28 -8.11
OP2 LCG D 4 4.61 -2.42 -8.73
N2 LCG D 4 2.20 5.23 -2.32
N3 LCG D 4 2.82 3.93 -4.11
O2' LCG D 4 4.74 4.62 -8.28
O3' LCG D 4 6.89 2.86 -8.47
H5' LCG D 4 3.71 1.28 -10.53
H5'' LCG D 4 5.50 1.37 -10.40
H3' LCG D 4 5.71 1.64 -7.23
H6'1 LCG D 4 3.50 4.08 -9.87
H6'2 LCG D 4 5.27 3.97 -10.18
H8 LCG D 4 3.92 0.25 -6.47
H2' LCG D 4 5.34 4.06 -6.32
H1' LCG D 4 2.76 3.85 -6.97
H1 LCG D 4 2.23 3.09 -0.96
H21 LCG D 4 1.97 5.34 -1.34
H22 LCG D 4 2.22 6.03 -2.94
P LCG D 5 8.28 2.92 -7.65
OP1 LCG D 5 9.37 3.27 -8.60
O5' LCG D 5 8.12 4.16 -6.63
C5' LCG D 5 8.12 5.53 -7.00
C3' LCG D 5 8.65 6.23 -4.54
C6' LCG D 5 7.67 7.82 -5.89
N9 LCG D 5 6.26 5.06 -3.19
C8 LCG D 5 6.61 3.85 -3.70
C4 LCG D 5 5.78 4.80 -1.92
N7 LCG D 5 6.39 2.84 -2.92
C5 LCG D 5 5.89 3.43 -1.77
C6 LCG D 5 5.54 2.82 -0.53
C2' LCG D 5 7.70 7.09 -3.76
O6 LCG D 5 5.62 1.62 -0.26
C4' LCG D 5 7.72 6.32 -5.75
C1' LCG D 5 6.36 6.36 -3.90
C2 LCG D 5 5.00 5.11 0.17
N1 LCG D 5 5.11 3.74 0.42
O4' LCG D 5 6.39 6.03 -5.29
OP2 LCG D 5 8.39 1.70 -6.83
N2 LCG D 5 4.59 5.88 1.17
N3 LCG D 5 5.34 5.69 -0.99
O2' LCG D 5 7.62 8.28 -4.54
O3' LCG D 5 9.93 6.85 -4.67
H5' LCG D 5 7.42 5.72 -7.82
H5'' LCG D 5 9.12 5.82 -7.35
H3' LCG D 5 8.74 5.23 -4.11
H6'1 LCG D 5 8.58 8.13 -6.39
H6'2 LCG D 5 6.77 8.09 -6.45
H8 LCG D 5 7.08 3.82 -4.66
H2' LCG D 5 8.06 7.23 -2.73
H1' LCG D 5 5.51 7.01 -3.66
H1 LCG D 5 4.94 3.39 1.35
H21 LCG D 5 4.39 5.47 2.08
H22 LCG D 5 4.55 6.88 1.04
P LCG A 2 -7.44 7.49 -10.77
OP1 LCG A 2 -8.90 7.29 -10.83
O5' LCG A 2 -7.03 7.63 -9.22
C5' LCG A 2 -5.72 7.97 -8.80
C3' LCG A 2 -4.25 7.94 -6.65
C6' LCG A 2 -6.42 8.88 -6.51
N9 LCG A 2 -4.98 5.20 -5.12
C8 LCG A 2 -4.45 4.23 -5.94
C4 LCG A 2 -4.91 4.68 -3.86
N7 LCG A 2 -4.09 3.15 -5.32
C5 LCG A 2 -4.41 3.40 -3.98
C6 LCG A 2 -4.32 2.57 -2.82
C2' LCG A 2 -4.90 7.73 -5.29
O6 LCG A 2 -3.92 1.40 -2.76
C4' LCG A 2 -5.64 7.80 -7.28
C1' LCG A 2 -5.70 6.45 -5.48
C2 LCG A 2 -5.23 4.49 -1.63
N1 LCG A 2 -4.80 3.19 -1.67
O4' LCG A 2 -6.04 6.52 -6.85
OP2 LCG A 2 -6.85 8.64 -11.49
N2 LCG A 2 -5.57 4.98 -0.43
N3 LCG A 2 -5.32 5.28 -2.71
O2' LCG A 2 -5.88 8.77 -5.20
O3' LCG A 2 -3.65 9.22 -6.84
H5' LCG A 2 -5.51 9.00 -9.05
H5'' LCG A 2 -4.99 7.32 -9.28
H3' LCG A 2 -3.59 7.12 -6.93
H6'1 LCG A 2 -6.23 9.86 -6.91
H6'2 LCG A 2 -7.48 8.65 -6.53
H8 LCG A 2 -4.37 4.35 -7.01
H2' LCG A 2 -4.21 7.69 -4.46
H1' LCG A 2 -6.60 6.51 -4.87
H1 LCG A 2 -4.95 2.60 -0.86
H21 LCG A 2 -5.53 4.40 0.39
H22 LCG A 2 -5.88 5.94 -0.37
P LCG A 3 -2.11 9.52 -6.46
OP1 LCG A 3 -1.85 10.94 -6.76
O5' LCG A 3 -2.05 9.33 -4.86
C5' LCG A 3 -2.73 10.19 -3.96
C3' LCG A 3 -1.12 9.42 -2.09
C6' LCG A 3 -3.09 10.57 -1.44
N9 LCG A 3 -2.24 6.52 -1.51
C8 LCG A 3 -1.79 5.97 -2.68
C4 LCG A 3 -2.14 5.53 -0.57
N7 LCG A 3 -1.41 4.73 -2.57
C5 LCG A 3 -1.65 4.42 -1.23
C6 LCG A 3 -1.49 3.20 -0.52
C2' LCG A 3 -1.72 8.90 -0.81
O6 LCG A 3 -1.06 2.14 -0.94
C4' LCG A 3 -2.55 9.66 -2.56
C1' LCG A 3 -2.75 7.89 -1.31
C2 LCG A 3 -2.36 4.45 1.40
N1 LCG A 3 -1.91 3.28 0.81
O4' LCG A 3 -3.17 8.41 -2.52
OP2 LCG A 3 -1.28 8.47 -7.07
N2 LCG A 3 -2.67 4.40 2.70
N3 LCG A 3 -2.49 5.61 0.75
O2' LCG A 3 -2.48 9.99 -0.29
O3' LCG A 3 -0.32 10.58 -1.92
H5' LCG A 3 -3.78 10.27 -4.20
H5'' LCG A 3 -2.29 11.14 -3.86
H3' LCG A 3 -0.61 8.65 -2.67
H6'1 LCG A 3 -2.73 11.59 -1.59
H6'2 LCG A 3 -4.18 10.53 -1.38
H8 LCG A 3 -1.76 6.54 -3.60
H2' LCG A 3 -1.00 8.47 -0.11
H1' LCG A 3 -3.62 8.00 -0.70
H1 LCG A 3 -1.95 2.42 1.33
H21 LCG A 3 -2.58 3.53 3.20
H22 LCG A 3 -2.97 5.25 3.15
P LCG A 4 1.20 10.53 -1.38
OP1 LCG A 4 1.71 11.92 -1.29
O5' LCG A 4 1.11 9.94 0.13
C5' LCG A 4 0.58 10.67 1.23
C3' LCG A 4 1.89 9.16 2.85
C6' LCG A 4 0.03 10.29 3.76
N9 LCG A 4 0.62 6.47 2.25
C8 LCG A 4 1.08 6.42 0.96
C4 LCG A 4 0.75 5.19 2.72
N7 LCG A 4 1.47 5.24 0.57
C5 LCG A 4 1.27 4.44 1.68
C6 LCG A 4 1.49 3.04 1.86
C2' LCG A 4 1.14 8.32 3.87
O6 LCG A 4 1.95 2.26 1.03
C4' LCG A 4 0.53 9.74 2.43
C1' LCG A 4 0.09 7.63 3.00
C2 LCG A 4 0.61 3.41 4.11
N1 LCG A 4 1.12 2.59 3.12
O4' LCG A 4 -0.29 8.64 2.11
OP2 LCG A 4 1.93 9.54 -2.19
N2 LCG A 4 0.29 2.87 5.28
N3 LCG A 4 0.41 4.73 3.96
O2' LCG A 4 0.44 9.28 4.68
O3' LCG A 4 2.77 10.14 3.40
H5' LCG A 4 -0.41 11.05 1.00
H5'' LCG A 4 1.25 11.48 1.49
H3' LCG A 4 2.35 8.57 2.06
H6'1 LCG A 4 0.50 11.24 4.00
H6'2 LCG A 4 -1.07 10.39 3.75
H8 LCG A 4 1.11 7.29 0.30
H2' LCG A 4 1.72 7.60 4.43
H1' LCG A 4 -0.77 7.37 3.61
H1 LCG A 4 1.21 1.59 3.29
H21 LCG A 4 0.43 1.88 5.43
H22 LCG A 4 -0.11 3.45 6.00
P LCG A 5 4.31 9.83 3.79
OP1 LCG A 5 4.93 11.10 4.22
O5' LCG A 5 4.23 8.84 5.05
C5' LCG A 5 3.79 9.24 6.33
C3' LCG A 5 5.02 7.18 7.48
C6' LCG A 5 3.24 8.15 8.62
N9 LCG A 5 3.55 5.01 5.96
C8 LCG A 5 3.88 5.59 4.77
C4 LCG A 5 3.68 3.65 5.74
N7 LCG A 5 4.15 4.76 3.81
C5 LCG A 5 4.06 3.53 4.42
C6 LCG A 5 4.35 2.25 3.87
C2' LCG A 5 4.16 6.13 8.18
O6 LCG A 5 4.75 2.01 2.73
C4' LCG A 5 3.72 7.96 7.20
C1' LCG A 5 3.09 5.76 7.16
C2 LCG A 5 3.75 1.42 6.09
N1 LCG A 5 4.15 1.22 4.79
O4' LCG A 5 2.73 7.06 6.69
OP2 LCG A 5 4.92 9.06 2.68
N2 LCG A 5 3.66 0.35 6.87
N3 LCG A 5 3.51 2.64 6.63
O2' LCG A 5 3.51 6.88 9.21
O3' LCG A 5 5.99 7.64 8.45
H5' LCG A 5 2.82 9.73 6.29
H5'' LCG A 5 4.48 9.96 6.76
H3' LCG A 5 5.48 6.77 6.59
H6'1 LCG A 5 3.85 8.94 9.04
H6'2 LCG A 5 2.18 8.38 8.62
H8 LCG A 5 3.92 6.66 4.71
H2' LCG A 5 4.71 5.27 8.56
H1' LCG A 5 2.23 5.26 7.62
H1 LCG A 5 4.37 0.28 4.46
H21 LCG A 5 3.89 -0.57 6.49
H22 LCG A 5 3.40 0.45 7.84
P LCG B 2 -11.00 8.33 6.02
OP1 LCG B 2 -11.89 8.77 7.13
O5' LCG B 2 -10.44 6.86 6.39
C5' LCG B 2 -9.10 6.65 6.80
C3' LCG B 2 -7.33 4.76 6.99
C6' LCG B 2 -9.52 4.28 7.69
N9 LCG B 2 -7.39 3.30 4.21
C8 LCG B 2 -7.06 4.24 3.27
C4 LCG B 2 -6.79 2.13 3.78
N7 LCG B 2 -6.34 3.79 2.29
C5 LCG B 2 -6.18 2.44 2.58
C6 LCG B 2 -5.55 1.40 1.83
C2' LCG B 2 -7.72 3.31 6.72
O6 LCG B 2 -4.97 1.48 0.75
C4' LCG B 2 -8.77 5.16 6.70
C1' LCG B 2 -8.35 3.39 5.34
C2 LCG B 2 -6.23 -0.05 3.69
N1 LCG B 2 -5.65 0.15 2.44
O4' LCG B 2 -8.99 4.66 5.38
OP2 LCG B 2 -9.89 9.20 5.59
N2 LCG B 2 -6.19 -1.28 4.19
N3 LCG B 2 -6.84 0.92 4.38
O2' LCG B 2 -8.79 3.05 7.63
O3' LCG B 2 -6.87 5.03 8.30
H5' LCG B 2 -9.00 6.95 7.84
H5'' LCG B 2 -8.41 7.21 6.17
H3' LCG B 2 -6.64 5.15 6.23
H6'1 LCG B 2 -9.47 4.69 8.70
H6'2 LCG B 2 -10.56 4.16 7.39
H8 LCG B 2 -7.41 5.27 3.33
H2' LCG B 2 -6.90 2.60 6.78
H1' LCG B 2 -9.10 2.60 5.23
H1 LCG B 2 -5.43 -0.66 1.88
H21 LCG B 2 -5.76 -2.03 3.66
H22 LCG B 2 -6.59 -1.45 5.09
P LCG B 3 -5.35 4.72 8.76
OP1 LCG B 3 -4.83 5.95 9.41
O5' LCG B 3 -5.47 3.60 9.94
C5' LCG B 3 -5.98 2.29 9.74
C3' LCG B 3 -3.50 1.46 9.18
C6' LCG B 3 -5.18 -0.12 9.77
N9 LCG B 3 -3.71 0.65 5.99
C8 LCG B 3 -3.67 1.87 5.36
C4 LCG B 3 -3.08 -0.22 5.13
N7 LCG B 3 -3.09 1.85 4.19
C5 LCG B 3 -2.73 0.52 4.02
C6 LCG B 3 -2.13 -0.13 2.89
C2' LCG B 3 -3.38 0.13 8.45
O6 LCG B 3 -1.76 0.38 1.84
C4' LCG B 3 -5.02 1.28 9.12
C1' LCG B 3 -4.35 0.28 7.26
C2 LCG B 3 -2.36 -2.16 4.24
N1 LCG B 3 -2.02 -1.51 3.06
O4' LCG B 3 -5.26 1.23 7.73
OP2 LCG B 3 -4.61 4.15 7.63
N2 LCG B 3 -2.15 -3.47 4.29
N3 LCG B 3 -2.91 -1.56 5.30
O2' LCG B 3 -4.03 -0.81 9.30
O3' LCG B 3 -2.94 1.44 10.49
H5' LCG B 3 -6.91 2.33 9.17
H5'' LCG B 3 -6.23 1.83 10.68
H3' LCG B 3 -3.15 2.30 8.59
H6'1 LCG B 3 -6.10 -0.60 9.43
H6'2 LCG B 3 -5.15 -0.06 10.85
H8 LCG B 3 -4.11 2.76 5.78
H2' LCG B 3 -2.38 -0.14 8.15
H1' LCG B 3 -4.93 -0.62 7.20
H1 LCG B 3 -1.77 -2.04 2.25
H21 LCG B 3 -1.76 -3.96 3.49
H22 LCG B 3 -2.37 -3.98 5.13
P LCG B 4 -1.35 1.53 10.74
OP1 LCG B 4 -1.12 1.55 12.21
O5' LCG B 4 -0.77 0.15 10.15
C5' LCG B 4 -1.00 -1.12 10.77
C3' LCG B 4 1.06 -2.17 9.67
C6' LCG B 4 -0.65 -3.67 10.30
N9 LCG B 4 0.34 -1.91 6.69
C8 LCG B 4 0.34 -0.54 6.65
C4 LCG B 4 0.86 -2.31 5.48
N7 LCG B 4 0.77 -0.04 5.52
C5 LCG B 4 1.10 -1.15 4.77
C6 LCG B 4 1.59 -1.25 3.43
C2' LCG B 4 0.89 -3.32 8.69
O6 LCG B 4 1.86 -0.33 2.67
C4' LCG B 4 -0.46 -2.21 9.87
C1' LCG B 4 -0.18 -2.80 7.74
C2 LCG B 4 1.52 -3.67 3.81
N1 LCG B 4 1.76 -2.56 3.00
O4' LCG B 4 -1.04 -2.09 8.59
OP2 LCG B 4 -0.81 2.63 9.91
N2 LCG B 4 1.71 -4.88 3.30
N3 LCG B 4 1.06 -3.58 5.07
O2' LCG B 4 0.28 -4.35 9.46
O3' LCG B 4 1.78 -2.50 10.85
H5' LCG B 4 -2.07 -1.26 10.95
H5'' LCG B 4 -0.45 -1.18 11.70
H3' LCG B 4 1.39 -1.24 9.20
H6'1 LCG B 4 -0.38 -3.80 11.36
H6'2 LCG B 4 -1.68 -4.00 10.12
H8 LCG B 4 -0.01 0.07 7.48
H2' LCG B 4 1.79 -3.59 8.14
H1' LCG B 4 -0.72 -3.63 7.32
H1 LCG B 4 2.01 -2.69 2.03
H21 LCG B 4 2.06 -4.98 2.36
H22 LCG B 4 1.53 -5.69 3.86
P LCG B 5 3.39 -2.59 10.92
OP1 LCG B 5 3.76 -3.00 12.29
O5' LCG B 5 3.80 -3.79 9.93
C5' LCG B 5 3.58 -5.16 10.20
C3' LCG B 5 5.47 -5.96 8.55
C6' LCG B 5 3.70 -7.41 8.99
N9 LCG B 5 4.48 -4.64 6.05
C8 LCG B 5 4.42 -3.43 6.68
C4 LCG B 5 4.83 -4.35 4.75
N7 LCG B 5 4.67 -2.41 5.93
C5 LCG B 5 4.92 -2.97 4.68
C6 LCG B 5 5.22 -2.34 3.43
C2' LCG B 5 5.10 -6.81 7.32
O6 LCG B 5 5.32 -1.13 3.20
C4' LCG B 5 3.97 -5.92 8.90
C1' LCG B 5 4.03 -5.93 6.63
C2 LCG B 5 5.32 -4.63 2.57
N1 LCG B 5 5.40 -3.25 2.39
O4' LCG B 5 3.22 -5.57 7.75
OP2 LCG B 5 3.95 -1.34 10.36
N2 LCG B 5 5.59 -5.40 1.52
N3 LCG B 5 5.03 -5.23 3.74
O2' LCG B 5 4.44 -7.94 7.89
O3' LCG B 5 6.24 -6.58 9.58
H5' LCG B 5 2.55 -5.37 10.47
H5'' LCG B 5 4.20 -5.47 11.04
H3' LCG B 5 5.87 -4.99 8.23
H6'1 LCG B 5 2.64 -7.64 8.93
H6'2 LCG B 5 4.13 -7.70 9.93
H8 LCG B 5 4.18 -3.40 7.74
H2' LCG B 5 5.93 -7.07 6.67
H1' LCG B 5 3.45 -6.51 5.91
H1 LCG B 5 5.57 -2.84 1.48
H21 LCG B 5 5.81 -4.99 0.64
H22 LCG B 5 5.60 -6.40 1.64
P LCG C 2 -10.15 -9.26 6.11
OP1 LCG C 2 -11.46 -9.44 5.45
O5' LCG C 2 -9.04 -9.17 4.95
C5' LCG C 2 -7.65 -9.15 5.20
C3' LCG C 2 -5.43 -8.72 3.89
C6' LCG C 2 -7.11 -10.03 2.83
N9 LCG C 2 -5.95 -6.06 2.19
C8 LCG C 2 -6.08 -5.06 3.13
C4 LCG C 2 -5.36 -5.45 1.10
N7 LCG C 2 -5.67 -3.90 2.72
C5 LCG C 2 -5.22 -4.12 1.42
C6 LCG C 2 -4.73 -3.21 0.43
C2' LCG C 2 -5.47 -8.54 2.37
O6 LCG C 2 -4.59 -1.99 0.54
C4' LCG C 2 -6.94 -8.90 3.86
C1' LCG C 2 -6.50 -7.43 2.19
C2 LCG C 2 -4.55 -5.19 -0.99
N1 LCG C 2 -4.44 -3.84 -0.78
O4' LCG C 2 -7.37 -7.67 3.28
OP2 LCG C 2 -9.70 -10.28 7.08
N2 LCG C 2 -4.16 -5.65 -2.17
N3 LCG C 2 -5.03 -6.06 -0.08
O2' LCG C 2 -6.09 -9.73 1.89
O3' LCG C 2 -4.67 -9.84 4.32
H5' LCG C 2 -7.33 -10.11 5.61
H5'' LCG C 2 -7.40 -8.36 5.90
H3' LCG C 2 -5.14 -7.80 4.41
H6'1 LCG C 2 -8.10 -9.99 2.37
H6'2 LCG C 2 -6.92 -11.00 3.29
H8 LCG C 2 -6.52 -5.23 4.10
H2' LCG C 2 -4.51 -8.31 1.92
H1' LCG C 2 -7.03 -7.59 1.25
H1 LCG C 2 -4.29 -3.25 -1.59
H21 LCG C 2 -3.84 -5.02 -2.89
H22 LCG C 2 -4.22 -6.65 -2.35
P LCG C 3 -3.05 -9.81 4.42
OP1 LCG C 3 -2.69 -10.23 5.79
O5' LCG C 3 -2.51 -10.97 3.41
C5' LCG C 3 -2.76 -10.99 2.01
C3' LCG C 3 -0.48 -9.66 1.59
C6' LCG C 3 -1.54 -10.80 -0.20
N9 LCG C 3 -1.55 -6.72 0.48
C8 LCG C 3 -1.90 -6.10 1.66
C4 LCG C 3 -1.18 -5.70 -0.36
N7 LCG C 3 -1.77 -4.81 1.64
C5 LCG C 3 -1.33 -4.53 0.36
C6 LCG C 3 -1.08 -3.27 -0.27
C2' LCG C 3 -0.35 -8.95 0.25
O6 LCG C 3 -1.16 -2.16 0.22
C4' LCG C 3 -1.87 -10.10 1.15
C1' LCG C 3 -1.65 -8.15 0.12
C2 LCG C 3 -0.58 -4.62 -2.25
N1 LCG C 3 -0.75 -3.41 -1.61
O4' LCG C 3 -2.52 -8.87 0.94
OP2 LCG C 3 -2.57 -8.50 3.93
N2 LCG C 3 -0.21 -4.59 -3.53
N3 LCG C 3 -0.80 -5.81 -1.66
O2' LCG C 3 -0.48 -10.00 -0.71
O3' LCG C 3 0.45 -10.72 1.80
H5' LCG C 3 -3.80 -10.76 1.81
H5'' LCG C 3 -2.59 -11.96 1.61
H3' LCG C 3 -0.51 -8.97 2.44
H6'1 LCG C 3 -2.41 -10.79 -0.87
H6'2 LCG C 3 -1.19 -11.82 -0.04
H8 LCG C 3 -2.27 -6.64 2.51
H2' LCG C 3 0.55 -8.36 0.13
H1' LCG C 3 -2.03 -8.31 -0.88
H1 LCG C 3 -0.67 -2.55 -2.14
H21 LCG C 3 -0.06 -3.71 -4.00
H22 LCG C 3 -0.09 -5.47 -4.02
P LCG C 4 1.99 -10.45 2.19
OP1 LCG C 4 2.65 -11.77 2.39
O5' LCG C 4 2.65 -9.76 0.89
C5' LCG C 4 2.89 -10.48 -0.31
C3' LCG C 4 4.59 -8.69 -1.08
C6' LCG C 4 3.66 -10.04 -2.79
N9 LCG C 4 2.80 -6.23 -1.34
C8 LCG C 4 2.60 -6.16 0.01
C4 LCG C 4 2.89 -4.93 -1.77
N7 LCG C 4 2.50 -4.94 0.46
C5 LCG C 4 2.69 -4.15 -0.66
C6 LCG C 4 2.68 -2.73 -0.77
C2' LCG C 4 4.35 -7.92 -2.37
O6 LCG C 4 2.52 -1.91 0.12
C4' LCG C 4 3.32 -9.48 -1.39
C1' LCG C 4 2.91 -7.44 -2.20
C2 LCG C 4 3.11 -3.16 -3.15
N1 LCG C 4 2.92 -2.29 -2.09
O4' LCG C 4 2.29 -8.53 -1.56
OP2 LCG C 4 2.02 -9.45 3.28
N2 LCG C 4 3.31 -2.63 -4.35
N3 LCG C 4 3.11 -4.50 -3.05
O2' LCG C 4 4.34 -8.93 -3.39
O3' LCG C 4 5.78 -9.48 -1.06
H5' LCG C 4 2.00 -11.01 -0.64
H5'' LCG C 4 3.72 -11.16 -0.19
H3' LCG C 4 4.48 -8.07 -0.18
H6'1 LCG C 4 2.76 -10.29 -3.33
H6'2 LCG C 4 4.33 -10.90 -2.71
H8 LCG C 4 2.53 -7.03 0.65
H2' LCG C 4 5.03 -7.10 -2.57
H1' LCG C 4 2.45 -7.30 -3.16
H1 LCG C 4 2.93 -1.29 -2.24
H21 LCG C 4 3.33 -1.62 -4.46
H22 LCG C 4 3.46 -3.23 -5.15
P LCG C 5 7.22 -8.88 -0.62
OP1 LCG C 5 8.19 -10.00 -0.64
O5' LCG C 5 7.61 -7.85 -1.78
C5' LCG C 5 8.00 -8.22 -3.10
C3' LCG C 5 9.23 -5.91 -3.49
C6' LCG C 5 8.56 -7.10 -5.36
N9 LCG C 5 6.83 -4.14 -3.08
C8 LCG C 5 6.64 -4.70 -1.85
C4 LCG C 5 6.57 -2.80 -2.89
N7 LCG C 5 6.26 -3.89 -0.92
C5 LCG C 5 6.24 -2.66 -1.56
C6 LCG C 5 5.96 -1.38 -1.00
C2' LCG C 5 8.69 -4.99 -4.58
O6 LCG C 5 5.70 -1.14 0.18
C4' LCG C 5 8.14 -6.94 -3.92
C1' LCG C 5 7.19 -4.88 -4.30
C2 LCG C 5 6.36 -0.58 -3.28
N1 LCG C 5 6.06 -0.36 -1.94
O4' LCG C 5 6.90 -6.25 -4.04
OP2 LCG C 5 7.03 -8.09 0.62
N2 LCG C 5 6.43 0.49 -4.07
N3 LCG C 5 6.64 -1.79 -3.81
O2' LCG C 5 8.84 -5.78 -5.77
O3' LCG C 5 10.63 -6.10 -3.80
H5' LCG C 5 7.27 -8.89 -3.55
H5'' LCG C 5 8.93 -8.78 -3.05
H3' LCG C 5 9.07 -5.49 -2.51
H6'1 LCG C 5 7.76 -7.57 -5.95
H6'2 LCG C 5 9.44 -7.72 -5.30
H8 LCG C 5 6.84 -5.75 -1.73
H2' LCG C 5 9.20 -4.02 -4.64
H1' LCG C 5 6.65 -4.51 -5.17
H1 LCG C 5 5.93 0.58 -1.60
H21 LCG C 5 6.26 1.41 -3.69
H22 LCG C 5 6.67 0.37 -5.04
P LCG D 2 -6.04 -9.30 -10.29
OP1 LCG D 2 -6.30 -9.78 -11.67
O5' LCG D 2 -5.47 -7.79 -10.39
C5' LCG D 2 -4.09 -7.48 -10.26
C3' LCG D 2 -2.49 -5.56 -9.65
C6' LCG D 2 -4.21 -5.10 -11.22
N9 LCG D 2 -3.87 -4.04 -7.18
C8 LCG D 2 -3.89 -4.95 -6.15
C4 LCG D 2 -3.72 -2.82 -6.57
N7 LCG D 2 -3.81 -4.42 -4.97
C5 LCG D 2 -3.72 -3.06 -5.21
C6 LCG D 2 -3.70 -1.94 -4.31
C2' LCG D 2 -3.00 -4.13 -9.58
O6 LCG D 2 -3.72 -1.97 -3.09
C4' LCG D 2 -3.91 -5.99 -10.01
C1' LCG D 2 -4.19 -4.23 -8.62
C2 LCG D 2 -3.60 -0.58 -6.35
N1 LCG D 2 -3.67 -0.71 -4.97
O4' LCG D 2 -4.67 -5.54 -8.88
OP2 LCG D 2 -5.16 -10.09 -9.39
N2 LCG D 2 -3.51 0.65 -6.84
N3 LCG D 2 -3.64 -1.62 -7.20
O2' LCG D 2 -3.57 -3.88 -10.86
O3' LCG D 2 -1.55 -5.80 -10.69
H5' LCG D 2 -3.58 -7.74 -11.19
H5'' LCG D 2 -3.66 -8.04 -9.43
H3' LCG D 2 -2.18 -5.96 -8.68
H6'1 LCG D 2 -3.73 -5.51 -12.13
H6'2 LCG D 2 -5.27 -5.00 -11.37
H8 LCG D 2 -4.01 -6.02 -6.31
H2' LCG D 2 -2.27 -3.39 -9.27
H1' LCG D 2 -4.94 -3.49 -8.90
H1 LCG D 2 -3.87 0.11 -4.41
H21 LCG D 2 -3.50 1.45 -6.23
H22 LCG D 2 -3.44 0.77 -7.84
P LCG D 3 0.05 -5.75 -10.43
OP1 LCG D 3 0.72 -6.05 -11.73
O5' LCG D 3 0.36 -4.22 -10.04
C5' LCG D 3 0.18 -3.15 -10.96
C3' LCG D 3 1.74 -1.66 -9.52
C6' LCG D 3 0.39 -0.60 -11.17
N9 LCG D 3 -0.20 -0.92 -7.08
C8 LCG D 3 -0.28 -2.13 -6.45
C4 LCG D 3 -0.21 0.02 -6.06
N7 LCG D 3 -0.36 -2.05 -5.15
C5 LCG D 3 -0.33 -0.69 -4.90
C6 LCG D 3 -0.45 0.00 -3.65
C2' LCG D 3 1.22 -0.31 -9.10
O6 LCG D 3 -0.57 -0.48 -2.53
C4' LCG D 3 0.42 -1.85 -10.26
C1' LCG D 3 -0.16 -0.63 -8.53
C2 LCG D 3 -0.29 2.03 -5.03
N1 LCG D 3 -0.46 1.40 -3.81
O4' LCG D 3 -0.55 -1.76 -9.25
OP2 LCG D 3 0.34 -6.59 -9.25
N2 LCG D 3 -0.25 3.36 -5.03
N3 LCG D 3 -0.16 1.37 -6.20
O2' LCG D 3 0.97 0.38 -10.32
O3' LCG D 3 2.91 -1.59 -10.35
H5' LCG D 3 -0.82 -3.17 -11.39
H5'' LCG D 3 0.92 -3.10 -11.72
H3' LCG D 3 1.86 -2.36 -8.68
H6'1 LCG D 3 -0.63 -0.34 -11.45
H6'2 LCG D 3 1.02 -0.76 -12.05
H8 LCG D 3 -0.31 -3.07 -6.99
H2' LCG D 3 1.86 0.23 -8.39
H1' LCG D 3 -0.84 0.10 -8.88
H1 LCG D 3 -0.71 1.94 -3.01
H21 LCG D 3 -0.33 3.87 -4.16
H22 LCG D 3 -0.10 3.85 -5.90
P LCG D 4 4.38 -1.36 -9.74
OP1 LCG D 4 5.34 -1.34 -10.88
O5' LCG D 4 4.36 0.12 -9.10
C5' LCG D 4 4.30 1.32 -9.86
C3' LCG D 4 5.33 2.65 -7.93
C6' LCG D 4 4.05 3.91 -9.46
N9 LCG D 4 3.23 2.19 -5.77
C8 LCG D 4 3.34 0.83 -5.70
C4 LCG D 4 3.05 2.61 -4.47
N7 LCG D 4 3.23 0.35 -4.49
C5 LCG D 4 3.04 1.48 -3.69
C6 LCG D 4 2.83 1.58 -2.29
C2' LCG D 4 4.53 3.75 -7.24
O6 LCG D 4 2.81 0.67 -1.46
C4' LCG D 4 4.16 2.49 -8.89
C1' LCG D 4 3.21 3.05 -6.96
C2 LCG D 4 2.66 3.98 -2.73
N1 LCG D 4 2.61 2.90 -1.87
O4' LCG D 4 3.00 2.28 -8.12
OP2 LCG D 4 4.58 -2.32 -8.64
N2 LCG D 4 2.43 5.19 -2.22
N3 LCG D 4 2.88 3.89 -4.05
O2' LCG D 4 4.29 4.69 -8.29
O3' LCG D 4 6.53 3.11 -8.55
H5' LCG D 4 3.46 1.30 -10.56
H5'' LCG D 4 5.22 1.47 -10.39
H3' LCG D 4 5.48 1.77 -7.30
H6'1 LCG D 4 3.06 4.10 -9.87
H6'2 LCG D 4 4.83 4.10 -10.20
H8 LCG D 4 3.51 0.20 -6.56
H2' LCG D 4 4.98 4.14 -6.33
H1' LCG D 4 2.42 3.80 -6.90
H1 LCG D 4 2.33 3.02 -0.90
H21 LCG D 4 2.26 5.30 -1.23
H22 LCG D 4 2.43 5.99 -2.84
P LCG D 5 7.91 3.36 -7.74
OP1 LCG D 5 8.94 3.79 -8.70
O5' LCG D 5 7.60 4.59 -6.74
C5' LCG D 5 7.46 5.94 -7.14
C3' LCG D 5 8.05 7.01 -4.77
C6' LCG D 5 6.58 8.16 -6.16
N9 LCG D 5 6.07 5.41 -3.13
C8 LCG D 5 6.49 4.21 -3.64
C4 LCG D 5 5.79 5.17 -1.81
N7 LCG D 5 6.45 3.22 -2.80
C5 LCG D 5 5.98 3.81 -1.63
C6 LCG D 5 5.69 3.21 -0.36
C2' LCG D 5 6.93 7.68 -3.98
O6 LCG D 5 5.76 2.03 -0.06
C4' LCG D 5 7.03 6.75 -5.90
C1' LCG D 5 5.81 6.62 -3.95
C2 LCG D 5 5.10 5.49 0.32
N1 LCG D 5 5.25 4.14 0.58
O4' LCG D 5 5.84 6.20 -5.31
OP2 LCG D 5 8.15 2.16 -6.88
N2 LCG D 5 4.72 6.28 1.31
N3 LCG D 5 5.36 6.05 -0.88
O2' LCG D 5 6.48 8.72 -4.85
O3' LCG D 5 9.07 8.02 -4.87
H5' LCG D 5 6.72 6.04 -7.93
H5'' LCG D 5 8.41 6.29 -7.55
H3' LCG D 5 8.39 6.12 -4.25
H6'1 LCG D 5 7.37 8.61 -6.73
H6'2 LCG D 5 5.63 8.16 -6.67
H8 LCG D 5 6.79 4.17 -4.67
H2' LCG D 5 7.21 8.02 -2.98
H1' LCG D 5 4.85 7.07 -3.69
H1 LCG D 5 5.01 3.74 1.49
H21 LCG D 5 4.51 5.88 2.23
H22 LCG D 5 4.65 7.28 1.17
P LCG A 2 -6.79 7.52 -10.90
OP1 LCG A 2 -7.34 8.72 -11.55
O5' LCG A 2 -6.62 7.83 -9.32
C5' LCG A 2 -5.35 8.04 -8.72
C3' LCG A 2 -4.22 8.01 -6.37
C6' LCG A 2 -6.35 9.04 -6.57
N9 LCG A 2 -5.13 5.31 -5.08
C8 LCG A 2 -4.60 4.36 -5.91
C4 LCG A 2 -5.03 4.77 -3.82
N7 LCG A 2 -4.22 3.27 -5.31
C5 LCG A 2 -4.51 3.51 -3.97
C6 LCG A 2 -4.40 2.65 -2.83
C2' LCG A 2 -5.08 7.84 -5.13
O6 LCG A 2 -3.98 1.49 -2.80
C4' LCG A 2 -5.50 7.93 -7.20
C1' LCG A 2 -5.85 6.56 -5.42
C2 LCG A 2 -5.31 4.55 -1.58
N1 LCG A 2 -4.86 3.25 -1.66
O4' LCG A 2 -6.06 6.67 -6.82
OP2 LCG A 2 -5.54 6.90 -11.41
N2 LCG A 2 -5.63 5.01 -0.38
N3 LCG A 2 -5.43 5.36 -2.65
O2' LCG A 2 -6.04 8.90 -5.19
O3' LCG A 2 -3.52 9.25 -6.46
H5' LCG A 2 -5.00 9.04 -8.96
H5'' LCG A 2 -4.64 7.29 -9.06
H3' LCG A 2 -3.58 7.16 -6.56
H6'1 LCG A 2 -6.01 10.02 -6.93
H6'2 LCG A 2 -7.40 8.89 -6.80
H8 LCG A 2 -4.55 4.49 -6.99
H2' LCG A 2 -4.52 7.79 -4.20
H1' LCG A 2 -6.80 6.58 -4.89
H1 LCG A 2 -5.02 2.63 -0.87
H21 LCG A 2 -5.59 4.41 0.43
H22 LCG A 2 -5.96 5.97 -0.29
P LCG A 3 -2.12 9.51 -5.69
OP1 LCG A 3 -1.19 10.08 -6.68
O5' LCG A 3 -2.42 10.66 -4.59
C5' LCG A 3 -3.34 10.52 -3.51
C3' LCG A 3 -1.36 9.56 -1.97
C6' LCG A 3 -3.28 10.52 -0.99
N9 LCG A 3 -2.35 6.53 -1.33
C8 LCG A 3 -1.98 5.98 -2.52
C4 LCG A 3 -2.20 5.55 -0.40
N7 LCG A 3 -1.61 4.74 -2.43
C5 LCG A 3 -1.77 4.43 -1.08
C6 LCG A 3 -1.60 3.20 -0.39
C2' LCG A 3 -1.80 8.89 -0.67
O6 LCG A 3 -1.22 2.12 -0.84
C4' LCG A 3 -2.84 9.77 -2.28
C1' LCG A 3 -2.87 7.90 -1.11
C2 LCG A 3 -2.32 4.47 1.58
N1 LCG A 3 -1.94 3.29 0.96
O4' LCG A 3 -3.37 8.47 -2.28
OP2 LCG A 3 -1.74 8.26 -4.99
N2 LCG A 3 -2.55 4.43 2.89
N3 LCG A 3 -2.47 5.63 0.93
O2' LCG A 3 -2.51 9.90 0.03
O3' LCG A 3 -0.60 10.75 -1.78
H5' LCG A 3 -4.26 10.07 -3.87
H5'' LCG A 3 -3.62 11.49 -3.12
H3' LCG A 3 -0.89 8.86 -2.67
H6'1 LCG A 3 -2.97 11.55 -1.08
H6'2 LCG A 3 -4.34 10.43 -0.81
H8 LCG A 3 -2.01 6.58 -3.42
H2' LCG A 3 -0.99 8.43 -0.11
H1' LCG A 3 -3.69 7.95 -0.40
H1 LCG A 3 -2.01 2.42 1.47
H21 LCG A 3 -2.45 3.56 3.40
H22 LCG A 3 -2.82 5.27 3.36
P LCG A 4 0.97 10.72 -1.34
OP1 LCG A 4 1.44 12.12 -1.26
O5' LCG A 4 0.98 10.09 0.14
C5' LCG A 4 0.49 10.78 1.28
C3' LCG A 4 1.90 9.34 2.88
C6' LCG A 4 -0.03 10.33 3.82
N9 LCG A 4 0.76 6.55 2.27
C8 LCG A 4 1.17 6.51 0.97
C4 LCG A 4 0.91 5.28 2.73
N7 LCG A 4 1.53 5.34 0.56
C5 LCG A 4 1.36 4.53 1.68
C6 LCG A 4 1.58 3.12 1.83
C2' LCG A 4 1.21 8.43 3.89
O6 LCG A 4 1.98 2.33 0.98
C4' LCG A 4 0.51 9.83 2.47
C1' LCG A 4 0.20 7.70 3.03
C2 LCG A 4 0.82 3.50 4.13
N1 LCG A 4 1.27 2.67 3.11
O4' LCG A 4 -0.25 8.68 2.15
OP2 LCG A 4 1.66 9.76 -2.23
N2 LCG A 4 0.53 2.94 5.31
N3 LCG A 4 0.63 4.82 3.99
O2' LCG A 4 0.48 9.33 4.72
O3' LCG A 4 2.71 10.36 3.46
H5' LCG A 4 -0.52 11.15 1.11
H5'' LCG A 4 1.15 11.60 1.54
H3' LCG A 4 2.40 8.80 2.08
H6'1 LCG A 4 0.39 11.30 4.07
H6'2 LCG A 4 -1.12 10.36 3.83
H8 LCG A 4 1.20 7.40 0.33
H2' LCG A 4 1.87 7.74 4.41
H1' LCG A 4 -0.63 7.39 3.65
H1 LCG A 4 1.29 1.67 3.26
H21 LCG A 4 0.65 1.95 5.44
H22 LCG A 4 0.19 3.53 6.05
P LCG A 5 4.22 10.12 3.95
OP1 LCG A 5 4.74 11.42 4.45
O5' LCG A 5 4.11 9.11 5.20
C5' LCG A 5 3.61 9.46 6.48
C3' LCG A 5 4.92 7.47 7.69
C6' LCG A 5 2.99 8.35 8.70
N9 LCG A 5 3.71 5.21 6.12
C8 LCG A 5 4.11 5.79 4.95
C4 LCG A 5 3.87 3.85 5.93
N7 LCG A 5 4.50 4.95 4.04
C5 LCG A 5 4.34 3.71 4.63
C6 LCG A 5 4.57 2.41 4.10
C2' LCG A 5 4.07 6.39 8.37
O6 LCG A 5 4.99 2.13 2.98
C4' LCG A 5 3.58 8.17 7.32
C1' LCG A 5 3.10 5.95 7.26
C2 LCG A 5 3.84 1.62 6.31
N1 LCG A 5 4.28 1.39 5.01
O4' LCG A 5 2.70 7.21 6.75
OP2 LCG A 5 4.96 9.41 2.88
N2 LCG A 5 3.66 0.57 7.09
N3 LCG A 5 3.62 2.85 6.81
O2' LCG A 5 3.31 7.11 9.34
O3' LCG A 5 5.78 8.07 8.67
H5' LCG A 5 2.61 9.90 6.42
H5'' LCG A 5 4.24 10.21 6.94
H3' LCG A 5 5.46 7.09 6.83
H6'1 LCG A 5 3.52 9.17 9.14
H6'2 LCG A 5 1.93 8.51 8.61
H8 LCG A 5 4.10 6.86 4.87
H2' LCG A 5 4.62 5.56 8.81
H1' LCG A 5 2.25 5.39 7.67
H1 LCG A 5 4.43 0.44 4.66
H21 LCG A 5 3.82 -0.36 6.74
H22 LCG A 5 3.38 0.71 8.05
P LCG B 2 -11.09 8.20 5.70
OP1 LCG B 2 -12.02 8.65 6.76
O5' LCG B 2 -10.51 6.74 6.14
C5' LCG B 2 -9.18 6.56 6.58
C3' LCG B 2 -7.41 4.68 6.87
C6' LCG B 2 -9.63 4.22 7.55
N9 LCG B 2 -7.39 3.14 4.15
C8 LCG B 2 -7.00 4.10 3.24
C4 LCG B 2 -6.81 1.98 3.71
N7 LCG B 2 -6.28 3.64 2.26
C5 LCG B 2 -6.17 2.28 2.54
C6 LCG B 2 -5.56 1.23 1.78
C2' LCG B 2 -7.81 3.22 6.65
O6 LCG B 2 -4.98 1.31 0.70
C4' LCG B 2 -8.84 5.07 6.54
C1' LCG B 2 -8.39 3.26 5.25
C2 LCG B 2 -6.31 -0.22 3.61
N1 LCG B 2 -5.70 -0.03 2.38
O4' LCG B 2 -9.04 4.52 5.23
OP2 LCG B 2 -9.96 9.06 5.30
N2 LCG B 2 -6.28 -1.46 4.10
N3 LCG B 2 -6.90 0.76 4.31
O2' LCG B 2 -8.90 2.99 7.53
O3' LCG B 2 -6.98 4.99 8.19
H5' LCG B 2 -9.09 6.90 7.61
H5'' LCG B 2 -8.49 7.09 5.93
H3' LCG B 2 -6.70 5.04 6.12
H6'1 LCG B 2 -9.59 4.67 8.53
H6'2 LCG B 2 -10.65 4.10 7.22
H8 LCG B 2 -7.29 5.13 3.32
H2' LCG B 2 -6.99 2.51 6.75
H1' LCG B 2 -9.11 2.45 5.14
H1 LCG B 2 -5.49 -0.83 1.81
H21 LCG B 2 -5.87 -2.21 3.58
H22 LCG B 2 -6.71 -1.63 5.00
P LCG B 3 -5.47 4.68 8.70
OP1 LCG B 3 -4.98 5.92 9.35
O5' LCG B 3 -5.61 3.56 9.87
C5' LCG B 3 -6.09 2.24 9.65
C3' LCG B 3 -3.59 1.45 9.13
C6' LCG B 3 -5.23 -0.16 9.72
N9 LCG B 3 -3.76 0.59 5.93
C8 LCG B 3 -3.72 1.81 5.32
C4 LCG B 3 -3.17 -0.28 5.05
N7 LCG B 3 -3.16 1.79 4.14
C5 LCG B 3 -2.82 0.46 3.96
C6 LCG B 3 -2.25 -0.19 2.81
C2' LCG B 3 -3.44 0.12 8.41
O6 LCG B 3 -1.88 0.34 1.76
C4' LCG B 3 -5.10 1.24 9.06
C1' LCG B 3 -4.38 0.22 7.22
C2 LCG B 3 -2.51 -2.23 4.13
N1 LCG B 3 -2.17 -1.56 2.97
O4' LCG B 3 -5.33 1.16 7.67
OP2 LCG B 3 -4.70 4.11 7.57
N2 LCG B 3 -2.31 -3.54 4.16
N3 LCG B 3 -3.02 -1.62 5.22
O2' LCG B 3 -4.06 -0.82 9.28
O3' LCG B 3 -3.06 1.48 10.44
H5' LCG B 3 -7.00 2.26 9.07
H5'' LCG B 3 -6.35 1.78 10.58
H3' LCG B 3 -3.26 2.29 8.52
H6'1 LCG B 3 -6.14 -0.66 9.38
H6'2 LCG B 3 -5.22 -0.07 10.80
H8 LCG B 3 -4.14 2.71 5.75
H2' LCG B 3 -2.42 -0.14 8.14
H1' LCG B 3 -4.96 -0.70 7.16
H1 LCG B 3 -1.90 -2.09 2.15
H21 LCG B 3 -1.95 -4.03 3.34
H22 LCG B 3 -2.53 -4.05 5.00
P LCG B 4 -1.47 1.64 10.73
OP1 LCG B 4 -1.27 1.67 12.19
O5' LCG B 4 -0.83 0.26 10.16
C5' LCG B 4 -1.03 -0.99 10.79
C3' LCG B 4 1.08 -1.93 9.67
C6' LCG B 4 -0.49 -3.52 10.46
N9 LCG B 4 0.29 -1.89 6.72
C8 LCG B 4 0.30 -0.51 6.67
C4 LCG B 4 0.73 -2.29 5.49
N7 LCG B 4 0.69 -0.02 5.53
C5 LCG B 4 0.96 -1.14 4.76
C6 LCG B 4 1.41 -1.24 3.41
C2' LCG B 4 0.99 -3.16 8.78
O6 LCG B 4 1.66 -0.31 2.64
C4' LCG B 4 -0.43 -2.08 9.93
C1' LCG B 4 -0.14 -2.76 7.83
C2 LCG B 4 1.29 -3.65 3.77
N1 LCG B 4 1.56 -2.55 2.98
O4' LCG B 4 -1.04 -2.08 8.66
OP2 LCG B 4 -0.95 2.74 9.88
N2 LCG B 4 1.45 -4.86 3.24
N3 LCG B 4 0.89 -3.57 5.05
O2' LCG B 4 0.48 -4.18 9.63
O3' LCG B 4 1.86 -2.09 10.85
H5' LCG B 4 -2.09 -1.18 10.95
H5'' LCG B 4 -0.50 -1.02 11.73
H3' LCG B 4 1.32 -1.01 9.14
H6'1 LCG B 4 -0.18 -3.57 11.50
H6'2 LCG B 4 -1.49 -3.94 10.32
H8 LCG B 4 0.00 0.10 7.52
H2' LCG B 4 1.90 -3.42 8.25
H1' LCG B 4 -0.63 -3.66 7.46
H1 LCG B 4 1.85 -2.69 2.02
H21 LCG B 4 1.76 -4.94 2.28
H22 LCG B 4 1.28 -5.68 3.79
P LCG B 5 3.46 -1.90 10.87
OP1 LCG B 5 3.93 -2.12 12.26
O5' LCG B 5 4.00 -3.12 9.95
C5' LCG B 5 4.05 -4.47 10.36
C3' LCG B 5 5.99 -4.92 8.60
C6' LCG B 5 4.77 -6.73 9.40
N9 LCG B 5 4.46 -4.26 6.11
C8 LCG B 5 4.30 -3.02 6.65
C4 LCG B 5 4.65 -4.04 4.76
N7 LCG B 5 4.35 -2.03 5.80
C5 LCG B 5 4.60 -2.67 4.59
C6 LCG B 5 4.84 -2.09 3.31
C2' LCG B 5 5.74 -5.97 7.51
O6 LCG B 5 4.87 -0.89 3.05
C4' LCG B 5 4.58 -5.25 9.15
C1' LCG B 5 4.40 -5.53 6.89
C2 LCG B 5 5.08 -4.40 2.57
N1 LCG B 5 5.10 -3.04 2.34
O4' LCG B 5 3.66 -5.24 8.05
OP2 LCG B 5 3.79 -0.64 10.16
N2 LCG B 5 5.37 -5.19 1.53
N3 LCG B 5 4.87 -4.96 3.78
O2' LCG B 5 5.49 -7.17 8.25
O3' LCG B 5 7.16 -5.22 9.40
H5' LCG B 5 3.07 -4.84 10.66
H5'' LCG B 5 4.72 -4.59 11.20
H3' LCG B 5 6.06 -3.93 8.18
H6'1 LCG B 5 3.81 -7.23 9.51
H6'2 LCG B 5 5.38 -6.77 10.29
H8 LCG B 5 4.21 -2.91 7.72
H2' LCG B 5 6.52 -6.09 6.76
H1' LCG B 5 3.95 -6.32 6.30
H1 LCG B 5 5.36 -2.69 1.41
H21 LCG B 5 5.57 -4.80 0.62
H22 LCG B 5 5.40 -6.19 1.66
P LCG C 2 -9.82 -9.12 6.79
OP1 LCG C 2 -10.38 -10.42 7.21
O5' LCG C 2 -8.91 -9.37 5.48
C5' LCG C 2 -7.51 -9.24 5.48
C3' LCG C 2 -5.50 -8.97 3.87
C6' LCG C 2 -7.32 -10.29 3.10
N9 LCG C 2 -6.12 -6.35 2.27
C8 LCG C 2 -6.20 -5.37 3.23
C4 LCG C 2 -5.53 -5.74 1.20
N7 LCG C 2 -5.76 -4.21 2.85
C5 LCG C 2 -5.34 -4.43 1.53
C6 LCG C 2 -4.83 -3.50 0.57
C2' LCG C 2 -5.73 -8.86 2.37
O6 LCG C 2 -4.64 -2.30 0.69
C4' LCG C 2 -7.00 -9.11 4.04
C1' LCG C 2 -6.73 -7.71 2.27
C2 LCG C 2 -4.72 -5.46 -0.90
N1 LCG C 2 -4.58 -4.10 -0.66
O4' LCG C 2 -7.51 -7.93 3.43
OP2 LCG C 2 -9.06 -8.28 7.76
N2 LCG C 2 -4.34 -5.91 -2.09
N3 LCG C 2 -5.23 -6.33 0.00
O2' LCG C 2 -6.43 -10.04 2.02
O3' LCG C 2 -4.72 -10.10 4.27
H5' LCG C 2 -7.06 -10.11 5.96
H5'' LCG C 2 -7.21 -8.34 6.02
H3' LCG C 2 -5.13 -8.04 4.31
H6'1 LCG C 2 -8.36 -10.27 2.78
H6'2 LCG C 2 -7.08 -11.23 3.58
H8 LCG C 2 -6.64 -5.56 4.21
H2' LCG C 2 -4.82 -8.69 1.79
H1' LCG C 2 -7.32 -7.83 1.37
H1 LCG C 2 -4.40 -3.51 -1.45
H21 LCG C 2 -3.97 -5.28 -2.79
H22 LCG C 2 -4.42 -6.90 -2.29
P LCG C 3 -3.10 -10.09 4.19
OP1 LCG C 3 -2.62 -10.58 5.50
O5' LCG C 3 -2.70 -11.23 3.10
C5' LCG C 3 -3.03 -11.16 1.72
C3' LCG C 3 -0.74 -9.88 1.27
C6' LCG C 3 -1.89 -10.90 -0.53
N9 LCG C 3 -1.75 -6.86 0.33
C8 LCG C 3 -2.09 -6.28 1.52
C4 LCG C 3 -1.31 -5.85 -0.47
N7 LCG C 3 -1.90 -4.98 1.54
C5 LCG C 3 -1.43 -4.69 0.27
C6 LCG C 3 -1.13 -3.43 -0.33
C2' LCG C 3 -0.64 -9.12 -0.05
O6 LCG C 3 -1.18 -2.31 0.19
C4' LCG C 3 -2.16 -10.27 0.85
C1' LCG C 3 -1.91 -8.28 -0.09
C2 LCG C 3 -0.61 -4.76 -2.33
N1 LCG C 3 -0.77 -3.55 -1.67
O4' LCG C 3 -2.78 -9.01 0.72
OP2 LCG C 3 -2.65 -8.77 3.71
N2 LCG C 3 -0.17 -4.73 -3.58
N3 LCG C 3 -0.88 -5.95 -1.77
O2' LCG C 3 -0.82 -10.11 -1.05
O3' LCG C 3 0.17 -10.96 1.39
H5' LCG C 3 -4.08 -10.89 1.59
H5'' LCG C 3 -2.92 -12.12 1.26
H3' LCG C 3 -0.73 -9.22 2.13
H6'1 LCG C 3 -2.78 -10.83 -1.17
H6'2 LCG C 3 -1.56 -11.93 -0.44
H8 LCG C 3 -2.50 -6.82 2.35
H2' LCG C 3 0.28 -8.53 -0.17
H1' LCG C 3 -2.34 -8.38 -1.08
H1 LCG C 3 -0.68 -2.69 -2.19
H21 LCG C 3 0.03 -3.84 -4.03
H22 LCG C 3 0.00 -5.59 -4.07
P LCG C 4 1.73 -10.73 1.77
OP1 LCG C 4 2.38 -12.06 1.83
O5' LCG C 4 2.34 -9.93 0.50
C5' LCG C 4 2.55 -10.54 -0.76
C3' LCG C 4 4.32 -8.82 -1.40
C6' LCG C 4 3.28 -9.94 -3.20
N9 LCG C 4 2.66 -6.23 -1.48
C8 LCG C 4 2.40 -6.21 -0.13
C4 LCG C 4 2.82 -4.90 -1.84
N7 LCG C 4 2.35 -5.01 0.37
C5 LCG C 4 2.60 -4.17 -0.69
C6 LCG C 4 2.66 -2.74 -0.76
C2' LCG C 4 4.12 -7.92 -2.62
O6 LCG C 4 2.49 -1.94 0.15
C4' LCG C 4 2.99 -9.49 -1.75
C1' LCG C 4 2.71 -7.37 -2.40
C2 LCG C 4 3.14 -3.09 -3.14
N1 LCG C 4 2.91 -2.27 -2.05
O4' LCG C 4 2.02 -8.47 -1.84
OP2 LCG C 4 1.79 -9.83 2.93
N2 LCG C 4 3.37 -2.53 -4.32
N3 LCG C 4 3.10 -4.44 -3.08
O2' LCG C 4 4.04 -8.84 -3.71
O3' LCG C 4 5.44 -9.70 -1.47
H5' LCG C 4 1.63 -11.02 -1.11
H5'' LCG C 4 3.34 -11.26 -0.69
H3' LCG C 4 4.27 -8.28 -0.45
H6'1 LCG C 4 2.36 -10.10 -3.76
H6'2 LCG C 4 3.90 -10.84 -3.21
H8 LCG C 4 2.25 -7.13 0.43
H2' LCG C 4 4.84 -7.12 -2.73
H1' LCG C 4 2.27 -7.14 -3.36
H1 LCG C 4 2.87 -1.27 -2.18
H21 LCG C 4 3.41 -1.52 -4.39
H22 LCG C 4 3.53 -3.11 -5.12
P LCG C 5 6.95 -9.25 -1.17
OP1 LCG C 5 7.83 -10.43 -1.35
O5' LCG C 5 7.30 -8.18 -2.33
C5' LCG C 5 7.51 -8.52 -3.68
C3' LCG C 5 8.93 -6.37 -4.17
C6' LCG C 5 7.81 -7.38 -5.95
N9 LCG C 5 6.90 -4.30 -3.38
C8 LCG C 5 6.77 -4.90 -2.15
C4 LCG C 5 6.71 -2.97 -3.14
N7 LCG C 5 6.49 -4.09 -1.17
C5 LCG C 5 6.44 -2.85 -1.79
C6 LCG C 5 6.15 -1.56 -1.23
C2' LCG C 5 8.43 -5.35 -5.19
O6 LCG C 5 5.87 -1.28 -0.07
C4' LCG C 5 7.66 -7.20 -4.46
C1' LCG C 5 7.01 -5.03 -4.68
C2 LCG C 5 6.49 -0.74 -3.52
N1 LCG C 5 6.21 -0.52 -2.17
O4' LCG C 5 6.52 -6.34 -4.39
OP2 LCG C 5 6.97 -8.51 0.12
N2 LCG C 5 6.54 0.32 -4.32
N3 LCG C 5 6.74 -1.95 -4.05
O2' LCG C 5 8.29 -6.12 -6.39
O3' LCG C 5 10.11 -7.12 -4.50
H5' LCG C 5 6.69 -9.11 -4.08
H5'' LCG C 5 8.42 -9.14 -3.78
H3' LCG C 5 8.97 -5.93 -3.17
H6'1 LCG C 5 6.88 -7.67 -6.42
H6'2 LCG C 5 8.57 -8.15 -6.04
H8 LCG C 5 6.88 -5.97 -2.08
H2' LCG C 5 9.05 -4.46 -5.33
H1' LCG C 5 6.40 -4.54 -5.44
H1 LCG C 5 6.03 0.40 -1.81
H21 LCG C 5 6.35 1.24 -3.94
H22 LCG C 5 6.78 0.20 -5.30
P LCG D 2 -5.45 -9.41 -10.28
OP1 LCG D 2 -5.60 -9.90 -11.67
O5' LCG D 2 -4.91 -7.89 -10.34
C5' LCG D 2 -3.57 -7.54 -10.07
C3' LCG D 2 -2.15 -5.47 -9.40
C6' LCG D 2 -3.79 -5.19 -11.07
N9 LCG D 2 -3.73 -4.14 -7.01
C8 LCG D 2 -3.76 -5.08 -6.01
C4 LCG D 2 -3.62 -2.93 -6.36
N7 LCG D 2 -3.70 -4.59 -4.81
C5 LCG D 2 -3.64 -3.21 -5.01
C6 LCG D 2 -3.66 -2.13 -4.06
C2' LCG D 2 -2.79 -4.09 -9.38
O6 LCG D 2 -3.70 -2.20 -2.84
C4' LCG D 2 -3.50 -6.04 -9.82
C1' LCG D 2 -3.99 -4.31 -8.45
C2 LCG D 2 -3.58 -0.69 -6.05
N1 LCG D 2 -3.67 -0.88 -4.68
O4' LCG D 2 -4.36 -5.64 -8.77
OP2 LCG D 2 -4.64 -10.19 -9.31
N2 LCG D 2 -3.51 0.56 -6.49
N3 LCG D 2 -3.58 -1.69 -6.94
O2' LCG D 2 -3.33 -3.90 -10.68
O3' LCG D 2 -1.09 -5.62 -10.36
H5' LCG D 2 -2.95 -7.79 -10.93
H5'' LCG D 2 -3.22 -8.07 -9.18
H3' LCG D 2 -1.86 -5.82 -8.41
H6'1 LCG D 2 -3.22 -5.55 -11.93
H6'2 LCG D 2 -4.86 -5.21 -11.29
H8 LCG D 2 -3.85 -6.14 -6.21
H2' LCG D 2 -2.15 -3.29 -9.03
H1' LCG D 2 -4.78 -3.61 -8.74
H1 LCG D 2 -3.88 -0.08 -4.11
H21 LCG D 2 -3.54 1.33 -5.84
H22 LCG D 2 -3.43 0.72 -7.48
P LCG D 3 0.42 -5.11 -10.07
OP1 LCG D 3 1.31 -6.26 -10.34
O5' LCG D 3 0.72 -3.98 -11.19
C5' LCG D 3 0.01 -2.76 -11.31
C3' LCG D 3 1.76 -1.59 -9.66
C6' LCG D 3 0.37 -0.26 -11.05
N9 LCG D 3 -0.11 -0.93 -7.00
C8 LCG D 3 -0.16 -2.16 -6.40
C4 LCG D 3 -0.20 -0.03 -5.98
N7 LCG D 3 -0.26 -2.11 -5.10
C5 LCG D 3 -0.32 -0.76 -4.81
C6 LCG D 3 -0.52 -0.09 -3.57
C2' LCG D 3 1.31 -0.28 -9.02
O6 LCG D 3 -0.63 -0.60 -2.45
C4' LCG D 3 0.40 -1.64 -10.34
C1' LCG D 3 -0.07 -0.60 -8.44
C2 LCG D 3 -0.44 1.95 -4.91
N1 LCG D 3 -0.62 1.29 -3.71
O4' LCG D 3 -0.49 -1.66 -9.26
OP2 LCG D 3 0.46 -4.49 -8.73
N2 LCG D 3 -0.50 3.28 -4.88
N3 LCG D 3 -0.23 1.34 -6.09
O2' LCG D 3 1.04 0.58 -10.12
O3' LCG D 3 2.88 -1.46 -10.53
H5' LCG D 3 -1.06 -2.94 -11.24
H5'' LCG D 3 0.18 -2.31 -12.27
H3' LCG D 3 1.88 -2.39 -8.93
H6'1 LCG D 3 -0.65 0.07 -11.22
H6'2 LCG D 3 0.94 -0.29 -11.99
H8 LCG D 3 -0.14 -3.09 -6.94
H2' LCG D 3 2.00 0.13 -8.29
H1' LCG D 3 -0.74 0.20 -8.71
H1 LCG D 3 -0.86 1.81 -2.88
H21 LCG D 3 -0.67 3.76 -4.01
H22 LCG D 3 -0.34 3.80 -5.74
P LCG D 4 4.39 -1.33 -9.97
OP1 LCG D 4 5.30 -1.26 -11.14
O5' LCG D 4 4.43 0.11 -9.24
C5' LCG D 4 4.40 1.34 -9.94
C3' LCG D 4 5.43 2.59 -7.93
C6' LCG D 4 4.24 3.91 -9.50
N9 LCG D 4 3.24 2.25 -5.83
C8 LCG D 4 3.45 0.89 -5.72
C4 LCG D 4 2.94 2.66 -4.55
N7 LCG D 4 3.28 0.42 -4.52
C5 LCG D 4 2.95 1.54 -3.76
C6 LCG D 4 2.66 1.64 -2.37
C2' LCG D 4 4.65 3.73 -7.29
O6 LCG D 4 2.63 0.73 -1.54
C4' LCG D 4 4.29 2.48 -8.94
C1' LCG D 4 3.29 3.09 -7.04
C2 LCG D 4 2.40 4.03 -2.85
N1 LCG D 4 2.39 2.95 -1.97
O4' LCG D 4 3.10 2.29 -8.19
OP2 LCG D 4 4.60 -2.37 -8.93
N2 LCG D 4 2.13 5.23 -2.34
N3 LCG D 4 2.67 3.94 -4.15
O2' LCG D 4 4.49 4.68 -8.33
O3' LCG D 4 6.67 2.96 -8.51
H5' LCG D 4 3.57 1.36 -10.64
H5'' LCG D 4 5.34 1.49 -10.46
H3' LCG D 4 5.51 1.70 -7.30
H6'1 LCG D 4 3.27 4.13 -9.93
H6'2 LCG D 4 5.05 4.06 -10.22
H8 LCG D 4 3.73 0.28 -6.57
H2' LCG D 4 5.08 4.12 -6.37
H1' LCG D 4 2.52 3.85 -7.04
H1 LCG D 4 2.18 3.09 -0.99
H21 LCG D 4 1.95 5.34 -1.36
H22 LCG D 4 2.11 6.04 -2.96
P LCG D 5 8.05 3.02 -7.67
OP1 LCG D 5 9.15 3.37 -8.61
O5' LCG D 5 7.87 4.25 -6.66
C5' LCG D 5 7.87 5.62 -7.03
C3' LCG D 5 8.43 6.32 -4.57
C6' LCG D 5 7.42 7.91 -5.93
N9 LCG D 5 6.04 5.17 -3.19
C8 LCG D 5 6.36 3.95 -3.71
C4 LCG D 5 5.61 4.91 -1.91
N7 LCG D 5 6.15 2.95 -2.93
C5 LCG D 5 5.70 3.54 -1.76
C6 LCG D 5 5.38 2.93 -0.51
C2' LCG D 5 7.48 7.20 -3.78
O6 LCG D 5 5.45 1.73 -0.23
C4' LCG D 5 7.47 6.41 -5.77
C1' LCG D 5 6.13 6.46 -3.92
C2 LCG D 5 4.92 5.23 0.22
N1 LCG D 5 5.00 3.86 0.45
O4' LCG D 5 6.16 6.12 -5.30
OP2 LCG D 5 8.15 1.79 -6.86
N2 LCG D 5 4.60 6.01 1.24
N3 LCG D 5 5.22 5.80 -0.96
O2' LCG D 5 7.39 8.38 -4.57
O3' LCG D 5 9.70 6.93 -4.72
H5' LCG D 5 7.16 5.81 -7.83
H5'' LCG D 5 8.86 5.91 -7.38
H3' LCG D 5 8.50 5.31 -4.14
H6'1 LCG D 5 8.33 8.20 -6.43
H6'2 LCG D 5 6.52 8.18 -6.47
H8 LCG D 5 6.81 3.92 -4.69
H2' LCG D 5 7.85 7.33 -2.77
H1' LCG D 5 5.29 7.11 -3.66
H1 LCG D 5 4.84 3.50 1.39
H21 LCG D 5 4.41 5.60 2.15
H22 LCG D 5 4.57 7.01 1.11
P LCG A 2 -6.59 7.50 -11.03
OP1 LCG A 2 -7.05 8.73 -11.71
O5' LCG A 2 -6.45 7.82 -9.46
C5' LCG A 2 -5.19 8.01 -8.83
C3' LCG A 2 -4.11 7.95 -6.47
C6' LCG A 2 -6.20 9.01 -6.70
N9 LCG A 2 -5.06 5.26 -5.18
C8 LCG A 2 -4.51 4.31 -6.00
C4 LCG A 2 -4.99 4.74 -3.91
N7 LCG A 2 -4.14 3.22 -5.38
C5 LCG A 2 -4.47 3.46 -4.05
C6 LCG A 2 -4.37 2.61 -2.90
C2' LCG A 2 -4.98 7.79 -5.23
O6 LCG A 2 -3.97 1.45 -2.86
C4' LCG A 2 -5.37 7.88 -7.32
C1' LCG A 2 -5.76 6.52 -5.55
C2 LCG A 2 -5.30 4.52 -1.68
N1 LCG A 2 -4.85 3.21 -1.74
O4' LCG A 2 -5.93 6.63 -6.95
OP2 LCG A 2 -5.38 6.81 -11.51
N2 LCG A 2 -5.63 5.00 -0.49
N3 LCG A 2 -5.41 5.32 -2.76
O2' LCG A 2 -5.92 8.85 -5.31
O3' LCG A 2 -3.38 9.18 -6.54
H5' LCG A 2 -4.83 9.00 -9.06
H5'' LCG A 2 -4.49 7.25 -9.17
H3' LCG A 2 -3.46 7.09 -6.65
H6'1 LCG A 2 -5.85 9.98 -7.04
H6'2 LCG A 2 -7.25 8.87 -6.93
H8 LCG A 2 -4.42 4.44 -7.07
H2' LCG A 2 -4.44 7.73 -4.30
H1' LCG A 2 -6.71 6.55 -5.03
H1 LCG A 2 -5.00 2.62 -0.94
H21 LCG A 2 -5.57 4.41 0.33
H22 LCG A 2 -5.93 5.95 -0.41
P LCG A 3 -2.00 9.42 -5.73
OP1 LCG A 3 -1.03 9.97 -6.69
O5' LCG A 3 -2.33 10.59 -4.64
C5' LCG A 3 -3.27 10.46 -3.59
C3' LCG A 3 -1.33 9.51 -2.01
C6' LCG A 3 -3.25 10.49 -1.07
N9 LCG A 3 -2.36 6.50 -1.34
C8 LCG A 3 -1.96 5.92 -2.50
C4 LCG A 3 -2.22 5.52 -0.38
N7 LCG A 3 -1.62 4.67 -2.40
C5 LCG A 3 -1.80 4.39 -1.05
C6 LCG A 3 -1.66 3.17 -0.32
C2' LCG A 3 -1.78 8.86 -0.71
O6 LCG A 3 -1.29 2.08 -0.76
C4' LCG A 3 -2.81 9.72 -2.33
C1' LCG A 3 -2.86 7.87 -1.14
C2 LCG A 3 -2.34 4.48 1.62
N1 LCG A 3 -2.00 3.28 1.02
O4' LCG A 3 -3.34 8.42 -2.33
OP2 LCG A 3 -1.67 8.17 -5.00
N2 LCG A 3 -2.53 4.47 2.94
N3 LCG A 3 -2.48 5.64 0.95
O2' LCG A 3 -2.51 9.88 -0.03
O3' LCG A 3 -0.56 10.70 -1.82
H5' LCG A 3 -4.19 10.01 -3.97
H5'' LCG A 3 -3.55 11.43 -3.22
H3' LCG A 3 -0.86 8.80 -2.70
H6'1 LCG A 3 -2.94 11.52 -1.16
H6'2 LCG A 3 -4.32 10.41 -0.91
H8 LCG A 3 -1.96 6.50 -3.42
H2' LCG A 3 -0.99 8.40 -0.14
H1' LCG A 3 -3.69 7.93 -0.45
H1 LCG A 3 -2.05 2.42 1.55
H21 LCG A 3 -2.45 3.60 3.46
H22 LCG A 3 -2.70 5.34 3.41
P LCG A 4 0.99 10.66 -1.36
OP1 LCG A 4 1.46 12.07 -1.28
O5' LCG A 4 0.96 10.05 0.13
C5' LCG A 4 0.44 10.75 1.26
C3' LCG A 4 1.82 9.32 2.87
C6' LCG A 4 -0.13 10.29 3.79
N9 LCG A 4 0.71 6.52 2.27
C8 LCG A 4 1.17 6.49 0.98
C4 LCG A 4 0.87 5.24 2.75
N7 LCG A 4 1.56 5.30 0.59
C5 LCG A 4 1.36 4.49 1.70
C6 LCG A 4 1.59 3.10 1.88
C2' LCG A 4 1.13 8.41 3.87
O6 LCG A 4 2.03 2.31 1.05
C4' LCG A 4 0.43 9.80 2.44
C1' LCG A 4 0.12 7.66 3.00
C2 LCG A 4 0.75 3.48 4.15
N1 LCG A 4 1.23 2.64 3.15
O4' LCG A 4 -0.31 8.64 2.11
OP2 LCG A 4 1.70 9.69 -2.23
N2 LCG A 4 0.43 2.92 5.31
N3 LCG A 4 0.56 4.80 4.00
O2' LCG A 4 0.36 9.29 4.69
O3' LCG A 4 2.61 10.35 3.45
H5' LCG A 4 -0.57 11.11 1.05
H5'' LCG A 4 1.09 11.57 1.52
H3' LCG A 4 2.34 8.78 2.08
H6'1 LCG A 4 0.28 11.28 4.05
H6'2 LCG A 4 -1.22 10.32 3.78
H8 LCG A 4 1.19 7.35 0.33
H2' LCG A 4 1.78 7.71 4.39
H1' LCG A 4 -0.71 7.35 3.61
H1 LCG A 4 1.26 1.64 3.30
H21 LCG A 4 0.57 1.93 5.45
H22 LCG A 4 0.07 3.51 6.05
P LCG A 5 4.10 10.10 4.03
OP1 LCG A 5 4.61 11.38 4.55
O5' LCG A 5 3.92 9.08 5.27
C5' LCG A 5 3.35 9.43 6.52
C3' LCG A 5 4.48 7.42 7.88
C6' LCG A 5 2.41 8.21 8.60
N9 LCG A 5 3.58 5.18 6.06
C8 LCG A 5 4.06 5.80 4.93
C4 LCG A 5 3.80 3.84 5.85
N7 LCG A 5 4.50 5.00 4.01
C5 LCG A 5 4.33 3.73 4.57
C6 LCG A 5 4.60 2.44 4.01
C2' LCG A 5 3.59 6.29 8.36
O6 LCG A 5 5.03 2.18 2.89
C4' LCG A 5 3.21 8.11 7.32
C1' LCG A 5 2.81 5.87 7.12
C2 LCG A 5 3.80 1.60 6.18
N1 LCG A 5 4.30 1.40 4.89
O4' LCG A 5 2.46 7.14 6.61
OP2 LCG A 5 4.86 9.37 2.99
N2 LCG A 5 3.60 0.53 6.94
N3 LCG A 5 3.52 2.81 6.69
O2' LCG A 5 2.67 6.95 9.23
O3' LCG A 5 5.16 7.91 9.06
H5' LCG A 5 2.38 9.90 6.39
H5'' LCG A 5 3.99 10.16 7.02
H3' LCG A 5 5.17 7.07 7.11
H6'1 LCG A 5 2.84 9.03 9.14
H6'2 LCG A 5 1.36 8.35 8.36
H8 LCG A 5 4.01 6.87 4.88
H2' LCG A 5 4.13 5.48 8.84
H1' LCG A 5 1.92 5.29 7.39
H1 LCG A 5 4.42 0.46 4.53
H21 LCG A 5 3.79 -0.40 6.57
H22 LCG A 5 3.27 0.65 7.89
P LCG B 2 -11.06 8.21 5.98
OP1 LCG B 2 -12.50 7.94 5.74
O5' LCG B 2 -10.35 6.79 6.20
C5' LCG B 2 -9.01 6.65 6.69
C3' LCG B 2 -7.21 4.79 6.95
C6' LCG B 2 -9.43 4.29 7.59
N9 LCG B 2 -7.22 3.25 4.18
C8 LCG B 2 -6.84 4.20 3.27
C4 LCG B 2 -6.68 2.07 3.73
N7 LCG B 2 -6.15 3.72 2.27
C5 LCG B 2 -6.06 2.36 2.54
C6 LCG B 2 -5.49 1.30 1.77
C2' LCG B 2 -7.59 3.33 6.69
O6 LCG B 2 -4.92 1.37 0.67
C4' LCG B 2 -8.65 5.17 6.62
C1' LCG B 2 -8.19 3.38 5.29
C2 LCG B 2 -6.22 -0.14 3.61
N1 LCG B 2 -5.64 0.05 2.37
O4' LCG B 2 -8.81 4.66 5.30
OP2 LCG B 2 -10.68 9.07 7.12
N2 LCG B 2 -6.21 -1.37 4.10
N3 LCG B 2 -6.77 0.85 4.33
O2' LCG B 2 -8.68 3.08 7.58
O3' LCG B 2 -6.79 5.06 8.29
H5' LCG B 2 -8.98 6.98 7.72
H5'' LCG B 2 -8.33 7.24 6.07
H3' LCG B 2 -6.50 5.17 6.22
H6'1 LCG B 2 -9.42 4.71 8.60
H6'2 LCG B 2 -10.45 4.15 7.24
H8 LCG B 2 -7.12 5.24 3.35
H2' LCG B 2 -6.77 2.63 6.78
H1' LCG B 2 -8.94 2.60 5.20
H1 LCG B 2 -5.43 -0.75 1.81
H21 LCG B 2 -5.81 -2.13 3.58
H22 LCG B 2 -6.60 -1.54 5.02
P LCG B 3 -5.29 4.76 8.81
OP1 LCG B 3 -4.81 6.00 9.45
O5' LCG B 3 -5.44 3.64 9.98
C5' LCG B 3 -5.94 2.33 9.78
C3' LCG B 3 -3.46 1.49 9.24
C6' LCG B 3 -5.14 -0.07 9.86
N9 LCG B 3 -3.68 0.63 6.06
C8 LCG B 3 -3.60 1.85 5.44
C4 LCG B 3 -3.12 -0.26 5.17
N7 LCG B 3 -3.07 1.83 4.26
C5 LCG B 3 -2.77 0.49 4.05
C6 LCG B 3 -2.23 -0.17 2.91
C2' LCG B 3 -3.35 0.14 8.54
O6 LCG B 3 -1.88 0.35 1.85
C4' LCG B 3 -4.97 1.31 9.18
C1' LCG B 3 -4.31 0.26 7.34
C2 LCG B 3 -2.50 -2.21 4.22
N1 LCG B 3 -2.17 -1.55 3.06
O4' LCG B 3 -5.22 1.22 7.80
OP2 LCG B 3 -4.52 4.18 7.69
N2 LCG B 3 -2.29 -3.52 4.26
N3 LCG B 3 -2.99 -1.60 5.32
O2' LCG B 3 -3.98 -0.77 9.41
O3' LCG B 3 -2.90 1.52 10.55
H5' LCG B 3 -6.85 2.36 9.18
H5'' LCG B 3 -6.23 1.87 10.71
H3' LCG B 3 -3.12 2.32 8.62
H6'1 LCG B 3 -6.05 -0.57 9.53
H6'2 LCG B 3 -5.11 0.01 10.95
H8 LCG B 3 -3.99 2.76 5.89
H2' LCG B 3 -2.33 -0.13 8.25
H1' LCG B 3 -4.89 -0.64 7.30
H1 LCG B 3 -1.90 -2.08 2.24
H21 LCG B 3 -1.94 -4.00 3.44
H22 LCG B 3 -2.45 -4.03 5.12
P LCG B 4 -1.30 1.65 10.80
OP1 LCG B 4 -1.07 1.69 12.25
O5' LCG B 4 -0.68 0.28 10.23
C5' LCG B 4 -0.86 -0.97 10.88
C3' LCG B 4 1.18 -1.96 9.65
C6' LCG B 4 -0.39 -3.52 10.54
N9 LCG B 4 0.26 -1.90 6.76
C8 LCG B 4 0.27 -0.53 6.71
C4 LCG B 4 0.70 -2.31 5.52
N7 LCG B 4 0.65 -0.04 5.55
C5 LCG B 4 0.92 -1.17 4.79
C6 LCG B 4 1.37 -1.26 3.44
C2' LCG B 4 1.01 -3.20 8.77
O6 LCG B 4 1.60 -0.34 2.66
C4' LCG B 4 -0.31 -2.07 9.99
C1' LCG B 4 -0.16 -2.77 7.87
C2 LCG B 4 1.30 -3.68 3.84
N1 LCG B 4 1.54 -2.58 3.02
O4' LCG B 4 -1.00 -2.06 8.76
OP2 LCG B 4 -0.80 2.75 9.94
N2 LCG B 4 1.50 -4.89 3.32
N3 LCG B 4 0.88 -3.59 5.11
O2' LCG B 4 0.51 -4.20 9.66
O3' LCG B 4 2.04 -2.14 10.78
H5' LCG B 4 -1.91 -1.16 11.08
H5'' LCG B 4 -0.29 -1.00 11.78
H3' LCG B 4 1.41 -1.06 9.10
H6'1 LCG B 4 -0.01 -3.56 11.56
H6'2 LCG B 4 -1.40 -3.91 10.46
H8 LCG B 4 -0.01 0.10 7.54
H2' LCG B 4 1.87 -3.49 8.18
H1' LCG B 4 -0.68 -3.65 7.53
H1 LCG B 4 1.85 -2.72 2.06
H21 LCG B 4 1.83 -4.98 2.37
H22 LCG B 4 1.34 -5.70 3.88
P LCG B 5 3.64 -1.93 10.71
OP1 LCG B 5 4.19 -2.10 12.07
O5' LCG B 5 4.16 -3.16 9.81
C5' LCG B 5 4.17 -4.51 10.22
C3' LCG B 5 6.03 -5.11 8.42
C6' LCG B 5 4.71 -6.83 9.23
N9 LCG B 5 4.44 -4.31 5.98
C8 LCG B 5 4.25 -3.07 6.52
C4 LCG B 5 4.65 -4.08 4.64
N7 LCG B 5 4.28 -2.08 5.67
C5 LCG B 5 4.57 -2.71 4.47
C6 LCG B 5 4.82 -2.12 3.19
C2' LCG B 5 5.67 -6.10 7.32
O6 LCG B 5 4.82 -0.91 2.94
C4' LCG B 5 4.60 -5.34 9.01
C1' LCG B 5 4.34 -5.58 6.74
C2 LCG B 5 5.14 -4.43 2.45
N1 LCG B 5 5.10 -3.06 2.22
O4' LCG B 5 3.65 -5.27 7.94
OP2 LCG B 5 3.92 -0.70 9.95
N2 LCG B 5 5.45 -5.21 1.42
N3 LCG B 5 4.92 -4.99 3.65
O2' LCG B 5 5.35 -7.29 8.05
O3' LCG B 5 7.22 -5.62 9.05
H5' LCG B 5 3.19 -4.83 10.57
H5'' LCG B 5 4.85 -4.64 11.06
H3' LCG B 5 6.17 -4.10 8.02
H6'1 LCG B 5 3.72 -7.28 9.37
H6'2 LCG B 5 5.33 -6.92 10.09
H8 LCG B 5 4.14 -2.98 7.58
H2' LCG B 5 6.44 -6.24 6.56
H1' LCG B 5 3.82 -6.34 6.16
H1 LCG B 5 5.36 -2.70 1.30
H21 LCG B 5 5.64 -4.80 0.51
H22 LCG B 5 5.50 -6.20 1.55
P LCG C 2 -10.13 -9.20 6.35
OP1 LCG C 2 -11.49 -9.33 5.78
O5' LCG C 2 -9.10 -9.16 5.13
C5' LCG C 2 -7.70 -9.21 5.30
C3' LCG C 2 -5.53 -8.90 3.85
C6' LCG C 2 -7.34 -10.13 2.91
N9 LCG C 2 -6.04 -6.21 2.22
C8 LCG C 2 -6.12 -5.23 3.17
C4 LCG C 2 -5.45 -5.62 1.13
N7 LCG C 2 -5.67 -4.07 2.78
C5 LCG C 2 -5.26 -4.30 1.46
C6 LCG C 2 -4.76 -3.39 0.47
C2' LCG C 2 -5.67 -8.72 2.35
O6 LCG C 2 -4.57 -2.18 0.59
C4' LCG C 2 -7.06 -9.01 3.91
C1' LCG C 2 -6.65 -7.56 2.22
C2 LCG C 2 -4.66 -5.36 -0.97
N1 LCG C 2 -4.51 -4.00 -0.74
O4' LCG C 2 -7.47 -7.77 3.35
OP2 LCG C 2 -9.67 -10.21 7.31
N2 LCG C 2 -4.29 -5.82 -2.16
N3 LCG C 2 -5.15 -6.22 -0.06
O2' LCG C 2 -6.37 -9.88 1.90
O3' LCG C 2 -4.81 -10.05 4.24
H5' LCG C 2 -7.40 -10.18 5.71
H5'' LCG C 2 -7.37 -8.41 5.97
H3' LCG C 2 -5.17 -8.00 4.34
H6'1 LCG C 2 -8.35 -10.06 2.51
H6'2 LCG C 2 -7.17 -11.11 3.36
H8 LCG C 2 -6.55 -5.40 4.15
H2' LCG C 2 -4.74 -8.53 1.82
H1' LCG C 2 -7.23 -7.68 1.30
H1 LCG C 2 -4.34 -3.40 -1.54
H21 LCG C 2 -3.95 -5.19 -2.87
H22 LCG C 2 -4.38 -6.81 -2.35
P LCG C 3 -3.18 -10.08 4.25
OP1 LCG C 3 -2.77 -10.57 5.58
O5' LCG C 3 -2.74 -11.22 3.17
C5' LCG C 3 -3.02 -11.15 1.78
C3' LCG C 3 -0.70 -9.88 1.38
C6' LCG C 3 -1.83 -10.89 -0.45
N9 LCG C 3 -1.71 -6.85 0.42
C8 LCG C 3 -2.03 -6.26 1.62
C4 LCG C 3 -1.28 -5.83 -0.38
N7 LCG C 3 -1.86 -4.97 1.64
C5 LCG C 3 -1.39 -4.67 0.37
C6 LCG C 3 -1.09 -3.41 -0.23
C2' LCG C 3 -0.58 -9.10 0.07
O6 LCG C 3 -1.13 -2.31 0.29
C4' LCG C 3 -2.11 -10.25 0.94
C1' LCG C 3 -1.85 -8.26 0.00
C2 LCG C 3 -0.62 -4.73 -2.24
N1 LCG C 3 -0.76 -3.53 -1.58
O4' LCG C 3 -2.73 -9.00 0.80
OP2 LCG C 3 -2.69 -8.77 3.79
N2 LCG C 3 -0.22 -4.70 -3.51
N3 LCG C 3 -0.88 -5.92 -1.68
O2' LCG C 3 -0.75 -10.09 -0.94
O3' LCG C 3 0.22 -10.95 1.50
H5' LCG C 3 -4.06 -10.88 1.62
H5'' LCG C 3 -2.89 -12.12 1.33
H3' LCG C 3 -0.70 -9.22 2.25
H6'1 LCG C 3 -2.70 -10.82 -1.09
H6'2 LCG C 3 -1.49 -11.93 -0.35
H8 LCG C 3 -2.44 -6.81 2.46
H2' LCG C 3 0.33 -8.52 -0.03
H1' LCG C 3 -2.28 -8.37 -0.99
H1 LCG C 3 -0.67 -2.66 -2.10
H21 LCG C 3 -0.03 -3.82 -3.95
H22 LCG C 3 -0.08 -5.57 -4.00
P LCG C 4 1.78 -10.71 1.85
OP1 LCG C 4 2.44 -12.04 1.92
O5' LCG C 4 2.39 -9.92 0.58
C5' LCG C 4 2.59 -10.54 -0.68
C3' LCG C 4 4.33 -8.78 -1.40
C6' LCG C 4 3.24 -9.93 -3.15
N9 LCG C 4 2.64 -6.22 -1.39
C8 LCG C 4 2.41 -6.21 -0.04
C4 LCG C 4 2.81 -4.92 -1.76
N7 LCG C 4 2.38 -5.01 0.47
C5 LCG C 4 2.62 -4.17 -0.61
C6 LCG C 4 2.70 -2.74 -0.68
C2' LCG C 4 4.05 -7.90 -2.60
O6 LCG C 4 2.56 -1.95 0.24
C4' LCG C 4 3.00 -9.49 -1.70
C1' LCG C 4 2.65 -7.37 -2.32
C2 LCG C 4 3.12 -3.11 -3.07
N1 LCG C 4 2.93 -2.27 -1.99
O4' LCG C 4 2.01 -8.48 -1.73
OP2 LCG C 4 1.84 -9.80 3.02
N2 LCG C 4 3.33 -2.55 -4.26
N3 LCG C 4 3.06 -4.45 -3.01
O2' LCG C 4 3.94 -8.82 -3.69
O3' LCG C 4 5.46 -9.65 -1.55
H5' LCG C 4 1.69 -11.05 -1.02
H5'' LCG C 4 3.42 -11.23 -0.62
H3' LCG C 4 4.32 -8.25 -0.45
H6'1 LCG C 4 2.28 -10.10 -3.66
H6'2 LCG C 4 3.86 -10.83 -3.19
H8 LCG C 4 2.27 -7.12 0.53
H2' LCG C 4 4.76 -7.08 -2.74
H1' LCG C 4 2.17 -7.14 -3.26
H1 LCG C 4 2.89 -1.27 -2.11
H21 LCG C 4 3.38 -1.55 -4.35
H22 LCG C 4 3.46 -3.15 -5.06
P LCG C 5 6.98 -9.16 -1.32
OP1 LCG C 5 7.86 -10.32 -1.55
O5' LCG C 5 7.25 -8.08 -2.48
C5' LCG C 5 7.43 -8.39 -3.85
C3' LCG C 5 8.81 -6.16 -4.35
C6' LCG C 5 7.68 -7.20 -6.10
N9 LCG C 5 6.74 -4.20 -3.43
C8 LCG C 5 6.67 -4.80 -2.21
C4 LCG C 5 6.61 -2.85 -3.17
N7 LCG C 5 6.46 -3.99 -1.21
C5 LCG C 5 6.40 -2.74 -1.81
C6 LCG C 5 6.17 -1.46 -1.23
C2' LCG C 5 8.19 -5.14 -5.30
O6 LCG C 5 5.94 -1.19 -0.05
C4' LCG C 5 7.57 -7.05 -4.60
C1' LCG C 5 6.78 -4.91 -4.73
C2 LCG C 5 6.48 -0.62 -3.51
N1 LCG C 5 6.22 -0.41 -2.16
O4' LCG C 5 6.39 -6.24 -4.47
OP2 LCG C 5 7.04 -8.44 -0.03
N2 LCG C 5 6.58 0.45 -4.29
N3 LCG C 5 6.67 -1.83 -4.07
O2' LCG C 5 8.04 -5.88 -6.52
O3' LCG C 5 10.10 -6.55 -4.86
H5' LCG C 5 6.59 -8.96 -4.25
H5'' LCG C 5 8.31 -9.01 -4.01
H3' LCG C 5 8.87 -5.76 -3.34
H6'1 LCG C 5 6.75 -7.55 -6.54
H6'2 LCG C 5 8.50 -7.88 -6.23
H8 LCG C 5 6.79 -5.87 -2.16
H2' LCG C 5 8.74 -4.21 -5.46
H1' LCG C 5 6.13 -4.43 -5.46
H1 LCG C 5 6.05 0.52 -1.79
H21 LCG C 5 6.44 1.38 -3.90
H22 LCG C 5 6.82 0.35 -5.26
P LCG D 2 -5.34 -9.66 -9.92
OP1 LCG D 2 -5.43 -10.31 -11.24
O5' LCG D 2 -4.86 -8.13 -10.15
C5' LCG D 2 -3.53 -7.70 -9.90
C3' LCG D 2 -2.19 -5.54 -9.36
C6' LCG D 2 -3.80 -5.43 -11.08
N9 LCG D 2 -3.81 -4.15 -7.09
C8 LCG D 2 -3.81 -5.06 -6.06
C4 LCG D 2 -3.69 -2.92 -6.48
N7 LCG D 2 -3.74 -4.53 -4.87
C5 LCG D 2 -3.69 -3.16 -5.12
C6 LCG D 2 -3.69 -2.05 -4.21
C2' LCG D 2 -2.87 -4.18 -9.45
O6 LCG D 2 -3.72 -2.08 -2.98
C4' LCG D 2 -3.51 -6.18 -9.78
C1' LCG D 2 -4.08 -4.37 -8.53
C2 LCG D 2 -3.64 -0.68 -6.24
N1 LCG D 2 -3.70 -0.82 -4.86
O4' LCG D 2 -4.42 -5.73 -8.78
OP2 LCG D 2 -4.54 -10.27 -8.83
N2 LCG D 2 -3.58 0.56 -6.72
N3 LCG D 2 -3.66 -1.71 -7.10
O2' LCG D 2 -3.39 -4.10 -10.77
O3' LCG D 2 -1.11 -5.71 -10.28
H5' LCG D 2 -2.90 -7.99 -10.73
H5'' LCG D 2 -3.17 -8.13 -8.98
H3' LCG D 2 -1.92 -5.82 -8.35
H6'1 LCG D 2 -3.20 -5.83 -11.89
H6'2 LCG D 2 -4.86 -5.50 -11.33
H8 LCG D 2 -3.89 -6.13 -6.23
H2' LCG D 2 -2.25 -3.34 -9.16
H1' LCG D 2 -4.87 -3.70 -8.84
H1 LCG D 2 -3.93 -0.01 -4.30
H21 LCG D 2 -3.59 1.35 -6.09
H22 LCG D 2 -3.52 0.69 -7.72
P LCG D 3 0.37 -5.14 -9.96
OP1 LCG D 3 1.33 -6.25 -10.22
O5' LCG D 3 0.67 -4.01 -11.10
C5' LCG D 3 -0.06 -2.79 -11.20
C3' LCG D 3 1.67 -1.64 -9.53
C6' LCG D 3 0.34 -0.29 -10.96
N9 LCG D 3 -0.21 -0.94 -6.91
C8 LCG D 3 -0.29 -2.17 -6.31
C4 LCG D 3 -0.26 -0.03 -5.89
N7 LCG D 3 -0.39 -2.11 -5.01
C5 LCG D 3 -0.38 -0.75 -4.73
C6 LCG D 3 -0.54 -0.08 -3.48
C2' LCG D 3 1.24 -0.32 -8.91
O6 LCG D 3 -0.66 -0.57 -2.36
C4' LCG D 3 0.32 -1.67 -10.25
C1' LCG D 3 -0.16 -0.63 -8.35
C2 LCG D 3 -0.42 1.96 -4.83
N1 LCG D 3 -0.59 1.30 -3.63
O4' LCG D 3 -0.59 -1.67 -9.16
OP2 LCG D 3 0.36 -4.51 -8.64
N2 LCG D 3 -0.43 3.29 -4.81
N3 LCG D 3 -0.25 1.33 -6.00
O2' LCG D 3 1.01 0.53 -10.02
O3' LCG D 3 2.82 -1.54 -10.38
H5' LCG D 3 -1.13 -2.98 -11.15
H5'' LCG D 3 0.11 -2.34 -12.17
H3' LCG D 3 1.78 -2.44 -8.80
H6'1 LCG D 3 -0.67 0.06 -11.14
H6'2 LCG D 3 0.91 -0.33 -11.88
H8 LCG D 3 -0.31 -3.09 -6.85
H2' LCG D 3 1.93 0.08 -8.16
H1' LCG D 3 -0.81 0.20 -8.63
H1 LCG D 3 -0.84 1.83 -2.80
H21 LCG D 3 -0.58 3.79 -3.93
H22 LCG D 3 -0.27 3.80 -5.66
P LCG D 4 4.32 -1.45 -9.80
OP1 LCG D 4 5.25 -1.45 -10.95
O5' LCG D 4 4.40 0.00 -9.10
C5' LCG D 4 4.39 1.21 -9.84
C3' LCG D 4 5.40 2.52 -7.86
C6' LCG D 4 4.21 3.79 -9.47
N9 LCG D 4 3.24 2.18 -5.76
C8 LCG D 4 3.43 0.83 -5.64
C4 LCG D 4 2.98 2.63 -4.48
N7 LCG D 4 3.29 0.38 -4.43
C5 LCG D 4 2.99 1.51 -3.68
C6 LCG D 4 2.72 1.63 -2.28
C2' LCG D 4 4.61 3.67 -7.24
O6 LCG D 4 2.69 0.73 -1.45
C4' LCG D 4 4.27 2.37 -8.86
C1' LCG D 4 3.27 3.01 -6.98
C2 LCG D 4 2.49 4.02 -2.77
N1 LCG D 4 2.46 2.95 -1.89
O4' LCG D 4 3.09 2.20 -8.10
OP2 LCG D 4 4.47 -2.47 -8.74
N2 LCG D 4 2.23 5.23 -2.29
N3 LCG D 4 2.75 3.91 -4.08
O2' LCG D 4 4.44 4.60 -8.32
O3' LCG D 4 6.65 2.90 -8.45
H5' LCG D 4 3.55 1.22 -10.54
H5'' LCG D 4 5.32 1.34 -10.36
H3' LCG D 4 5.50 1.66 -7.21
H6'1 LCG D 4 3.24 3.99 -9.91
H6'2 LCG D 4 5.01 3.93 -10.20
H8 LCG D 4 3.69 0.19 -6.47
H2' LCG D 4 5.03 4.10 -6.34
H1' LCG D 4 2.49 3.77 -6.98
H1 LCG D 4 2.23 3.09 -0.91
H21 LCG D 4 2.03 5.35 -1.31
H22 LCG D 4 2.22 6.02 -2.91
P LCG D 5 8.04 2.98 -7.64
OP1 LCG D 5 9.12 3.27 -8.59
O5' LCG D 5 7.87 4.25 -6.66
C5' LCG D 5 7.84 5.60 -7.09
C3' LCG D 5 8.50 6.48 -4.67
C6' LCG D 5 7.42 7.96 -6.11
N9 LCG D 5 6.13 5.30 -3.22
C8 LCG D 5 6.40 4.07 -3.73
C4 LCG D 5 5.72 5.06 -1.92
N7 LCG D 5 6.20 3.08 -2.93
C5 LCG D 5 5.79 3.69 -1.76
C6 LCG D 5 5.50 3.08 -0.50
C2' LCG D 5 7.49 7.36 -3.93
O6 LCG D 5 5.56 1.90 -0.23
C4' LCG D 5 7.51 6.47 -5.86
C1' LCG D 5 6.17 6.57 -4.00
C2 LCG D 5 5.03 5.39 0.21
N1 LCG D 5 5.11 4.02 0.46
O4' LCG D 5 6.21 6.18 -5.37
OP2 LCG D 5 8.13 1.79 -6.76
N2 LCG D 5 4.66 6.18 1.22
N3 LCG D 5 5.34 5.96 -0.97
O2' LCG D 5 7.35 8.49 -4.78
O3' LCG D 5 9.74 7.24 -4.72
H5' LCG D 5 7.09 5.75 -7.87
H5'' LCG D 5 8.81 5.87 -7.53
H3' LCG D 5 8.63 5.52 -4.20
H6'1 LCG D 5 8.32 8.24 -6.61
H6'2 LCG D 5 6.52 8.17 -6.69
H8 LCG D 5 6.80 4.00 -4.73
H2' LCG D 5 7.78 7.62 -2.91
H1' LCG D 5 5.31 7.20 -3.79
H1 LCG D 5 4.94 3.67 1.39
H21 LCG D 5 4.46 5.77 2.13
H22 LCG D 5 4.61 7.18 1.09
P LCG A 2 -7.27 6.04 -10.72
OP1 LCG A 2 -7.94 6.95 -11.67
O5' LCG A 2 -7.16 6.79 -9.29
C5' LCG A 2 -5.96 7.40 -8.84
C3' LCG A 2 -4.69 7.92 -6.63
C6' LCG A 2 -6.94 8.61 -6.77
N9 LCG A 2 -5.12 5.29 -4.97
C8 LCG A 2 -4.43 4.43 -5.78
C4 LCG A 2 -5.05 4.73 -3.72
N7 LCG A 2 -3.99 3.37 -5.18
C5 LCG A 2 -4.40 3.53 -3.86
C6 LCG A 2 -4.29 2.64 -2.74
C2' LCG A 2 -5.42 7.81 -5.30
O6 LCG A 2 -3.81 1.52 -2.72
C4' LCG A 2 -6.00 7.54 -7.32
C1' LCG A 2 -6.02 6.40 -5.35
C2 LCG A 2 -5.42 4.45 -1.51
N1 LCG A 2 -4.86 3.17 -1.58
O4' LCG A 2 -6.36 6.30 -6.72
OP2 LCG A 2 -5.94 5.46 -11.07
N2 LCG A 2 -5.81 4.87 -0.31
N3 LCG A 2 -5.56 5.26 -2.57
O2' LCG A 2 -6.52 8.72 -5.42
O3' LCG A 2 -4.20 9.23 -6.88
H5' LCG A 2 -5.88 8.40 -9.29
H5'' LCG A 2 -5.10 6.80 -9.11
H3' LCG A 2 -3.92 7.15 -6.77
H6'1 LCG A 2 -6.79 9.56 -7.29
H6'2 LCG A 2 -7.97 8.30 -6.86
H8 LCG A 2 -4.30 4.60 -6.84
H2' LCG A 2 -4.80 7.97 -4.43
H1' LCG A 2 -6.91 6.38 -4.73
H1 LCG A 2 -4.98 2.54 -0.81
H21 LCG A 2 -5.74 4.27 0.50
H22 LCG A 2 -6.19 5.79 -0.22
P LCG A 3 -2.71 9.70 -6.46
OP1 LCG A 3 -2.62 11.16 -6.70
O5' LCG A 3 -2.60 9.45 -4.87
C5' LCG A 3 -3.30 10.23 -3.91
C3' LCG A 3 -1.61 9.52 -2.07
C6' LCG A 3 -3.64 10.57 -1.42
N9 LCG A 3 -2.56 6.59 -1.38
C8 LCG A 3 -2.06 6.04 -2.52
C4 LCG A 3 -2.39 5.65 -0.40
N7 LCG A 3 -1.61 4.83 -2.37
C5 LCG A 3 -1.83 4.56 -1.02
C6 LCG A 3 -1.60 3.36 -0.27
C2' LCG A 3 -2.19 9.00 -0.76
O6 LCG A 3 -1.12 2.31 -0.66
C4' LCG A 3 -3.06 9.69 -2.53
C1' LCG A 3 -3.16 7.94 -1.23
C2 LCG A 3 -2.53 4.64 1.61
N1 LCG A 3 -2.04 3.46 1.06
O4' LCG A 3 -3.59 8.41 -2.47
OP2 LCG A 3 -1.76 8.80 -7.13
N2 LCG A 3 -2.81 4.61 2.91
N3 LCG A 3 -2.73 5.76 0.92
O2' LCG A 3 -2.99 10.07 -0.27
O3' LCG A 3 -0.86 10.72 -1.90
H5' LCG A 3 -4.37 10.25 -4.13
H5'' LCG A 3 -2.92 11.21 -3.80
H3' LCG A 3 -1.07 8.76 -2.63
H6'1 LCG A 3 -3.34 11.61 -1.58
H6'2 LCG A 3 -4.72 10.48 -1.35
H8 LCG A 3 -2.06 6.57 -3.46
H2' LCG A 3 -1.45 8.63 -0.06
H1' LCG A 3 -4.05 8.01 -0.64
H1 LCG A 3 -2.08 2.61 1.58
H21 LCG A 3 -2.69 3.76 3.45
H22 LCG A 3 -3.14 5.46 3.35
P LCG A 4 0.68 10.71 -1.41
OP1 LCG A 4 1.13 12.11 -1.26
O5' LCG A 4 0.66 10.03 0.06
C5' LCG A 4 0.14 10.68 1.22
C3' LCG A 4 1.65 9.29 2.74
C6' LCG A 4 -0.25 10.22 3.78
N9 LCG A 4 0.59 6.45 2.25
C8 LCG A 4 1.03 6.42 0.95
C4 LCG A 4 0.75 5.18 2.72
N7 LCG A 4 1.45 5.25 0.57
C5 LCG A 4 1.28 4.45 1.69
C6 LCG A 4 1.53 3.05 1.86
C2' LCG A 4 1.06 8.36 3.79
O6 LCG A 4 2.01 2.28 1.04
C4' LCG A 4 0.24 9.73 2.40
C1' LCG A 4 0.01 7.59 2.99
C2 LCG A 4 0.66 3.40 4.12
N1 LCG A 4 1.18 2.59 3.13
O4' LCG A 4 -0.50 8.56 2.11
OP2 LCG A 4 1.43 9.80 -2.30
N2 LCG A 4 0.36 2.85 5.29
N3 LCG A 4 0.43 4.72 3.97
O2' LCG A 4 0.34 9.25 4.65
O3' LCG A 4 2.47 10.33 3.26
H5' LCG A 4 -0.88 11.00 1.06
H5'' LCG A 4 0.77 11.53 1.47
H3' LCG A 4 2.13 8.75 1.92
H6'1 LCG A 4 0.15 11.21 3.99
H6'2 LCG A 4 -1.34 10.22 3.83
H8 LCG A 4 1.03 7.30 0.32
H2' LCG A 4 1.77 7.69 4.27
H1' LCG A 4 -0.77 7.28 3.67
H1 LCG A 4 1.23 1.59 3.27
H21 LCG A 4 0.53 1.86 5.44
H22 LCG A 4 -0.02 3.41 6.03
P LCG A 5 3.98 10.10 3.75
OP1 LCG A 5 4.52 11.39 4.21
O5' LCG A 5 3.89 9.12 5.01
C5' LCG A 5 3.39 9.49 6.30
C3' LCG A 5 4.64 7.56 7.64
C6' LCG A 5 2.60 8.33 8.47
N9 LCG A 5 3.66 5.22 5.97
C8 LCG A 5 4.08 5.79 4.81
C4 LCG A 5 3.86 3.87 5.79
N7 LCG A 5 4.48 4.97 3.90
C5 LCG A 5 4.33 3.72 4.50
C6 LCG A 5 4.57 2.42 3.97
C2' LCG A 5 3.81 6.43 8.22
O6 LCG A 5 4.96 2.12 2.84
C4' LCG A 5 3.33 8.20 7.15
C1' LCG A 5 2.94 5.94 7.06
C2 LCG A 5 3.88 1.63 6.18
N1 LCG A 5 4.32 1.40 4.88
O4' LCG A 5 2.54 7.20 6.51
OP2 LCG A 5 4.69 9.36 2.67
N2 LCG A 5 3.74 0.58 6.98
N3 LCG A 5 3.61 2.87 6.68
O2' LCG A 5 2.92 7.10 9.12
O3' LCG A 5 5.38 8.10 8.76
H5' LCG A 5 2.41 9.94 6.21
H5'' LCG A 5 4.04 10.25 6.72
H3' LCG A 5 5.29 7.20 6.84
H6'1 LCG A 5 3.04 9.18 8.96
H6'2 LCG A 5 1.54 8.43 8.29
H8 LCG A 5 4.03 6.87 4.73
H2' LCG A 5 4.39 5.63 8.70
H1' LCG A 5 2.09 5.37 7.40
H1 LCG A 5 4.46 0.46 4.54
H21 LCG A 5 3.93 -0.35 6.63
H22 LCG A 5 3.45 0.71 7.94
P LCG B 2 -11.41 7.54 6.17
OP1 LCG B 2 -12.05 8.11 7.36
O5' LCG B 2 -10.70 6.15 6.60
C5' LCG B 2 -9.34 6.08 6.98
C3' LCG B 2 -7.39 4.38 7.12
C6' LCG B 2 -9.53 3.67 7.82
N9 LCG B 2 -7.36 2.90 4.31
C8 LCG B 2 -7.14 3.87 3.35
C4 LCG B 2 -6.71 1.79 3.84
N7 LCG B 2 -6.44 3.46 2.33
C5 LCG B 2 -6.18 2.11 2.62
C6 LCG B 2 -5.54 1.11 1.83
C2' LCG B 2 -7.65 2.90 6.83
O6 LCG B 2 -5.06 1.22 0.70
C4' LCG B 2 -8.86 4.64 6.84
C1' LCG B 2 -8.30 2.94 5.45
C2 LCG B 2 -6.06 -0.37 3.71
N1 LCG B 2 -5.55 -0.14 2.45
O4' LCG B 2 -9.03 4.15 5.52
OP2 LCG B 2 -10.45 8.35 5.37
N2 LCG B 2 -5.99 -1.60 4.19
N3 LCG B 2 -6.67 0.57 4.46
O2' LCG B 2 -8.68 2.52 7.74
O3' LCG B 2 -6.95 4.66 8.45
H5' LCG B 2 -9.25 6.39 8.02
H5'' LCG B 2 -8.72 6.72 6.35
H3' LCG B 2 -6.74 4.84 6.37
H6'1 LCG B 2 -9.50 4.07 8.84
H6'2 LCG B 2 -10.55 3.46 7.51
H8 LCG B 2 -7.54 4.87 3.43
H2' LCG B 2 -6.77 2.26 6.87
H1' LCG B 2 -8.97 2.09 5.37
H1 LCG B 2 -5.35 -0.94 1.85
H21 LCG B 2 -5.57 -2.34 3.64
H22 LCG B 2 -6.36 -1.80 5.11
P LCG B 3 -5.41 4.49 8.92
OP1 LCG B 3 -5.02 5.76 9.57
O5' LCG B 3 -5.43 3.34 10.08
C5' LCG B 3 -5.83 2.00 9.86
C3' LCG B 3 -3.30 1.35 9.27
C6' LCG B 3 -4.88 -0.35 9.81
N9 LCG B 3 -3.51 0.62 6.04
C8 LCG B 3 -3.57 1.85 5.44
C4 LCG B 3 -2.93 -0.20 5.10
N7 LCG B 3 -3.07 1.89 4.24
C5 LCG B 3 -2.68 0.58 4.00
C6 LCG B 3 -2.15 -0.02 2.81
C2' LCG B 3 -3.11 0.05 8.49
O6 LCG B 3 -1.87 0.52 1.75
C4' LCG B 3 -4.81 1.08 9.22
C1' LCG B 3 -4.09 0.18 7.32
C2 LCG B 3 -2.23 -2.10 4.11
N1 LCG B 3 -1.99 -1.41 2.94
O4' LCG B 3 -5.05 1.05 7.82
OP2 LCG B 3 -4.62 4.00 7.78
N2 LCG B 3 -1.99 -3.41 4.11
N3 LCG B 3 -2.70 -1.55 5.23
O2' LCG B 3 -3.67 -0.94 9.33
O3' LCG B 3 -2.75 1.34 10.58
H5' LCG B 3 -6.76 1.97 9.31
H5'' LCG B 3 -6.02 1.51 10.80
H3' LCG B 3 -3.01 2.23 8.70
H6'1 LCG B 3 -5.75 -0.88 9.46
H6'2 LCG B 3 -4.85 -0.32 10.90
H8 LCG B 3 -4.02 2.71 5.91
H2' LCG B 3 -2.08 -0.16 8.19
H1' LCG B 3 -4.62 -0.76 7.24
H1 LCG B 3 -1.75 -1.91 2.09
H21 LCG B 3 -1.64 -3.86 3.27
H22 LCG B 3 -2.14 -3.94 4.95
P LCG B 4 -1.16 1.53 10.84
OP1 LCG B 4 -0.94 1.58 12.31
O5' LCG B 4 -0.49 0.17 10.28
C5' LCG B 4 -0.65 -1.08 10.93
C3' LCG B 4 1.45 -2.01 9.76
C6' LCG B 4 -0.10 -3.61 10.58
N9 LCG B 4 0.57 -1.96 6.82
C8 LCG B 4 0.55 -0.58 6.77
C4 LCG B 4 0.96 -2.36 5.58
N7 LCG B 4 0.85 -0.09 5.61
C5 LCG B 4 1.11 -1.21 4.83
C6 LCG B 4 1.49 -1.30 3.45
C2' LCG B 4 1.33 -3.23 8.86
O6 LCG B 4 1.65 -0.38 2.66
C4' LCG B 4 -0.05 -2.16 10.05
C1' LCG B 4 0.17 -2.84 7.94
C2 LCG B 4 1.48 -3.71 3.85
N1 LCG B 4 1.65 -2.62 3.03
O4' LCG B 4 -0.70 -2.15 8.80
OP2 LCG B 4 -0.68 2.64 10.00
N2 LCG B 4 1.65 -4.93 3.31
N3 LCG B 4 1.13 -3.64 5.15
O2' LCG B 4 0.84 -4.26 9.72
O3' LCG B 4 2.28 -2.20 10.91
H5' LCG B 4 -1.70 -1.29 11.11
H5'' LCG B 4 -0.09 -1.09 11.86
H3' LCG B 4 1.68 -1.10 9.23
H6'1 LCG B 4 0.24 -3.66 11.61
H6'2 LCG B 4 -1.10 -4.03 10.46
H8 LCG B 4 0.30 0.04 7.63
H2' LCG B 4 2.22 -3.49 8.31
H1' LCG B 4 -0.33 -3.73 7.59
H1 LCG B 4 1.93 -2.75 2.06
H21 LCG B 4 1.92 -5.01 2.35
H22 LCG B 4 1.53 -5.74 3.90
P LCG B 5 3.89 -2.03 10.89
OP1 LCG B 5 4.40 -2.26 12.25
O5' LCG B 5 4.40 -3.24 9.96
C5' LCG B 5 4.44 -4.60 10.34
C3' LCG B 5 6.24 -5.08 8.52
C6' LCG B 5 5.01 -6.89 9.29
N9 LCG B 5 4.69 -4.33 6.08
C8 LCG B 5 4.55 -3.09 6.63
C4 LCG B 5 4.82 -4.10 4.73
N7 LCG B 5 4.54 -2.10 5.80
C5 LCG B 5 4.74 -2.74 4.57
C6 LCG B 5 4.90 -2.15 3.28
C2' LCG B 5 5.98 -6.08 7.41
O6 LCG B 5 4.87 -0.95 3.00
C4' LCG B 5 4.85 -5.40 9.08
C1' LCG B 5 4.63 -5.61 6.82
C2 LCG B 5 5.20 -4.47 2.53
N1 LCG B 5 5.15 -3.10 2.29
O4' LCG B 5 3.91 -5.32 8.02
OP2 LCG B 5 4.21 -0.78 10.18
N2 LCG B 5 5.47 -5.26 1.50
N3 LCG B 5 5.03 -5.02 3.75
O2' LCG B 5 5.72 -7.29 8.11
O3' LCG B 5 7.35 -5.43 9.32
H5' LCG B 5 3.45 -4.94 10.70
H5'' LCG B 5 5.15 -4.75 11.14
H3' LCG B 5 6.34 -4.07 8.13
H6'1 LCG B 5 4.04 -7.38 9.39
H6'2 LCG B 5 5.62 -6.98 10.17
H8 LCG B 5 4.52 -3.02 7.71
H2' LCG B 5 6.81 -6.12 6.72
H1' LCG B 5 4.15 -6.39 6.22
H1 LCG B 5 5.42 -2.76 1.38
H21 LCG B 5 5.63 -4.86 0.59
H22 LCG B 5 5.53 -6.26 1.64
P LCG C 2 -10.30 -7.57 6.29
OP1 LCG C 2 -11.15 -8.64 6.88
O5' LCG C 2 -9.47 -8.22 5.06
C5' LCG C 2 -8.08 -8.52 5.17
C3' LCG C 2 -5.95 -8.75 3.75
C6' LCG C 2 -7.90 -9.77 2.86
N9 LCG C 2 -5.98 -6.14 2.00
C8 LCG C 2 -5.88 -5.21 3.00
C4 LCG C 2 -5.40 -5.55 0.90
N7 LCG C 2 -5.37 -4.08 2.62
C5 LCG C 2 -5.08 -4.26 1.28
C6 LCG C 2 -4.59 -3.33 0.30
C2' LCG C 2 -6.01 -8.69 2.24
O6 LCG C 2 -4.32 -2.15 0.46
C4' LCG C 2 -7.47 -8.60 3.77
C1' LCG C 2 -6.77 -7.39 1.97
C2 LCG C 2 -4.72 -5.24 -1.23
N1 LCG C 2 -4.46 -3.89 -0.96
O4' LCG C 2 -7.69 -7.39 3.05
OP2 LCG C 2 -9.38 -6.80 7.16
N2 LCG C 2 -4.42 -5.68 -2.45
N3 LCG C 2 -5.23 -6.10 -0.33
O2' LCG C 2 -6.87 -9.76 1.87
O3' LCG C 2 -5.46 -10.00 4.25
H5' LCG C 2 -7.95 -9.46 5.70
H5'' LCG C 2 -7.57 -7.73 5.71
H3' LCG C 2 -5.44 -7.89 4.21
H6'1 LCG C 2 -8.88 -9.58 2.43
H6'2 LCG C 2 -7.89 -10.71 3.41
H8 LCG C 2 -6.24 -5.38 4.01
H2' LCG C 2 -5.04 -8.71 1.75
H1' LCG C 2 -7.29 -7.48 1.02
H1 LCG C 2 -4.30 -3.29 -1.74
H21 LCG C 2 -4.07 -5.05 -3.15
H22 LCG C 2 -4.59 -6.65 -2.67
P LCG C 3 -3.92 -10.25 4.65
OP1 LCG C 3 -3.76 -11.69 4.95
O5' LCG C 3 -3.07 -9.91 3.31
C5' LCG C 3 -3.13 -10.71 2.14
C3' LCG C 3 -0.89 -9.69 1.32
C6' LCG C 3 -2.23 -10.88 -0.25
N9 LCG C 3 -1.86 -6.79 0.30
C8 LCG C 3 -2.10 -6.20 1.51
C4 LCG C 3 -1.38 -5.79 -0.51
N7 LCG C 3 -1.83 -4.93 1.54
C5 LCG C 3 -1.39 -4.64 0.25
C6 LCG C 3 -1.01 -3.39 -0.34
C2' LCG C 3 -0.86 -9.09 -0.08
O6 LCG C 3 -0.96 -2.30 0.20
C4' LCG C 3 -2.35 -10.05 1.04
C1' LCG C 3 -2.09 -8.19 -0.09
C2 LCG C 3 -0.69 -4.72 -2.37
N1 LCG C 3 -0.74 -3.51 -1.70
O4' LCG C 3 -2.96 -8.81 0.80
OP2 LCG C 3 -3.56 -9.24 5.66
N2 LCG C 3 -0.30 -4.70 -3.64
N3 LCG C 3 -1.02 -5.90 -1.82
O2' LCG C 3 -1.19 -10.18 -0.94
O3' LCG C 3 -0.01 -10.79 1.48
H5' LCG C 3 -4.16 -10.89 1.82
H5'' LCG C 3 -2.60 -11.63 2.22
H3' LCG C 3 -0.78 -8.94 2.10
H6'1 LCG C 3 -3.17 -10.86 -0.82
H6'2 LCG C 3 -1.92 -11.90 -0.04
H8 LCG C 3 -2.52 -6.75 2.35
H2' LCG C 3 0.06 -8.58 -0.33
H1' LCG C 3 -2.59 -8.34 -1.03
H1 LCG C 3 -0.64 -2.64 -2.21
H21 LCG C 3 -0.07 -3.82 -4.08
H22 LCG C 3 -0.21 -5.57 -4.14
P LCG C 4 1.57 -10.61 1.74
OP1 LCG C 4 2.20 -11.95 1.80
O5' LCG C 4 2.13 -9.85 0.43
C5' LCG C 4 2.27 -10.48 -0.83
C3' LCG C 4 4.08 -8.81 -1.52
C6' LCG C 4 2.96 -9.88 -3.30
N9 LCG C 4 2.52 -6.18 -1.50
C8 LCG C 4 2.30 -6.19 -0.14
C4 LCG C 4 2.73 -4.87 -1.83
N7 LCG C 4 2.34 -5.00 0.40
C5 LCG C 4 2.59 -4.14 -0.67
C6 LCG C 4 2.72 -2.72 -0.71
C2' LCG C 4 3.88 -7.90 -2.71
O6 LCG C 4 2.63 -1.94 0.24
C4' LCG C 4 2.72 -9.45 -1.85
C1' LCG C 4 2.49 -7.31 -2.43
C2 LCG C 4 3.09 -3.05 -3.11
N1 LCG C 4 2.95 -2.23 -1.99
O4' LCG C 4 1.79 -8.39 -1.89
OP2 LCG C 4 1.74 -9.68 2.89
N2 LCG C 4 3.31 -2.48 -4.29
N3 LCG C 4 3.00 -4.39 -3.07
O2' LCG C 4 3.73 -8.79 -3.81
O3' LCG C 4 5.16 -9.73 -1.64
H5' LCG C 4 1.32 -10.93 -1.14
H5'' LCG C 4 3.04 -11.22 -0.79
H3' LCG C 4 4.07 -8.29 -0.56
H6'1 LCG C 4 2.02 -10.00 -3.83
H6'2 LCG C 4 3.55 -10.81 -3.34
H8 LCG C 4 2.13 -7.09 0.42
H2' LCG C 4 4.63 -7.11 -2.83
H1' LCG C 4 2.04 -7.04 -3.38
H1 LCG C 4 2.92 -1.23 -2.11
H21 LCG C 4 3.39 -1.47 -4.35
H22 LCG C 4 3.41 -3.06 -5.10
P LCG C 5 6.69 -9.33 -1.31
OP1 LCG C 5 7.52 -10.53 -1.52
O5' LCG C 5 7.07 -8.24 -2.43
C5' LCG C 5 7.30 -8.54 -3.79
C3' LCG C 5 8.83 -6.38 -4.10
C6' LCG C 5 7.81 -7.32 -5.98
N9 LCG C 5 6.78 -4.31 -3.36
C8 LCG C 5 6.61 -4.92 -2.15
C4 LCG C 5 6.71 -2.97 -3.09
N7 LCG C 5 6.40 -4.11 -1.16
C5 LCG C 5 6.44 -2.85 -1.75
C6 LCG C 5 6.27 -1.55 -1.16
C2' LCG C 5 8.36 -5.31 -5.09
O6 LCG C 5 6.05 -1.28 0.01
C4' LCG C 5 7.57 -7.19 -4.49
C1' LCG C 5 6.92 -5.02 -4.66
C2 LCG C 5 6.68 -0.72 -3.42
N1 LCG C 5 6.38 -0.51 -2.09
O4' LCG C 5 6.43 -6.34 -4.45
OP2 LCG C 5 6.70 -8.64 0.00
N2 LCG C 5 6.85 0.35 -4.20
N3 LCG C 5 6.85 -1.94 -3.98
O2' LCG C 5 8.28 -6.02 -6.34
O3' LCG C 5 10.13 -6.84 -4.49
H5' LCG C 5 6.45 -9.04 -4.25
H5'' LCG C 5 8.16 -9.20 -3.91
H3' LCG C 5 8.80 -6.01 -3.08
H6'1 LCG C 5 6.91 -7.61 -6.50
H6'2 LCG C 5 8.61 -8.05 -6.04
H8 LCG C 5 6.67 -5.99 -2.11
H2' LCG C 5 8.97 -4.41 -5.18
H1' LCG C 5 6.35 -4.50 -5.44
H1 LCG C 5 6.20 0.42 -1.73
H21 LCG C 5 6.73 1.27 -3.81
H22 LCG C 5 7.12 0.24 -5.17
P LCG D 2 -5.34 -9.21 -10.35
OP1 LCG D 2 -5.16 -9.91 -11.64
O5' LCG D 2 -4.80 -7.69 -10.53
C5' LCG D 2 -3.48 -7.31 -10.22
C3' LCG D 2 -2.11 -5.22 -9.54
C6' LCG D 2 -3.64 -4.99 -11.32
N9 LCG D 2 -3.77 -3.83 -7.29
C8 LCG D 2 -3.85 -4.77 -6.29
C4 LCG D 2 -3.64 -2.62 -6.64
N7 LCG D 2 -3.81 -4.28 -5.08
C5 LCG D 2 -3.70 -2.90 -5.29
C6 LCG D 2 -3.71 -1.82 -4.34
C2' LCG D 2 -2.73 -3.83 -9.60
O6 LCG D 2 -3.79 -1.89 -3.12
C4' LCG D 2 -3.43 -5.79 -10.03
C1' LCG D 2 -3.99 -4.01 -8.74
C2 LCG D 2 -3.53 -0.39 -6.32
N1 LCG D 2 -3.65 -0.57 -4.96
O4' LCG D 2 -4.36 -5.34 -9.06
OP2 LCG D 2 -4.77 -9.77 -9.11
N2 LCG D 2 -3.44 0.86 -6.77
N3 LCG D 2 -3.54 -1.40 -7.22
O2' LCG D 2 -3.18 -3.69 -10.94
O3' LCG D 2 -0.99 -5.42 -10.40
H5' LCG D 2 -2.82 -7.59 -11.03
H5'' LCG D 2 -3.16 -7.78 -9.29
H3' LCG D 2 -1.88 -5.54 -8.52
H6'1 LCG D 2 -3.00 -5.38 -12.12
H6'2 LCG D 2 -4.68 -5.01 -11.62
H8 LCG D 2 -3.97 -5.82 -6.49
H2' LCG D 2 -2.09 -3.03 -9.26
H1' LCG D 2 -4.73 -3.29 -9.08
H1 LCG D 2 -3.86 0.23 -4.38
H21 LCG D 2 -3.47 1.64 -6.13
H22 LCG D 2 -3.36 1.02 -7.77
P LCG D 3 0.50 -4.93 -10.00
OP1 LCG D 3 1.40 -6.07 -10.25
O5' LCG D 3 0.89 -3.78 -11.08
C5' LCG D 3 0.23 -2.52 -11.18
C3' LCG D 3 1.94 -1.53 -9.39
C6' LCG D 3 0.74 -0.07 -10.84
N9 LCG D 3 -0.03 -0.80 -6.84
C8 LCG D 3 -0.21 -2.04 -6.28
C4 LCG D 3 -0.12 0.09 -5.80
N7 LCG D 3 -0.38 -2.02 -4.99
C5 LCG D 3 -0.34 -0.68 -4.66
C6 LCG D 3 -0.55 -0.02 -3.42
C2' LCG D 3 1.55 -0.21 -8.75
O6 LCG D 3 -0.76 -0.54 -2.32
C4' LCG D 3 0.63 -1.47 -10.17
C1' LCG D 3 0.11 -0.44 -8.27
C2 LCG D 3 -0.27 2.05 -4.69
N1 LCG D 3 -0.53 1.37 -3.52
O4' LCG D 3 -0.33 -1.45 -9.13
OP2 LCG D 3 0.46 -4.34 -8.65
N2 LCG D 3 -0.26 3.38 -4.63
N3 LCG D 3 -0.06 1.44 -5.87
O2' LCG D 3 1.41 0.69 -9.84
O3' LCG D 3 3.11 -1.48 -10.21
H5' LCG D 3 -0.85 -2.67 -11.18
H5'' LCG D 3 0.46 -2.06 -12.12
H3' LCG D 3 1.97 -2.36 -8.68
H6'1 LCG D 3 -0.24 0.34 -11.06
H6'2 LCG D 3 1.36 -0.11 -11.73
H8 LCG D 3 -0.25 -2.96 -6.86
H2' LCG D 3 2.22 0.13 -7.96
H1' LCG D 3 -0.47 0.41 -8.55
H1 LCG D 3 -0.79 1.88 -2.69
H21 LCG D 3 -0.44 3.85 -3.76
H22 LCG D 3 -0.06 3.90 -5.48
P LCG D 4 4.60 -1.45 -9.58
OP1 LCG D 4 5.56 -1.54 -10.70
O5' LCG D 4 4.73 0.02 -8.93
C5' LCG D 4 4.76 1.20 -9.70
C3' LCG D 4 5.79 2.52 -7.74
C6' LCG D 4 4.64 3.79 -9.37
N9 LCG D 4 3.57 2.25 -5.66
C8 LCG D 4 3.77 0.89 -5.52
C4 LCG D 4 3.25 2.69 -4.40
N7 LCG D 4 3.55 0.44 -4.34
C5 LCG D 4 3.20 1.56 -3.60
C6 LCG D 4 2.84 1.68 -2.22
C2' LCG D 4 5.02 3.69 -7.15
O6 LCG D 4 2.75 0.76 -1.40
C4' LCG D 4 4.64 2.39 -8.76
C1' LCG D 4 3.64 3.07 -6.89
C2 LCG D 4 2.64 4.07 -2.72
N1 LCG D 4 2.56 3.00 -1.85
O4' LCG D 4 3.45 2.26 -8.01
OP2 LCG D 4 4.66 -2.44 -8.48
N2 LCG D 4 2.37 5.28 -2.24
N3 LCG D 4 2.97 3.97 -4.02
O2' LCG D 4 4.88 4.61 -8.22
O3' LCG D 4 7.04 2.84 -8.33
H5' LCG D 4 3.93 1.22 -10.41
H5'' LCG D 4 5.70 1.30 -10.22
H3' LCG D 4 5.85 1.65 -7.08
H6'1 LCG D 4 3.67 4.01 -9.82
H6'2 LCG D 4 5.44 3.91 -10.09
H8 LCG D 4 4.06 0.26 -6.35
H2' LCG D 4 5.44 4.11 -6.24
H1' LCG D 4 2.89 3.84 -6.90
H1 LCG D 4 2.30 3.14 -0.88
H21 LCG D 4 2.11 5.39 -1.27
H22 LCG D 4 2.41 6.07 -2.85
P LCG D 5 8.43 2.86 -7.52
OP1 LCG D 5 9.52 3.11 -8.48
O5' LCG D 5 8.32 4.13 -6.55
C5' LCG D 5 8.33 5.48 -6.99
C3' LCG D 5 8.97 6.27 -4.54
C6' LCG D 5 7.99 7.84 -5.97
N9 LCG D 5 6.46 5.21 -3.18
C8 LCG D 5 6.75 3.98 -3.66
C4 LCG D 5 5.94 4.98 -1.92
N7 LCG D 5 6.48 2.99 -2.88
C5 LCG D 5 5.99 3.61 -1.74
C6 LCG D 5 5.61 3.03 -0.50
C2' LCG D 5 7.97 7.18 -3.80
O6 LCG D 5 5.65 1.83 -0.21
C4' LCG D 5 8.01 6.35 -5.75
C1' LCG D 5 6.61 6.48 -3.94
C2 LCG D 5 5.10 5.33 0.16
N1 LCG D 5 5.19 3.98 0.43
O4' LCG D 5 6.67 6.10 -5.31
OP2 LCG D 5 8.48 1.65 -6.66
N2 LCG D 5 4.66 6.13 1.13
N3 LCG D 5 5.49 5.90 -1.01
O2' LCG D 5 7.92 8.33 -4.63
O3' LCG D 5 10.23 6.96 -4.53
H5' LCG D 5 7.58 5.64 -7.77
H5'' LCG D 5 9.30 5.72 -7.41
H3' LCG D 5 9.02 5.29 -4.09
H6'1 LCG D 5 8.93 8.09 -6.44
H6'2 LCG D 5 7.12 8.10 -6.56
H8 LCG D 5 7.20 3.91 -4.63
H2' LCG D 5 8.24 7.40 -2.76
H1' LCG D 5 5.78 7.16 -3.74
H1 LCG D 5 5.01 3.65 1.37
H21 LCG D 5 4.39 5.74 2.01
H22 LCG D 5 4.61 7.13 0.97
P LCG A 2 -7.14 7.52 -10.81
OP1 LCG A 2 -7.67 8.75 -11.42
O5' LCG A 2 -6.91 7.81 -9.24
C5' LCG A 2 -5.61 7.95 -8.67
C3' LCG A 2 -4.41 7.88 -6.36
C6' LCG A 2 -6.51 8.97 -6.50
N9 LCG A 2 -5.35 5.22 -5.02
C8 LCG A 2 -4.85 4.26 -5.86
C4 LCG A 2 -5.23 4.69 -3.75
N7 LCG A 2 -4.47 3.17 -5.25
C5 LCG A 2 -4.73 3.41 -3.91
C6 LCG A 2 -4.60 2.56 -2.76
C2' LCG A 2 -5.24 7.74 -5.08
O6 LCG A 2 -4.21 1.40 -2.73
C4' LCG A 2 -5.72 7.83 -7.15
C1' LCG A 2 -6.05 6.48 -5.36
C2 LCG A 2 -5.46 4.48 -1.51
N1 LCG A 2 -5.03 3.17 -1.59
O4' LCG A 2 -6.29 6.58 -6.76
OP2 LCG A 2 -5.94 6.88 -11.38
N2 LCG A 2 -5.78 4.95 -0.31
N3 LCG A 2 -5.60 5.28 -2.58
O2' LCG A 2 -6.17 8.82 -5.12
O3' LCG A 2 -3.68 9.10 -6.48
H5' LCG A 2 -5.23 8.93 -8.92
H5'' LCG A 2 -4.95 7.17 -9.04
H3' LCG A 2 -3.79 7.01 -6.56
H6'1 LCG A 2 -6.16 9.94 -6.87
H6'2 LCG A 2 -7.57 8.85 -6.69
H8 LCG A 2 -4.80 4.38 -6.93
H2' LCG A 2 -4.66 7.69 -4.18
H1' LCG A 2 -6.99 6.52 -4.81
H1 LCG A 2 -5.17 2.58 -0.78
H21 LCG A 2 -5.71 4.36 0.51
H22 LCG A 2 -6.10 5.91 -0.22
P LCG A 3 -2.25 9.32 -5.75
OP1 LCG A 3 -1.33 9.86 -6.77
O5' LCG A 3 -2.50 10.52 -4.66
C5' LCG A 3 -3.41 10.42 -3.58
C3' LCG A 3 -1.44 9.48 -2.04
C6' LCG A 3 -3.36 10.46 -1.06
N9 LCG A 3 -2.48 6.47 -1.32
C8 LCG A 3 -2.13 5.89 -2.51
C4 LCG A 3 -2.34 5.49 -0.38
N7 LCG A 3 -1.79 4.64 -2.42
C5 LCG A 3 -1.93 4.36 -1.05
C6 LCG A 3 -1.76 3.13 -0.34
C2' LCG A 3 -1.88 8.83 -0.72
O6 LCG A 3 -1.42 2.05 -0.78
C4' LCG A 3 -2.92 9.70 -2.33
C1' LCG A 3 -2.96 7.84 -1.12
C2 LCG A 3 -2.43 4.46 1.62
N1 LCG A 3 -2.08 3.25 1.02
O4' LCG A 3 -3.46 8.40 -2.31
OP2 LCG A 3 -1.89 8.09 -5.03
N2 LCG A 3 -2.65 4.44 2.93
N3 LCG A 3 -2.58 5.61 0.96
O2' LCG A 3 -2.59 9.85 -0.03
O3' LCG A 3 -0.68 10.67 -1.86
H5' LCG A 3 -4.35 9.99 -3.92
H5'' LCG A 3 -3.66 11.41 -3.21
H3' LCG A 3 -0.98 8.77 -2.72
H6'1 LCG A 3 -3.04 11.50 -1.16
H6'2 LCG A 3 -4.42 10.38 -0.88
H8 LCG A 3 -2.17 6.47 -3.42
H2' LCG A 3 -1.08 8.38 -0.15
H1' LCG A 3 -3.79 7.92 -0.43
H1 LCG A 3 -2.12 2.39 1.55
H21 LCG A 3 -2.57 3.57 3.45
H22 LCG A 3 -2.89 5.30 3.40
P LCG A 4 0.87 10.65 -1.42
OP1 LCG A 4 1.34 12.06 -1.35
O5' LCG A 4 0.88 10.05 0.08
C5' LCG A 4 0.37 10.75 1.21
C3' LCG A 4 1.81 9.35 2.80
C6' LCG A 4 -0.13 10.31 3.76
N9 LCG A 4 0.71 6.54 2.22
C8 LCG A 4 1.13 6.50 0.91
C4 LCG A 4 0.86 5.25 2.68
N7 LCG A 4 1.48 5.32 0.51
C5 LCG A 4 1.31 4.51 1.62
C6 LCG A 4 1.53 3.11 1.78
C2' LCG A 4 1.15 8.43 3.83
O6 LCG A 4 1.94 2.32 0.93
C4' LCG A 4 0.40 9.81 2.40
C1' LCG A 4 0.13 7.67 2.98
C2 LCG A 4 0.76 3.48 4.08
N1 LCG A 4 1.20 2.65 3.05
O4' LCG A 4 -0.34 8.65 2.09
OP2 LCG A 4 1.58 9.69 -2.29
N2 LCG A 4 0.48 2.93 5.25
N3 LCG A 4 0.57 4.80 3.94
O2' LCG A 4 0.40 9.33 4.65
O3' LCG A 4 2.59 10.41 3.35
H5' LCG A 4 -0.64 11.10 1.02
H5'' LCG A 4 1.01 11.58 1.46
H3' LCG A 4 2.31 8.81 2.01
H6'1 LCG A 4 0.26 11.29 3.99
H6'2 LCG A 4 -1.22 10.31 3.77
H8 LCG A 4 1.14 7.37 0.28
H2' LCG A 4 1.82 7.76 4.34
H1' LCG A 4 -0.69 7.36 3.60
H1 LCG A 4 1.24 1.65 3.20
H21 LCG A 4 0.60 1.93 5.38
H22 LCG A 4 0.14 3.50 6.00
P LCG A 5 4.11 10.22 3.84
OP1 LCG A 5 4.59 11.54 4.33
O5' LCG A 5 4.03 9.22 5.10
C5' LCG A 5 3.51 9.57 6.37
C3' LCG A 5 4.88 7.61 7.57
C6' LCG A 5 2.93 8.42 8.59
N9 LCG A 5 3.70 5.31 5.99
C8 LCG A 5 4.11 5.90 4.83
C4 LCG A 5 3.86 3.96 5.78
N7 LCG A 5 4.49 5.07 3.90
C5 LCG A 5 4.34 3.82 4.50
C6 LCG A 5 4.59 2.52 3.95
C2' LCG A 5 4.06 6.49 8.24
O6 LCG A 5 5.02 2.24 2.84
C4' LCG A 5 3.52 8.27 7.21
C1' LCG A 5 3.09 6.02 7.14
C2 LCG A 5 3.82 1.72 6.14
N1 LCG A 5 4.29 1.49 4.85
O4' LCG A 5 2.67 7.28 6.64
OP2 LCG A 5 4.86 9.53 2.78
N2 LCG A 5 3.62 0.66 6.91
N3 LCG A 5 3.59 2.94 6.65
O2' LCG A 5 3.29 7.18 9.21
O3' LCG A 5 5.73 8.22 8.56
H5' LCG A 5 2.50 9.96 6.31
H5'' LCG A 5 4.12 10.33 6.85
H3' LCG A 5 5.43 7.24 6.71
H6'1 LCG A 5 3.44 9.25 9.04
H6'2 LCG A 5 1.86 8.55 8.51
H8 LCG A 5 4.07 6.98 4.76
H2' LCG A 5 4.64 5.67 8.67
H1' LCG A 5 2.26 5.46 7.55
H1 LCG A 5 4.42 0.55 4.50
H21 LCG A 5 3.78 -0.27 6.54
H22 LCG A 5 3.31 0.78 7.86
P LCG B 2 -11.17 8.00 6.10
OP1 LCG B 2 -12.06 8.39 7.21
O5' LCG B 2 -10.51 6.57 6.48
C5' LCG B 2 -9.14 6.44 6.83
C3' LCG B 2 -7.30 4.63 7.02
C6' LCG B 2 -9.47 4.09 7.79
N9 LCG B 2 -7.37 3.07 4.29
C8 LCG B 2 -7.03 4.03 3.38
C4 LCG B 2 -6.81 1.91 3.82
N7 LCG B 2 -6.33 3.59 2.37
C5 LCG B 2 -6.20 2.22 2.63
C6 LCG B 2 -5.61 1.18 1.85
C2' LCG B 2 -7.66 3.16 6.80
O6 LCG B 2 -5.05 1.28 0.77
C4' LCG B 2 -8.76 4.96 6.76
C1' LCG B 2 -8.32 3.18 5.43
C2 LCG B 2 -6.30 -0.29 3.68
N1 LCG B 2 -5.72 -0.07 2.45
O4' LCG B 2 -8.99 4.43 5.46
OP2 LCG B 2 -10.12 8.92 5.63
N2 LCG B 2 -6.28 -1.53 4.16
N3 LCG B 2 -6.89 0.67 4.41
O2' LCG B 2 -8.70 2.88 7.74
O3' LCG B 2 -6.84 4.94 8.33
H5' LCG B 2 -9.01 6.78 7.86
H5'' LCG B 2 -8.51 7.01 6.15
H3' LCG B 2 -6.65 5.01 6.25
H6'1 LCG B 2 -9.40 4.53 8.78
H6'2 LCG B 2 -10.51 3.94 7.52
H8 LCG B 2 -7.33 5.06 3.46
H2' LCG B 2 -6.83 2.47 6.86
H1' LCG B 2 -9.04 2.36 5.38
H1 LCG B 2 -5.51 -0.87 1.87
H21 LCG B 2 -5.86 -2.28 3.62
H22 LCG B 2 -6.67 -1.72 5.06
P LCG B 3 -5.30 4.72 8.78
OP1 LCG B 3 -4.83 5.99 9.37
O5' LCG B 3 -5.35 3.62 9.98
C5' LCG B 3 -5.85 2.30 9.84
C3' LCG B 3 -3.38 1.49 9.22
C6' LCG B 3 -5.01 -0.10 9.89
N9 LCG B 3 -3.70 0.60 6.04
C8 LCG B 3 -3.66 1.81 5.42
C4 LCG B 3 -3.15 -0.29 5.14
N7 LCG B 3 -3.14 1.79 4.22
C5 LCG B 3 -2.81 0.46 4.03
C6 LCG B 3 -2.27 -0.20 2.89
C2' LCG B 3 -3.27 0.14 8.51
O6 LCG B 3 -1.91 0.32 1.83
C4' LCG B 3 -4.89 1.29 9.21
C1' LCG B 3 -4.27 0.24 7.36
C2 LCG B 3 -2.51 -2.25 4.21
N1 LCG B 3 -2.17 -1.58 3.05
O4' LCG B 3 -5.18 1.19 7.83
OP2 LCG B 3 -4.55 4.14 7.64
N2 LCG B 3 -2.34 -3.56 4.24
N3 LCG B 3 -3.01 -1.64 5.30
O2' LCG B 3 -3.86 -0.78 9.42
O3' LCG B 3 -2.79 1.52 10.51
H5' LCG B 3 -6.79 2.31 9.30
H5'' LCG B 3 -6.06 1.86 10.80
H3' LCG B 3 -3.06 2.33 8.59
H6'1 LCG B 3 -5.92 -0.61 9.60
H6'2 LCG B 3 -4.95 0.00 10.99
H8 LCG B 3 -4.06 2.71 5.84
H2' LCG B 3 -2.26 -0.12 8.19
H1' LCG B 3 -4.84 -0.67 7.34
H1 LCG B 3 -1.89 -2.11 2.23
H21 LCG B 3 -1.99 -4.04 3.42
H22 LCG B 3 -2.57 -4.06 5.08
P LCG B 4 -1.19 1.67 10.73
OP1 LCG B 4 -0.93 1.74 12.19
O5' LCG B 4 -0.59 0.27 10.19
C5' LCG B 4 -0.76 -0.96 10.86
C3' LCG B 4 1.26 -1.98 9.65
C6' LCG B 4 -0.32 -3.51 10.51
N9 LCG B 4 0.32 -1.88 6.74
C8 LCG B 4 0.35 -0.51 6.69
C4 LCG B 4 0.74 -2.29 5.50
N7 LCG B 4 0.70 -0.03 5.53
C5 LCG B 4 0.96 -1.16 4.77
C6 LCG B 4 1.40 -1.26 3.41
C2' LCG B 4 1.07 -3.19 8.75
O6 LCG B 4 1.64 -0.34 2.63
C4' LCG B 4 -0.23 -2.07 9.98
C1' LCG B 4 -0.09 -2.75 7.86
C2 LCG B 4 1.30 -3.68 3.80
N1 LCG B 4 1.56 -2.59 2.99
O4' LCG B 4 -0.91 -2.04 8.75
OP2 LCG B 4 -0.69 2.75 9.85
N2 LCG B 4 1.48 -4.89 3.29
N3 LCG B 4 0.90 -3.59 5.09
O2' LCG B 4 0.57 -4.20 9.63
O3' LCG B 4 2.10 -2.18 10.78
H5' LCG B 4 -1.82 -1.13 11.08
H5'' LCG B 4 -0.19 -0.98 11.77
H3' LCG B 4 1.51 -1.06 9.10
H6'1 LCG B 4 0.04 -3.58 11.53
H6'2 LCG B 4 -1.33 -3.90 10.42
H8 LCG B 4 0.09 0.12 7.54
H2' LCG B 4 1.94 -3.48 8.17
H1' LCG B 4 -0.63 -3.63 7.51
H1 LCG B 4 1.87 -2.71 2.04
H21 LCG B 4 1.79 -4.99 2.34
H22 LCG B 4 1.32 -5.70 3.87
P LCG B 5 3.71 -2.03 10.73
OP1 LCG B 5 4.25 -2.27 12.08
O5' LCG B 5 4.21 -3.23 9.77
C5' LCG B 5 4.22 -4.59 10.14
C3' LCG B 5 6.00 -5.06 8.28
C6' LCG B 5 4.76 -6.86 9.03
N9 LCG B 5 4.44 -4.23 5.88
C8 LCG B 5 4.30 -3.00 6.46
C4 LCG B 5 4.65 -3.97 4.55
N7 LCG B 5 4.34 -1.99 5.64
C5 LCG B 5 4.60 -2.60 4.42
C6 LCG B 5 4.84 -2.00 3.15
C2' LCG B 5 5.71 -6.02 7.15
O6 LCG B 5 4.87 -0.79 2.89
C4' LCG B 5 4.61 -5.36 8.86
C1' LCG B 5 4.37 -5.52 6.60
C2 LCG B 5 5.12 -4.30 2.37
N1 LCG B 5 5.11 -2.94 2.15
O4' LCG B 5 3.66 -5.26 7.80
OP2 LCG B 5 4.03 -0.75 10.03
N2 LCG B 5 5.43 -5.09 1.34
N3 LCG B 5 4.90 -4.88 3.57
O2' LCG B 5 5.45 -7.25 7.84
O3' LCG B 5 7.13 -5.46 9.05
H5' LCG B 5 3.26 -4.93 10.51
H5'' LCG B 5 4.96 -4.76 10.93
H3' LCG B 5 6.11 -4.03 7.92
H6'1 LCG B 5 3.78 -7.35 9.12
H6'2 LCG B 5 5.38 -6.98 9.89
H8 LCG B 5 4.22 -2.94 7.54
H2' LCG B 5 6.54 -6.04 6.46
H1' LCG B 5 3.88 -6.28 5.99
H1 LCG B 5 5.37 -2.57 1.24
H21 LCG B 5 5.65 -4.68 0.45
H22 LCG B 5 5.48 -6.09 1.48
P LCG C 2 -10.59 -9.04 6.05
OP1 LCG C 2 -11.25 -10.33 6.35
O5' LCG C 2 -9.52 -9.30 4.86
C5' LCG C 2 -8.12 -9.26 5.08
C3' LCG C 2 -5.89 -9.10 3.79
C6' LCG C 2 -7.67 -10.22 2.70
N9 LCG C 2 -6.12 -6.37 2.15
C8 LCG C 2 -6.20 -5.42 3.13
C4 LCG C 2 -5.49 -5.76 1.10
N7 LCG C 2 -5.75 -4.24 2.77
C5 LCG C 2 -5.31 -4.44 1.45
C6 LCG C 2 -4.80 -3.51 0.50
C2' LCG C 2 -5.88 -8.91 2.29
O6 LCG C 2 -4.61 -2.29 0.64
C4' LCG C 2 -7.41 -9.10 3.73
C1' LCG C 2 -6.78 -7.69 2.08
C2 LCG C 2 -4.66 -5.45 -0.99
N1 LCG C 2 -4.54 -4.10 -0.73
O4' LCG C 2 -7.72 -7.86 3.13
OP2 LCG C 2 -9.95 -8.27 7.14
N2 LCG C 2 -4.27 -5.89 -2.17
N3 LCG C 2 -5.17 -6.32 -0.11
O2' LCG C 2 -6.61 -10.03 1.78
O3' LCG C 2 -5.31 -10.33 4.21
H5' LCG C 2 -7.80 -10.18 5.58
H5'' LCG C 2 -7.86 -8.41 5.71
H3' LCG C 2 -5.49 -8.23 4.33
H6'1 LCG C 2 -8.64 -10.08 2.22
H6'2 LCG C 2 -7.59 -11.21 3.17
H8 LCG C 2 -6.64 -5.59 4.09
H2' LCG C 2 -4.89 -8.79 1.84
H1' LCG C 2 -7.27 -7.78 1.12
H1 LCG C 2 -4.37 -3.47 -1.51
H21 LCG C 2 -3.91 -5.24 -2.87
H22 LCG C 2 -4.34 -6.87 -2.39
P LCG C 3 -3.76 -10.47 4.63
OP1 LCG C 3 -3.49 -11.90 4.89
O5' LCG C 3 -2.93 -10.04 3.31
C5' LCG C 3 -2.93 -10.80 2.11
C3' LCG C 3 -0.72 -9.66 1.42
C6' LCG C 3 -1.93 -10.87 -0.24
N9 LCG C 3 -1.74 -6.79 0.37
C8 LCG C 3 -2.10 -6.20 1.56
C4 LCG C 3 -1.28 -5.76 -0.42
N7 LCG C 3 -1.91 -4.91 1.59
C5 LCG C 3 -1.40 -4.61 0.33
C6 LCG C 3 -1.08 -3.35 -0.26
C2' LCG C 3 -0.64 -9.05 0.02
O6 LCG C 3 -1.14 -2.25 0.26
C4' LCG C 3 -2.15 -10.08 1.06
C1' LCG C 3 -1.90 -8.20 -0.03
C2 LCG C 3 -0.53 -4.68 -2.25
N1 LCG C 3 -0.69 -3.47 -1.60
O4' LCG C 3 -2.80 -8.85 0.81
OP2 LCG C 3 -3.48 -9.47 5.68
N2 LCG C 3 -0.04 -4.65 -3.49
N3 LCG C 3 -0.81 -5.87 -1.70
O2' LCG C 3 -0.89 -10.14 -0.86
O3' LCG C 3 0.19 -10.74 1.63
H5' LCG C 3 -3.96 -10.98 1.76
H5'' LCG C 3 -2.40 -11.71 2.18
H3' LCG C 3 -0.69 -8.92 2.21
H6'1 LCG C 3 -2.83 -10.88 -0.85
H6'2 LCG C 3 -1.61 -11.89 -0.02
H8 LCG C 3 -2.53 -6.75 2.38
H2' LCG C 3 0.27 -8.49 -0.18
H1' LCG C 3 -2.35 -8.36 -0.98
H1 LCG C 3 -0.63 -2.61 -2.13
H21 LCG C 3 0.17 -3.76 -3.93
H22 LCG C 3 0.14 -5.51 -3.97
P LCG C 4 1.74 -10.50 1.98
OP1 LCG C 4 2.38 -11.83 2.12
O5' LCG C 4 2.35 -9.78 0.67
C5' LCG C 4 2.57 -10.46 -0.56
C3' LCG C 4 4.36 -8.74 -1.20
C6' LCG C 4 3.41 -9.94 -3.00
N9 LCG C 4 2.71 -6.19 -1.38
C8 LCG C 4 2.37 -6.15 -0.05
C4 LCG C 4 2.90 -4.87 -1.74
N7 LCG C 4 2.31 -4.95 0.44
C5 LCG C 4 2.63 -4.13 -0.63
C6 LCG C 4 2.70 -2.69 -0.71
C2' LCG C 4 4.20 -7.89 -2.44
O6 LCG C 4 2.51 -1.88 0.20
C4' LCG C 4 3.05 -9.44 -1.58
C1' LCG C 4 2.78 -7.35 -2.28
C2 LCG C 4 3.27 -3.09 -3.05
N1 LCG C 4 3.01 -2.25 -1.99
O4' LCG C 4 2.08 -8.43 -1.74
OP2 LCG C 4 1.81 -9.53 3.09
N2 LCG C 4 3.53 -2.54 -4.24
N3 LCG C 4 3.24 -4.42 -2.98
O2' LCG C 4 4.16 -8.83 -3.51
O3' LCG C 4 5.49 -9.61 -1.21
H5' LCG C 4 1.66 -10.93 -0.90
H5'' LCG C 4 3.36 -11.17 -0.44
H3' LCG C 4 4.28 -8.18 -0.26
H6'1 LCG C 4 2.50 -10.11 -3.59
H6'2 LCG C 4 4.03 -10.83 -2.96
H8 LCG C 4 2.17 -7.05 0.53
H2' LCG C 4 4.92 -7.08 -2.53
H1' LCG C 4 2.39 -7.12 -3.26
H1 LCG C 4 2.95 -1.24 -2.14
H21 LCG C 4 3.56 -1.53 -4.33
H22 LCG C 4 3.69 -3.14 -5.04
P LCG C 5 6.99 -9.09 -0.93
OP1 LCG C 5 7.91 -10.25 -1.01
O5' LCG C 5 7.34 -8.08 -2.14
C5' LCG C 5 7.57 -8.49 -3.47
C3' LCG C 5 9.01 -6.33 -4.12
C6' LCG C 5 7.82 -7.41 -5.80
N9 LCG C 5 6.97 -4.25 -3.29
C8 LCG C 5 6.89 -4.79 -2.04
C4 LCG C 5 6.84 -2.88 -3.10
N7 LCG C 5 6.68 -3.93 -1.09
C5 LCG C 5 6.63 -2.71 -1.75
C6 LCG C 5 6.38 -1.41 -1.22
C2' LCG C 5 8.40 -5.34 -5.10
O6 LCG C 5 6.14 -1.10 -0.05
C4' LCG C 5 7.74 -7.20 -4.31
C1' LCG C 5 7.00 -5.03 -4.55
C2 LCG C 5 6.66 -0.68 -3.54
N1 LCG C 5 6.39 -0.41 -2.20
O4' LCG C 5 6.59 -6.35 -4.22
OP2 LCG C 5 6.95 -8.28 0.32
N2 LCG C 5 6.73 0.37 -4.37
N3 LCG C 5 6.87 -1.91 -4.04
O2' LCG C 5 8.22 -6.12 -6.29
O3' LCG C 5 10.28 -6.70 -4.68
H5' LCG C 5 6.76 -9.10 -3.86
H5'' LCG C 5 8.47 -9.12 -3.51
H3' LCG C 5 9.10 -5.89 -3.13
H6'1 LCG C 5 6.88 -7.74 -6.22
H6'2 LCG C 5 8.61 -8.13 -5.92
H8 LCG C 5 6.99 -5.86 -1.94
H2' LCG C 5 9.01 -4.45 -5.26
H1' LCG C 5 6.36 -4.59 -5.30
H1 LCG C 5 6.17 0.52 -1.87
H21 LCG C 5 6.57 1.30 -4.01
H22 LCG C 5 6.96 0.22 -5.34
P LCG D 2 -5.45 -9.31 -10.62
OP1 LCG D 2 -6.89 -9.20 -10.96
O5' LCG D 2 -4.88 -7.81 -10.43
C5' LCG D 2 -3.52 -7.52 -10.22
C3' LCG D 2 -2.05 -5.49 -9.46
C6' LCG D 2 -3.67 -5.14 -11.15
N9 LCG D 2 -3.65 -4.13 -7.09
C8 LCG D 2 -3.59 -5.07 -6.09
C4 LCG D 2 -3.63 -2.92 -6.43
N7 LCG D 2 -3.58 -4.58 -4.88
C5 LCG D 2 -3.63 -3.20 -5.09
C6 LCG D 2 -3.72 -2.13 -4.14
C2' LCG D 2 -2.68 -4.09 -9.42
O6 LCG D 2 -3.75 -2.20 -2.92
C4' LCG D 2 -3.40 -6.03 -9.92
C1' LCG D 2 -3.90 -4.31 -8.53
C2 LCG D 2 -3.72 -0.68 -6.11
N1 LCG D 2 -3.79 -0.88 -4.75
O4' LCG D 2 -4.25 -5.63 -8.86
OP2 LCG D 2 -4.55 -10.01 -11.55
N2 LCG D 2 -3.70 0.56 -6.56
N3 LCG D 2 -3.66 -1.69 -7.02
O2' LCG D 2 -3.18 -3.87 -10.73
O3' LCG D 2 -0.97 -5.61 -10.38
H5' LCG D 2 -2.94 -7.76 -11.12
H5'' LCG D 2 -3.13 -8.10 -9.37
H3' LCG D 2 -1.79 -5.86 -8.47
H6'1 LCG D 2 -3.12 -5.49 -12.02
H6'2 LCG D 2 -4.74 -5.12 -11.36
H8 LCG D 2 -3.58 -6.13 -6.29
H2' LCG D 2 -2.01 -3.31 -9.06
H1' LCG D 2 -4.68 -3.62 -8.85
H1 LCG D 2 -4.02 -0.09 -4.16
H21 LCG D 2 -3.75 1.34 -5.91
H22 LCG D 2 -3.63 0.73 -7.55
P LCG D 3 0.52 -5.09 -10.02
OP1 LCG D 3 1.45 -6.23 -10.28
O5' LCG D 3 0.87 -3.95 -11.12
C5' LCG D 3 0.16 -2.72 -11.23
C3' LCG D 3 1.88 -1.63 -9.52
C6' LCG D 3 0.60 -0.23 -10.94
N9 LCG D 3 -0.07 -0.90 -6.92
C8 LCG D 3 -0.16 -2.12 -6.31
C4 LCG D 3 -0.23 0.02 -5.90
N7 LCG D 3 -0.33 -2.07 -5.03
C5 LCG D 3 -0.39 -0.71 -4.74
C6 LCG D 3 -0.63 -0.03 -3.51
C2' LCG D 3 1.46 -0.30 -8.87
O6 LCG D 3 -0.80 -0.54 -2.40
C4' LCG D 3 0.54 -1.62 -10.25
C1' LCG D 3 0.05 -0.58 -8.36
C2 LCG D 3 -0.48 2.01 -4.86
N1 LCG D 3 -0.69 1.35 -3.66
O4' LCG D 3 -0.39 -1.62 -9.19
OP2 LCG D 3 0.50 -4.48 -8.68
N2 LCG D 3 -0.54 3.33 -4.84
N3 LCG D 3 -0.25 1.38 -6.02
O2' LCG D 3 1.27 0.57 -9.98
O3' LCG D 3 3.02 -1.55 -10.36
H5' LCG D 3 -0.92 -2.90 -11.18
H5'' LCG D 3 0.34 -2.27 -12.19
H3' LCG D 3 1.95 -2.43 -8.79
H6'1 LCG D 3 -0.40 0.14 -11.14
H6'2 LCG D 3 1.19 -0.28 -11.86
H8 LCG D 3 -0.11 -3.06 -6.86
H2' LCG D 3 2.14 0.08 -8.11
H1' LCG D 3 -0.58 0.27 -8.65
H1 LCG D 3 -0.96 1.87 -2.84
H21 LCG D 3 -0.74 3.82 -3.97
H22 LCG D 3 -0.39 3.84 -5.69
P LCG D 4 4.53 -1.48 -9.78
OP1 LCG D 4 5.46 -1.51 -10.93
O5' LCG D 4 4.64 -0.01 -9.11
C5' LCG D 4 4.64 1.19 -9.87
C3' LCG D 4 5.68 2.49 -7.89
C6' LCG D 4 4.51 3.78 -9.51
N9 LCG D 4 3.44 2.21 -5.80
C8 LCG D 4 3.64 0.86 -5.66
C4 LCG D 4 3.08 2.65 -4.54
N7 LCG D 4 3.43 0.41 -4.47
C5 LCG D 4 3.06 1.53 -3.74
C6 LCG D 4 2.69 1.65 -2.36
C2' LCG D 4 4.91 3.65 -7.27
O6 LCG D 4 2.62 0.75 -1.53
C4' LCG D 4 4.53 2.36 -8.90
C1' LCG D 4 3.53 3.04 -7.03
C2 LCG D 4 2.44 4.03 -2.88
N1 LCG D 4 2.40 2.96 -1.99
O4' LCG D 4 3.34 2.23 -8.15
OP2 LCG D 4 4.66 -2.47 -8.70
N2 LCG D 4 2.12 5.23 -2.41
N3 LCG D 4 2.77 3.92 -4.18
O2' LCG D 4 4.76 4.58 -8.35
O3' LCG D 4 6.93 2.83 -8.49
H5' LCG D 4 3.79 1.20 -10.57
H5'' LCG D 4 5.56 1.30 -10.40
H3' LCG D 4 5.75 1.61 -7.24
H6'1 LCG D 4 3.54 4.00 -9.95
H6'2 LCG D 4 5.31 3.90 -10.23
H8 LCG D 4 3.97 0.23 -6.48
H2' LCG D 4 5.34 4.07 -6.38
H1' LCG D 4 2.78 3.82 -7.05
H1 LCG D 4 2.16 3.10 -1.03
H21 LCG D 4 1.87 5.34 -1.43
H22 LCG D 4 2.13 6.03 -3.02
P LCG D 5 8.31 2.89 -7.66
OP1 LCG D 5 9.41 3.20 -8.61
O5' LCG D 5 8.15 4.15 -6.68
C5' LCG D 5 8.17 5.50 -7.08
C3' LCG D 5 8.71 6.25 -4.64
C6' LCG D 5 7.79 7.85 -6.04
N9 LCG D 5 6.27 5.21 -3.28
C8 LCG D 5 6.58 3.97 -3.75
C4 LCG D 5 5.76 4.97 -2.01
N7 LCG D 5 6.30 2.98 -2.98
C5 LCG D 5 5.80 3.60 -1.85
C6 LCG D 5 5.42 3.02 -0.61
C2' LCG D 5 7.79 7.16 -3.89
O6 LCG D 5 5.46 1.82 -0.31
C4' LCG D 5 7.78 6.35 -5.85
C1' LCG D 5 6.41 6.48 -4.02
C2 LCG D 5 4.97 5.33 0.07
N1 LCG D 5 5.01 3.98 0.33
O4' LCG D 5 6.45 6.11 -5.40
OP2 LCG D 5 8.40 1.68 -6.81
N2 LCG D 5 4.61 6.13 1.07
N3 LCG D 5 5.34 5.89 -1.10
O2' LCG D 5 7.76 8.34 -4.70
O3' LCG D 5 10.02 6.80 -4.78
H5' LCG D 5 7.46 5.69 -7.89
H5'' LCG D 5 9.17 5.78 -7.44
H3' LCG D 5 8.75 5.25 -4.18
H6'1 LCG D 5 8.72 8.10 -6.53
H6'2 LCG D 5 6.91 8.14 -6.61
H8 LCG D 5 7.08 3.91 -4.71
H2' LCG D 5 8.14 7.33 -2.87
H1' LCG D 5 5.59 7.16 -3.80
H1 LCG D 5 4.84 3.64 1.27
H21 LCG D 5 4.38 5.74 1.97
H22 LCG D 5 4.60 7.13 0.93
P LCG A 2 -6.55 7.42 -10.98
OP1 LCG A 2 -7.02 8.64 -11.68
O5' LCG A 2 -6.48 7.73 -9.40
C5' LCG A 2 -5.26 8.01 -8.73
C3' LCG A 2 -4.24 7.98 -6.34
C6' LCG A 2 -6.39 8.94 -6.61
N9 LCG A 2 -5.15 5.23 -5.11
C8 LCG A 2 -4.60 4.27 -5.92
C4 LCG A 2 -5.08 4.70 -3.84
N7 LCG A 2 -4.23 3.19 -5.30
C5 LCG A 2 -4.55 3.44 -3.97
C6 LCG A 2 -4.46 2.58 -2.81
C2' LCG A 2 -5.15 7.76 -5.13
O6 LCG A 2 -4.05 1.44 -2.75
C4' LCG A 2 -5.48 7.86 -7.22
C1' LCG A 2 -5.86 6.47 -5.48
C2 LCG A 2 -5.41 4.50 -1.61
N1 LCG A 2 -4.95 3.20 -1.66
O4' LCG A 2 -6.00 6.58 -6.89
OP2 LCG A 2 -5.28 6.77 -11.40
N2 LCG A 2 -5.76 4.98 -0.42
N3 LCG A 2 -5.51 5.29 -2.69
O2' LCG A 2 -6.13 8.79 -5.22
O3' LCG A 2 -3.58 9.23 -6.39
H5' LCG A 2 -4.96 9.02 -8.94
H5'' LCG A 2 -4.50 7.30 -9.04
H3' LCG A 2 -3.56 7.14 -6.51
H6'1 LCG A 2 -6.07 9.94 -6.95
H6'2 LCG A 2 -7.42 8.75 -6.88
H8 LCG A 2 -4.51 4.39 -6.99
H2' LCG A 2 -4.63 7.72 -4.18
H1' LCG A 2 -6.84 6.46 -5.00
H1 LCG A 2 -5.09 2.60 -0.85
H21 LCG A 2 -5.70 4.41 0.41
H22 LCG A 2 -6.09 5.93 -0.36
P LCG A 3 -2.20 9.52 -5.59
OP1 LCG A 3 -1.27 10.14 -6.55
O5' LCG A 3 -2.56 10.65 -4.47
C5' LCG A 3 -3.49 10.45 -3.42
C3' LCG A 3 -1.49 9.52 -1.89
C6' LCG A 3 -3.42 10.42 -0.90
N9 LCG A 3 -2.43 6.46 -1.31
C8 LCG A 3 -2.06 5.92 -2.50
C4 LCG A 3 -2.25 5.47 -0.38
N7 LCG A 3 -1.68 4.67 -2.44
C5 LCG A 3 -1.83 4.36 -1.08
C6 LCG A 3 -1.65 3.12 -0.39
C2' LCG A 3 -1.89 8.82 -0.61
O6 LCG A 3 -1.28 2.04 -0.84
C4' LCG A 3 -2.97 9.71 -2.19
C1' LCG A 3 -2.96 7.80 -1.06
C2 LCG A 3 -2.33 4.39 1.60
N1 LCG A 3 -1.97 3.22 0.97
O4' LCG A 3 -3.47 8.39 -2.22
OP2 LCG A 3 -1.79 8.28 -4.90
N2 LCG A 3 -2.50 4.37 2.91
N3 LCG A 3 -2.49 5.56 0.96
O2' LCG A 3 -2.63 9.79 0.11
O3' LCG A 3 -0.74 10.72 -1.68
H5' LCG A 3 -4.39 9.98 -3.79
H5'' LCG A 3 -3.80 11.40 -3.01
H3' LCG A 3 -0.99 8.85 -2.60
H6'1 LCG A 3 -3.14 11.46 -0.96
H6'2 LCG A 3 -4.49 10.30 -0.71
H8 LCG A 3 -2.10 6.52 -3.39
H2' LCG A 3 -1.07 8.37 -0.05
H1' LCG A 3 -3.78 7.83 -0.36
H1 LCG A 3 -2.03 2.34 1.47
H21 LCG A 3 -2.39 3.50 3.42
H22 LCG A 3 -2.71 5.22 3.40
P LCG A 4 0.82 10.71 -1.26
OP1 LCG A 4 1.26 12.12 -1.16
O5' LCG A 4 0.88 10.05 0.21
C5' LCG A 4 0.39 10.71 1.37
C3' LCG A 4 1.85 9.27 2.93
C6' LCG A 4 -0.10 10.19 3.91
N9 LCG A 4 0.76 6.48 2.28
C8 LCG A 4 1.18 6.46 0.98
C4 LCG A 4 0.92 5.18 2.73
N7 LCG A 4 1.56 5.28 0.56
C5 LCG A 4 1.39 4.46 1.66
C6 LCG A 4 1.61 3.06 1.79
C2' LCG A 4 1.18 8.33 3.93
O6 LCG A 4 2.02 2.28 0.94
C4' LCG A 4 0.45 9.74 2.54
C1' LCG A 4 0.17 7.58 3.05
C2 LCG A 4 0.82 3.40 4.10
N1 LCG A 4 1.28 2.58 3.07
O4' LCG A 4 -0.29 8.58 2.19
OP2 LCG A 4 1.53 9.79 -2.18
N2 LCG A 4 0.55 2.83 5.27
N3 LCG A 4 0.64 4.72 3.97
O2' LCG A 4 0.43 9.19 4.77
O3' LCG A 4 2.64 10.29 3.54
H5' LCG A 4 -0.63 11.06 1.23
H5'' LCG A 4 1.03 11.54 1.64
H3' LCG A 4 2.37 8.75 2.13
H6'1 LCG A 4 0.30 11.17 4.17
H6'2 LCG A 4 -1.19 10.19 3.92
H8 LCG A 4 1.19 7.34 0.36
H2' LCG A 4 1.86 7.63 4.43
H1' LCG A 4 -0.65 7.25 3.67
H1 LCG A 4 1.30 1.58 3.19
H21 LCG A 4 0.68 1.84 5.39
H22 LCG A 4 0.22 3.40 6.02
P LCG A 5 4.14 10.05 4.09
OP1 LCG A 5 4.63 11.33 4.65
O5' LCG A 5 3.99 9.01 5.30
C5' LCG A 5 3.46 9.32 6.57
C3' LCG A 5 4.71 7.36 7.83
C6' LCG A 5 2.69 8.14 8.72
N9 LCG A 5 3.69 5.07 6.17
C8 LCG A 5 4.10 5.68 5.02
C4 LCG A 5 3.85 3.72 5.92
N7 LCG A 5 4.49 4.88 4.07
C5 LCG A 5 4.32 3.62 4.63
C6 LCG A 5 4.54 2.33 4.04
C2' LCG A 5 3.90 6.24 8.48
O6 LCG A 5 4.91 2.08 2.91
C4' LCG A 5 3.38 8.00 7.37
C1' LCG A 5 3.01 5.75 7.31
C2 LCG A 5 3.79 1.48 6.22
N1 LCG A 5 4.25 1.28 4.92
O4' LCG A 5 2.57 6.99 6.77
OP2 LCG A 5 4.92 9.38 3.03
N2 LCG A 5 3.58 0.39 6.96
N3 LCG A 5 3.57 2.69 6.77
O2' LCG A 5 3.05 6.94 9.39
O3' LCG A 5 5.43 8.25 8.69
H5' LCG A 5 2.47 9.77 6.50
H5'' LCG A 5 4.10 10.04 7.09
H3' LCG A 5 5.32 6.98 7.01
H6'1 LCG A 5 3.13 9.00 9.20
H6'2 LCG A 5 1.62 8.23 8.57
H8 LCG A 5 4.06 6.77 4.96
H2' LCG A 5 4.47 5.45 8.95
H1' LCG A 5 2.18 5.15 7.67
H1 LCG A 5 4.39 0.35 4.55
H21 LCG A 5 3.74 -0.52 6.58
H22 LCG A 5 3.29 0.49 7.92
P LCG B 2 -11.57 7.98 5.71
OP1 LCG B 2 -12.95 7.60 5.30
O5' LCG B 2 -10.77 6.62 6.03
C5' LCG B 2 -9.48 6.60 6.62
C3' LCG B 2 -7.53 4.92 7.05
C6' LCG B 2 -9.74 4.22 7.53
N9 LCG B 2 -7.27 3.28 4.27
C8 LCG B 2 -6.88 4.22 3.36
C4 LCG B 2 -6.74 2.09 3.81
N7 LCG B 2 -6.19 3.74 2.36
C5 LCG B 2 -6.12 2.37 2.62
C6 LCG B 2 -5.55 1.31 1.84
C2' LCG B 2 -7.75 3.43 6.79
O6 LCG B 2 -4.99 1.38 0.76
C4' LCG B 2 -8.96 5.16 6.60
C1' LCG B 2 -8.28 3.39 5.35
C2 LCG B 2 -6.32 -0.12 3.69
N1 LCG B 2 -5.72 0.06 2.45
O4' LCG B 2 -8.97 4.63 5.28
OP2 LCG B 2 -11.40 8.89 6.87
N2 LCG B 2 -6.32 -1.36 4.18
N3 LCG B 2 -6.87 0.87 4.40
O2' LCG B 2 -8.87 3.09 7.60
O3' LCG B 2 -7.28 5.23 8.42
H5' LCG B 2 -9.56 6.93 7.65
H5'' LCG B 2 -8.81 7.25 6.06
H3' LCG B 2 -6.79 5.36 6.37
H6'1 LCG B 2 -9.85 4.67 8.51
H6'2 LCG B 2 -10.70 3.97 7.10
H8 LCG B 2 -7.16 5.26 3.43
H2' LCG B 2 -6.88 2.80 6.95
H1' LCG B 2 -8.98 2.58 5.26
H1 LCG B 2 -5.50 -0.75 1.89
H21 LCG B 2 -5.92 -2.12 3.66
H22 LCG B 2 -6.73 -1.51 5.08
P LCG B 3 -5.80 5.34 9.04
OP1 LCG B 3 -5.94 5.59 10.50
O5' LCG B 3 -5.15 3.89 8.85
C5' LCG B 3 -5.59 2.74 9.55
C3' LCG B 3 -3.30 1.60 9.05
C6' LCG B 3 -5.07 0.26 9.92
N9 LCG B 3 -3.74 0.61 6.02
C8 LCG B 3 -3.65 1.84 5.40
C4 LCG B 3 -3.19 -0.28 5.15
N7 LCG B 3 -3.10 1.80 4.22
C5 LCG B 3 -2.81 0.45 4.04
C6 LCG B 3 -2.25 -0.23 2.91
C2' LCG B 3 -3.33 0.20 8.49
O6 LCG B 3 -1.87 0.27 1.86
C4' LCG B 3 -4.83 1.53 9.08
C1' LCG B 3 -4.33 0.32 7.34
C2 LCG B 3 -2.55 -2.24 4.25
N1 LCG B 3 -2.18 -1.60 3.08
O4' LCG B 3 -5.18 1.32 7.74
OP2 LCG B 3 -5.04 6.29 8.21
N2 LCG B 3 -2.36 -3.57 4.32
N3 LCG B 3 -3.06 -1.62 5.32
O2' LCG B 3 -4.00 -0.57 9.49
O3' LCG B 3 -2.66 1.70 10.32
H5' LCG B 3 -6.66 2.59 9.43
H5'' LCG B 3 -5.33 2.75 10.59
H3' LCG B 3 -2.94 2.34 8.34
H6'1 LCG B 3 -6.04 -0.19 9.70
H6'2 LCG B 3 -4.96 0.47 10.99
H8 LCG B 3 -4.02 2.76 5.85
H2' LCG B 3 -2.36 -0.19 8.19
H1' LCG B 3 -4.97 -0.55 7.38
H1 LCG B 3 -1.88 -2.14 2.28
H21 LCG B 3 -1.98 -4.06 3.52
H22 LCG B 3 -2.58 -4.05 5.17
P LCG B 4 -1.05 1.74 10.48
OP1 LCG B 4 -0.75 1.86 11.92
O5' LCG B 4 -0.55 0.28 10.00
C5' LCG B 4 -0.77 -0.92 10.73
C3' LCG B 4 1.22 -2.07 9.56
C6' LCG B 4 -0.44 -3.51 10.44
N9 LCG B 4 0.27 -1.95 6.65
C8 LCG B 4 0.26 -0.58 6.58
C4 LCG B 4 0.72 -2.37 5.42
N7 LCG B 4 0.65 -0.11 5.42
C5 LCG B 4 0.93 -1.24 4.67
C6 LCG B 4 1.38 -1.34 3.33
C2' LCG B 4 0.97 -3.28 8.67
O6 LCG B 4 1.62 -0.42 2.55
C4' LCG B 4 -0.29 -2.09 9.88
C1' LCG B 4 -0.17 -2.81 7.77
C2 LCG B 4 1.30 -3.76 3.73
N1 LCG B 4 1.55 -2.66 2.91
O4' LCG B 4 -0.97 -2.07 8.65
OP2 LCG B 4 -0.52 2.73 9.52
N2 LCG B 4 1.49 -4.97 3.22
N3 LCG B 4 0.89 -3.66 5.01
O2' LCG B 4 0.42 -4.25 9.57
O3' LCG B 4 2.03 -2.31 10.70
H5' LCG B 4 -1.84 -1.04 10.95
H5'' LCG B 4 -0.20 -0.93 11.63
H3' LCG B 4 1.51 -1.19 9.00
H6'1 LCG B 4 -0.08 -3.57 11.46
H6'2 LCG B 4 -1.48 -3.85 10.37
H8 LCG B 4 -0.04 0.05 7.40
H2' LCG B 4 1.83 -3.63 8.11
H1' LCG B 4 -0.74 -3.66 7.44
H1 LCG B 4 1.86 -2.79 1.95
H21 LCG B 4 1.82 -5.07 2.27
H22 LCG B 4 1.32 -5.78 3.80
P LCG B 5 3.65 -2.24 10.66
OP1 LCG B 5 4.15 -2.51 12.02
O5' LCG B 5 4.10 -3.45 9.71
C5' LCG B 5 4.08 -4.82 10.07
C3' LCG B 5 5.87 -5.33 8.23
C6' LCG B 5 4.57 -7.11 8.95
N9 LCG B 5 4.38 -4.44 5.82
C8 LCG B 5 4.24 -3.22 6.42
C4 LCG B 5 4.62 -4.15 4.50
N7 LCG B 5 4.30 -2.20 5.61
C5 LCG B 5 4.57 -2.79 4.39
C6 LCG B 5 4.84 -2.15 3.14
C2' LCG B 5 5.57 -6.29 7.10
O6 LCG B 5 4.87 -0.94 2.91
C4' LCG B 5 4.47 -5.60 8.80
C1' LCG B 5 4.26 -5.73 6.53
C2 LCG B 5 5.14 -4.45 2.32
N1 LCG B 5 5.12 -3.08 2.13
O4' LCG B 5 3.53 -5.47 7.72
OP2 LCG B 5 4.03 -0.97 9.98
N2 LCG B 5 5.48 -5.21 1.28
N3 LCG B 5 4.89 -5.04 3.50
O2' LCG B 5 5.26 -7.51 7.77
O3' LCG B 5 6.98 -5.78 9.01
H5' LCG B 5 3.11 -5.13 10.43
H5'' LCG B 5 4.81 -5.01 10.87
H3' LCG B 5 6.02 -4.32 7.88
H6'1 LCG B 5 3.59 -7.57 9.03
H6'2 LCG B 5 5.17 -7.25 9.83
H8 LCG B 5 4.13 -3.17 7.49
H2' LCG B 5 6.41 -6.33 6.42
H1' LCG B 5 3.75 -6.47 5.90
H1 LCG B 5 5.39 -2.70 1.22
H21 LCG B 5 5.72 -4.79 0.41
H22 LCG B 5 5.54 -6.21 1.41
P LCG C 2 -10.04 -8.80 6.64
OP1 LCG C 2 -10.64 -10.08 7.07
O5' LCG C 2 -9.07 -9.11 5.39
C5' LCG C 2 -7.66 -8.99 5.46
C3' LCG C 2 -5.57 -8.75 3.93
C6' LCG C 2 -7.34 -10.12 3.13
N9 LCG C 2 -6.14 -6.21 2.24
C8 LCG C 2 -6.24 -5.21 3.19
C4 LCG C 2 -5.50 -5.61 1.18
N7 LCG C 2 -5.78 -4.05 2.80
C5 LCG C 2 -5.33 -4.28 1.51
C6 LCG C 2 -4.80 -3.38 0.53
C2' LCG C 2 -5.73 -8.69 2.41
O6 LCG C 2 -4.61 -2.18 0.65
C4' LCG C 2 -7.09 -8.91 4.04
C1' LCG C 2 -6.73 -7.56 2.24
C2 LCG C 2 -4.65 -5.37 -0.91
N1 LCG C 2 -4.51 -4.01 -0.69
O4' LCG C 2 -7.57 -7.75 3.37
OP2 LCG C 2 -9.32 -7.96 7.62
N2 LCG C 2 -4.25 -5.84 -2.08
N3 LCG C 2 -5.17 -6.21 0.00
O2' LCG C 2 -6.41 -9.90 2.08
O3' LCG C 2 -4.80 -9.86 4.41
H5' LCG C 2 -7.24 -9.85 5.98
H5'' LCG C 2 -7.39 -8.07 5.98
H3' LCG C 2 -5.24 -7.81 4.36
H6'1 LCG C 2 -8.37 -10.11 2.75
H6'2 LCG C 2 -7.12 -11.05 3.64
H8 LCG C 2 -6.70 -5.37 4.15
H2' LCG C 2 -4.81 -8.54 1.88
H1' LCG C 2 -7.28 -7.71 1.31
H1 LCG C 2 -4.33 -3.40 -1.47
H21 LCG C 2 -3.89 -5.21 -2.79
H22 LCG C 2 -4.33 -6.82 -2.27
P LCG C 3 -3.18 -9.83 4.44
OP1 LCG C 3 -2.78 -10.24 5.80
O5' LCG C 3 -2.68 -11.00 3.42
C5' LCG C 3 -2.96 -11.01 2.03
C3' LCG C 3 -0.66 -9.73 1.51
C6' LCG C 3 -1.84 -10.82 -0.24
N9 LCG C 3 -1.72 -6.76 0.50
C8 LCG C 3 -2.09 -6.14 1.66
C4 LCG C 3 -1.28 -5.75 -0.32
N7 LCG C 3 -1.91 -4.86 1.67
C5 LCG C 3 -1.40 -4.59 0.40
C6 LCG C 3 -1.09 -3.33 -0.21
C2' LCG C 3 -0.58 -9.01 0.17
O6 LCG C 3 -1.14 -2.21 0.30
C4' LCG C 3 -2.08 -10.14 1.14
C1' LCG C 3 -1.86 -8.18 0.12
C2 LCG C 3 -0.57 -4.68 -2.19
N1 LCG C 3 -0.72 -3.46 -1.55
O4' LCG C 3 -2.72 -8.89 0.98
OP2 LCG C 3 -2.72 -8.52 3.93
N2 LCG C 3 -0.15 -4.66 -3.44
N3 LCG C 3 -0.84 -5.87 -1.61
O2' LCG C 3 -0.79 -10.03 -0.79
O3' LCG C 3 0.26 -10.81 1.64
H5' LCG C 3 -4.01 -10.79 1.85
H5'' LCG C 3 -2.79 -12.00 1.63
H3' LCG C 3 -0.64 -9.05 2.37
H6'1 LCG C 3 -2.73 -10.78 -0.86
H6'2 LCG C 3 -1.49 -11.85 -0.12
H8 LCG C 3 -2.53 -6.66 2.50
H2' LCG C 3 0.32 -8.42 0.02
H1' LCG C 3 -2.31 -8.32 -0.85
H1 LCG C 3 -0.64 -2.62 -2.08
H21 LCG C 3 0.05 -3.79 -3.91
H22 LCG C 3 0.01 -5.54 -3.93
P LCG C 4 1.84 -10.56 1.94
OP1 LCG C 4 2.49 -11.88 2.04
O5' LCG C 4 2.40 -9.83 0.61
C5' LCG C 4 2.58 -10.50 -0.63
C3' LCG C 4 4.33 -8.79 -1.39
C6' LCG C 4 3.22 -9.96 -3.11
N9 LCG C 4 2.69 -6.20 -1.43
C8 LCG C 4 2.45 -6.17 -0.09
C4 LCG C 4 2.86 -4.90 -1.82
N7 LCG C 4 2.42 -4.97 0.41
C5 LCG C 4 2.67 -4.14 -0.68
C6 LCG C 4 2.74 -2.72 -0.75
C2' LCG C 4 4.08 -7.93 -2.61
O6 LCG C 4 2.59 -1.92 0.16
C4' LCG C 4 2.99 -9.47 -1.67
C1' LCG C 4 2.69 -7.37 -2.35
C2 LCG C 4 3.17 -3.10 -3.14
N1 LCG C 4 2.98 -2.26 -2.05
O4' LCG C 4 2.02 -8.45 -1.74
OP2 LCG C 4 1.94 -9.60 3.06
N2 LCG C 4 3.39 -2.54 -4.32
N3 LCG C 4 3.13 -4.44 -3.07
O2' LCG C 4 3.95 -8.86 -3.68
O3' LCG C 4 5.44 -9.67 -1.51
H5' LCG C 4 1.65 -10.98 -0.93
H5'' LCG C 4 3.37 -11.21 -0.55
H3' LCG C 4 4.33 -8.23 -0.46
H6'1 LCG C 4 2.28 -10.12 -3.63
H6'2 LCG C 4 3.83 -10.86 -3.13
H8 LCG C 4 2.31 -7.07 0.50
H2' LCG C 4 4.81 -7.12 -2.77
H1' LCG C 4 2.21 -7.14 -3.28
H1 LCG C 4 2.93 -1.26 -2.19
H21 LCG C 4 3.43 -1.53 -4.41
H22 LCG C 4 3.51 -3.13 -5.13
P LCG C 5 6.97 -9.20 -1.26
OP1 LCG C 5 7.85 -10.36 -1.46
O5' LCG C 5 7.28 -8.13 -2.41
C5' LCG C 5 7.50 -8.45 -3.77
C3' LCG C 5 8.89 -6.28 -4.26
C6' LCG C 5 7.78 -7.32 -6.04
N9 LCG C 5 6.85 -4.25 -3.47
C8 LCG C 5 6.75 -4.84 -2.24
C4 LCG C 5 6.69 -2.90 -3.23
N7 LCG C 5 6.54 -4.01 -1.26
C5 LCG C 5 6.49 -2.77 -1.87
C6 LCG C 5 6.27 -1.48 -1.29
C2' LCG C 5 8.37 -5.27 -5.29
O6 LCG C 5 6.08 -1.21 -0.11
C4' LCG C 5 7.62 -7.13 -4.55
C1' LCG C 5 6.95 -4.98 -4.77
C2 LCG C 5 6.50 -0.67 -3.60
N1 LCG C 5 6.26 -0.46 -2.24
O4' LCG C 5 6.48 -6.28 -4.49
OP2 LCG C 5 7.02 -8.47 0.04
N2 LCG C 5 6.55 0.39 -4.39
N3 LCG C 5 6.72 -1.89 -4.14
O2' LCG C 5 8.24 -6.04 -6.48
O3' LCG C 5 10.08 -7.00 -4.59
H5' LCG C 5 6.68 -9.06 -4.17
H5'' LCG C 5 8.41 -9.05 -3.87
H3' LCG C 5 8.93 -5.85 -3.27
H6'1 LCG C 5 6.84 -7.62 -6.51
H6'2 LCG C 5 8.55 -8.07 -6.13
H8 LCG C 5 6.84 -5.91 -2.16
H2' LCG C 5 8.99 -4.38 -5.42
H1' LCG C 5 6.33 -4.49 -5.52
H1 LCG C 5 6.08 0.47 -1.87
H21 LCG C 5 6.39 1.31 -4.01
H22 LCG C 5 6.77 0.28 -5.37
P LCG D 2 -5.16 -9.61 -10.29
OP1 LCG D 2 -5.27 -10.10 -11.68
O5' LCG D 2 -4.70 -8.07 -10.33
C5' LCG D 2 -3.38 -7.65 -10.02
C3' LCG D 2 -2.05 -5.52 -9.39
C6' LCG D 2 -3.69 -5.33 -11.06
N9 LCG D 2 -3.68 -4.19 -7.02
C8 LCG D 2 -3.67 -5.11 -6.00
C4 LCG D 2 -3.59 -2.97 -6.40
N7 LCG D 2 -3.63 -4.59 -4.81
C5 LCG D 2 -3.59 -3.22 -5.04
C6 LCG D 2 -3.62 -2.12 -4.12
C2' LCG D 2 -2.74 -4.15 -9.38
O6 LCG D 2 -3.66 -2.16 -2.89
C4' LCG D 2 -3.37 -6.14 -9.79
C1' LCG D 2 -3.94 -4.41 -8.46
C2 LCG D 2 -3.56 -0.73 -6.13
N1 LCG D 2 -3.65 -0.88 -4.76
O4' LCG D 2 -4.25 -5.76 -8.75
OP2 LCG D 2 -4.32 -10.34 -9.30
N2 LCG D 2 -3.49 0.52 -6.60
N3 LCG D 2 -3.56 -1.75 -7.01
O2' LCG D 2 -3.28 -4.03 -10.69
O3' LCG D 2 -0.99 -5.65 -10.33
H5' LCG D 2 -2.73 -7.89 -10.85
H5'' LCG D 2 -3.03 -8.14 -9.11
H3' LCG D 2 -1.75 -5.84 -8.38
H6'1 LCG D 2 -3.10 -5.69 -11.91
H6'2 LCG D 2 -4.76 -5.40 -11.29
H8 LCG D 2 -3.75 -6.17 -6.18
H2' LCG D 2 -2.12 -3.33 -9.06
H1' LCG D 2 -4.76 -3.74 -8.77
H1 LCG D 2 -3.89 -0.08 -4.19
H21 LCG D 2 -3.54 1.31 -5.97
H22 LCG D 2 -3.43 0.67 -7.59
P LCG D 3 0.50 -5.09 -10.06
OP1 LCG D 3 1.43 -6.20 -10.35
O5' LCG D 3 0.75 -3.96 -11.19
C5' LCG D 3 -0.01 -2.75 -11.30
C3' LCG D 3 1.74 -1.56 -9.67
C6' LCG D 3 0.32 -0.25 -11.06
N9 LCG D 3 -0.10 -0.91 -7.00
C8 LCG D 3 -0.15 -2.14 -6.39
C4 LCG D 3 -0.18 0.00 -5.97
N7 LCG D 3 -0.25 -2.10 -5.10
C5 LCG D 3 -0.29 -0.74 -4.82
C6 LCG D 3 -0.48 -0.07 -3.57
C2' LCG D 3 1.28 -0.25 -9.03
O6 LCG D 3 -0.58 -0.57 -2.45
C4' LCG D 3 0.37 -1.63 -10.35
C1' LCG D 3 -0.09 -0.59 -8.45
C2 LCG D 3 -0.41 1.97 -4.91
N1 LCG D 3 -0.57 1.31 -3.71
O4' LCG D 3 -0.51 -1.66 -9.25
OP2 LCG D 3 0.53 -4.45 -8.73
N2 LCG D 3 -0.45 3.30 -4.88
N3 LCG D 3 -0.21 1.35 -6.09
O2' LCG D 3 1.00 0.59 -10.14
O3' LCG D 3 2.84 -1.44 -10.56
H5' LCG D 3 -1.07 -2.97 -11.22
H5'' LCG D 3 0.13 -2.31 -12.27
H3' LCG D 3 1.88 -2.37 -8.95
H6'1 LCG D 3 -0.71 0.07 -11.22
H6'2 LCG D 3 0.87 -0.28 -12.00
H8 LCG D 3 -0.14 -3.08 -6.94
H2' LCG D 3 1.98 0.16 -8.31
H1' LCG D 3 -0.77 0.20 -8.70
H1 LCG D 3 -0.82 1.84 -2.88
H21 LCG D 3 -0.61 3.80 -4.01
H22 LCG D 3 -0.29 3.82 -5.73
P LCG D 4 4.37 -1.34 -10.02
OP1 LCG D 4 5.26 -1.26 -11.21
O5' LCG D 4 4.42 0.09 -9.27
C5' LCG D 4 4.40 1.32 -9.96
C3' LCG D 4 5.42 2.55 -7.94
C6' LCG D 4 4.28 3.90 -9.52
N9 LCG D 4 3.24 2.24 -5.85
C8 LCG D 4 3.44 0.88 -5.74
C4 LCG D 4 2.97 2.66 -4.57
N7 LCG D 4 3.27 0.41 -4.54
C5 LCG D 4 2.99 1.54 -3.78
C6 LCG D 4 2.72 1.65 -2.38
C2' LCG D 4 4.68 3.70 -7.30
O6 LCG D 4 2.68 0.73 -1.55
C4' LCG D 4 4.28 2.46 -8.96
C1' LCG D 4 3.29 3.08 -7.06
C2 LCG D 4 2.48 4.04 -2.85
N1 LCG D 4 2.47 2.96 -1.98
O4' LCG D 4 3.10 2.31 -8.21
OP2 LCG D 4 4.57 -2.39 -9.01
N2 LCG D 4 2.21 5.24 -2.35
N3 LCG D 4 2.74 3.94 -4.17
O2' LCG D 4 4.53 4.66 -8.33
O3' LCG D 4 6.69 2.89 -8.52
H5' LCG D 4 3.56 1.36 -10.66
H5'' LCG D 4 5.32 1.48 -10.48
H3' LCG D 4 5.48 1.66 -7.31
H6'1 LCG D 4 3.32 4.14 -9.95
H6'2 LCG D 4 5.09 4.03 -10.23
H8 LCG D 4 3.69 0.26 -6.59
H2' LCG D 4 5.10 4.09 -6.37
H1' LCG D 4 2.54 3.86 -7.04
H1 LCG D 4 2.24 3.10 -1.00
H21 LCG D 4 2.01 5.35 -1.36
H22 LCG D 4 2.20 6.04 -2.97
P LCG D 5 8.06 2.89 -7.67
OP1 LCG D 5 9.17 3.16 -8.61
O5' LCG D 5 7.93 4.14 -6.67
C5' LCG D 5 7.96 5.49 -7.07
C3' LCG D 5 8.64 6.28 -4.63
C6' LCG D 5 7.62 7.84 -6.03
N9 LCG D 5 6.18 5.18 -3.21
C8 LCG D 5 6.43 3.96 -3.74
C4 LCG D 5 5.75 4.94 -1.92
N7 LCG D 5 6.19 2.96 -2.95
C5 LCG D 5 5.78 3.57 -1.78
C6 LCG D 5 5.46 2.96 -0.52
C2' LCG D 5 7.66 7.17 -3.86
O6 LCG D 5 5.50 1.77 -0.26
C4' LCG D 5 7.66 6.34 -5.83
C1' LCG D 5 6.31 6.46 -3.97
C2 LCG D 5 5.06 5.26 0.21
N1 LCG D 5 5.10 3.90 0.44
O4' LCG D 5 6.33 6.09 -5.34
OP2 LCG D 5 8.10 1.67 -6.84
N2 LCG D 5 4.72 6.04 1.23
N3 LCG D 5 5.39 5.85 -0.96
O2' LCG D 5 7.58 8.34 -4.69
O3' LCG D 5 9.90 6.98 -4.65
H5' LCG D 5 7.22 5.69 -7.86
H5'' LCG D 5 8.93 5.73 -7.49
H3' LCG D 5 8.71 5.30 -4.18
H6'1 LCG D 5 8.55 8.09 -6.52
H6'2 LCG D 5 6.73 8.10 -6.61
H8 LCG D 5 6.83 3.88 -4.73
H2' LCG D 5 7.96 7.40 -2.84
H1' LCG D 5 5.47 7.13 -3.74
H1 LCG D 5 4.92 3.54 1.37
H21 LCG D 5 4.51 5.63 2.14
H22 LCG D 5 4.71 7.04 1.12
P LCG A 2 -7.61 8.10 -10.64
OP1 LCG A 2 -9.09 8.12 -10.56
O5' LCG A 2 -7.07 8.05 -9.13
C5' LCG A 2 -5.70 8.25 -8.79
C3' LCG A 2 -4.17 8.13 -6.66
C6' LCG A 2 -6.33 9.09 -6.47
N9 LCG A 2 -4.95 5.37 -5.19
C8 LCG A 2 -4.46 4.41 -6.04
C4 LCG A 2 -4.85 4.82 -3.93
N7 LCG A 2 -4.10 3.30 -5.44
C5 LCG A 2 -4.38 3.54 -4.09
C6 LCG A 2 -4.28 2.67 -2.97
C2' LCG A 2 -4.82 7.91 -5.29
O6 LCG A 2 -3.91 1.50 -2.93
C4' LCG A 2 -5.56 8.04 -7.28
C1' LCG A 2 -5.64 6.63 -5.51
C2 LCG A 2 -5.12 4.59 -1.70
N1 LCG A 2 -4.73 3.27 -1.78
O4' LCG A 2 -5.98 6.73 -6.88
OP2 LCG A 2 -6.92 9.21 -11.32
N2 LCG A 2 -5.42 5.07 -0.49
N3 LCG A 2 -5.23 5.42 -2.76
O2' LCG A 2 -5.77 8.95 -5.17
O3' LCG A 2 -3.56 9.41 -6.82
H5' LCG A 2 -5.42 9.27 -9.02
H5'' LCG A 2 -5.06 7.55 -9.33
H3' LCG A 2 -3.52 7.31 -6.95
H6'1 LCG A 2 -6.12 10.10 -6.85
H6'2 LCG A 2 -7.40 8.90 -6.51
H8 LCG A 2 -4.40 4.54 -7.11
H2' LCG A 2 -4.12 7.82 -4.47
H1' LCG A 2 -6.54 6.69 -4.91
H1 LCG A 2 -4.90 2.68 -0.99
H21 LCG A 2 -5.38 4.46 0.32
H22 LCG A 2 -5.68 6.03 -0.39
P LCG A 3 -2.03 9.70 -6.40
OP1 LCG A 3 -1.75 11.13 -6.64
O5' LCG A 3 -1.97 9.44 -4.81
C5' LCG A 3 -2.67 10.25 -3.88
C3' LCG A 3 -1.05 9.44 -2.04
C6' LCG A 3 -3.03 10.57 -1.37
N9 LCG A 3 -2.17 6.54 -1.49
C8 LCG A 3 -1.74 5.99 -2.67
C4 LCG A 3 -2.06 5.55 -0.54
N7 LCG A 3 -1.39 4.73 -2.56
C5 LCG A 3 -1.60 4.44 -1.21
C6 LCG A 3 -1.46 3.20 -0.50
C2' LCG A 3 -1.66 8.90 -0.75
O6 LCG A 3 -1.06 2.13 -0.94
C4' LCG A 3 -2.48 9.69 -2.50
C1' LCG A 3 -2.69 7.91 -1.27
C2 LCG A 3 -2.26 4.48 1.43
N1 LCG A 3 -1.86 3.29 0.83
O4' LCG A 3 -3.10 8.43 -2.49
OP2 LCG A 3 -1.18 8.67 -7.05
N2 LCG A 3 -2.53 4.45 2.73
N3 LCG A 3 -2.38 5.65 0.78
O2' LCG A 3 -2.42 9.99 -0.22
O3' LCG A 3 -0.26 10.61 -1.85
H5' LCG A 3 -3.73 10.33 -4.12
H5'' LCG A 3 -2.23 11.21 -3.74
H3' LCG A 3 -0.54 8.67 -2.62
H6'1 LCG A 3 -2.69 11.59 -1.50
H6'2 LCG A 3 -4.12 10.52 -1.31
H8 LCG A 3 -1.73 6.55 -3.58
H2' LCG A 3 -0.94 8.47 -0.07
H1' LCG A 3 -3.56 8.00 -0.67
H1 LCG A 3 -1.91 2.43 1.35
H21 LCG A 3 -2.43 3.58 3.25
H22 LCG A 3 -2.79 5.29 3.19
P LCG A 4 1.27 10.54 -1.33
OP1 LCG A 4 1.79 11.93 -1.26
O5' LCG A 4 1.19 9.97 0.17
C5' LCG A 4 0.68 10.72 1.27
C3' LCG A 4 1.97 9.21 2.92
C6' LCG A 4 0.11 10.38 3.81
N9 LCG A 4 0.69 6.52 2.34
C8 LCG A 4 1.13 6.47 1.03
C4 LCG A 4 0.80 5.24 2.81
N7 LCG A 4 1.48 5.28 0.65
C5 LCG A 4 1.27 4.49 1.77
C6 LCG A 4 1.48 3.09 1.93
C2' LCG A 4 1.20 8.39 3.95
O6 LCG A 4 1.89 2.29 1.10
C4' LCG A 4 0.62 9.79 2.48
C1' LCG A 4 0.15 7.69 3.08
C2 LCG A 4 0.65 3.48 4.21
N1 LCG A 4 1.13 2.64 3.21
O4' LCG A 4 -0.22 8.70 2.18
OP2 LCG A 4 1.98 9.52 -2.14
N2 LCG A 4 0.34 2.94 5.37
N3 LCG A 4 0.47 4.80 4.06
O2' LCG A 4 0.52 9.37 4.74
O3' LCG A 4 2.86 10.17 3.46
H5' LCG A 4 -0.32 11.10 1.05
H5'' LCG A 4 1.34 11.52 1.53
H3' LCG A 4 2.43 8.60 2.14
H6'1 LCG A 4 0.61 11.32 4.05
H6'2 LCG A 4 -0.97 10.49 3.80
H8 LCG A 4 1.19 7.33 0.39
H2' LCG A 4 1.80 7.68 4.52
H1' LCG A 4 -0.70 7.44 3.69
H1 LCG A 4 1.22 1.64 3.39
H21 LCG A 4 0.47 1.95 5.54
H22 LCG A 4 -0.03 3.53 6.11
P LCG A 5 4.40 9.84 3.83
OP1 LCG A 5 5.06 11.10 4.26
O5' LCG A 5 4.32 8.87 5.11
C5' LCG A 5 3.93 9.27 6.41
C3' LCG A 5 5.18 7.20 7.51
C6' LCG A 5 3.45 8.19 8.71
N9 LCG A 5 3.63 5.04 6.06
C8 LCG A 5 3.92 5.62 4.85
C4 LCG A 5 3.74 3.69 5.83
N7 LCG A 5 4.16 4.78 3.89
C5 LCG A 5 4.09 3.55 4.51
C6 LCG A 5 4.33 2.25 3.95
C2' LCG A 5 4.33 6.16 8.25
O6 LCG A 5 4.68 2.01 2.80
C4' LCG A 5 3.87 8.00 7.28
C1' LCG A 5 3.22 5.80 7.26
C2 LCG A 5 3.78 1.46 6.20
N1 LCG A 5 4.15 1.23 4.88
O4' LCG A 5 2.86 7.10 6.81
OP2 LCG A 5 4.99 9.05 2.73
N2 LCG A 5 3.66 0.38 6.98
N3 LCG A 5 3.56 2.68 6.73
O2' LCG A 5 3.74 6.92 9.30
O3' LCG A 5 6.19 7.65 8.45
H5' LCG A 5 2.95 9.76 6.40
H5'' LCG A 5 4.64 9.98 6.80
H3' LCG A 5 5.60 6.78 6.61
H6'1 LCG A 5 4.08 8.97 9.11
H6'2 LCG A 5 2.39 8.44 8.75
H8 LCG A 5 3.96 6.68 4.78
H2' LCG A 5 4.89 5.29 8.61
H1' LCG A 5 2.39 5.31 7.76
H1 LCG A 5 4.35 0.29 4.56
H21 LCG A 5 3.86 -0.54 6.61
H22 LCG A 5 3.41 0.50 7.95
P LCG B 2 -11.30 8.11 5.78
OP1 LCG B 2 -12.18 8.50 6.90
O5' LCG B 2 -10.64 6.68 6.15
C5' LCG B 2 -9.30 6.54 6.57
C3' LCG B 2 -7.44 4.73 6.81
C6' LCG B 2 -9.65 4.16 7.44
N9 LCG B 2 -7.35 3.23 4.05
C8 LCG B 2 -6.94 4.21 3.17
C4 LCG B 2 -6.77 2.08 3.61
N7 LCG B 2 -6.19 3.76 2.20
C5 LCG B 2 -6.09 2.39 2.45
C6 LCG B 2 -5.47 1.35 1.69
C2' LCG B 2 -7.78 3.26 6.54
O6 LCG B 2 -4.85 1.45 0.63
C4' LCG B 2 -8.89 5.07 6.47
C1' LCG B 2 -8.37 3.32 5.13
C2 LCG B 2 -6.27 -0.13 3.47
N1 LCG B 2 -5.64 0.09 2.25
O4' LCG B 2 -9.04 4.57 5.15
OP2 LCG B 2 -10.24 9.03 5.31
N2 LCG B 2 -6.28 -1.37 3.93
N3 LCG B 2 -6.88 0.84 4.17
O2' LCG B 2 -8.88 2.97 7.41
O3' LCG B 2 -7.03 5.00 8.13
H5' LCG B 2 -9.22 6.86 7.62
H5'' LCG B 2 -8.63 7.13 5.95
H3' LCG B 2 -6.75 5.14 6.07
H6'1 LCG B 2 -9.64 4.58 8.45
H6'2 LCG B 2 -10.67 4.02 7.10
H8 LCG B 2 -7.23 5.24 3.26
H2' LCG B 2 -6.95 2.58 6.63
H1' LCG B 2 -9.08 2.50 5.01
H1 LCG B 2 -5.43 -0.71 1.67
H21 LCG B 2 -5.86 -2.12 3.40
H22 LCG B 2 -6.73 -1.56 4.81
P LCG B 3 -5.50 4.75 8.63
OP1 LCG B 3 -5.05 6.01 9.27
O5' LCG B 3 -5.61 3.63 9.81
C5' LCG B 3 -6.09 2.32 9.63
C3' LCG B 3 -3.60 1.49 9.13
C6' LCG B 3 -5.30 -0.09 9.64
N9 LCG B 3 -3.74 0.68 5.90
C8 LCG B 3 -3.69 1.90 5.27
C4 LCG B 3 -3.12 -0.19 5.05
N7 LCG B 3 -3.10 1.87 4.11
C5 LCG B 3 -2.75 0.54 3.94
C6 LCG B 3 -2.14 -0.13 2.83
C2' LCG B 3 -3.47 0.17 8.37
O6 LCG B 3 -1.75 0.38 1.78
C4' LCG B 3 -5.11 1.32 9.01
C1' LCG B 3 -4.40 0.32 7.17
C2 LCG B 3 -2.41 -2.15 4.18
N1 LCG B 3 -2.05 -1.51 3.00
O4' LCG B 3 -5.31 1.28 7.63
OP2 LCG B 3 -4.73 4.20 7.51
N2 LCG B 3 -2.20 -3.46 4.24
N3 LCG B 3 -2.96 -1.54 5.24
O2' LCG B 3 -4.14 -0.77 9.20
O3' LCG B 3 -3.09 1.45 10.45
H5' LCG B 3 -7.01 2.34 9.05
H5'' LCG B 3 -6.33 1.87 10.56
H3' LCG B 3 -3.24 2.34 8.55
H6'1 LCG B 3 -6.20 -0.57 9.26
H6'2 LCG B 3 -5.31 -0.04 10.73
H8 LCG B 3 -4.11 2.80 5.67
H2' LCG B 3 -2.45 -0.10 8.11
H1' LCG B 3 -5.00 -0.58 7.09
H1 LCG B 3 -1.79 -2.05 2.20
H21 LCG B 3 -1.81 -3.96 3.45
H22 LCG B 3 -2.43 -3.95 5.09
P LCG B 4 -1.50 1.51 10.75
OP1 LCG B 4 -1.32 1.49 12.22
O5' LCG B 4 -0.91 0.13 10.16
C5' LCG B 4 -1.17 -1.14 10.75
C3' LCG B 4 0.92 -2.15 9.68
C6' LCG B 4 -0.77 -3.69 10.26
N9 LCG B 4 0.29 -1.87 6.69
C8 LCG B 4 0.31 -0.51 6.68
C4 LCG B 4 0.82 -2.26 5.49
N7 LCG B 4 0.76 0.01 5.58
C5 LCG B 4 1.09 -1.10 4.80
C6 LCG B 4 1.61 -1.18 3.47
C2' LCG B 4 0.81 -3.30 8.69
O6 LCG B 4 1.90 -0.25 2.73
C4' LCG B 4 -0.60 -2.22 9.85
C1' LCG B 4 -0.25 -2.78 7.72
C2 LCG B 4 1.49 -3.60 3.81
N1 LCG B 4 1.77 -2.49 3.03
O4' LCG B 4 -1.16 -2.10 8.56
OP2 LCG B 4 -0.92 2.62 9.96
N2 LCG B 4 1.67 -4.81 3.28
N3 LCG B 4 1.02 -3.54 5.06
O2' LCG B 4 0.19 -4.34 9.44
O3' LCG B 4 1.63 -2.47 10.87
H5' LCG B 4 -2.24 -1.29 10.88
H5'' LCG B 4 -0.66 -1.22 11.69
H3' LCG B 4 1.25 -1.22 9.23
H6'1 LCG B 4 -0.52 -3.83 11.33
H6'2 LCG B 4 -1.78 -4.04 10.06
H8 LCG B 4 -0.05 0.09 7.52
H2' LCG B 4 1.73 -3.55 8.17
H1' LCG B 4 -0.76 -3.63 7.28
H1 LCG B 4 2.00 -2.60 2.05
H21 LCG B 4 2.02 -4.90 2.34
H22 LCG B 4 1.47 -5.62 3.83
P LCG B 5 3.24 -2.48 10.94
OP1 LCG B 5 3.64 -2.81 12.33
O5' LCG B 5 3.71 -3.69 9.99
C5' LCG B 5 3.54 -5.07 10.29
C3' LCG B 5 5.48 -5.88 8.65
C6' LCG B 5 3.74 -7.34 9.09
N9 LCG B 5 4.45 -4.54 6.14
C8 LCG B 5 4.40 -3.33 6.75
C4 LCG B 5 4.82 -4.28 4.84
N7 LCG B 5 4.62 -2.32 5.98
C5 LCG B 5 4.90 -2.90 4.75
C6 LCG B 5 5.19 -2.29 3.49
C2' LCG B 5 5.10 -6.66 7.40
O6 LCG B 5 5.25 -1.09 3.24
C4' LCG B 5 3.98 -5.86 9.04
C1' LCG B 5 4.00 -5.83 6.74
C2 LCG B 5 5.36 -4.59 2.67
N1 LCG B 5 5.41 -3.22 2.47
O4' LCG B 5 3.23 -5.48 7.89
OP2 LCG B 5 3.73 -1.23 10.32
N2 LCG B 5 5.66 -5.38 1.64
N3 LCG B 5 5.05 -5.17 3.85
O2' LCG B 5 4.46 -7.83 7.94
O3' LCG B 5 6.44 -6.71 9.33
H5' LCG B 5 2.51 -5.29 10.53
H5'' LCG B 5 4.13 -5.32 11.16
H3' LCG B 5 5.90 -4.90 8.38
H6'1 LCG B 5 2.68 -7.58 9.04
H6'2 LCG B 5 4.20 -7.65 10.00
H8 LCG B 5 4.14 -3.31 7.80
H2' LCG B 5 5.94 -6.90 6.74
H1' LCG B 5 3.43 -6.41 6.03
H1 LCG B 5 5.57 -2.83 1.55
H21 LCG B 5 5.88 -4.98 0.75
H22 LCG B 5 5.67 -6.38 1.77
P LCG C 2 -9.85 -9.23 6.37
OP1 LCG C 2 -10.45 -10.55 6.70
O5' LCG C 2 -8.82 -9.44 5.14
C5' LCG C 2 -7.42 -9.27 5.28
C3' LCG C 2 -5.30 -8.88 3.86
C6' LCG C 2 -6.97 -10.29 2.92
N9 LCG C 2 -5.92 -6.30 2.14
C8 LCG C 2 -6.05 -5.32 3.09
C4 LCG C 2 -5.38 -5.67 1.05
N7 LCG C 2 -5.66 -4.14 2.70
C5 LCG C 2 -5.26 -4.34 1.38
C6 LCG C 2 -4.80 -3.40 0.40
C2' LCG C 2 -5.38 -8.77 2.35
O6 LCG C 2 -4.66 -2.19 0.52
C4' LCG C 2 -6.80 -9.10 3.88
C1' LCG C 2 -6.44 -7.68 2.15
C2 LCG C 2 -4.63 -5.36 -1.06
N1 LCG C 2 -4.53 -4.00 -0.82
O4' LCG C 2 -7.31 -7.93 3.25
OP2 LCG C 2 -9.19 -8.44 7.45
N2 LCG C 2 -4.26 -5.80 -2.25
N3 LCG C 2 -5.06 -6.24 -0.15
O2' LCG C 2 -5.98 -10.00 1.93
O3' LCG C 2 -4.51 -9.97 4.34
H5' LCG C 2 -6.99 -10.14 5.78
H5'' LCG C 2 -7.21 -8.37 5.86
H3' LCG C 2 -5.02 -7.93 4.34
H6'1 LCG C 2 -7.97 -10.32 2.50
H6'2 LCG C 2 -6.72 -11.23 3.43
H8 LCG C 2 -6.46 -5.51 4.08
H2' LCG C 2 -4.46 -8.54 1.85
H1' LCG C 2 -6.96 -7.87 1.20
H1 LCG C 2 -4.38 -3.40 -1.63
H21 LCG C 2 -3.94 -5.15 -2.97
H22 LCG C 2 -4.31 -6.78 -2.45
P LCG C 3 -2.90 -9.88 4.44
OP1 LCG C 3 -2.53 -10.28 5.83
O5' LCG C 3 -2.32 -11.04 3.46
C5' LCG C 3 -2.55 -11.09 2.06
C3' LCG C 3 -0.32 -9.67 1.65
C6' LCG C 3 -1.29 -10.88 -0.14
N9 LCG C 3 -1.52 -6.80 0.48
C8 LCG C 3 -1.90 -6.18 1.64
C4 LCG C 3 -1.18 -5.77 -0.38
N7 LCG C 3 -1.82 -4.88 1.61
C5 LCG C 3 -1.37 -4.61 0.32
C6 LCG C 3 -1.15 -3.35 -0.32
C2' LCG C 3 -0.19 -8.97 0.30
O6 LCG C 3 -1.26 -2.23 0.16
C4' LCG C 3 -1.69 -10.18 1.19
C1' LCG C 3 -1.53 -8.24 0.14
C2 LCG C 3 -0.60 -4.71 -2.28
N1 LCG C 3 -0.79 -3.50 -1.66
O4' LCG C 3 -2.39 -8.99 0.95
OP2 LCG C 3 -2.46 -8.57 3.93
N2 LCG C 3 -0.22 -4.69 -3.56
N3 LCG C 3 -0.77 -5.90 -1.68
O2' LCG C 3 -0.27 -10.04 -0.64
O3' LCG C 3 0.65 -10.68 1.89
H5' LCG C 3 -3.60 -10.90 1.84
H5'' LCG C 3 -2.33 -12.06 1.67
H3' LCG C 3 -0.40 -8.96 2.48
H6'1 LCG C 3 -2.15 -10.92 -0.81
H6'2 LCG C 3 -0.90 -11.88 0.05
H8 LCG C 3 -2.26 -6.72 2.50
H2' LCG C 3 0.67 -8.34 0.19
H1' LCG C 3 -1.90 -8.43 -0.86
H1 LCG C 3 -0.71 -2.64 -2.19
H21 LCG C 3 -0.10 -3.80 -4.03
H22 LCG C 3 -0.07 -5.56 -4.04
P LCG C 4 2.17 -10.34 2.30
OP1 LCG C 4 2.88 -11.61 2.56
O5' LCG C 4 2.81 -9.68 0.97
C5' LCG C 4 3.07 -10.43 -0.22
C3' LCG C 4 4.75 -8.65 -0.97
C6' LCG C 4 3.85 -10.02 -2.68
N9 LCG C 4 2.94 -6.21 -1.30
C8 LCG C 4 2.71 -6.12 0.06
C4 LCG C 4 2.96 -4.91 -1.74
N7 LCG C 4 2.58 -4.91 0.49
C5 LCG C 4 2.72 -4.13 -0.64
C6 LCG C 4 2.66 -2.71 -0.78
C2' LCG C 4 4.53 -7.89 -2.28
O6 LCG C 4 2.45 -1.88 0.11
C4' LCG C 4 3.49 -9.45 -1.30
C1' LCG C 4 3.09 -7.43 -2.13
C2 LCG C 4 3.09 -3.15 -3.15
N1 LCG C 4 2.87 -2.28 -2.10
O4' LCG C 4 2.46 -8.51 -1.50
OP2 LCG C 4 2.16 -9.29 3.34
N2 LCG C 4 3.26 -2.63 -4.37
N3 LCG C 4 3.15 -4.49 -3.02
O2' LCG C 4 4.53 -8.91 -3.27
O3' LCG C 4 5.93 -9.46 -0.92
H5' LCG C 4 2.17 -10.96 -0.53
H5'' LCG C 4 3.89 -11.11 -0.07
H3' LCG C 4 4.63 -8.03 -0.09
H6'1 LCG C 4 2.96 -10.28 -3.25
H6'2 LCG C 4 4.52 -10.87 -2.59
H8 LCG C 4 2.66 -6.98 0.70
H2' LCG C 4 5.21 -7.06 -2.46
H1' LCG C 4 2.65 -7.30 -3.11
H1 LCG C 4 2.85 -1.28 -2.25
H21 LCG C 4 3.23 -1.64 -4.49
H22 LCG C 4 3.42 -3.25 -5.15
P LCG C 5 7.38 -8.89 -0.48
OP1 LCG C 5 8.33 -10.01 -0.48
O5' LCG C 5 7.79 -7.88 -1.66
C5' LCG C 5 8.15 -8.28 -2.96
C3' LCG C 5 9.40 -5.98 -3.32
C6' LCG C 5 8.76 -7.16 -5.22
N9 LCG C 5 6.98 -4.18 -2.98
C8 LCG C 5 6.80 -4.73 -1.76
C4 LCG C 5 6.63 -2.85 -2.83
N7 LCG C 5 6.37 -3.92 -0.84
C5 LCG C 5 6.28 -2.71 -1.50
C6 LCG C 5 5.94 -1.44 -0.97
C2' LCG C 5 8.89 -5.04 -4.43
O6 LCG C 5 5.64 -1.18 0.19
C4' LCG C 5 8.33 -6.99 -3.78
C1' LCG C 5 7.38 -4.94 -4.20
C2 LCG C 5 6.33 -0.65 -3.27
N1 LCG C 5 6.01 -0.43 -1.94
O4' LCG C 5 7.08 -6.30 -3.93
OP2 LCG C 5 7.20 -8.08 0.75
N2 LCG C 5 6.38 0.41 -4.06
N3 LCG C 5 6.66 -1.87 -3.77
O2' LCG C 5 9.07 -5.82 -5.61
O3' LCG C 5 10.81 -6.18 -3.60
H5' LCG C 5 7.40 -8.93 -3.42
H5'' LCG C 5 9.08 -8.86 -2.92
H3' LCG C 5 9.23 -5.57 -2.33
H6'1 LCG C 5 7.98 -7.61 -5.82
H6'2 LCG C 5 9.65 -7.77 -5.15
H8 LCG C 5 7.06 -5.77 -1.61
H2' LCG C 5 9.40 -4.08 -4.47
H1' LCG C 5 6.86 -4.57 -5.08
H1 LCG C 5 5.88 0.52 -1.59
H21 LCG C 5 6.20 1.33 -3.70
H22 LCG C 5 6.67 0.28 -5.03
P LCG D 2 -6.28 -9.23 -10.50
OP1 LCG D 2 -7.72 -9.07 -10.78
O5' LCG D 2 -5.65 -7.74 -10.36
C5' LCG D 2 -4.27 -7.50 -10.31
C3' LCG D 2 -2.62 -5.53 -9.81
C6' LCG D 2 -4.49 -5.10 -11.20
N9 LCG D 2 -3.86 -4.07 -7.18
C8 LCG D 2 -3.79 -5.00 -6.16
C4 LCG D 2 -3.77 -2.86 -6.56
N7 LCG D 2 -3.72 -4.48 -4.97
C5 LCG D 2 -3.73 -3.10 -5.20
C6 LCG D 2 -3.74 -2.00 -4.29
C2' LCG D 2 -3.16 -4.12 -9.65
O6 LCG D 2 -3.74 -2.04 -3.06
C4' LCG D 2 -4.05 -6.01 -10.04
C1' LCG D 2 -4.26 -4.27 -8.60
C2 LCG D 2 -3.75 -0.62 -6.31
N1 LCG D 2 -3.78 -0.76 -4.93
O4' LCG D 2 -4.70 -5.60 -8.84
OP2 LCG D 2 -5.43 -9.98 -11.45
N2 LCG D 2 -3.71 0.63 -6.78
N3 LCG D 2 -3.77 -1.64 -7.17
O2' LCG D 2 -3.85 -3.86 -10.87
O3' LCG D 2 -1.77 -5.70 -10.94
H5' LCG D 2 -3.82 -7.74 -11.27
H5'' LCG D 2 -3.80 -8.09 -9.52
H3' LCG D 2 -2.19 -5.94 -8.89
H6'1 LCG D 2 -4.11 -5.48 -12.15
H6'2 LCG D 2 -5.57 -5.03 -11.22
H8 LCG D 2 -3.85 -6.07 -6.34
H2' LCG D 2 -2.42 -3.37 -9.40
H1' LCG D 2 -5.06 -3.57 -8.82
H1 LCG D 2 -3.96 0.05 -4.36
H21 LCG D 2 -3.70 1.42 -6.16
H22 LCG D 2 -3.67 0.77 -7.78
P LCG D 3 -0.16 -5.64 -10.84
OP1 LCG D 3 0.38 -5.79 -12.21
O5' LCG D 3 0.17 -4.14 -10.34
C5' LCG D 3 -0.06 -3.00 -11.15
C3' LCG D 3 1.58 -1.67 -9.63
C6' LCG D 3 0.24 -0.45 -11.18
N9 LCG D 3 -0.30 -0.95 -7.11
C8 LCG D 3 -0.36 -2.18 -6.51
C4 LCG D 3 -0.33 -0.04 -6.08
N7 LCG D 3 -0.43 -2.13 -5.20
C5 LCG D 3 -0.41 -0.77 -4.92
C6 LCG D 3 -0.53 -0.09 -3.67
C2' LCG D 3 1.11 -0.32 -9.11
O6 LCG D 3 -0.61 -0.58 -2.55
C4' LCG D 3 0.23 -1.75 -10.35
C1' LCG D 3 -0.27 -0.64 -8.55
C2 LCG D 3 -0.40 1.95 -5.02
N1 LCG D 3 -0.56 1.29 -3.81
O4' LCG D 3 -0.71 -1.71 -9.31
OP2 LCG D 3 0.27 -6.58 -9.79
N2 LCG D 3 -0.36 3.28 -5.00
N3 LCG D 3 -0.28 1.32 -6.20
O2' LCG D 3 0.87 0.45 -10.29
O3' LCG D 3 2.73 -1.60 -10.47
H5' LCG D 3 -1.09 -2.97 -11.51
H5'' LCG D 3 0.62 -2.89 -11.96
H3' LCG D 3 1.67 -2.42 -8.84
H6'1 LCG D 3 -0.78 -0.14 -11.41
H6'2 LCG D 3 0.83 -0.57 -12.08
H8 LCG D 3 -0.38 -3.10 -7.06
H2' LCG D 3 1.78 0.15 -8.39
H1' LCG D 3 -0.93 0.15 -8.87
H1 LCG D 3 -0.78 1.83 -2.98
H21 LCG D 3 -0.46 3.77 -4.11
H22 LCG D 3 -0.22 3.78 -5.85
P LCG D 4 4.23 -1.45 -9.86
OP1 LCG D 4 5.16 -1.41 -11.01
O5' LCG D 4 4.26 -0.02 -9.14
C5' LCG D 4 4.25 1.22 -9.85
C3' LCG D 4 5.33 2.46 -7.88
C6' LCG D 4 4.12 3.80 -9.40
N9 LCG D 4 3.17 2.13 -5.71
C8 LCG D 4 3.31 0.77 -5.62
C4 LCG D 4 2.95 2.57 -4.43
N7 LCG D 4 3.16 0.31 -4.41
C5 LCG D 4 2.94 1.44 -3.65
C6 LCG D 4 2.70 1.56 -2.24
C2' LCG D 4 4.57 3.59 -7.19
O6 LCG D 4 2.67 0.66 -1.41
C4' LCG D 4 4.16 2.36 -8.85
C1' LCG D 4 3.21 2.97 -6.92
C2 LCG D 4 2.51 3.96 -2.71
N1 LCG D 4 2.47 2.88 -1.84
O4' LCG D 4 3.00 2.19 -8.07
OP2 LCG D 4 4.39 -2.49 -8.82
N2 LCG D 4 2.26 5.16 -2.21
N3 LCG D 4 2.76 3.86 -4.03
O2' LCG D 4 4.39 4.57 -8.22
O3' LCG D 4 6.55 2.86 -8.50
H5' LCG D 4 3.42 1.26 -10.55
H5'' LCG D 4 5.19 1.35 -10.37
H3' LCG D 4 5.44 1.57 -7.25
H6'1 LCG D 4 3.13 4.03 -9.80
H6'2 LCG D 4 4.90 3.96 -10.14
H8 LCG D 4 3.50 0.15 -6.48
H2' LCG D 4 5.03 3.96 -6.27
H1' LCG D 4 2.47 3.75 -6.89
H1 LCG D 4 2.21 3.02 -0.87
H21 LCG D 4 2.07 5.28 -1.23
H22 LCG D 4 2.28 5.97 -2.83
P LCG D 5 7.92 3.13 -7.70
OP1 LCG D 5 8.96 3.55 -8.67
O5' LCG D 5 7.63 4.38 -6.73
C5' LCG D 5 7.46 5.71 -7.16
C3' LCG D 5 8.06 6.80 -4.83
C6' LCG D 5 6.62 7.96 -6.26
N9 LCG D 5 6.09 5.33 -3.13
C8 LCG D 5 6.50 4.13 -3.62
C4 LCG D 5 5.74 5.09 -1.82
N7 LCG D 5 6.42 3.14 -2.78
C5 LCG D 5 5.93 3.73 -1.62
C6 LCG D 5 5.61 3.14 -0.36
C2' LCG D 5 7.01 7.58 -4.06
O6 LCG D 5 5.71 1.95 -0.05
C4' LCG D 5 7.01 6.53 -5.92
C1' LCG D 5 5.86 6.55 -3.97
C2 LCG D 5 4.99 5.41 0.29
N1 LCG D 5 5.14 4.06 0.57
O4' LCG D 5 5.82 6.07 -5.30
OP2 LCG D 5 8.19 1.96 -6.83
N2 LCG D 5 4.58 6.21 1.29
N3 LCG D 5 5.27 5.98 -0.90
O2' LCG D 5 6.61 8.59 -4.98
O3' LCG D 5 9.18 7.54 -5.36
H5' LCG D 5 6.73 5.79 -7.96
H5'' LCG D 5 8.40 6.09 -7.56
H3' LCG D 5 8.38 5.92 -4.28
H6'1 LCG D 5 7.40 8.35 -6.89
H6'2 LCG D 5 5.64 7.97 -6.74
H8 LCG D 5 6.83 4.04 -4.65
H2' LCG D 5 7.32 7.98 -3.09
H1' LCG D 5 4.91 7.03 -3.69
H1 LCG D 5 4.89 3.68 1.48
H21 LCG D 5 4.37 5.80 2.18
H22 LCG D 5 4.51 7.20 1.13
P LCG A 2 -6.19 7.65 -11.14
OP1 LCG A 2 -6.48 8.88 -11.89
O5' LCG A 2 -6.10 8.01 -9.57
C5' LCG A 2 -4.87 8.14 -8.89
C3' LCG A 2 -3.88 8.02 -6.49
C6' LCG A 2 -5.89 9.22 -6.79
N9 LCG A 2 -5.06 5.39 -5.28
C8 LCG A 2 -4.59 4.41 -6.11
C4 LCG A 2 -5.02 4.84 -4.01
N7 LCG A 2 -4.28 3.31 -5.50
C5 LCG A 2 -4.58 3.56 -4.16
C6 LCG A 2 -4.51 2.69 -3.03
C2' LCG A 2 -4.81 7.92 -5.29
O6 LCG A 2 -4.16 1.51 -2.99
C4' LCG A 2 -5.11 8.04 -7.38
C1' LCG A 2 -5.66 6.70 -5.64
C2 LCG A 2 -5.34 4.63 -1.78
N1 LCG A 2 -4.94 3.32 -1.85
O4' LCG A 2 -5.79 6.83 -7.04
OP2 LCG A 2 -5.03 6.81 -11.52
N2 LCG A 2 -5.65 5.12 -0.58
N3 LCG A 2 -5.41 5.45 -2.86
O2' LCG A 2 -5.68 9.05 -5.40
O3' LCG A 2 -3.09 9.20 -6.54
H5' LCG A 2 -4.43 9.11 -9.11
H5'' LCG A 2 -4.19 7.33 -9.19
H3' LCG A 2 -3.29 7.12 -6.64
H6'1 LCG A 2 -5.46 10.17 -7.12
H6'2 LCG A 2 -6.94 9.16 -7.08
H8 LCG A 2 -4.50 4.54 -7.18
H2' LCG A 2 -4.31 7.82 -4.32
H1' LCG A 2 -6.64 6.79 -5.15
H1 LCG A 2 -5.08 2.72 -1.05
H21 LCG A 2 -5.59 4.52 0.24
H22 LCG A 2 -5.92 6.08 -0.50
P LCG A 3 -1.72 9.36 -5.69
OP1 LCG A 3 -0.69 9.87 -6.62
O5' LCG A 3 -2.01 10.56 -4.61
C5' LCG A 3 -2.99 10.47 -3.58
C3' LCG A 3 -1.13 9.43 -1.97
C6' LCG A 3 -3.01 10.53 -1.06
N9 LCG A 3 -2.33 6.49 -1.30
C8 LCG A 3 -1.97 5.90 -2.48
C4 LCG A 3 -2.23 5.51 -0.35
N7 LCG A 3 -1.68 4.64 -2.38
C5 LCG A 3 -1.85 4.36 -1.03
C6 LCG A 3 -1.72 3.14 -0.30
C2' LCG A 3 -1.65 8.82 -0.67
O6 LCG A 3 -1.39 2.04 -0.75
C4' LCG A 3 -2.59 9.73 -2.31
C1' LCG A 3 -2.76 7.88 -1.10
C2 LCG A 3 -2.34 4.46 1.65
N1 LCG A 3 -2.02 3.26 1.04
O4' LCG A 3 -3.20 8.46 -2.30
OP2 LCG A 3 -1.47 8.10 -4.95
N2 LCG A 3 -2.51 4.47 2.96
N3 LCG A 3 -2.47 5.63 0.98
O2' LCG A 3 -2.31 9.89 -0.01
O3' LCG A 3 -0.31 10.57 -1.80
H5' LCG A 3 -3.92 10.07 -3.98
H5'' LCG A 3 -3.23 11.46 -3.22
H3' LCG A 3 -0.69 8.69 -2.63
H6'1 LCG A 3 -2.65 11.54 -1.16
H6'2 LCG A 3 -4.09 10.51 -0.92
H8 LCG A 3 -1.97 6.47 -3.39
H2' LCG A 3 -0.88 8.33 -0.06
H1' LCG A 3 -3.60 8.00 -0.43
H1 LCG A 3 -2.04 2.40 1.58
H21 LCG A 3 -2.44 3.61 3.48
H22 LCG A 3 -2.66 5.34 3.45
P LCG A 4 1.24 10.46 -1.35
OP1 LCG A 4 1.81 11.83 -1.33
O5' LCG A 4 1.20 9.92 0.17
C5' LCG A 4 0.73 10.69 1.26
C3' LCG A 4 2.03 9.21 2.91
C6' LCG A 4 0.17 10.37 3.80
N9 LCG A 4 0.75 6.51 2.38
C8 LCG A 4 1.20 6.45 1.08
C4 LCG A 4 0.84 5.22 2.85
N7 LCG A 4 1.52 5.26 0.69
C5 LCG A 4 1.30 4.46 1.79
C6 LCG A 4 1.46 3.05 1.96
C2' LCG A 4 1.28 8.40 3.96
O6 LCG A 4 1.85 2.25 1.11
C4' LCG A 4 0.68 9.78 2.49
C1' LCG A 4 0.23 7.68 3.11
C2 LCG A 4 0.68 3.45 4.24
N1 LCG A 4 1.13 2.61 3.24
O4' LCG A 4 -0.15 8.68 2.19
OP2 LCG A 4 1.89 9.42 -2.18
N2 LCG A 4 0.40 2.91 5.42
N3 LCG A 4 0.53 4.79 4.10
O2' LCG A 4 0.60 9.38 4.75
O3' LCG A 4 2.92 10.19 3.42
H5' LCG A 4 -0.27 11.09 1.05
H5'' LCG A 4 1.40 11.48 1.50
H3' LCG A 4 2.49 8.60 2.13
H6'1 LCG A 4 0.67 11.32 4.02
H6'2 LCG A 4 -0.91 10.48 3.81
H8 LCG A 4 1.28 7.31 0.43
H2' LCG A 4 1.88 7.69 4.53
H1' LCG A 4 -0.62 7.44 3.72
H1 LCG A 4 1.22 1.62 3.40
H21 LCG A 4 0.53 1.93 5.57
H22 LCG A 4 0.08 3.50 6.18
P LCG A 5 4.48 9.91 3.76
OP1 LCG A 5 5.10 11.19 4.16
O5' LCG A 5 4.44 8.95 5.05
C5' LCG A 5 4.03 9.36 6.35
C3' LCG A 5 5.29 7.29 7.44
C6' LCG A 5 3.56 8.28 8.65
N9 LCG A 5 3.73 5.12 5.99
C8 LCG A 5 4.03 5.70 4.79
C4 LCG A 5 3.81 3.77 5.76
N7 LCG A 5 4.27 4.87 3.82
C5 LCG A 5 4.16 3.63 4.44
C6 LCG A 5 4.41 2.35 3.87
C2' LCG A 5 4.45 6.25 8.18
O6 LCG A 5 4.76 2.11 2.72
C4' LCG A 5 3.99 8.09 7.22
C1' LCG A 5 3.32 5.89 7.20
C2 LCG A 5 3.81 1.54 6.11
N1 LCG A 5 4.21 1.32 4.80
O4' LCG A 5 2.98 7.18 6.75
OP2 LCG A 5 5.06 9.12 2.65
N2 LCG A 5 3.68 0.45 6.88
N3 LCG A 5 3.61 2.76 6.65
O2' LCG A 5 3.86 7.00 9.23
O3' LCG A 5 6.31 7.73 8.36
H5' LCG A 5 3.05 9.84 6.32
H5'' LCG A 5 4.74 10.08 6.74
H3' LCG A 5 5.71 6.88 6.53
H6'1 LCG A 5 4.21 9.05 9.05
H6'2 LCG A 5 2.52 8.52 8.70
H8 LCG A 5 4.08 6.76 4.73
H2' LCG A 5 5.02 5.38 8.53
H1' LCG A 5 2.50 5.40 7.71
H1 LCG A 5 4.42 0.38 4.48
H21 LCG A 5 3.86 -0.46 6.50
H22 LCG A 5 3.42 0.57 7.85
P LCG B 2 -11.17 8.10 5.70
OP1 LCG B 2 -12.59 7.80 5.37
O5' LCG B 2 -10.44 6.68 5.93
C5' LCG B 2 -9.13 6.57 6.47
C3' LCG B 2 -7.30 4.72 6.78
C6' LCG B 2 -9.53 4.19 7.35
N9 LCG B 2 -7.22 3.20 4.00
C8 LCG B 2 -6.80 4.16 3.11
C4 LCG B 2 -6.66 2.03 3.54
N7 LCG B 2 -6.10 3.70 2.11
C5 LCG B 2 -6.02 2.33 2.37
C6 LCG B 2 -5.43 1.27 1.60
C2' LCG B 2 -7.65 3.26 6.50
O6 LCG B 2 -4.86 1.36 0.51
C4' LCG B 2 -8.73 5.10 6.40
C1' LCG B 2 -8.22 3.32 5.07
C2 LCG B 2 -6.20 -0.17 3.42
N1 LCG B 2 -5.61 0.02 2.18
O4' LCG B 2 -8.84 4.60 5.08
OP2 LCG B 2 -10.89 8.95 6.87
N2 LCG B 2 -6.20 -1.41 3.90
N3 LCG B 2 -6.78 0.81 4.13
O2' LCG B 2 -8.76 2.99 7.35
O3' LCG B 2 -6.91 5.00 8.12
H5' LCG B 2 -9.14 6.89 7.52
H5'' LCG B 2 -8.43 7.17 5.90
H3' LCG B 2 -6.58 5.12 6.05
H6'1 LCG B 2 -9.55 4.62 8.36
H6'2 LCG B 2 -10.53 4.04 6.97
H8 LCG B 2 -7.07 5.20 3.20
H2' LCG B 2 -6.83 2.57 6.60
H1' LCG B 2 -8.96 2.54 4.95
H1 LCG B 2 -5.40 -0.79 1.61
H21 LCG B 2 -5.80 -2.17 3.37
H22 LCG B 2 -6.61 -1.58 4.80
P LCG B 3 -5.41 4.69 8.66
OP1 LCG B 3 -4.94 5.94 9.32
O5' LCG B 3 -5.57 3.58 9.84
C5' LCG B 3 -6.06 2.26 9.62
C3' LCG B 3 -3.56 1.43 9.16
C6' LCG B 3 -5.25 -0.14 9.70
N9 LCG B 3 -3.68 0.59 5.96
C8 LCG B 3 -3.62 1.81 5.34
C4 LCG B 3 -3.08 -0.29 5.09
N7 LCG B 3 -3.06 1.79 4.17
C5 LCG B 3 -2.72 0.45 3.98
C6 LCG B 3 -2.13 -0.19 2.86
C2' LCG B 3 -3.42 0.09 8.44
O6 LCG B 3 -1.76 0.33 1.80
C4' LCG B 3 -5.08 1.25 9.05
C1' LCG B 3 -4.35 0.23 7.23
C2 LCG B 3 -2.37 -2.24 4.19
N1 LCG B 3 -2.04 -1.57 3.02
O4' LCG B 3 -5.27 1.18 7.66
OP2 LCG B 3 -4.62 4.12 7.55
N2 LCG B 3 -2.15 -3.55 4.24
N3 LCG B 3 -2.92 -1.63 5.27
O2' LCG B 3 -4.09 -0.84 9.28
O3' LCG B 3 -3.04 1.42 10.48
H5' LCG B 3 -6.96 2.29 9.00
H5'' LCG B 3 -6.36 1.81 10.55
H3' LCG B 3 -3.20 2.27 8.57
H6'1 LCG B 3 -6.16 -0.64 9.34
H6'2 LCG B 3 -5.26 -0.08 10.79
H8 LCG B 3 -4.04 2.71 5.76
H2' LCG B 3 -2.40 -0.18 8.18
H1' LCG B 3 -4.93 -0.68 7.15
H1 LCG B 3 -1.79 -2.11 2.20
H21 LCG B 3 -1.76 -4.02 3.44
H22 LCG B 3 -2.35 -4.04 5.09
P LCG B 4 -1.46 1.52 10.79
OP1 LCG B 4 -1.28 1.52 12.26
O5' LCG B 4 -0.83 0.15 10.21
C5' LCG B 4 -1.02 -1.11 10.82
C3' LCG B 4 1.09 -2.08 9.72
C6' LCG B 4 -0.53 -3.65 10.41
N9 LCG B 4 0.34 -1.90 6.75
C8 LCG B 4 0.32 -0.53 6.71
C4 LCG B 4 0.85 -2.29 5.54
N7 LCG B 4 0.73 -0.03 5.59
C5 LCG B 4 1.08 -1.14 4.83
C6 LCG B 4 1.57 -1.22 3.49
C2' LCG B 4 0.98 -3.25 8.77
O6 LCG B 4 1.83 -0.29 2.73
C4' LCG B 4 -0.41 -2.19 9.95
C1' LCG B 4 -0.13 -2.80 7.82
C2 LCG B 4 1.52 -3.64 3.87
N1 LCG B 4 1.75 -2.54 3.06
O4' LCG B 4 -1.02 -2.12 8.66
OP2 LCG B 4 -0.90 2.65 9.99
N2 LCG B 4 1.73 -4.85 3.34
N3 LCG B 4 1.07 -3.57 5.12
O2' LCG B 4 0.43 -4.30 9.55
O3' LCG B 4 1.85 -2.35 10.90
H5' LCG B 4 -2.09 -1.30 10.99
H5'' LCG B 4 -0.48 -1.15 11.76
H3' LCG B 4 1.39 -1.14 9.24
H6'1 LCG B 4 -0.23 -3.75 11.45
H6'2 LCG B 4 -1.53 -4.04 10.24
H8 LCG B 4 -0.03 0.07 7.55
H2' LCG B 4 1.89 -3.49 8.22
H1' LCG B 4 -0.62 -3.67 7.42
H1 LCG B 4 1.99 -2.67 2.09
H21 LCG B 4 2.06 -4.94 2.39
H22 LCG B 4 1.55 -5.67 3.91
P LCG B 5 3.47 -2.37 10.95
OP1 LCG B 5 3.88 -2.69 12.33
O5' LCG B 5 3.90 -3.59 9.99
C5' LCG B 5 3.76 -4.97 10.30
C3' LCG B 5 5.70 -5.69 8.63
C6' LCG B 5 4.06 -7.24 9.19
N9 LCG B 5 4.54 -4.51 6.12
C8 LCG B 5 4.48 -3.29 6.73
C4 LCG B 5 4.87 -4.24 4.81
N7 LCG B 5 4.69 -2.27 5.94
C5 LCG B 5 4.93 -2.87 4.71
C6 LCG B 5 5.19 -2.26 3.44
C2' LCG B 5 5.31 -6.57 7.43
O6 LCG B 5 5.26 -1.06 3.18
C4' LCG B 5 4.22 -5.74 9.05
C1' LCG B 5 4.16 -5.80 6.77
C2 LCG B 5 5.33 -4.56 2.63
N1 LCG B 5 5.38 -3.19 2.42
O4' LCG B 5 3.40 -5.46 7.92
OP2 LCG B 5 3.96 -1.13 10.31
N2 LCG B 5 5.57 -5.35 1.57
N3 LCG B 5 5.07 -5.14 3.81
O2' LCG B 5 4.75 -7.73 8.04
O3' LCG B 5 6.70 -6.37 9.41
H5' LCG B 5 2.72 -5.21 10.56
H5'' LCG B 5 4.35 -5.24 11.17
H3' LCG B 5 6.03 -4.71 8.31
H6'1 LCG B 5 3.01 -7.54 9.20
H6'2 LCG B 5 4.58 -7.48 10.10
H8 LCG B 5 4.28 -3.24 7.79
H2' LCG B 5 6.11 -6.82 6.73
H1' LCG B 5 3.60 -6.43 6.08
H1 LCG B 5 5.54 -2.80 1.49
H21 LCG B 5 5.75 -4.94 0.67
H22 LCG B 5 5.57 -6.35 1.69
P LCG C 2 -10.00 -9.10 6.50
OP1 LCG C 2 -11.36 -9.25 5.96
O5' LCG C 2 -8.98 -9.14 5.24
C5' LCG C 2 -7.57 -9.17 5.39
C3' LCG C 2 -5.44 -8.90 3.90
C6' LCG C 2 -7.23 -10.20 3.05
N9 LCG C 2 -5.98 -6.31 2.17
C8 LCG C 2 -6.05 -5.31 3.11
C4 LCG C 2 -5.42 -5.72 1.06
N7 LCG C 2 -5.64 -4.15 2.69
C5 LCG C 2 -5.26 -4.38 1.37
C6 LCG C 2 -4.79 -3.48 0.36
C2' LCG C 2 -5.59 -8.80 2.39
O6 LCG C 2 -4.63 -2.27 0.45
C4' LCG C 2 -6.96 -9.03 4.00
C1' LCG C 2 -6.58 -7.65 2.22
C2 LCG C 2 -4.68 -5.47 -1.05
N1 LCG C 2 -4.56 -4.11 -0.86
O4' LCG C 2 -7.40 -7.83 3.37
OP2 LCG C 2 -9.51 -10.09 7.49
N2 LCG C 2 -4.33 -5.95 -2.24
N3 LCG C 2 -5.14 -6.32 -0.12
O2' LCG C 2 -6.28 -9.99 2.02
O3' LCG C 2 -4.68 -10.02 4.34
H5' LCG C 2 -7.26 -10.10 5.85
H5'' LCG C 2 -7.25 -8.34 6.02
H3' LCG C 2 -5.09 -7.97 4.35
H6'1 LCG C 2 -8.25 -10.17 2.66
H6'2 LCG C 2 -7.03 -11.16 3.54
H8 LCG C 2 -6.44 -5.47 4.10
H2' LCG C 2 -4.66 -8.64 1.85
H1' LCG C 2 -7.16 -7.82 1.31
H1 LCG C 2 -4.43 -3.52 -1.66
H21 LCG C 2 -4.00 -5.32 -2.98
H22 LCG C 2 -4.40 -6.94 -2.42
P LCG C 3 -3.06 -10.01 4.35
OP1 LCG C 3 -2.63 -10.46 5.69
O5' LCG C 3 -2.59 -11.16 3.29
C5' LCG C 3 -2.87 -11.13 1.90
C3' LCG C 3 -0.59 -9.80 1.49
C6' LCG C 3 -1.64 -10.92 -0.31
N9 LCG C 3 -1.66 -6.85 0.41
C8 LCG C 3 -2.01 -6.24 1.59
C4 LCG C 3 -1.28 -5.83 -0.42
N7 LCG C 3 -1.86 -4.96 1.59
C5 LCG C 3 -1.41 -4.67 0.31
C6 LCG C 3 -1.13 -3.41 -0.32
C2' LCG C 3 -0.45 -9.07 0.16
O6 LCG C 3 -1.20 -2.30 0.19
C4' LCG C 3 -1.97 -10.24 1.04
C1' LCG C 3 -1.76 -8.28 0.03
C2 LCG C 3 -0.66 -4.76 -2.31
N1 LCG C 3 -0.80 -3.54 -1.66
O4' LCG C 3 -2.63 -9.01 0.84
OP2 LCG C 3 -2.60 -8.70 3.85
N2 LCG C 3 -0.29 -4.73 -3.59
N3 LCG C 3 -0.89 -5.94 -1.72
O2' LCG C 3 -0.58 -10.11 -0.81
O3' LCG C 3 0.37 -10.84 1.68
H5' LCG C 3 -3.90 -10.88 1.73
H5'' LCG C 3 -2.72 -12.10 1.47
H3' LCG C 3 -0.62 -9.11 2.33
H6'1 LCG C 3 -2.50 -10.91 -0.97
H6'2 LCG C 3 -1.27 -11.93 -0.16
H8 LCG C 3 -2.38 -6.79 2.44
H2' LCG C 3 0.44 -8.47 0.05
H1' LCG C 3 -2.14 -8.43 -0.97
H1 LCG C 3 -0.73 -2.68 -2.18
H21 LCG C 3 -0.13 -3.85 -4.05
H22 LCG C 3 -0.17 -5.61 -4.08
P LCG C 4 1.91 -10.55 2.09
OP1 LCG C 4 2.59 -11.86 2.25
O5' LCG C 4 2.54 -9.82 0.80
C5' LCG C 4 2.81 -10.50 -0.41
C3' LCG C 4 4.49 -8.69 -1.15
C6' LCG C 4 3.55 -10.01 -2.88
N9 LCG C 4 2.70 -6.24 -1.36
C8 LCG C 4 2.48 -6.18 -0.02
C4 LCG C 4 2.79 -4.93 -1.77
N7 LCG C 4 2.40 -4.97 0.45
C5 LCG C 4 2.60 -4.16 -0.64
C6 LCG C 4 2.61 -2.73 -0.75
C2' LCG C 4 4.24 -7.91 -2.43
O6 LCG C 4 2.46 -1.93 0.16
C4' LCG C 4 3.22 -9.48 -1.47
C1' LCG C 4 2.81 -7.43 -2.24
C2 LCG C 4 3.04 -3.14 -3.13
N1 LCG C 4 2.84 -2.29 -2.04
O4' LCG C 4 2.18 -8.53 -1.63
OP2 LCG C 4 1.91 -9.58 3.20
N2 LCG C 4 3.24 -2.58 -4.32
N3 LCG C 4 3.03 -4.47 -3.04
O2' LCG C 4 4.22 -8.89 -3.46
O3' LCG C 4 5.67 -9.49 -1.15
H5' LCG C 4 1.92 -11.04 -0.75
H5'' LCG C 4 3.64 -11.17 -0.30
H3' LCG C 4 4.39 -8.10 -0.25
H6'1 LCG C 4 2.65 -10.27 -3.42
H6'2 LCG C 4 4.22 -10.87 -2.81
H8 LCG C 4 2.38 -7.07 0.60
H2' LCG C 4 4.92 -7.08 -2.62
H1' LCG C 4 2.34 -7.27 -3.20
H1 LCG C 4 2.83 -1.28 -2.19
H21 LCG C 4 3.25 -1.58 -4.42
H22 LCG C 4 3.38 -3.18 -5.11
P LCG C 5 7.13 -8.91 -0.73
OP1 LCG C 5 8.09 -10.04 -0.75
O5' LCG C 5 7.52 -7.89 -1.90
C5' LCG C 5 7.85 -8.28 -3.22
C3' LCG C 5 9.13 -5.99 -3.64
C6' LCG C 5 8.39 -7.16 -5.49
N9 LCG C 5 6.77 -4.16 -3.15
C8 LCG C 5 6.58 -4.74 -1.94
C4 LCG C 5 6.51 -2.82 -2.96
N7 LCG C 5 6.20 -3.93 -0.99
C5 LCG C 5 6.18 -2.70 -1.62
C6 LCG C 5 5.92 -1.42 -1.05
C2' LCG C 5 8.59 -5.05 -4.71
O6 LCG C 5 5.66 -1.17 0.12
C4' LCG C 5 8.02 -6.98 -4.04
C1' LCG C 5 7.09 -4.91 -4.39
C2 LCG C 5 6.30 -0.60 -3.33
N1 LCG C 5 6.00 -0.39 -2.00
O4' LCG C 5 6.77 -6.28 -4.14
OP2 LCG C 5 6.97 -8.11 0.51
N2 LCG C 5 6.38 0.48 -4.12
N3 LCG C 5 6.57 -1.81 -3.86
O2' LCG C 5 8.70 -5.82 -5.90
O3' LCG C 5 10.52 -6.21 -3.95
H5' LCG C 5 7.09 -8.92 -3.67
H5'' LCG C 5 8.77 -8.85 -3.21
H3' LCG C 5 8.99 -5.57 -2.64
H6'1 LCG C 5 7.57 -7.60 -6.07
H6'2 LCG C 5 9.26 -7.79 -5.45
H8 LCG C 5 6.79 -5.78 -1.83
H2' LCG C 5 9.10 -4.09 -4.78
H1' LCG C 5 6.54 -4.52 -5.24
H1 LCG C 5 5.87 0.55 -1.65
H21 LCG C 5 6.21 1.40 -3.72
H22 LCG C 5 6.62 0.37 -5.09
P LCG D 2 -5.42 -9.68 -10.11
OP1 LCG D 2 -5.53 -10.28 -11.46
O5' LCG D 2 -4.96 -8.14 -10.29
C5' LCG D 2 -3.65 -7.70 -10.00
C3' LCG D 2 -2.35 -5.52 -9.44
C6' LCG D 2 -3.95 -5.43 -11.17
N9 LCG D 2 -3.99 -4.17 -7.16
C8 LCG D 2 -3.94 -5.08 -6.14
C4 LCG D 2 -3.91 -2.94 -6.55
N7 LCG D 2 -3.88 -4.56 -4.96
C5 LCG D 2 -3.88 -3.18 -5.19
C6 LCG D 2 -3.88 -2.08 -4.27
C2' LCG D 2 -3.07 -4.17 -9.52
O6 LCG D 2 -3.88 -2.13 -3.05
C4' LCG D 2 -3.66 -6.18 -9.87
C1' LCG D 2 -4.27 -4.39 -8.60
C2 LCG D 2 -3.90 -0.70 -6.29
N1 LCG D 2 -3.92 -0.85 -4.92
O4' LCG D 2 -4.58 -5.75 -8.87
OP2 LCG D 2 -4.57 -10.33 -9.08
N2 LCG D 2 -3.86 0.55 -6.76
N3 LCG D 2 -3.91 -1.72 -7.15
O2' LCG D 2 -3.58 -4.10 -10.84
O3' LCG D 2 -1.26 -5.67 -10.34
H5' LCG D 2 -2.99 -7.98 -10.82
H5'' LCG D 2 -3.30 -8.13 -9.06
H3' LCG D 2 -2.08 -5.80 -8.41
H6'1 LCG D 2 -3.33 -5.81 -11.98
H6'2 LCG D 2 -5.00 -5.52 -11.42
H8 LCG D 2 -3.99 -6.15 -6.31
H2' LCG D 2 -2.47 -3.32 -9.22
H1' LCG D 2 -5.08 -3.73 -8.93
H1 LCG D 2 -4.11 -0.04 -4.35
H21 LCG D 2 -3.86 1.34 -6.13
H22 LCG D 2 -3.83 0.69 -7.76
P LCG D 3 0.21 -5.08 -10.01
OP1 LCG D 3 1.18 -6.17 -10.27
O5' LCG D 3 0.48 -3.94 -11.13
C5' LCG D 3 -0.27 -2.73 -11.25
C3' LCG D 3 1.44 -1.55 -9.59
C6' LCG D 3 0.02 -0.23 -10.97
N9 LCG D 3 -0.43 -0.94 -6.93
C8 LCG D 3 -0.51 -2.17 -6.31
C4 LCG D 3 -0.45 -0.02 -5.90
N7 LCG D 3 -0.58 -2.11 -5.02
C5 LCG D 3 -0.55 -0.75 -4.73
C6 LCG D 3 -0.67 -0.08 -3.47
C2' LCG D 3 0.96 -0.26 -8.93
O6 LCG D 3 -0.76 -0.58 -2.36
C4' LCG D 3 0.08 -1.62 -10.27
C1' LCG D 3 -0.41 -0.61 -8.36
C2 LCG D 3 -0.55 1.96 -4.83
N1 LCG D 3 -0.70 1.31 -3.62
O4' LCG D 3 -0.81 -1.68 -9.18
OP2 LCG D 3 0.18 -4.44 -8.67
N2 LCG D 3 -0.53 3.29 -4.81
N3 LCG D 3 -0.42 1.33 -6.02
O2' LCG D 3 0.68 0.61 -10.02
O3' LCG D 3 2.54 -1.39 -10.48
H5' LCG D 3 -1.33 -2.95 -11.21
H5'' LCG D 3 -0.09 -2.27 -12.21
H3' LCG D 3 1.58 -2.35 -8.87
H6'1 LCG D 3 -1.02 0.08 -11.12
H6'2 LCG D 3 0.58 -0.23 -11.91
H8 LCG D 3 -0.56 -3.10 -6.86
H2' LCG D 3 1.65 0.16 -8.20
H1' LCG D 3 -1.10 0.18 -8.63
H1 LCG D 3 -0.93 1.84 -2.80
H21 LCG D 3 -0.65 3.79 -3.94
H22 LCG D 3 -0.39 3.80 -5.67
P LCG D 4 4.05 -1.24 -9.94
OP1 LCG D 4 4.95 -1.16 -11.12
O5' LCG D 4 4.07 0.20 -9.20
C5' LCG D 4 3.97 1.43 -9.91
C3' LCG D 4 5.06 2.70 -7.98
C6' LCG D 4 3.69 3.99 -9.42
N9 LCG D 4 3.04 2.22 -5.72
C8 LCG D 4 3.24 0.86 -5.65
C4 LCG D 4 2.85 2.63 -4.43
N7 LCG D 4 3.16 0.38 -4.45
C5 LCG D 4 2.90 1.50 -3.65
C6 LCG D 4 2.69 1.59 -2.24
C2' LCG D 4 4.28 3.78 -7.24
O6 LCG D 4 2.71 0.69 -1.42
C4' LCG D 4 3.85 2.55 -8.89
C1' LCG D 4 2.97 3.08 -6.92
C2 LCG D 4 2.42 3.99 -2.68
N1 LCG D 4 2.43 2.91 -1.82
O4' LCG D 4 2.73 2.30 -8.07
OP2 LCG D 4 4.29 -2.27 -8.91
N2 LCG D 4 2.16 5.19 -2.18
N3 LCG D 4 2.63 3.90 -4.00
O2' LCG D 4 3.98 4.75 -8.24
O3' LCG D 4 6.22 3.17 -8.67
H5' LCG D 4 3.10 1.42 -10.57
H5'' LCG D 4 4.87 1.61 -10.47
H3' LCG D 4 5.25 1.82 -7.37
H6'1 LCG D 4 2.68 4.17 -9.77
H6'2 LCG D 4 4.42 4.20 -10.20
H8 LCG D 4 3.45 0.26 -6.53
H2' LCG D 4 4.76 4.17 -6.34
H1' LCG D 4 2.18 3.82 -6.83
H1 LCG D 4 2.18 3.02 -0.84
H21 LCG D 4 1.99 5.30 -1.18
H22 LCG D 4 2.14 5.99 -2.79
P LCG D 5 7.64 3.44 -7.94
OP1 LCG D 5 8.59 3.90 -8.97
O5' LCG D 5 7.36 4.65 -6.92
C5' LCG D 5 7.15 5.98 -7.32
C3' LCG D 5 7.87 7.01 -4.99
C6' LCG D 5 6.36 8.21 -6.31
N9 LCG D 5 5.96 5.51 -3.24
C8 LCG D 5 6.35 4.30 -3.77
C4 LCG D 5 5.66 5.23 -1.93
N7 LCG D 5 6.31 3.30 -2.94
C5 LCG D 5 5.87 3.87 -1.75
C6 LCG D 5 5.59 3.26 -0.50
C2' LCG D 5 6.85 7.77 -4.15
O6 LCG D 5 5.68 2.07 -0.20
C4' LCG D 5 6.76 6.77 -6.03
C1' LCG D 5 5.71 6.74 -4.03
C2 LCG D 5 5.00 5.53 0.22
N1 LCG D 5 5.14 4.17 0.47
O4' LCG D 5 5.60 6.29 -5.38
OP2 LCG D 5 7.97 2.25 -7.12
N2 LCG D 5 4.63 6.30 1.24
N3 LCG D 5 5.24 6.10 -0.97
O2' LCG D 5 6.41 8.81 -5.02
O3' LCG D 5 8.96 7.76 -5.56
H5' LCG D 5 6.36 6.07 -8.06
H5'' LCG D 5 8.06 6.40 -7.76
H3' LCG D 5 8.21 6.10 -4.49
H6'1 LCG D 5 7.11 8.61 -6.97
H6'2 LCG D 5 5.36 8.23 -6.74
H8 LCG D 5 6.63 4.26 -4.81
H2' LCG D 5 7.21 8.14 -3.19
H1' LCG D 5 4.78 7.22 -3.71
H1 LCG D 5 4.93 3.77 1.38
H21 LCG D 5 4.45 5.89 2.15
H22 LCG D 5 4.57 7.31 1.11
P LCG A 2 -6.77 7.80 -11.00
OP1 LCG A 2 -7.20 9.09 -11.60
O5' LCG A 2 -6.65 8.03 -9.40
C5' LCG A 2 -5.41 8.17 -8.74
C3' LCG A 2 -4.35 8.06 -6.38
C6' LCG A 2 -6.47 9.09 -6.60
N9 LCG A 2 -5.27 5.33 -5.15
C8 LCG A 2 -4.70 4.40 -5.98
C4 LCG A 2 -5.20 4.78 -3.89
N7 LCG A 2 -4.31 3.31 -5.37
C5 LCG A 2 -4.65 3.53 -4.04
C6 LCG A 2 -4.53 2.66 -2.90
C2' LCG A 2 -5.23 7.86 -5.16
O6 LCG A 2 -4.10 1.52 -2.86
C4' LCG A 2 -5.61 7.99 -7.25
C1' LCG A 2 -5.99 6.57 -5.51
C2 LCG A 2 -5.49 4.55 -1.66
N1 LCG A 2 -5.02 3.26 -1.74
O4' LCG A 2 -6.15 6.71 -6.92
OP2 LCG A 2 -5.55 7.13 -11.49
N2 LCG A 2 -5.84 5.01 -0.46
N3 LCG A 2 -5.63 5.36 -2.73
O2' LCG A 2 -6.21 8.91 -5.22
O3' LCG A 2 -3.65 9.29 -6.43
H5' LCG A 2 -5.04 9.17 -8.93
H5'' LCG A 2 -4.70 7.43 -9.10
H3' LCG A 2 -3.69 7.21 -6.57
H6'1 LCG A 2 -6.12 10.08 -6.92
H6'2 LCG A 2 -7.51 8.95 -6.86
H8 LCG A 2 -4.59 4.54 -7.04
H2' LCG A 2 -4.70 7.79 -4.22
H1' LCG A 2 -6.95 6.58 -5.01
H1 LCG A 2 -5.13 2.65 -0.93
H21 LCG A 2 -5.76 4.41 0.35
H22 LCG A 2 -6.18 5.94 -0.38
P LCG A 3 -2.26 9.54 -5.63
OP1 LCG A 3 -1.31 10.13 -6.60
O5' LCG A 3 -2.60 10.69 -4.53
C5' LCG A 3 -3.53 10.52 -3.48
C3' LCG A 3 -1.57 9.56 -1.95
C6' LCG A 3 -3.47 10.52 -0.96
N9 LCG A 3 -2.56 6.54 -1.31
C8 LCG A 3 -2.17 5.98 -2.48
C4 LCG A 3 -2.38 5.56 -0.36
N7 LCG A 3 -1.81 4.74 -2.39
C5 LCG A 3 -1.95 4.44 -1.04
C6 LCG A 3 -1.75 3.22 -0.33
C2' LCG A 3 -1.99 8.89 -0.65
O6 LCG A 3 -1.37 2.14 -0.78
C4' LCG A 3 -3.05 9.78 -2.24
C1' LCG A 3 -3.07 7.90 -1.07
C2 LCG A 3 -2.44 4.51 1.63
N1 LCG A 3 -2.07 3.32 1.03
O4' LCG A 3 -3.58 8.47 -2.25
OP2 LCG A 3 -1.91 8.29 -4.94
N2 LCG A 3 -2.63 4.48 2.95
N3 LCG A 3 -2.63 5.66 0.98
O2' LCG A 3 -2.71 9.90 0.04
O3' LCG A 3 -0.81 10.75 -1.77
H5' LCG A 3 -4.45 10.06 -3.86
H5'' LCG A 3 -3.83 11.47 -3.09
H3' LCG A 3 -1.10 8.87 -2.65
H6'1 LCG A 3 -3.17 11.56 -1.05
H6'2 LCG A 3 -4.55 10.42 -0.78
H8 LCG A 3 -2.22 6.57 -3.39
H2' LCG A 3 -1.18 8.44 -0.10
H1' LCG A 3 -3.89 7.95 -0.38
H1 LCG A 3 -2.10 2.46 1.55
H21 LCG A 3 -2.52 3.63 3.47
H22 LCG A 3 -2.88 5.34 3.43
P LCG A 4 0.76 10.73 -1.38
OP1 LCG A 4 1.23 12.14 -1.29
O5' LCG A 4 0.82 10.08 0.09
C5' LCG A 4 0.33 10.74 1.24
C3' LCG A 4 1.81 9.31 2.78
C6' LCG A 4 -0.11 10.24 3.79
N9 LCG A 4 0.70 6.50 2.19
C8 LCG A 4 1.10 6.47 0.88
C4 LCG A 4 0.87 5.22 2.64
N7 LCG A 4 1.47 5.30 0.46
C5 LCG A 4 1.33 4.48 1.57
C6 LCG A 4 1.56 3.08 1.72
C2' LCG A 4 1.17 8.38 3.79
O6 LCG A 4 1.97 2.29 0.87
C4' LCG A 4 0.40 9.77 2.41
C1' LCG A 4 0.14 7.62 2.96
C2 LCG A 4 0.81 3.43 4.03
N1 LCG A 4 1.25 2.62 3.00
O4' LCG A 4 -0.34 8.61 2.10
OP2 LCG A 4 1.45 9.80 -2.31
N2 LCG A 4 0.55 2.86 5.20
N3 LCG A 4 0.61 4.75 3.90
O2' LCG A 4 0.44 9.25 4.66
O3' LCG A 4 2.60 10.36 3.33
H5' LCG A 4 -0.69 11.09 1.10
H5'' LCG A 4 0.98 11.56 1.50
H3' LCG A 4 2.31 8.79 1.96
H6'1 LCG A 4 0.28 11.23 4.04
H6'2 LCG A 4 -1.20 10.24 3.83
H8 LCG A 4 1.09 7.36 0.24
H2' LCG A 4 1.86 7.70 4.29
H1' LCG A 4 -0.67 7.30 3.61
H1 LCG A 4 1.30 1.61 3.14
H21 LCG A 4 0.69 1.88 5.33
H22 LCG A 4 0.23 3.44 5.97
P LCG A 5 4.12 10.16 3.85
OP1 LCG A 5 4.60 11.46 4.34
O5' LCG A 5 4.00 9.16 5.10
C5' LCG A 5 3.45 9.51 6.35
C3' LCG A 5 4.70 7.59 7.65
C6' LCG A 5 2.67 8.38 8.51
N9 LCG A 5 3.71 5.26 6.06
C8 LCG A 5 4.13 5.84 4.90
C4 LCG A 5 3.86 3.90 5.84
N7 LCG A 5 4.53 5.02 3.98
C5 LCG A 5 4.37 3.77 4.56
C6 LCG A 5 4.62 2.47 4.01
C2' LCG A 5 3.89 6.49 8.32
O6 LCG A 5 5.05 2.20 2.90
C4' LCG A 5 3.37 8.21 7.18
C1' LCG A 5 3.02 5.96 7.17
C2 LCG A 5 3.81 1.66 6.18
N1 LCG A 5 4.29 1.45 4.90
O4' LCG A 5 2.58 7.18 6.59
OP2 LCG A 5 4.88 9.45 2.79
N2 LCG A 5 3.59 0.60 6.95
N3 LCG A 5 3.57 2.88 6.71
O2' LCG A 5 3.03 7.20 9.22
O3' LCG A 5 5.40 8.52 8.51
H5' LCG A 5 2.46 9.95 6.24
H5'' LCG A 5 4.08 10.25 6.84
H3' LCG A 5 5.32 7.20 6.85
H6'1 LCG A 5 3.09 9.26 8.97
H6'2 LCG A 5 1.59 8.45 8.35
H8 LCG A 5 4.09 6.92 4.80
H2' LCG A 5 4.48 5.71 8.82
H1' LCG A 5 2.17 5.36 7.54
H1 LCG A 5 4.42 0.50 4.54
H21 LCG A 5 3.76 -0.33 6.58
H22 LCG A 5 3.27 0.73 7.90
P LCG B 2 -11.17 8.04 6.06
OP1 LCG B 2 -12.05 8.45 7.17
O5' LCG B 2 -10.52 6.62 6.45
C5' LCG B 2 -9.16 6.48 6.85
C3' LCG B 2 -7.32 4.66 7.04
C6' LCG B 2 -9.50 4.09 7.74
N9 LCG B 2 -7.33 3.19 4.25
C8 LCG B 2 -7.00 4.16 3.34
C4 LCG B 2 -6.75 2.03 3.78
N7 LCG B 2 -6.31 3.72 2.33
C5 LCG B 2 -6.16 2.36 2.58
C6 LCG B 2 -5.56 1.33 1.79
C2' LCG B 2 -7.66 3.20 6.78
O6 LCG B 2 -5.01 1.43 0.70
C4' LCG B 2 -8.77 5.01 6.75
C1' LCG B 2 -8.28 3.26 5.39
C2 LCG B 2 -6.22 -0.15 3.62
N1 LCG B 2 -5.67 0.06 2.39
O4' LCG B 2 -8.96 4.51 5.43
OP2 LCG B 2 -10.09 8.95 5.59
N2 LCG B 2 -6.18 -1.39 4.11
N3 LCG B 2 -6.81 0.80 4.36
O2' LCG B 2 -8.72 2.90 7.68
O3' LCG B 2 -6.87 4.93 8.37
H5' LCG B 2 -9.07 6.79 7.89
H5'' LCG B 2 -8.51 7.07 6.22
H3' LCG B 2 -6.64 5.08 6.29
H6'1 LCG B 2 -9.45 4.50 8.75
H6'2 LCG B 2 -10.52 3.94 7.43
H8 LCG B 2 -7.32 5.18 3.43
H2' LCG B 2 -6.82 2.52 6.83
H1' LCG B 2 -9.00 2.45 5.29
H1 LCG B 2 -5.45 -0.73 1.80
H21 LCG B 2 -5.77 -2.14 3.57
H22 LCG B 2 -6.56 -1.57 5.03
P LCG B 3 -5.34 4.65 8.85
OP1 LCG B 3 -4.86 5.90 9.50
O5' LCG B 3 -5.46 3.52 10.01
C5' LCG B 3 -5.93 2.20 9.80
C3' LCG B 3 -3.44 1.43 9.23
C6' LCG B 3 -5.07 -0.18 9.84
N9 LCG B 3 -3.66 0.59 6.03
C8 LCG B 3 -3.63 1.82 5.43
C4 LCG B 3 -3.10 -0.27 5.12
N7 LCG B 3 -3.09 1.82 4.25
C5 LCG B 3 -2.76 0.49 4.03
C6 LCG B 3 -2.20 -0.14 2.88
C2' LCG B 3 -3.30 0.10 8.51
O6 LCG B 3 -1.84 0.38 1.83
C4' LCG B 3 -4.96 1.22 9.18
C1' LCG B 3 -4.27 0.21 7.33
C2 LCG B 3 -2.44 -2.21 4.17
N1 LCG B 3 -2.12 -1.52 3.01
O4' LCG B 3 -5.20 1.14 7.79
OP2 LCG B 3 -4.59 4.11 7.70
N2 LCG B 3 -2.26 -3.53 4.18
N3 LCG B 3 -2.95 -1.62 5.26
O2' LCG B 3 -3.90 -0.84 9.38
O3' LCG B 3 -2.88 1.46 10.54
H5' LCG B 3 -6.85 2.23 9.22
H5'' LCG B 3 -6.18 1.74 10.74
H3' LCG B 3 -3.12 2.28 8.62
H6'1 LCG B 3 -5.97 -0.69 9.51
H6'2 LCG B 3 -5.04 -0.11 10.93
H8 LCG B 3 -4.03 2.71 5.88
H2' LCG B 3 -2.28 -0.15 8.21
H1' LCG B 3 -4.83 -0.72 7.27
H1 LCG B 3 -1.83 -2.04 2.19
H21 LCG B 3 -1.90 -3.99 3.36
H22 LCG B 3 -2.47 -4.05 5.02
P LCG B 4 -1.29 1.64 10.80
OP1 LCG B 4 -1.07 1.71 12.26
O5' LCG B 4 -0.65 0.27 10.25
C5' LCG B 4 -0.81 -0.98 10.92
C3' LCG B 4 1.24 -1.96 9.72
C6' LCG B 4 -0.31 -3.52 10.60
N9 LCG B 4 0.32 -1.92 6.81
C8 LCG B 4 0.33 -0.55 6.75
C4 LCG B 4 0.74 -2.35 5.58
N7 LCG B 4 0.69 -0.09 5.59
C5 LCG B 4 0.96 -1.21 4.83
C6 LCG B 4 1.41 -1.33 3.49
C2' LCG B 4 1.08 -3.19 8.84
O6 LCG B 4 1.63 -0.42 2.69
C4' LCG B 4 -0.24 -2.09 10.06
C1' LCG B 4 -0.09 -2.79 7.94
C2 LCG B 4 1.33 -3.74 3.91
N1 LCG B 4 1.58 -2.65 3.08
O4' LCG B 4 -0.93 -2.08 8.82
OP2 LCG B 4 -0.81 2.73 9.93
N2 LCG B 4 1.51 -4.95 3.41
N3 LCG B 4 0.91 -3.64 5.18
O2' LCG B 4 0.60 -4.20 9.73
O3' LCG B 4 2.10 -2.14 10.85
H5' LCG B 4 -1.86 -1.16 11.14
H5'' LCG B 4 -0.24 -0.98 11.84
H3' LCG B 4 1.47 -1.06 9.17
H6'1 LCG B 4 0.06 -3.56 11.62
H6'2 LCG B 4 -1.32 -3.92 10.52
H8 LCG B 4 0.08 0.08 7.59
H2' LCG B 4 1.95 -3.47 8.26
H1' LCG B 4 -0.61 -3.67 7.62
H1 LCG B 4 1.90 -2.80 2.13
H21 LCG B 4 1.86 -5.07 2.47
H22 LCG B 4 1.33 -5.77 3.99
P LCG B 5 3.70 -1.95 10.78
OP1 LCG B 5 4.26 -2.16 12.13
O5' LCG B 5 4.21 -3.16 9.85
C5' LCG B 5 4.26 -4.53 10.24
C3' LCG B 5 6.03 -5.02 8.39
C6' LCG B 5 4.80 -6.82 9.18
N9 LCG B 5 4.46 -4.25 5.98
C8 LCG B 5 4.31 -3.02 6.53
C4 LCG B 5 4.68 -4.01 4.64
N7 LCG B 5 4.33 -2.03 5.70
C5 LCG B 5 4.60 -2.65 4.48
C6 LCG B 5 4.85 -2.05 3.21
C2' LCG B 5 5.74 -6.02 7.28
O6 LCG B 5 4.86 -0.86 2.94
C4' LCG B 5 4.64 -5.33 8.97
C1' LCG B 5 4.39 -5.53 6.72
C2 LCG B 5 5.17 -4.38 2.47
N1 LCG B 5 5.14 -3.01 2.23
O4' LCG B 5 3.69 -5.25 7.93
OP2 LCG B 5 4.00 -0.70 10.05
N2 LCG B 5 5.51 -5.16 1.46
N3 LCG B 5 4.95 -4.93 3.67
O2' LCG B 5 5.49 -7.23 8.00
O3' LCG B 5 7.17 -5.41 9.16
H5' LCG B 5 3.29 -4.87 10.63
H5'' LCG B 5 4.99 -4.66 11.03
H3' LCG B 5 6.13 -4.01 8.00
H6'1 LCG B 5 3.83 -7.31 9.29
H6'2 LCG B 5 5.43 -6.91 10.05
H8 LCG B 5 4.23 -2.94 7.61
H2' LCG B 5 6.57 -6.06 6.58
H1' LCG B 5 3.90 -6.30 6.12
H1 LCG B 5 5.40 -2.64 1.32
H21 LCG B 5 5.75 -4.76 0.56
H22 LCG B 5 5.59 -6.17 1.61
P LCG C 2 -10.21 -9.42 6.13
OP1 LCG C 2 -11.54 -9.63 5.53
O5' LCG C 2 -9.15 -9.27 4.93
C5' LCG C 2 -7.75 -9.25 5.13
C3' LCG C 2 -5.58 -8.85 3.75
C6' LCG C 2 -7.32 -10.10 2.73
N9 LCG C 2 -6.06 -6.15 2.12
C8 LCG C 2 -6.16 -5.17 3.06
C4 LCG C 2 -5.45 -5.55 1.04
N7 LCG C 2 -5.72 -4.01 2.68
C5 LCG C 2 -5.29 -4.23 1.38
C6 LCG C 2 -4.76 -3.31 0.41
C2' LCG C 2 -5.66 -8.65 2.23
O6 LCG C 2 -4.57 -2.11 0.53
C4' LCG C 2 -7.09 -8.98 3.77
C1' LCG C 2 -6.66 -7.51 2.10
C2 LCG C 2 -4.62 -5.28 -1.05
N1 LCG C 2 -4.48 -3.91 -0.80
O4' LCG C 2 -7.51 -7.74 3.21
OP2 LCG C 2 -9.68 -10.44 7.06
N2 LCG C 2 -4.24 -5.73 -2.24
N3 LCG C 2 -5.13 -6.14 -0.14
O2' LCG C 2 -6.32 -9.81 1.76
O3' LCG C 2 -4.85 -10.00 4.16
H5' LCG C 2 -7.41 -10.20 5.52
H5'' LCG C 2 -7.49 -8.45 5.82
H3' LCG C 2 -5.25 -7.95 4.26
H6'1 LCG C 2 -8.32 -10.03 2.30
H6'2 LCG C 2 -7.16 -11.08 3.17
H8 LCG C 2 -6.62 -5.34 4.03
H2' LCG C 2 -4.72 -8.44 1.75
H1' LCG C 2 -7.22 -7.63 1.17
H1 LCG C 2 -4.32 -3.34 -1.63
H21 LCG C 2 -3.89 -5.10 -2.95
H22 LCG C 2 -4.33 -6.72 -2.43
P LCG C 3 -3.23 -10.01 4.25
OP1 LCG C 3 -2.89 -10.46 5.62
O5' LCG C 3 -2.74 -11.16 3.23
C5' LCG C 3 -2.98 -11.14 1.83
C3' LCG C 3 -0.68 -9.85 1.46
C6' LCG C 3 -1.73 -10.93 -0.37
N9 LCG C 3 -1.68 -6.86 0.40
C8 LCG C 3 -2.03 -6.26 1.58
C4 LCG C 3 -1.24 -5.85 -0.42
N7 LCG C 3 -1.86 -4.97 1.58
C5 LCG C 3 -1.37 -4.69 0.32
C6 LCG C 3 -1.06 -3.43 -0.29
C2' LCG C 3 -0.51 -9.12 0.14
O6 LCG C 3 -1.12 -2.32 0.22
C4' LCG C 3 -2.06 -10.25 0.99
C1' LCG C 3 -1.80 -8.28 0.01
C2 LCG C 3 -0.53 -4.78 -2.27
N1 LCG C 3 -0.69 -3.56 -1.62
O4' LCG C 3 -2.70 -9.01 0.80
OP2 LCG C 3 -2.73 -8.70 3.79
N2 LCG C 3 -0.12 -4.75 -3.53
N3 LCG C 3 -0.80 -5.96 -1.70
O2' LCG C 3 -0.65 -10.14 -0.84
O3' LCG C 3 0.25 -10.92 1.65
H5' LCG C 3 -4.02 -10.87 1.64
H5'' LCG C 3 -2.83 -12.11 1.40
H3' LCG C 3 -0.70 -9.17 2.32
H6'1 LCG C 3 -2.59 -10.89 -1.04
H6'2 LCG C 3 -1.39 -11.95 -0.23
H8 LCG C 3 -2.45 -6.80 2.41
H2' LCG C 3 0.39 -8.52 0.05
H1' LCG C 3 -2.18 -8.42 -1.00
H1 LCG C 3 -0.62 -2.71 -2.16
H21 LCG C 3 0.07 -3.87 -3.98
H22 LCG C 3 0.01 -5.62 -4.03
P LCG C 4 1.79 -10.65 2.06
OP1 LCG C 4 2.45 -11.97 2.19
O5' LCG C 4 2.43 -9.90 0.78
C5' LCG C 4 2.68 -10.54 -0.46
C3' LCG C 4 4.44 -8.79 -1.11
C6' LCG C 4 3.45 -9.98 -2.89
N9 LCG C 4 2.75 -6.24 -1.25
C8 LCG C 4 2.47 -6.20 0.08
C4 LCG C 4 2.91 -4.92 -1.63
N7 LCG C 4 2.40 -5.00 0.58
C5 LCG C 4 2.68 -4.17 -0.51
C6 LCG C 4 2.73 -2.75 -0.59
C2' LCG C 4 4.24 -7.93 -2.33
O6 LCG C 4 2.57 -1.94 0.32
C4' LCG C 4 3.13 -9.51 -1.47
C1' LCG C 4 2.82 -7.40 -2.15
C2 LCG C 4 3.23 -3.13 -2.96
N1 LCG C 4 3.01 -2.29 -1.88
O4' LCG C 4 2.15 -8.50 -1.60
OP2 LCG C 4 1.82 -9.71 3.20
N2 LCG C 4 3.47 -2.57 -4.14
N3 LCG C 4 3.20 -4.47 -2.88
O2' LCG C 4 4.18 -8.87 -3.41
O3' LCG C 4 5.57 -9.64 -1.17
H5' LCG C 4 1.79 -11.05 -0.81
H5'' LCG C 4 3.50 -11.23 -0.34
H3' LCG C 4 4.37 -8.24 -0.17
H6'1 LCG C 4 2.55 -10.16 -3.47
H6'2 LCG C 4 4.09 -10.87 -2.88
H8 LCG C 4 2.32 -7.10 0.67
H2' LCG C 4 4.95 -7.11 -2.44
H1' LCG C 4 2.40 -7.19 -3.12
H1 LCG C 4 2.94 -1.29 -2.04
H21 LCG C 4 3.49 -1.57 -4.23
H22 LCG C 4 3.61 -3.16 -4.94
P LCG C 5 7.08 -9.12 -0.90
OP1 LCG C 5 8.00 -10.27 -1.02
O5' LCG C 5 7.39 -8.11 -2.12
C5' LCG C 5 7.59 -8.50 -3.46
C3' LCG C 5 8.97 -6.31 -4.13
C6' LCG C 5 7.76 -7.40 -5.80
N9 LCG C 5 6.93 -4.28 -3.24
C8 LCG C 5 6.88 -4.82 -1.99
C4 LCG C 5 6.77 -2.92 -3.04
N7 LCG C 5 6.68 -3.98 -1.03
C5 LCG C 5 6.59 -2.75 -1.68
C6 LCG C 5 6.34 -1.45 -1.14
C2' LCG C 5 8.32 -5.32 -5.10
O6 LCG C 5 6.14 -1.15 0.03
C4' LCG C 5 7.72 -7.21 -4.30
C1' LCG C 5 6.93 -5.05 -4.50
C2 LCG C 5 6.57 -0.71 -3.47
N1 LCG C 5 6.33 -0.46 -2.12
O4' LCG C 5 6.55 -6.38 -4.17
OP2 LCG C 5 7.07 -8.32 0.34
N2 LCG C 5 6.61 0.33 -4.29
N3 LCG C 5 6.78 -1.93 -3.98
O2' LCG C 5 8.12 -6.10 -6.27
O3' LCG C 5 10.23 -6.65 -4.74
H5' LCG C 5 6.77 -9.12 -3.83
H5'' LCG C 5 8.49 -9.11 -3.53
H3' LCG C 5 9.08 -5.89 -3.14
H6'1 LCG C 5 6.80 -7.74 -6.19
H6'2 LCG C 5 8.56 -8.10 -5.94
H8 LCG C 5 7.00 -5.89 -1.90
H2' LCG C 5 8.90 -4.41 -5.26
H1' LCG C 5 6.26 -4.61 -5.24
H1 LCG C 5 6.11 0.48 -1.78
H21 LCG C 5 6.45 1.27 -3.93
H22 LCG C 5 6.82 0.19 -5.26
P LCG D 2 -6.00 -9.20 -10.42
OP1 LCG D 2 -6.24 -9.66 -11.81
O5' LCG D 2 -5.37 -7.72 -10.48
C5' LCG D 2 -3.99 -7.48 -10.26
C3' LCG D 2 -2.36 -5.55 -9.68
C6' LCG D 2 -4.07 -5.11 -11.24
N9 LCG D 2 -3.71 -4.02 -7.21
C8 LCG D 2 -3.68 -4.96 -6.21
C4 LCG D 2 -3.62 -2.80 -6.57
N7 LCG D 2 -3.64 -4.45 -5.01
C5 LCG D 2 -3.63 -3.08 -5.22
C6 LCG D 2 -3.67 -1.99 -4.28
C2' LCG D 2 -2.87 -4.11 -9.62
O6 LCG D 2 -3.71 -2.05 -3.05
C4' LCG D 2 -3.77 -5.98 -10.02
C1' LCG D 2 -4.04 -4.20 -8.64
C2 LCG D 2 -3.63 -0.57 -6.27
N1 LCG D 2 -3.70 -0.73 -4.90
O4' LCG D 2 -4.54 -5.49 -8.91
OP2 LCG D 2 -5.21 -10.04 -9.49
N2 LCG D 2 -3.58 0.68 -6.73
N3 LCG D 2 -3.61 -1.57 -7.16
O2' LCG D 2 -3.44 -3.88 -10.90
O3' LCG D 2 -1.41 -5.78 -10.71
H5' LCG D 2 -3.43 -7.76 -11.14
H5'' LCG D 2 -3.64 -8.02 -9.39
H3' LCG D 2 -2.03 -5.92 -8.70
H6'1 LCG D 2 -3.58 -5.52 -12.14
H6'2 LCG D 2 -5.13 -5.02 -11.40
H8 LCG D 2 -3.73 -6.01 -6.40
H2' LCG D 2 -2.13 -3.37 -9.33
H1' LCG D 2 -4.78 -3.44 -8.92
H1 LCG D 2 -3.96 0.05 -4.32
H21 LCG D 2 -3.63 1.46 -6.09
H22 LCG D 2 -3.51 0.84 -7.72
P LCG D 3 0.18 -5.67 -10.48
OP1 LCG D 3 0.84 -5.87 -11.80
O5' LCG D 3 0.42 -4.15 -10.03
C5' LCG D 3 0.22 -3.04 -10.89
C3' LCG D 3 1.81 -1.68 -9.39
C6' LCG D 3 0.48 -0.49 -10.97
N9 LCG D 3 -0.13 -0.92 -6.91
C8 LCG D 3 -0.20 -2.16 -6.32
C4 LCG D 3 -0.23 -0.01 -5.87
N7 LCG D 3 -0.33 -2.12 -5.02
C5 LCG D 3 -0.36 -0.77 -4.73
C6 LCG D 3 -0.57 -0.11 -3.47
C2' LCG D 3 1.35 -0.31 -8.90
O6 LCG D 3 -0.70 -0.62 -2.37
C4' LCG D 3 0.47 -1.78 -10.12
C1' LCG D 3 -0.05 -0.61 -8.35
C2 LCG D 3 -0.45 1.96 -4.80
N1 LCG D 3 -0.64 1.28 -3.61
O4' LCG D 3 -0.49 -1.69 -9.11
OP2 LCG D 3 0.54 -6.55 -9.35
N2 LCG D 3 -0.51 3.29 -4.75
N3 LCG D 3 -0.25 1.34 -5.97
O2' LCG D 3 1.12 0.43 -10.10
O3' LCG D 3 2.95 -1.65 -10.24
H5' LCG D 3 -0.79 -3.03 -11.29
H5'' LCG D 3 0.94 -2.96 -11.66
H3' LCG D 3 1.90 -2.41 -8.58
H6'1 LCG D 3 -0.52 -0.17 -11.23
H6'2 LCG D 3 1.09 -0.63 -11.88
H8 LCG D 3 -0.19 -3.08 -6.88
H2' LCG D 3 2.01 0.16 -8.19
H1' LCG D 3 -0.69 0.17 -8.69
H1 LCG D 3 -0.90 1.79 -2.78
H21 LCG D 3 -0.67 3.76 -3.87
H22 LCG D 3 -0.36 3.81 -5.60
P LCG D 4 4.46 -1.53 -9.68
OP1 LCG D 4 5.38 -1.62 -10.84
O5' LCG D 4 4.56 -0.05 -9.07
C5' LCG D 4 4.58 1.12 -9.87
C3' LCG D 4 5.63 2.44 -7.92
C6' LCG D 4 4.51 3.74 -9.55
N9 LCG D 4 3.38 2.20 -5.86
C8 LCG D 4 3.55 0.83 -5.73
C4 LCG D 4 3.06 2.63 -4.60
N7 LCG D 4 3.35 0.38 -4.53
C5 LCG D 4 3.02 1.52 -3.79
C6 LCG D 4 2.70 1.65 -2.41
C2' LCG D 4 4.87 3.62 -7.32
O6 LCG D 4 2.64 0.75 -1.57
C4' LCG D 4 4.49 2.32 -8.94
C1' LCG D 4 3.48 3.03 -7.07
C2 LCG D 4 2.49 4.03 -2.92
N1 LCG D 4 2.45 2.96 -2.03
O4' LCG D 4 3.29 2.22 -8.22
OP2 LCG D 4 4.60 -2.48 -8.55
N2 LCG D 4 2.19 5.24 -2.45
N3 LCG D 4 2.80 3.92 -4.23
O2' LCG D 4 4.75 4.55 -8.40
O3' LCG D 4 6.89 2.78 -8.48
H5' LCG D 4 3.75 1.13 -10.57
H5'' LCG D 4 5.52 1.22 -10.40
H3' LCG D 4 5.68 1.58 -7.25
H6'1 LCG D 4 3.55 3.97 -10.02
H6'2 LCG D 4 5.33 3.84 -10.27
H8 LCG D 4 3.83 0.19 -6.55
H2' LCG D 4 5.29 4.03 -6.40
H1' LCG D 4 2.75 3.82 -7.09
H1 LCG D 4 2.23 3.11 -1.06
H21 LCG D 4 1.97 5.35 -1.46
H22 LCG D 4 2.20 6.03 -3.07
P LCG D 5 8.26 2.87 -7.61
OP1 LCG D 5 9.37 3.19 -8.54
O5' LCG D 5 8.04 4.13 -6.64
C5' LCG D 5 8.08 5.49 -7.06
C3' LCG D 5 8.61 6.25 -4.61
C6' LCG D 5 7.65 7.83 -6.03
N9 LCG D 5 6.19 5.20 -3.22
C8 LCG D 5 6.49 3.95 -3.72
C4 LCG D 5 5.72 4.96 -1.96
N7 LCG D 5 6.23 2.97 -2.92
C5 LCG D 5 5.76 3.59 -1.78
C6 LCG D 5 5.40 3.00 -0.53
C2' LCG D 5 7.67 7.17 -3.87
O6 LCG D 5 5.44 1.81 -0.25
C4' LCG D 5 7.67 6.33 -5.83
C1' LCG D 5 6.31 6.46 -3.99
C2 LCG D 5 4.96 5.32 0.14
N1 LCG D 5 5.01 3.96 0.41
O4' LCG D 5 6.35 6.08 -5.37
OP2 LCG D 5 8.34 1.67 -6.76
N2 LCG D 5 4.61 6.12 1.15
N3 LCG D 5 5.31 5.87 -1.03
O2' LCG D 5 7.62 8.33 -4.70
O3' LCG D 5 9.90 6.82 -4.77
H5' LCG D 5 7.39 5.67 -7.89
H5'' LCG D 5 9.08 5.75 -7.39
H3' LCG D 5 8.66 5.26 -4.15
H6'1 LCG D 5 8.58 8.08 -6.53
H6'2 LCG D 5 6.77 8.09 -6.60
H8 LCG D 5 6.96 3.89 -4.68
H2' LCG D 5 8.03 7.35 -2.86
H1' LCG D 5 5.48 7.13 -3.77
H1 LCG D 5 4.84 3.62 1.35
H21 LCG D 5 4.40 5.72 2.06
H22 LCG D 5 4.61 7.11 1.01
#